data_2V69
#
_entry.id   2V69
#
_cell.length_a   114.242
_cell.length_b   169.140
_cell.length_c   137.179
_cell.angle_alpha   90.00
_cell.angle_beta   96.24
_cell.angle_gamma   90.00
#
_symmetry.space_group_name_H-M   'P 1 21 1'
#
loop_
_entity.id
_entity.type
_entity.pdbx_description
1 polymer 'RIBULOSE BISPHOSPHATE CARBOXYLASE LARGE CHAIN'
2 polymer 'RIBULOSE BISPHOSPHATE CARBOXYLASE SMALL CHAIN 1'
3 non-polymer 'MAGNESIUM ION'
4 non-polymer 2-CARBOXYARABINITOL-1,5-DIPHOSPHATE
5 non-polymer 1,2-ETHANEDIOL
6 water water
#
loop_
_entity_poly.entity_id
_entity_poly.type
_entity_poly.pdbx_seq_one_letter_code
_entity_poly.pdbx_strand_id
1 'polypeptide(L)'
;MVPQTETKAGAGFKAGVKDYRLTYYTPDYVVRDTDILAAFRMTPQPGVPPEECGAAVAAESSTGTWTTVWTDGLTSLDRY
KGRCYDIEPVPGEDNQYIAYVAY(HYP)IDLFEEGSVTNMFTSIVGNVFGFKALRALRLEDLRIPPAYVKTFVG(HYP)P
HGIQVERDKLNKYGRGLLGCTIKPKLGLSAKNYGRAVYECLRGGLDFT(KCX)DDENVNSQPFMRWRDRFLFVAEAIYKA
QAETGEVKGHYLNATAGTCEEMMKRAV(SMC)AKELGVPIIMHDYLTGGFTANTSLAIYCRDNGLLLHIHRAMHAVIDRQ
RNHGIHFRVLAKALRMSGGDHLHSGTVVGKLEGEREVTLGFVDLMRDDYVEKDRSRGIYFTQDW(SMC)SMPGVMPVASG
GIHVWHMPALVEIFGDDACLQFGGGTLGHPWGNAPGAAANRVALEACTQARNEGRDLAREGGDVIRSACKWSPELAAACE
VWKEIKFEFDTIEKL
;
A,B,C,D,E,F,G,H
2 'polypeptide(L)'
;(MME)MVWTPVNNKMFETFSYLPPLTDEQIAAQVDYIVANGWIPCLEFAEADKAYVSNESAIRFGSVSCLYYDNRYWTMW
KLPMFGCRDPMQVLREIVACTKAFPDAYVRLVAFDNQKQVQIMGFLVQRPKTARDFQPANKRSV
;
I,J,K,L,M,N,O,P
#
loop_
_chem_comp.id
_chem_comp.type
_chem_comp.name
_chem_comp.formula
CAP saccharide 2-CARBOXYARABINITOL-1,5-DIPHOSPHATE 'C6 H14 O13 P2'
EDO non-polymer 1,2-ETHANEDIOL 'C2 H6 O2'
MG non-polymer 'MAGNESIUM ION' 'Mg 2'
#
# COMPACT_ATOMS: atom_id res chain seq x y z
N ALA A 11 13.53 52.57 20.23
CA ALA A 11 12.48 51.53 20.49
C ALA A 11 13.13 50.27 21.08
N GLY A 12 13.32 50.31 22.40
CA GLY A 12 13.84 49.16 23.16
C GLY A 12 12.70 48.41 23.81
N PHE A 13 13.03 47.39 24.59
CA PHE A 13 11.99 46.59 25.23
C PHE A 13 11.54 47.20 26.55
N LYS A 14 10.27 47.57 26.63
CA LYS A 14 9.72 48.13 27.85
C LYS A 14 8.65 47.19 28.45
N ALA A 15 9.06 46.37 29.43
CA ALA A 15 8.11 45.46 30.12
C ALA A 15 6.86 46.18 30.64
N GLY A 16 5.76 45.44 30.76
CA GLY A 16 4.52 45.99 31.31
C GLY A 16 3.39 46.19 30.33
N VAL A 17 2.18 46.34 30.88
CA VAL A 17 0.96 46.58 30.10
C VAL A 17 0.92 48.01 29.54
N LYS A 18 0.37 48.14 28.33
CA LYS A 18 0.05 49.44 27.78
C LYS A 18 -1.21 49.29 26.93
N ASP A 19 -1.72 50.40 26.41
CA ASP A 19 -2.94 50.33 25.62
C ASP A 19 -2.71 49.66 24.27
N TYR A 20 -3.70 48.91 23.80
CA TYR A 20 -3.62 48.29 22.49
C TYR A 20 -3.62 49.38 21.41
N ARG A 21 -4.40 50.43 21.63
CA ARG A 21 -4.54 51.49 20.64
C ARG A 21 -3.22 52.08 20.18
N LEU A 22 -2.22 52.06 21.06
CA LEU A 22 -0.90 52.58 20.73
C LEU A 22 -0.29 51.88 19.52
N THR A 23 -0.51 50.57 19.43
CA THR A 23 0.11 49.77 18.37
C THR A 23 -0.92 49.33 17.31
N TYR A 24 -2.15 49.06 17.74
CA TYR A 24 -3.12 48.37 16.86
C TYR A 24 -4.28 49.20 16.32
N TYR A 25 -4.33 50.48 16.70
CA TYR A 25 -5.29 51.41 16.10
C TYR A 25 -4.53 52.30 15.15
N THR A 26 -4.82 52.17 13.86
CA THR A 26 -4.11 52.95 12.83
C THR A 26 -5.12 53.47 11.80
N PRO A 27 -5.84 54.55 12.16
CA PRO A 27 -6.92 55.05 11.28
C PRO A 27 -6.40 55.68 10.00
N ASP A 28 -5.09 55.88 9.90
CA ASP A 28 -4.48 56.50 8.73
C ASP A 28 -3.94 55.48 7.73
N TYR A 29 -4.12 54.19 8.05
CA TYR A 29 -3.64 53.08 7.23
C TYR A 29 -4.39 52.93 5.90
N VAL A 30 -3.62 52.82 4.81
CA VAL A 30 -4.17 52.52 3.48
C VAL A 30 -4.16 50.99 3.27
N VAL A 31 -5.36 50.39 3.24
CA VAL A 31 -5.49 48.93 3.04
C VAL A 31 -4.83 48.49 1.72
N ARG A 32 -4.16 47.35 1.76
CA ARG A 32 -3.50 46.81 0.58
C ARG A 32 -4.46 45.86 -0.14
N ASP A 33 -4.24 45.70 -1.44
CA ASP A 33 -5.12 44.86 -2.27
C ASP A 33 -5.18 43.38 -1.87
N THR A 34 -4.23 42.96 -1.04
CA THR A 34 -4.06 41.58 -0.60
C THR A 34 -4.45 41.35 0.87
N ASP A 35 -4.78 42.41 1.61
CA ASP A 35 -5.19 42.30 3.00
C ASP A 35 -6.54 41.63 3.09
N ILE A 36 -6.74 40.79 4.11
CA ILE A 36 -8.05 40.28 4.44
C ILE A 36 -8.64 41.34 5.34
N LEU A 37 -9.88 41.74 5.06
CA LEU A 37 -10.56 42.76 5.86
C LEU A 37 -11.75 42.20 6.61
N ALA A 38 -11.87 42.55 7.88
CA ALA A 38 -13.01 42.11 8.68
C ALA A 38 -13.86 43.30 9.14
N ALA A 39 -15.17 43.11 9.13
CA ALA A 39 -16.10 44.11 9.63
C ALA A 39 -16.79 43.56 10.87
N PHE A 40 -16.33 44.00 12.05
CA PHE A 40 -16.91 43.56 13.31
C PHE A 40 -17.96 44.53 13.83
N ARG A 41 -19.07 44.00 14.33
CA ARG A 41 -20.07 44.78 15.03
C ARG A 41 -19.75 44.72 16.52
N MET A 42 -19.00 45.71 16.95
CA MET A 42 -18.44 45.79 18.30
C MET A 42 -19.39 46.44 19.31
N THR A 43 -19.43 45.91 20.53
CA THR A 43 -20.21 46.49 21.62
C THR A 43 -19.37 46.51 22.90
N PRO A 44 -18.57 47.59 23.11
CA PRO A 44 -17.62 47.63 24.24
C PRO A 44 -18.32 47.65 25.59
N GLN A 45 -17.61 47.25 26.63
CA GLN A 45 -18.07 47.52 27.99
C GLN A 45 -18.12 49.04 28.22
N PRO A 46 -19.08 49.51 29.05
CA PRO A 46 -19.14 50.94 29.43
C PRO A 46 -17.77 51.48 29.89
N GLY A 47 -17.35 52.59 29.29
CA GLY A 47 -16.08 53.23 29.67
C GLY A 47 -14.84 52.68 28.99
N VAL A 48 -15.02 51.72 28.07
CA VAL A 48 -13.93 51.27 27.21
C VAL A 48 -14.03 52.02 25.89
N PRO A 49 -13.08 52.93 25.63
CA PRO A 49 -13.14 53.71 24.37
C PRO A 49 -13.11 52.81 23.13
N PRO A 50 -14.08 53.01 22.22
CA PRO A 50 -14.16 52.32 20.93
C PRO A 50 -12.81 52.10 20.26
N GLU A 51 -11.95 53.12 20.21
CA GLU A 51 -10.63 52.97 19.58
C GLU A 51 -9.83 51.87 20.26
N GLU A 52 -9.92 51.78 21.59
CA GLU A 52 -9.14 50.78 22.35
C GLU A 52 -9.72 49.39 22.17
N CYS A 53 -11.05 49.30 22.15
CA CYS A 53 -11.72 48.02 21.94
C CYS A 53 -11.42 47.45 20.55
N GLY A 54 -11.53 48.29 19.53
CA GLY A 54 -11.19 47.93 18.16
C GLY A 54 -9.76 47.44 18.02
N ALA A 55 -8.85 48.08 18.74
CA ALA A 55 -7.43 47.72 18.66
C ALA A 55 -7.16 46.42 19.42
N ALA A 56 -7.95 46.16 20.46
CA ALA A 56 -7.86 44.91 21.21
C ALA A 56 -8.22 43.74 20.28
N VAL A 57 -9.37 43.87 19.61
CA VAL A 57 -9.80 42.91 18.62
C VAL A 57 -8.72 42.70 17.56
N ALA A 58 -8.21 43.76 16.98
CA ALA A 58 -7.17 43.63 15.96
C ALA A 58 -5.92 42.93 16.52
N ALA A 59 -5.60 43.22 17.78
CA ALA A 59 -4.36 42.76 18.35
C ALA A 59 -4.43 41.26 18.60
N GLU A 60 -5.50 40.87 19.28
CA GLU A 60 -5.58 39.53 19.83
C GLU A 60 -6.11 38.55 18.79
N SER A 61 -6.31 39.05 17.58
CA SER A 61 -6.64 38.21 16.46
C SER A 61 -5.48 38.18 15.45
N SER A 62 -4.31 38.66 15.87
CA SER A 62 -3.20 38.73 14.94
C SER A 62 -1.86 38.48 15.63
N THR A 63 -1.29 39.52 16.27
CA THR A 63 0.07 39.38 16.79
C THR A 63 0.20 39.66 18.27
N GLY A 64 -0.82 40.26 18.87
CA GLY A 64 -0.67 40.84 20.21
C GLY A 64 -1.23 40.05 21.39
N THR A 65 -0.55 40.18 22.53
CA THR A 65 -1.12 39.72 23.79
C THR A 65 -1.33 40.90 24.76
N TRP A 66 -1.64 40.58 26.02
CA TRP A 66 -2.11 41.57 27.01
C TRP A 66 -1.02 42.45 27.66
N THR A 67 0.22 41.97 27.69
CA THR A 67 1.38 42.75 28.15
C THR A 67 2.47 42.74 27.08
N THR A 68 3.46 43.63 27.19
CA THR A 68 4.43 43.76 26.13
C THR A 68 5.46 42.63 26.20
N VAL A 69 5.69 41.98 25.07
CA VAL A 69 6.69 40.89 24.98
C VAL A 69 7.89 41.36 24.19
N TRP A 70 9.06 40.85 24.59
CA TRP A 70 10.32 41.31 24.05
C TRP A 70 10.60 40.77 22.67
N THR A 71 9.97 39.65 22.35
CA THR A 71 10.26 38.94 21.11
C THR A 71 9.79 39.71 19.90
N ASP A 72 8.89 40.68 20.12
CA ASP A 72 8.45 41.62 19.08
C ASP A 72 9.62 42.20 18.28
N GLY A 73 10.71 42.50 18.97
CA GLY A 73 11.84 43.13 18.33
C GLY A 73 12.56 42.26 17.32
N LEU A 74 12.45 40.94 17.46
CA LEU A 74 13.12 39.97 16.59
C LEU A 74 12.46 39.93 15.21
N THR A 75 11.20 40.36 15.15
CA THR A 75 10.46 40.42 13.91
C THR A 75 9.98 41.87 13.61
N SER A 76 9.23 42.06 12.53
CA SER A 76 8.73 43.39 12.20
C SER A 76 7.23 43.47 12.41
N LEU A 77 6.83 43.86 13.63
CA LEU A 77 5.42 44.03 13.97
C LEU A 77 4.64 44.83 12.91
N ASP A 78 5.31 45.79 12.29
CA ASP A 78 4.69 46.59 11.22
C ASP A 78 4.16 45.71 10.08
N ARG A 79 4.98 44.75 9.66
CA ARG A 79 4.65 43.83 8.58
C ARG A 79 3.49 42.89 8.92
N TYR A 80 3.41 42.45 10.17
CA TYR A 80 2.50 41.37 10.53
C TYR A 80 1.25 41.74 11.32
N LYS A 81 1.23 42.91 11.96
CA LYS A 81 0.13 43.22 12.87
C LYS A 81 -1.21 43.41 12.18
N GLY A 82 -2.25 42.92 12.85
CA GLY A 82 -3.63 43.30 12.50
C GLY A 82 -3.84 44.76 12.84
N ARG A 83 -4.64 45.45 12.04
CA ARG A 83 -4.80 46.89 12.18
C ARG A 83 -6.25 47.28 12.15
N CYS A 84 -6.74 47.85 13.25
CA CYS A 84 -8.04 48.55 13.24
C CYS A 84 -7.86 49.90 12.57
N TYR A 85 -8.53 50.09 11.45
CA TYR A 85 -8.23 51.23 10.59
C TYR A 85 -9.43 52.15 10.31
N ASP A 86 -10.55 51.89 10.98
CA ASP A 86 -11.76 52.68 10.78
C ASP A 86 -12.85 52.23 11.74
N ILE A 87 -13.58 53.19 12.30
CA ILE A 87 -14.71 52.88 13.18
C ILE A 87 -15.91 53.75 12.83
N GLU A 88 -17.00 53.12 12.41
CA GLU A 88 -18.28 53.79 12.21
C GLU A 88 -19.12 53.60 13.47
N PRO A 89 -19.84 54.66 13.89
CA PRO A 89 -20.87 54.42 14.92
C PRO A 89 -22.12 53.87 14.24
N VAL A 90 -22.91 53.09 14.96
CA VAL A 90 -24.11 52.52 14.38
C VAL A 90 -25.32 53.43 14.67
N PRO A 91 -25.97 53.92 13.59
CA PRO A 91 -27.18 54.74 13.74
C PRO A 91 -28.29 54.01 14.52
N GLY A 92 -28.89 54.71 15.47
CA GLY A 92 -29.93 54.13 16.30
C GLY A 92 -29.34 53.24 17.38
N GLU A 93 -28.07 53.45 17.72
CA GLU A 93 -27.38 52.63 18.73
C GLU A 93 -26.42 53.42 19.60
N ASP A 94 -26.63 53.34 20.92
CA ASP A 94 -25.82 54.10 21.89
C ASP A 94 -24.39 53.56 21.92
N ASN A 95 -24.27 52.24 22.18
CA ASN A 95 -22.99 51.59 22.42
C ASN A 95 -22.67 50.48 21.42
N GLN A 96 -22.72 50.81 20.13
CA GLN A 96 -22.42 49.83 19.11
C GLN A 96 -21.71 50.48 17.95
N TYR A 97 -20.61 49.85 17.52
CA TYR A 97 -19.75 50.36 16.46
C TYR A 97 -19.44 49.27 15.44
N ILE A 98 -19.12 49.66 14.22
CA ILE A 98 -18.53 48.74 13.26
C ILE A 98 -17.03 48.99 13.22
N ALA A 99 -16.23 48.04 13.69
CA ALA A 99 -14.76 48.18 13.67
C ALA A 99 -14.21 47.45 12.46
N TYR A 100 -13.31 48.10 11.75
CA TYR A 100 -12.73 47.52 10.54
C TYR A 100 -11.30 47.11 10.81
N VAL A 101 -11.02 45.83 10.57
CA VAL A 101 -9.68 45.31 10.76
C VAL A 101 -9.08 44.82 9.44
N ALA A 102 -7.81 45.16 9.24
CA ALA A 102 -7.07 44.66 8.09
C ALA A 102 -5.98 43.70 8.59
N TYR A 103 -5.94 42.51 7.99
CA TYR A 103 -4.95 41.49 8.31
C TYR A 103 -4.09 41.26 7.06
N HYP A 104 -2.76 41.32 7.21
CA HYP A 104 -1.89 40.99 6.07
C HYP A 104 -2.08 39.59 5.63
O HYP A 104 -2.37 38.70 6.45
CB HYP A 104 -0.46 41.15 6.55
CG HYP A 104 -0.58 42.07 7.76
CD HYP A 104 -1.98 41.76 8.34
OD1 HYP A 104 -0.55 43.37 7.19
N ILE A 105 -1.85 39.34 4.34
CA ILE A 105 -2.02 37.99 3.78
C ILE A 105 -1.09 36.95 4.45
N ASP A 106 0.12 37.38 4.79
CA ASP A 106 1.09 36.52 5.44
C ASP A 106 0.59 35.88 6.71
N LEU A 107 -0.51 36.36 7.24
CA LEU A 107 -0.97 35.81 8.51
C LEU A 107 -1.64 34.44 8.37
N PHE A 108 -2.00 34.09 7.14
CA PHE A 108 -2.91 32.98 6.91
C PHE A 108 -2.29 31.81 6.17
N GLU A 109 -2.67 30.61 6.58
CA GLU A 109 -2.27 29.43 5.86
C GLU A 109 -3.04 29.40 4.54
N GLU A 110 -2.30 29.16 3.47
CA GLU A 110 -2.89 28.97 2.17
C GLU A 110 -3.90 27.81 2.21
N GLY A 111 -5.05 27.99 1.56
CA GLY A 111 -6.08 26.97 1.44
C GLY A 111 -6.82 26.57 2.71
N SER A 112 -6.58 27.24 3.83
CA SER A 112 -7.15 26.78 5.09
C SER A 112 -8.18 27.72 5.71
N VAL A 113 -9.47 27.50 5.41
CA VAL A 113 -10.57 28.23 6.08
C VAL A 113 -10.43 28.11 7.60
N THR A 114 -10.11 26.90 8.08
CA THR A 114 -9.86 26.65 9.49
C THR A 114 -8.87 27.66 10.09
N ASN A 115 -7.78 27.94 9.38
CA ASN A 115 -6.79 28.82 9.94
C ASN A 115 -7.29 30.26 9.94
N MET A 116 -7.97 30.64 8.87
CA MET A 116 -8.54 31.98 8.78
C MET A 116 -9.50 32.25 9.95
N PHE A 117 -10.41 31.31 10.22
CA PHE A 117 -11.37 31.49 11.31
C PHE A 117 -10.67 31.46 12.65
N THR A 118 -9.58 30.71 12.74
CA THR A 118 -8.91 30.61 14.01
C THR A 118 -8.34 31.95 14.42
N SER A 119 -7.77 32.68 13.47
CA SER A 119 -7.26 34.00 13.74
C SER A 119 -8.41 34.97 13.98
N ILE A 120 -9.27 35.11 12.99
CA ILE A 120 -10.25 36.18 13.01
C ILE A 120 -11.33 36.02 14.08
N VAL A 121 -11.75 34.79 14.38
CA VAL A 121 -12.84 34.62 15.33
C VAL A 121 -12.42 33.69 16.46
N GLY A 122 -11.12 33.59 16.66
CA GLY A 122 -10.58 32.63 17.61
C GLY A 122 -10.83 32.93 19.08
N ASN A 123 -10.37 34.10 19.52
CA ASN A 123 -10.38 34.43 20.95
C ASN A 123 -11.21 35.65 21.30
N VAL A 124 -11.14 36.64 20.41
CA VAL A 124 -11.66 38.00 20.66
C VAL A 124 -13.12 38.06 21.16
N PHE A 125 -13.98 37.18 20.65
CA PHE A 125 -15.39 37.19 21.06
C PHE A 125 -15.59 36.95 22.55
N GLY A 126 -14.53 36.57 23.26
CA GLY A 126 -14.67 36.18 24.66
C GLY A 126 -14.05 37.17 25.60
N PHE A 127 -13.56 38.28 25.04
CA PHE A 127 -12.93 39.33 25.84
C PHE A 127 -13.84 39.99 26.87
N LYS A 128 -13.32 40.13 28.09
CA LYS A 128 -14.02 40.83 29.16
C LYS A 128 -14.33 42.29 28.75
N ALA A 129 -13.37 42.91 28.04
CA ALA A 129 -13.48 44.31 27.62
C ALA A 129 -14.60 44.60 26.61
N LEU A 130 -15.38 43.60 26.22
CA LEU A 130 -16.56 43.88 25.37
C LEU A 130 -17.79 43.09 25.77
N ARG A 131 -18.96 43.62 25.42
CA ARG A 131 -20.21 43.01 25.81
C ARG A 131 -20.62 41.98 24.78
N ALA A 132 -20.40 42.32 23.51
CA ALA A 132 -20.82 41.51 22.39
C ALA A 132 -19.95 41.80 21.18
N LEU A 133 -19.82 40.82 20.31
CA LEU A 133 -19.10 41.02 19.04
C LEU A 133 -19.77 40.20 17.96
N ARG A 134 -19.83 40.77 16.75
CA ARG A 134 -20.41 40.06 15.62
C ARG A 134 -19.57 40.27 14.37
N LEU A 135 -19.18 39.19 13.72
CA LEU A 135 -18.46 39.39 12.46
C LEU A 135 -19.49 39.47 11.37
N GLU A 136 -19.49 40.57 10.65
CA GLU A 136 -20.55 40.82 9.67
C GLU A 136 -20.11 40.50 8.28
N ASP A 137 -18.84 40.75 7.97
CA ASP A 137 -18.34 40.45 6.63
C ASP A 137 -16.83 40.34 6.63
N LEU A 138 -16.32 39.67 5.60
CA LEU A 138 -14.89 39.56 5.35
C LEU A 138 -14.64 39.89 3.90
N ARG A 139 -13.51 40.51 3.64
CA ARG A 139 -13.11 40.74 2.28
C ARG A 139 -11.98 39.75 2.00
N ILE A 140 -12.29 38.69 1.25
CA ILE A 140 -11.27 37.72 0.89
C ILE A 140 -10.64 38.19 -0.40
N PRO A 141 -9.38 38.64 -0.35
CA PRO A 141 -8.73 39.17 -1.54
C PRO A 141 -8.42 38.05 -2.55
N PRO A 142 -8.44 38.38 -3.85
CA PRO A 142 -8.09 37.39 -4.86
C PRO A 142 -6.84 36.56 -4.53
N ALA A 143 -5.76 37.22 -4.11
CA ALA A 143 -4.51 36.48 -3.86
C ALA A 143 -4.70 35.43 -2.77
N TYR A 144 -5.68 35.59 -1.88
CA TYR A 144 -5.94 34.54 -0.91
C TYR A 144 -6.88 33.50 -1.51
N VAL A 145 -7.87 33.98 -2.28
CA VAL A 145 -8.84 33.12 -2.90
C VAL A 145 -8.17 32.10 -3.78
N LYS A 146 -7.15 32.53 -4.52
CA LYS A 146 -6.43 31.63 -5.43
C LYS A 146 -5.72 30.47 -4.74
N THR A 147 -5.57 30.54 -3.41
CA THR A 147 -4.93 29.43 -2.70
C THR A 147 -5.87 28.29 -2.32
N PHE A 148 -7.13 28.39 -2.71
CA PHE A 148 -8.14 27.41 -2.35
C PHE A 148 -8.56 26.58 -3.55
N VAL A 149 -8.75 25.28 -3.33
CA VAL A 149 -9.32 24.45 -4.40
C VAL A 149 -10.73 24.94 -4.68
N GLY A 150 -11.45 25.31 -3.62
CA GLY A 150 -12.82 25.79 -3.78
C GLY A 150 -13.79 24.70 -4.17
N HYP A 151 -14.97 25.08 -4.65
CA HYP A 151 -16.00 24.09 -4.91
C HYP A 151 -15.58 23.04 -5.87
O HYP A 151 -14.87 23.34 -6.82
CB HYP A 151 -17.16 24.90 -5.47
CG HYP A 151 -16.94 26.24 -4.79
CD HYP A 151 -15.45 26.41 -4.92
OD1 HYP A 151 -17.28 26.11 -3.42
N PRO A 152 -16.01 21.79 -5.65
CA PRO A 152 -15.60 20.71 -6.53
C PRO A 152 -16.06 20.95 -7.96
N HIS A 153 -17.25 21.51 -8.16
CA HIS A 153 -17.76 21.73 -9.51
C HIS A 153 -18.29 23.12 -9.80
N GLY A 154 -19.26 23.58 -9.02
CA GLY A 154 -19.82 24.91 -9.24
C GLY A 154 -21.02 24.80 -10.13
N ILE A 155 -21.79 25.89 -10.22
CA ILE A 155 -23.12 25.85 -10.85
C ILE A 155 -23.09 25.38 -12.32
N GLN A 156 -22.25 26.01 -13.14
CA GLN A 156 -22.18 25.70 -14.56
C GLN A 156 -21.86 24.23 -14.81
N VAL A 157 -20.79 23.76 -14.15
CA VAL A 157 -20.35 22.39 -14.37
C VAL A 157 -21.42 21.40 -13.88
N GLU A 158 -22.03 21.70 -12.72
CA GLU A 158 -23.09 20.87 -12.23
C GLU A 158 -24.24 20.74 -13.24
N ARG A 159 -24.69 21.87 -13.77
CA ARG A 159 -25.75 21.86 -14.75
C ARG A 159 -25.36 21.05 -15.96
N ASP A 160 -24.14 21.25 -16.44
CA ASP A 160 -23.59 20.46 -17.54
C ASP A 160 -23.54 18.97 -17.23
N LYS A 161 -23.10 18.60 -16.04
CA LYS A 161 -23.03 17.18 -15.68
C LYS A 161 -24.43 16.55 -15.63
N LEU A 162 -25.36 17.26 -15.01
CA LEU A 162 -26.72 16.74 -14.82
C LEU A 162 -27.58 16.84 -16.08
N ASN A 163 -27.15 17.66 -17.03
CA ASN A 163 -27.89 17.96 -18.23
C ASN A 163 -29.24 18.62 -17.92
N LYS A 164 -29.22 19.62 -17.05
CA LYS A 164 -30.43 20.29 -16.64
C LYS A 164 -30.29 21.81 -16.80
N TYR A 165 -31.17 22.39 -17.60
CA TYR A 165 -31.06 23.80 -17.92
C TYR A 165 -32.39 24.56 -17.89
N GLY A 166 -32.30 25.87 -17.64
CA GLY A 166 -33.45 26.76 -17.78
C GLY A 166 -34.57 26.62 -16.77
N ARG A 167 -34.25 26.21 -15.54
CA ARG A 167 -35.21 26.20 -14.41
C ARG A 167 -34.50 25.85 -13.10
N GLY A 168 -35.17 26.12 -11.98
CA GLY A 168 -34.65 25.72 -10.69
C GLY A 168 -34.61 24.20 -10.65
N LEU A 169 -33.83 23.67 -9.71
CA LEU A 169 -33.83 22.23 -9.47
C LEU A 169 -34.72 21.91 -8.28
N LEU A 170 -35.33 20.73 -8.32
CA LEU A 170 -36.27 20.34 -7.28
C LEU A 170 -35.78 19.19 -6.44
N GLY A 171 -35.77 19.43 -5.13
CA GLY A 171 -35.29 18.45 -4.18
C GLY A 171 -36.34 18.18 -3.11
N CYS A 172 -35.98 17.34 -2.15
CA CYS A 172 -36.94 16.80 -1.21
C CYS A 172 -36.23 15.99 -0.15
N THR A 173 -36.36 16.42 1.11
CA THR A 173 -35.81 15.66 2.22
C THR A 173 -36.78 14.57 2.58
N ILE A 174 -36.34 13.32 2.59
CA ILE A 174 -37.16 12.21 3.10
C ILE A 174 -37.54 12.44 4.57
N LYS A 175 -38.78 12.09 4.91
CA LYS A 175 -39.32 12.21 6.26
C LYS A 175 -40.06 10.93 6.63
N PRO A 176 -40.16 10.59 7.94
CA PRO A 176 -39.64 11.31 9.13
C PRO A 176 -38.12 11.45 9.08
N LYS A 177 -37.57 12.43 9.78
CA LYS A 177 -36.11 12.65 9.78
C LYS A 177 -35.41 11.31 10.11
N LEU A 178 -35.68 10.78 11.29
CA LEU A 178 -35.12 9.50 11.72
C LEU A 178 -36.24 8.49 11.88
N GLY A 179 -35.89 7.20 11.89
CA GLY A 179 -36.88 6.17 12.15
C GLY A 179 -37.16 5.23 10.99
N LEU A 180 -36.87 5.67 9.76
CA LEU A 180 -37.13 4.82 8.60
C LEU A 180 -36.02 3.80 8.35
N SER A 181 -36.41 2.59 7.94
CA SER A 181 -35.46 1.57 7.58
C SER A 181 -34.84 1.89 6.21
N ALA A 182 -33.70 1.27 5.90
CA ALA A 182 -33.07 1.46 4.61
C ALA A 182 -34.03 1.17 3.45
N LYS A 183 -34.68 0.01 3.50
CA LYS A 183 -35.61 -0.39 2.44
C LYS A 183 -36.73 0.63 2.24
N ASN A 184 -37.32 1.10 3.35
CA ASN A 184 -38.36 2.11 3.25
C ASN A 184 -37.82 3.42 2.73
N TYR A 185 -36.60 3.77 3.14
CA TYR A 185 -35.97 5.00 2.69
C TYR A 185 -35.91 4.96 1.18
N GLY A 186 -35.45 3.84 0.63
CA GLY A 186 -35.29 3.72 -0.82
C GLY A 186 -36.63 3.80 -1.52
N ARG A 187 -37.64 3.17 -0.91
CA ARG A 187 -39.01 3.18 -1.40
C ARG A 187 -39.53 4.61 -1.52
N ALA A 188 -39.44 5.37 -0.43
CA ALA A 188 -39.83 6.76 -0.49
C ALA A 188 -39.06 7.51 -1.57
N VAL A 189 -37.76 7.23 -1.69
CA VAL A 189 -36.91 7.94 -2.62
C VAL A 189 -37.39 7.71 -4.05
N TYR A 190 -37.63 6.45 -4.40
CA TYR A 190 -38.10 6.08 -5.72
C TYR A 190 -39.41 6.79 -6.08
N GLU A 191 -40.35 6.81 -5.14
CA GLU A 191 -41.64 7.45 -5.38
C GLU A 191 -41.47 8.96 -5.59
N CYS A 192 -40.71 9.64 -4.76
CA CYS A 192 -40.47 11.06 -4.97
C CYS A 192 -39.81 11.33 -6.31
N LEU A 193 -38.77 10.55 -6.63
CA LEU A 193 -37.97 10.88 -7.80
C LEU A 193 -38.73 10.70 -9.09
N ARG A 194 -39.59 9.67 -9.16
CA ARG A 194 -40.32 9.34 -10.38
C ARG A 194 -41.46 10.32 -10.67
N GLY A 195 -41.93 11.00 -9.63
CA GLY A 195 -42.94 12.04 -9.80
C GLY A 195 -42.44 13.29 -10.48
N GLY A 196 -41.12 13.49 -10.53
CA GLY A 196 -40.58 14.65 -11.25
C GLY A 196 -39.61 15.54 -10.49
N LEU A 197 -39.25 15.14 -9.26
CA LEU A 197 -38.19 15.79 -8.52
C LEU A 197 -36.86 15.39 -9.10
N ASP A 198 -35.89 16.30 -9.06
CA ASP A 198 -34.54 16.03 -9.54
C ASP A 198 -33.75 15.27 -8.49
N PHE A 199 -33.93 15.67 -7.24
CA PHE A 199 -33.13 15.20 -6.14
C PHE A 199 -33.99 14.80 -4.96
N THR A 200 -33.51 13.82 -4.19
CA THR A 200 -33.97 13.65 -2.81
C THR A 200 -32.72 13.66 -1.95
N KCX A 201 -32.89 13.65 -0.64
CA KCX A 201 -31.72 13.74 0.22
CB KCX A 201 -31.29 15.19 0.43
CG KCX A 201 -32.25 16.04 1.23
CD KCX A 201 -31.80 17.47 1.26
CE KCX A 201 -30.69 17.74 2.25
NZ KCX A 201 -31.08 17.40 3.65
C KCX A 201 -31.94 13.06 1.56
O KCX A 201 -33.07 12.95 2.04
CX KCX A 201 -31.74 18.27 4.42
OQ1 KCX A 201 -32.07 17.95 5.58
OQ2 KCX A 201 -32.04 19.40 4.01
N ASP A 202 -30.85 12.58 2.16
CA ASP A 202 -30.85 12.17 3.54
C ASP A 202 -31.10 13.43 4.36
N ASP A 203 -31.82 13.29 5.48
CA ASP A 203 -31.93 14.41 6.39
C ASP A 203 -30.56 14.64 6.99
N GLU A 204 -30.27 15.88 7.38
CA GLU A 204 -28.95 16.23 7.86
C GLU A 204 -28.47 15.31 8.98
N ASN A 205 -29.38 14.85 9.81
CA ASN A 205 -29.00 13.95 10.92
C ASN A 205 -29.12 12.45 10.60
N VAL A 206 -29.54 12.12 9.39
CA VAL A 206 -29.47 10.74 8.91
C VAL A 206 -28.00 10.43 8.54
N ASN A 207 -27.34 9.64 9.37
CA ASN A 207 -25.93 9.29 9.14
C ASN A 207 -25.83 7.77 9.08
N SER A 208 -25.48 7.16 10.21
CA SER A 208 -25.65 5.74 10.35
C SER A 208 -26.12 5.47 11.77
N GLN A 209 -27.28 4.83 11.90
CA GLN A 209 -27.90 4.63 13.21
C GLN A 209 -28.46 3.22 13.34
N PRO A 210 -28.81 2.80 14.57
CA PRO A 210 -29.39 1.47 14.78
C PRO A 210 -30.59 1.12 13.90
N PHE A 211 -31.44 2.09 13.57
CA PHE A 211 -32.63 1.77 12.77
C PHE A 211 -32.31 1.66 11.27
N MET A 212 -31.20 2.25 10.83
CA MET A 212 -30.82 2.22 9.44
C MET A 212 -29.32 2.49 9.30
N ARG A 213 -28.57 1.45 8.94
CA ARG A 213 -27.12 1.59 8.80
C ARG A 213 -26.78 2.16 7.42
N TRP A 214 -25.78 3.05 7.35
CA TRP A 214 -25.56 3.81 6.12
C TRP A 214 -25.36 2.98 4.86
N ARG A 215 -24.64 1.87 4.93
CA ARG A 215 -24.35 1.16 3.67
C ARG A 215 -25.62 0.53 3.11
N ASP A 216 -26.50 0.10 4.00
CA ASP A 216 -27.78 -0.44 3.61
C ASP A 216 -28.55 0.61 2.87
N ARG A 217 -28.60 1.81 3.45
CA ARG A 217 -29.27 2.94 2.80
C ARG A 217 -28.67 3.24 1.44
N PHE A 218 -27.35 3.33 1.36
CA PHE A 218 -26.72 3.74 0.12
C PHE A 218 -27.12 2.77 -0.99
N LEU A 219 -27.11 1.48 -0.71
CA LEU A 219 -27.44 0.49 -1.70
C LEU A 219 -28.86 0.61 -2.20
N PHE A 220 -29.83 0.71 -1.28
CA PHE A 220 -31.23 0.81 -1.67
C PHE A 220 -31.49 2.12 -2.38
N VAL A 221 -30.90 3.21 -1.88
CA VAL A 221 -31.09 4.49 -2.56
C VAL A 221 -30.55 4.42 -3.98
N ALA A 222 -29.41 3.75 -4.15
CA ALA A 222 -28.82 3.67 -5.50
C ALA A 222 -29.83 3.01 -6.42
N GLU A 223 -30.48 1.96 -5.93
CA GLU A 223 -31.45 1.24 -6.72
C GLU A 223 -32.64 2.12 -7.08
N ALA A 224 -33.11 2.89 -6.11
CA ALA A 224 -34.20 3.84 -6.33
C ALA A 224 -33.80 4.85 -7.37
N ILE A 225 -32.62 5.45 -7.24
CA ILE A 225 -32.14 6.42 -8.21
C ILE A 225 -32.19 5.83 -9.62
N TYR A 226 -31.75 4.60 -9.78
CA TYR A 226 -31.68 4.02 -11.13
C TYR A 226 -33.01 3.64 -11.72
N LYS A 227 -33.92 3.16 -10.87
CA LYS A 227 -35.29 2.86 -11.30
C LYS A 227 -35.99 4.15 -11.77
N ALA A 228 -35.97 5.18 -10.93
CA ALA A 228 -36.61 6.45 -11.28
C ALA A 228 -36.01 7.05 -12.53
N GLN A 229 -34.69 6.89 -12.69
CA GLN A 229 -34.02 7.44 -13.85
C GLN A 229 -34.47 6.72 -15.13
N ALA A 230 -34.58 5.40 -15.08
CA ALA A 230 -34.98 4.63 -16.26
C ALA A 230 -36.44 4.88 -16.63
N GLU A 231 -37.27 5.01 -15.61
CA GLU A 231 -38.68 5.28 -15.75
C GLU A 231 -38.95 6.69 -16.33
N THR A 232 -38.30 7.72 -15.82
CA THR A 232 -38.61 9.07 -16.27
C THR A 232 -37.79 9.49 -17.49
N GLY A 233 -36.63 8.86 -17.67
CA GLY A 233 -35.69 9.29 -18.72
C GLY A 233 -34.97 10.60 -18.40
N GLU A 234 -35.19 11.14 -17.21
CA GLU A 234 -34.42 12.29 -16.71
C GLU A 234 -33.35 11.86 -15.69
N VAL A 235 -32.23 12.57 -15.67
CA VAL A 235 -31.16 12.28 -14.71
C VAL A 235 -31.67 12.53 -13.30
N LYS A 236 -31.41 11.58 -12.41
CA LYS A 236 -31.86 11.69 -11.02
C LYS A 236 -30.70 11.59 -10.01
N GLY A 237 -30.91 12.12 -8.81
CA GLY A 237 -29.88 12.07 -7.79
C GLY A 237 -30.47 12.00 -6.39
N HIS A 238 -29.67 11.55 -5.43
CA HIS A 238 -30.04 11.58 -4.02
C HIS A 238 -28.83 11.91 -3.20
N TYR A 239 -28.90 12.94 -2.37
CA TYR A 239 -27.71 13.34 -1.61
C TYR A 239 -27.50 12.36 -0.50
N LEU A 240 -26.63 11.37 -0.72
CA LEU A 240 -26.27 10.42 0.34
C LEU A 240 -25.34 11.12 1.32
N ASN A 241 -25.63 11.02 2.61
CA ASN A 241 -24.90 11.77 3.63
C ASN A 241 -23.55 11.13 3.99
N ALA A 242 -22.49 11.88 3.85
CA ALA A 242 -21.19 11.35 4.22
C ALA A 242 -20.75 11.88 5.58
N THR A 243 -21.52 12.77 6.19
CA THR A 243 -21.20 13.30 7.51
C THR A 243 -21.02 12.11 8.41
N ALA A 244 -19.99 12.16 9.24
CA ALA A 244 -19.63 11.03 10.10
C ALA A 244 -18.79 11.47 11.33
N GLY A 245 -18.50 10.50 12.21
CA GLY A 245 -17.75 10.79 13.42
C GLY A 245 -16.29 11.11 13.20
N THR A 246 -15.67 10.44 12.23
CA THR A 246 -14.22 10.58 11.96
C THR A 246 -14.01 10.78 10.47
N CYS A 247 -12.88 11.36 10.05
CA CYS A 247 -12.62 11.53 8.61
C CYS A 247 -12.59 10.17 7.90
N GLU A 248 -12.04 9.16 8.56
CA GLU A 248 -11.92 7.88 7.93
C GLU A 248 -13.32 7.39 7.53
N GLU A 249 -14.29 7.51 8.45
CA GLU A 249 -15.68 7.11 8.17
C GLU A 249 -16.28 7.98 7.08
N MET A 250 -16.09 9.28 7.17
CA MET A 250 -16.60 10.17 6.15
C MET A 250 -16.11 9.74 4.78
N MET A 251 -14.83 9.44 4.67
CA MET A 251 -14.25 9.00 3.40
C MET A 251 -14.80 7.65 2.94
N LYS A 252 -15.02 6.76 3.89
CA LYS A 252 -15.47 5.42 3.59
C LYS A 252 -16.79 5.53 2.85
N ARG A 253 -17.65 6.40 3.34
CA ARG A 253 -18.98 6.66 2.78
C ARG A 253 -18.91 7.34 1.39
N ALA A 254 -18.05 8.34 1.26
CA ALA A 254 -17.87 8.96 -0.04
C ALA A 254 -17.44 7.90 -1.07
N VAL A 255 -16.44 7.08 -0.72
CA VAL A 255 -15.91 6.09 -1.62
C VAL A 255 -17.01 5.13 -2.10
N SMC A 256 -17.90 4.76 -1.18
CA SMC A 256 -18.97 3.83 -1.51
CB SMC A 256 -19.67 3.50 -0.20
SG SMC A 256 -21.16 2.54 -0.52
CS SMC A 256 -20.56 1.05 -1.33
C SMC A 256 -19.92 4.47 -2.47
O SMC A 256 -20.33 3.86 -3.46
N ALA A 257 -20.28 5.73 -2.22
CA ALA A 257 -21.11 6.48 -3.14
C ALA A 257 -20.51 6.50 -4.53
N LYS A 258 -19.21 6.80 -4.62
CA LYS A 258 -18.53 6.78 -5.91
C LYS A 258 -18.63 5.42 -6.54
N GLU A 259 -18.35 4.40 -5.74
CA GLU A 259 -18.32 3.03 -6.22
C GLU A 259 -19.68 2.62 -6.77
N LEU A 260 -20.74 3.21 -6.23
CA LEU A 260 -22.09 2.98 -6.70
C LEU A 260 -22.49 3.79 -7.95
N GLY A 261 -21.63 4.70 -8.36
CA GLY A 261 -21.92 5.49 -9.55
C GLY A 261 -22.92 6.62 -9.34
N VAL A 262 -23.40 6.80 -8.12
CA VAL A 262 -24.37 7.87 -7.85
C VAL A 262 -23.73 9.28 -8.00
N PRO A 263 -24.51 10.25 -8.46
CA PRO A 263 -23.93 11.54 -8.82
C PRO A 263 -23.60 12.50 -7.67
N ILE A 264 -24.16 12.29 -6.49
CA ILE A 264 -24.09 13.37 -5.51
C ILE A 264 -24.11 12.92 -4.05
N ILE A 265 -23.26 13.53 -3.22
CA ILE A 265 -23.30 13.30 -1.79
C ILE A 265 -23.46 14.61 -1.05
N MET A 266 -23.77 14.52 0.26
CA MET A 266 -23.92 15.72 1.10
C MET A 266 -23.05 15.67 2.34
N HIS A 267 -22.77 16.84 2.91
CA HIS A 267 -21.98 16.94 4.13
C HIS A 267 -22.52 18.09 4.97
N ASP A 268 -22.55 17.91 6.30
CA ASP A 268 -22.88 18.98 7.23
C ASP A 268 -21.59 19.72 7.62
N TYR A 269 -21.23 20.75 6.87
CA TYR A 269 -19.91 21.34 7.03
C TYR A 269 -19.62 21.95 8.38
N LEU A 270 -20.63 22.39 9.12
CA LEU A 270 -20.36 23.02 10.42
C LEU A 270 -20.28 22.01 11.54
N THR A 271 -21.17 21.02 11.53
CA THR A 271 -21.08 19.99 12.58
C THR A 271 -19.94 19.00 12.26
N GLY A 272 -19.74 18.71 10.99
CA GLY A 272 -18.55 17.96 10.54
C GLY A 272 -17.26 18.75 10.75
N GLY A 273 -17.28 20.00 10.29
CA GLY A 273 -16.17 20.92 10.51
C GLY A 273 -15.41 21.21 9.23
N PHE A 274 -14.75 22.37 9.19
CA PHE A 274 -14.09 22.81 7.99
C PHE A 274 -12.99 21.88 7.49
N THR A 275 -12.24 21.31 8.42
CA THR A 275 -11.10 20.49 8.05
C THR A 275 -11.61 19.25 7.33
N ALA A 276 -12.62 18.61 7.93
CA ALA A 276 -13.22 17.45 7.29
C ALA A 276 -13.88 17.87 5.98
N ASN A 277 -14.49 19.04 5.97
CA ASN A 277 -15.19 19.43 4.78
C ASN A 277 -14.28 19.66 3.59
N THR A 278 -13.18 20.37 3.80
CA THR A 278 -12.25 20.64 2.71
C THR A 278 -11.70 19.33 2.15
N SER A 279 -11.44 18.36 3.03
CA SER A 279 -10.99 17.04 2.62
C SER A 279 -11.96 16.41 1.66
N LEU A 280 -13.23 16.47 2.02
CA LEU A 280 -14.29 15.89 1.23
C LEU A 280 -14.45 16.62 -0.09
N ALA A 281 -14.36 17.95 -0.07
CA ALA A 281 -14.49 18.70 -1.28
C ALA A 281 -13.41 18.29 -2.27
N ILE A 282 -12.20 18.12 -1.77
CA ILE A 282 -11.09 17.72 -2.62
C ILE A 282 -11.33 16.31 -3.19
N TYR A 283 -11.89 15.42 -2.37
CA TYR A 283 -12.21 14.09 -2.83
C TYR A 283 -13.21 14.18 -3.96
N CYS A 284 -14.22 15.03 -3.77
CA CYS A 284 -15.28 15.17 -4.77
C CYS A 284 -14.70 15.72 -6.08
N ARG A 285 -13.83 16.73 -5.99
CA ARG A 285 -13.16 17.24 -7.18
C ARG A 285 -12.43 16.12 -7.90
N ASP A 286 -11.75 15.27 -7.14
CA ASP A 286 -10.90 14.24 -7.71
C ASP A 286 -11.66 13.06 -8.26
N ASN A 287 -12.95 12.95 -7.96
CA ASN A 287 -13.74 11.79 -8.39
C ASN A 287 -15.04 12.14 -9.09
N GLY A 288 -15.27 13.45 -9.25
CA GLY A 288 -16.38 13.96 -10.00
C GLY A 288 -17.71 13.74 -9.30
N LEU A 289 -17.71 13.87 -7.99
CA LEU A 289 -18.95 13.78 -7.22
C LEU A 289 -19.48 15.15 -6.92
N LEU A 290 -20.78 15.35 -7.03
CA LEU A 290 -21.34 16.62 -6.66
C LEU A 290 -21.44 16.68 -5.16
N LEU A 291 -21.19 17.85 -4.58
CA LEU A 291 -21.20 17.96 -3.15
C LEU A 291 -22.26 18.94 -2.63
N HIS A 292 -23.27 18.40 -1.94
CA HIS A 292 -24.33 19.22 -1.37
C HIS A 292 -24.03 19.56 0.06
N ILE A 293 -23.99 20.85 0.39
CA ILE A 293 -23.64 21.24 1.75
C ILE A 293 -24.85 21.66 2.60
N HIS A 294 -25.03 21.00 3.73
CA HIS A 294 -26.08 21.35 4.65
C HIS A 294 -25.46 22.20 5.76
N ARG A 295 -26.17 23.26 6.17
CA ARG A 295 -25.59 24.22 7.11
C ARG A 295 -26.03 24.00 8.55
N ALA A 296 -26.41 22.77 8.87
CA ALA A 296 -26.80 22.41 10.22
C ALA A 296 -25.92 23.13 11.22
N MET A 297 -26.57 23.75 12.20
CA MET A 297 -25.91 24.45 13.31
C MET A 297 -25.61 25.95 13.04
N HIS A 298 -25.79 26.42 11.81
CA HIS A 298 -25.48 27.83 11.52
C HIS A 298 -26.21 28.80 12.45
N ALA A 299 -27.48 28.51 12.73
CA ALA A 299 -28.32 29.42 13.49
C ALA A 299 -27.82 29.63 14.92
N VAL A 300 -27.08 28.68 15.46
CA VAL A 300 -26.42 28.84 16.77
C VAL A 300 -25.47 30.04 16.74
N ILE A 301 -24.92 30.31 15.55
CA ILE A 301 -23.84 31.28 15.36
C ILE A 301 -24.33 32.59 14.72
N ASP A 302 -25.31 32.50 13.83
CA ASP A 302 -25.65 33.63 12.94
C ASP A 302 -27.02 34.28 13.17
N ARG A 303 -27.79 33.76 14.11
CA ARG A 303 -29.17 34.23 14.35
C ARG A 303 -29.25 35.64 14.94
N GLN A 304 -28.52 35.90 16.03
CA GLN A 304 -28.61 37.19 16.73
C GLN A 304 -27.83 38.33 16.07
N ARG A 305 -28.35 39.54 16.17
CA ARG A 305 -27.74 40.71 15.51
C ARG A 305 -26.54 41.25 16.29
N ASN A 306 -26.58 41.10 17.61
CA ASN A 306 -25.54 41.70 18.46
C ASN A 306 -24.25 40.87 18.59
N HIS A 307 -24.37 39.55 18.40
CA HIS A 307 -23.26 38.62 18.67
C HIS A 307 -23.23 37.40 17.76
N GLY A 308 -22.03 37.03 17.31
CA GLY A 308 -21.84 35.83 16.50
C GLY A 308 -21.13 36.11 15.20
N ILE A 309 -21.39 35.27 14.20
CA ILE A 309 -20.89 35.50 12.87
C ILE A 309 -22.10 35.48 11.96
N HIS A 310 -22.21 36.46 11.08
CA HIS A 310 -23.34 36.51 10.17
C HIS A 310 -23.20 35.42 9.13
N PHE A 311 -24.31 34.88 8.67
CA PHE A 311 -24.27 33.83 7.67
C PHE A 311 -23.52 34.15 6.39
N ARG A 312 -23.50 35.41 5.96
CA ARG A 312 -22.80 35.70 4.70
C ARG A 312 -21.34 35.29 4.82
N VAL A 313 -20.77 35.43 6.03
CA VAL A 313 -19.39 35.05 6.29
C VAL A 313 -19.24 33.52 6.26
N LEU A 314 -20.18 32.82 6.90
CA LEU A 314 -20.20 31.37 6.86
C LEU A 314 -20.41 30.83 5.46
N ALA A 315 -20.97 31.64 4.57
CA ALA A 315 -21.18 31.22 3.18
C ALA A 315 -19.93 31.45 2.34
N LYS A 316 -19.26 32.57 2.56
CA LYS A 316 -18.01 32.81 1.88
C LYS A 316 -17.05 31.69 2.25
N ALA A 317 -17.01 31.38 3.55
CA ALA A 317 -16.17 30.33 4.09
C ALA A 317 -16.45 29.00 3.39
N LEU A 318 -17.71 28.62 3.29
CA LEU A 318 -18.05 27.38 2.66
C LEU A 318 -17.65 27.40 1.20
N ARG A 319 -17.76 28.55 0.55
CA ARG A 319 -17.43 28.62 -0.86
C ARG A 319 -15.95 28.32 -1.03
N MET A 320 -15.14 28.76 -0.08
CA MET A 320 -13.71 28.57 -0.13
C MET A 320 -13.32 27.13 0.23
N SER A 321 -13.95 26.61 1.28
CA SER A 321 -13.71 25.25 1.72
C SER A 321 -14.11 24.28 0.63
N GLY A 322 -15.27 24.51 0.03
CA GLY A 322 -15.74 23.73 -1.09
C GLY A 322 -17.15 23.19 -0.89
N GLY A 323 -18.00 23.46 -1.87
CA GLY A 323 -19.35 22.89 -1.92
C GLY A 323 -20.01 23.28 -3.22
N ASP A 324 -20.83 22.38 -3.76
CA ASP A 324 -21.55 22.66 -4.99
C ASP A 324 -22.94 23.29 -4.73
N HIS A 325 -23.54 22.92 -3.59
CA HIS A 325 -24.80 23.48 -3.12
C HIS A 325 -24.57 23.95 -1.71
N LEU A 326 -25.23 25.03 -1.32
CA LEU A 326 -25.29 25.44 0.08
C LEU A 326 -26.70 25.95 0.37
N HIS A 327 -27.26 25.50 1.48
CA HIS A 327 -28.56 25.97 1.93
C HIS A 327 -28.50 27.47 2.18
N SER A 328 -29.44 28.19 1.58
CA SER A 328 -29.45 29.65 1.65
C SER A 328 -30.59 30.21 2.51
N GLY A 329 -31.52 29.34 2.91
CA GLY A 329 -32.76 29.77 3.55
C GLY A 329 -33.84 30.06 2.53
N THR A 330 -35.06 30.29 3.00
CA THR A 330 -36.24 30.42 2.13
C THR A 330 -36.84 31.83 2.13
N VAL A 331 -36.56 32.58 3.19
CA VAL A 331 -37.27 33.83 3.48
C VAL A 331 -38.72 33.58 3.95
N VAL A 332 -39.50 32.90 3.12
CA VAL A 332 -40.92 32.68 3.33
C VAL A 332 -41.31 31.40 4.12
N GLY A 333 -40.36 30.48 4.30
CA GLY A 333 -40.64 29.19 4.94
C GLY A 333 -40.54 29.22 6.46
N LYS A 334 -40.30 28.05 7.07
CA LYS A 334 -40.37 27.90 8.53
C LYS A 334 -39.15 28.44 9.30
N LEU A 335 -38.09 28.78 8.61
CA LEU A 335 -36.88 29.25 9.30
C LEU A 335 -36.53 30.68 8.90
N GLU A 336 -35.97 31.45 9.83
CA GLU A 336 -35.75 32.88 9.62
C GLU A 336 -34.87 33.19 8.42
N GLY A 337 -35.06 34.36 7.84
CA GLY A 337 -34.29 34.81 6.69
C GLY A 337 -34.92 36.05 6.10
N GLU A 338 -34.32 37.19 6.40
CA GLU A 338 -34.77 38.48 5.86
C GLU A 338 -34.40 38.57 4.36
N ARG A 339 -35.29 39.17 3.57
CA ARG A 339 -35.19 39.17 2.10
C ARG A 339 -33.98 39.87 1.50
N GLU A 340 -33.69 41.09 1.95
CA GLU A 340 -32.63 41.90 1.34
C GLU A 340 -31.23 41.31 1.57
N VAL A 341 -30.98 40.91 2.83
CA VAL A 341 -29.73 40.25 3.23
C VAL A 341 -29.50 38.93 2.47
N THR A 342 -30.57 38.15 2.33
CA THR A 342 -30.53 36.90 1.58
C THR A 342 -30.17 37.10 0.11
N LEU A 343 -30.78 38.09 -0.53
CA LEU A 343 -30.45 38.39 -1.93
C LEU A 343 -28.96 38.72 -2.08
N GLY A 344 -28.42 39.30 -1.02
CA GLY A 344 -27.02 39.72 -0.97
C GLY A 344 -26.08 38.52 -0.89
N PHE A 345 -26.30 37.67 0.12
CA PHE A 345 -25.41 36.54 0.26
C PHE A 345 -25.58 35.48 -0.83
N VAL A 346 -26.77 35.40 -1.43
CA VAL A 346 -26.93 34.59 -2.63
C VAL A 346 -26.02 35.12 -3.74
N ASP A 347 -25.91 36.44 -3.88
CA ASP A 347 -24.99 36.97 -4.88
C ASP A 347 -23.55 36.61 -4.54
N LEU A 348 -23.24 36.65 -3.25
CA LEU A 348 -21.91 36.29 -2.75
C LEU A 348 -21.55 34.81 -3.02
N MET A 349 -22.56 33.95 -2.97
CA MET A 349 -22.43 32.54 -3.27
C MET A 349 -22.26 32.27 -4.76
N ARG A 350 -23.02 32.98 -5.60
CA ARG A 350 -23.10 32.63 -7.03
C ARG A 350 -22.18 33.41 -7.96
N ASP A 351 -21.96 34.68 -7.67
CA ASP A 351 -21.39 35.57 -8.66
C ASP A 351 -19.87 35.68 -8.58
N ASP A 352 -19.27 36.14 -9.68
CA ASP A 352 -17.84 36.34 -9.73
C ASP A 352 -17.39 37.63 -9.03
N TYR A 353 -18.24 38.66 -9.07
CA TYR A 353 -17.91 39.99 -8.56
C TYR A 353 -19.13 40.62 -7.92
N VAL A 354 -18.99 41.04 -6.67
CA VAL A 354 -20.12 41.58 -5.94
C VAL A 354 -19.70 42.91 -5.32
N GLU A 355 -20.31 44.00 -5.82
CA GLU A 355 -20.00 45.37 -5.35
C GLU A 355 -20.55 45.58 -3.96
N LYS A 356 -19.79 46.34 -3.15
CA LYS A 356 -20.23 46.79 -1.83
C LYS A 356 -21.67 47.33 -1.93
N ASP A 357 -22.51 46.94 -0.97
CA ASP A 357 -23.89 47.42 -0.93
C ASP A 357 -24.43 47.25 0.48
N ARG A 358 -24.31 48.30 1.29
CA ARG A 358 -24.73 48.28 2.69
C ARG A 358 -26.20 48.00 2.91
N SER A 359 -27.05 48.34 1.94
CA SER A 359 -28.49 48.07 2.03
C SER A 359 -28.76 46.58 2.11
N ARG A 360 -27.78 45.81 1.62
CA ARG A 360 -27.86 44.35 1.58
C ARG A 360 -26.90 43.67 2.55
N GLY A 361 -26.27 44.46 3.43
CA GLY A 361 -25.36 43.93 4.43
C GLY A 361 -24.01 43.54 3.87
N ILE A 362 -23.73 43.92 2.63
CA ILE A 362 -22.46 43.64 1.99
C ILE A 362 -21.50 44.80 2.28
N TYR A 363 -20.61 44.58 3.24
CA TYR A 363 -19.66 45.62 3.68
C TYR A 363 -18.43 45.79 2.79
N PHE A 364 -18.15 44.82 1.93
CA PHE A 364 -16.94 44.85 1.11
C PHE A 364 -17.22 44.39 -0.29
N THR A 365 -16.50 44.99 -1.25
CA THR A 365 -16.49 44.46 -2.60
C THR A 365 -15.71 43.14 -2.58
N GLN A 366 -16.38 42.10 -3.02
CA GLN A 366 -15.82 40.75 -3.03
C GLN A 366 -15.58 40.31 -4.49
N ASP A 367 -14.32 40.07 -4.81
CA ASP A 367 -13.93 39.57 -6.13
C ASP A 367 -13.53 38.11 -5.94
N TRP A 368 -14.28 37.19 -6.54
CA TRP A 368 -14.00 35.75 -6.37
C TRP A 368 -12.98 35.21 -7.39
N SMC A 369 -12.51 36.08 -8.27
CA SMC A 369 -11.45 35.74 -9.22
CB SMC A 369 -10.16 35.91 -8.41
SG SMC A 369 -8.70 36.15 -9.44
CS SMC A 369 -8.96 37.84 -10.02
C SMC A 369 -11.60 34.38 -9.84
O SMC A 369 -10.67 33.59 -9.86
N SER A 370 -12.81 34.10 -10.34
CA SER A 370 -13.13 32.87 -11.10
C SER A 370 -13.39 31.59 -10.30
N MET A 371 -13.29 31.65 -8.97
CA MET A 371 -13.75 30.57 -8.17
C MET A 371 -15.19 30.28 -8.56
N PRO A 372 -15.52 28.99 -8.83
CA PRO A 372 -16.88 28.65 -9.26
C PRO A 372 -17.92 29.12 -8.25
N GLY A 373 -19.17 29.23 -8.68
CA GLY A 373 -20.25 29.63 -7.79
C GLY A 373 -20.95 28.45 -7.15
N VAL A 374 -21.46 28.70 -5.95
CA VAL A 374 -22.19 27.68 -5.20
C VAL A 374 -23.70 27.86 -5.45
N MET A 375 -24.42 26.76 -5.65
CA MET A 375 -25.84 26.87 -5.86
C MET A 375 -26.58 26.98 -4.54
N PRO A 376 -27.38 28.07 -4.39
CA PRO A 376 -28.21 28.21 -3.20
C PRO A 376 -29.31 27.18 -3.21
N VAL A 377 -29.56 26.60 -2.04
CA VAL A 377 -30.65 25.68 -1.85
C VAL A 377 -31.62 26.27 -0.87
N ALA A 378 -32.86 26.39 -1.30
CA ALA A 378 -33.94 26.94 -0.49
C ALA A 378 -34.80 25.80 -0.03
N SER A 379 -34.86 25.63 1.29
CA SER A 379 -35.51 24.47 1.88
C SER A 379 -36.08 24.80 3.26
N GLY A 380 -37.19 24.13 3.59
CA GLY A 380 -37.72 24.16 4.95
C GLY A 380 -39.03 24.90 5.12
N GLY A 381 -40.10 24.10 5.25
CA GLY A 381 -41.44 24.63 5.41
C GLY A 381 -42.01 25.34 4.19
N ILE A 382 -41.58 24.99 2.99
CA ILE A 382 -42.16 25.58 1.79
C ILE A 382 -43.08 24.59 1.07
N HIS A 383 -44.07 25.14 0.36
CA HIS A 383 -45.02 24.35 -0.42
C HIS A 383 -45.39 25.11 -1.69
N VAL A 384 -46.26 24.50 -2.50
CA VAL A 384 -46.59 24.99 -3.83
C VAL A 384 -46.95 26.50 -3.91
N TRP A 385 -47.64 27.03 -2.90
CA TRP A 385 -48.03 28.45 -2.89
C TRP A 385 -46.83 29.38 -2.84
N HIS A 386 -45.73 28.89 -2.28
CA HIS A 386 -44.50 29.69 -2.22
C HIS A 386 -43.75 29.72 -3.55
N MET A 387 -44.11 28.82 -4.46
CA MET A 387 -43.33 28.63 -5.68
C MET A 387 -42.97 29.93 -6.40
N PRO A 388 -43.97 30.80 -6.68
CA PRO A 388 -43.66 32.02 -7.44
C PRO A 388 -42.74 32.96 -6.67
N ALA A 389 -42.97 33.12 -5.37
CA ALA A 389 -42.08 33.93 -4.55
C ALA A 389 -40.64 33.41 -4.64
N LEU A 390 -40.50 32.09 -4.60
CA LEU A 390 -39.19 31.43 -4.67
C LEU A 390 -38.52 31.63 -6.03
N VAL A 391 -39.25 31.36 -7.10
CA VAL A 391 -38.71 31.61 -8.44
C VAL A 391 -38.33 33.08 -8.64
N GLU A 392 -39.06 33.96 -7.96
CA GLU A 392 -38.81 35.40 -8.05
C GLU A 392 -37.52 35.78 -7.33
N ILE A 393 -37.33 35.24 -6.14
CA ILE A 393 -36.15 35.54 -5.33
C ILE A 393 -34.85 35.01 -5.94
N PHE A 394 -34.86 33.74 -6.35
CA PHE A 394 -33.63 33.04 -6.66
C PHE A 394 -33.29 32.95 -8.14
N GLY A 395 -34.31 33.00 -9.00
CA GLY A 395 -34.10 32.76 -10.42
C GLY A 395 -33.86 31.28 -10.69
N ASP A 396 -33.29 30.98 -11.85
CA ASP A 396 -33.09 29.59 -12.27
C ASP A 396 -32.02 28.87 -11.45
N ASP A 397 -30.95 29.58 -11.11
CA ASP A 397 -29.81 28.97 -10.45
C ASP A 397 -30.03 28.83 -8.96
N ALA A 398 -30.92 27.92 -8.62
CA ALA A 398 -31.16 27.57 -7.23
C ALA A 398 -31.76 26.19 -7.23
N CYS A 399 -31.82 25.59 -6.05
CA CYS A 399 -32.46 24.32 -5.89
C CYS A 399 -33.50 24.51 -4.81
N LEU A 400 -34.73 24.08 -5.08
CA LEU A 400 -35.82 24.28 -4.15
C LEU A 400 -36.22 22.94 -3.62
N GLN A 401 -36.44 22.85 -2.31
CA GLN A 401 -36.66 21.57 -1.67
C GLN A 401 -37.94 21.45 -0.84
N PHE A 402 -38.66 20.38 -1.09
CA PHE A 402 -39.94 20.17 -0.49
C PHE A 402 -39.95 18.83 0.21
N GLY A 403 -39.68 18.84 1.51
CA GLY A 403 -39.73 17.63 2.31
C GLY A 403 -41.16 17.29 2.66
N GLY A 404 -41.68 17.99 3.66
CA GLY A 404 -43.10 17.91 4.02
C GLY A 404 -43.92 18.21 2.79
N GLY A 405 -43.48 19.22 2.04
CA GLY A 405 -44.13 19.64 0.80
C GLY A 405 -44.28 18.55 -0.24
N THR A 406 -43.72 17.38 0.02
CA THR A 406 -43.83 16.26 -0.93
C THR A 406 -44.41 15.03 -0.24
N LEU A 407 -43.78 14.63 0.85
CA LEU A 407 -44.27 13.46 1.58
C LEU A 407 -45.52 13.78 2.40
N GLY A 408 -45.90 15.06 2.40
CA GLY A 408 -47.12 15.52 3.06
C GLY A 408 -48.34 15.60 2.15
N HIS A 409 -48.12 15.48 0.84
CA HIS A 409 -49.19 15.47 -0.14
C HIS A 409 -50.11 14.30 0.14
N PRO A 410 -51.46 14.53 0.09
CA PRO A 410 -52.48 13.52 0.39
C PRO A 410 -52.49 12.26 -0.48
N TRP A 411 -51.90 12.34 -1.68
CA TRP A 411 -51.88 11.19 -2.60
C TRP A 411 -50.53 10.46 -2.64
N GLY A 412 -49.59 10.88 -1.80
CA GLY A 412 -48.26 10.25 -1.72
C GLY A 412 -47.16 11.00 -2.46
N ASN A 413 -46.00 10.37 -2.56
CA ASN A 413 -44.78 11.01 -3.04
C ASN A 413 -44.77 11.32 -4.52
N ALA A 414 -45.11 10.36 -5.35
CA ALA A 414 -45.08 10.60 -6.80
C ALA A 414 -46.00 11.77 -7.18
N PRO A 415 -47.27 11.74 -6.76
CA PRO A 415 -48.13 12.91 -6.94
C PRO A 415 -47.54 14.18 -6.31
N GLY A 416 -47.12 14.10 -5.05
CA GLY A 416 -46.47 15.22 -4.39
C GLY A 416 -45.38 15.84 -5.24
N ALA A 417 -44.55 14.99 -5.83
CA ALA A 417 -43.43 15.42 -6.68
C ALA A 417 -43.97 16.10 -7.92
N ALA A 418 -44.91 15.42 -8.60
CA ALA A 418 -45.55 15.93 -9.79
C ALA A 418 -46.13 17.32 -9.56
N ALA A 419 -46.80 17.50 -8.43
CA ALA A 419 -47.38 18.79 -8.06
C ALA A 419 -46.32 19.88 -8.09
N ASN A 420 -45.25 19.67 -7.30
CA ASN A 420 -44.21 20.68 -7.19
C ASN A 420 -43.54 20.93 -8.51
N ARG A 421 -43.35 19.88 -9.30
CA ARG A 421 -42.68 20.03 -10.60
C ARG A 421 -43.52 20.92 -11.52
N VAL A 422 -44.81 20.66 -11.58
CA VAL A 422 -45.75 21.46 -12.35
C VAL A 422 -45.77 22.92 -11.85
N ALA A 423 -45.91 23.10 -10.55
CA ALA A 423 -45.88 24.43 -9.97
C ALA A 423 -44.64 25.20 -10.42
N LEU A 424 -43.48 24.56 -10.37
CA LEU A 424 -42.24 25.22 -10.76
C LEU A 424 -42.16 25.50 -12.26
N GLU A 425 -42.61 24.53 -13.05
CA GLU A 425 -42.55 24.70 -14.50
C GLU A 425 -43.49 25.81 -14.97
N ALA A 426 -44.68 25.87 -14.36
CA ALA A 426 -45.64 26.93 -14.63
C ALA A 426 -45.05 28.32 -14.36
N CYS A 427 -44.48 28.51 -13.17
CA CYS A 427 -43.90 29.82 -12.81
C CYS A 427 -42.78 30.20 -13.77
N THR A 428 -42.00 29.21 -14.19
CA THR A 428 -40.90 29.46 -15.12
C THR A 428 -41.43 29.93 -16.47
N GLN A 429 -42.42 29.22 -17.00
CA GLN A 429 -43.07 29.61 -18.24
C GLN A 429 -43.63 31.02 -18.13
N ALA A 430 -44.42 31.27 -17.08
CA ALA A 430 -44.98 32.58 -16.80
C ALA A 430 -43.89 33.65 -16.81
N ARG A 431 -42.87 33.47 -15.97
CA ARG A 431 -41.73 34.39 -15.92
C ARG A 431 -41.22 34.68 -17.33
N ASN A 432 -40.98 33.61 -18.07
CA ASN A 432 -40.43 33.70 -19.43
C ASN A 432 -41.35 34.45 -20.39
N GLU A 433 -42.65 34.23 -20.24
CA GLU A 433 -43.66 34.85 -21.09
C GLU A 433 -43.87 36.34 -20.81
N GLY A 434 -43.23 36.85 -19.76
CA GLY A 434 -43.27 38.27 -19.45
C GLY A 434 -44.00 38.60 -18.16
N ARG A 435 -44.82 37.67 -17.68
CA ARG A 435 -45.60 37.89 -16.46
C ARG A 435 -44.69 38.22 -15.27
N ASP A 436 -45.10 39.21 -14.48
CA ASP A 436 -44.37 39.62 -13.29
C ASP A 436 -44.81 38.73 -12.13
N LEU A 437 -43.87 37.92 -11.63
CA LEU A 437 -44.17 36.92 -10.61
C LEU A 437 -44.45 37.50 -9.22
N ALA A 438 -43.92 38.70 -8.96
CA ALA A 438 -44.12 39.39 -7.69
C ALA A 438 -45.58 39.80 -7.49
N ARG A 439 -46.30 40.02 -8.59
CA ARG A 439 -47.71 40.44 -8.54
C ARG A 439 -48.69 39.36 -8.98
N GLU A 440 -48.51 38.83 -10.19
CA GLU A 440 -49.40 37.79 -10.72
C GLU A 440 -49.14 36.40 -10.11
N GLY A 441 -48.38 36.36 -9.01
CA GLY A 441 -47.97 35.11 -8.37
C GLY A 441 -49.11 34.14 -8.15
N GLY A 442 -50.04 34.53 -7.27
CA GLY A 442 -51.22 33.72 -6.95
C GLY A 442 -52.01 33.30 -8.18
N ASP A 443 -52.00 34.14 -9.21
CA ASP A 443 -52.74 33.86 -10.43
C ASP A 443 -52.18 32.66 -11.17
N VAL A 444 -50.85 32.67 -11.34
CA VAL A 444 -50.16 31.60 -12.05
C VAL A 444 -50.41 30.25 -11.37
N ILE A 445 -50.28 30.24 -10.04
CA ILE A 445 -50.52 29.02 -9.28
C ILE A 445 -51.95 28.56 -9.49
N ARG A 446 -52.91 29.46 -9.29
CA ARG A 446 -54.34 29.14 -9.43
C ARG A 446 -54.70 28.55 -10.79
N SER A 447 -54.21 29.16 -11.87
CA SER A 447 -54.44 28.63 -13.23
C SER A 447 -54.00 27.17 -13.30
N ALA A 448 -52.86 26.89 -12.69
CA ALA A 448 -52.25 25.58 -12.73
C ALA A 448 -52.97 24.53 -11.89
N CYS A 449 -53.62 24.93 -10.81
CA CYS A 449 -54.41 23.98 -9.99
C CYS A 449 -55.66 23.51 -10.71
N LYS A 450 -56.30 24.45 -11.40
CA LYS A 450 -57.52 24.16 -12.15
C LYS A 450 -57.15 23.27 -13.32
N TRP A 451 -55.87 23.27 -13.69
CA TRP A 451 -55.36 22.46 -14.79
C TRP A 451 -54.81 21.07 -14.37
N SER A 452 -54.09 21.00 -13.24
CA SER A 452 -53.46 19.75 -12.78
C SER A 452 -54.08 19.21 -11.50
N PRO A 453 -54.71 18.01 -11.59
CA PRO A 453 -55.36 17.36 -10.42
C PRO A 453 -54.43 17.21 -9.20
N GLU A 454 -53.18 16.85 -9.45
CA GLU A 454 -52.19 16.61 -8.39
C GLU A 454 -51.83 17.90 -7.70
N LEU A 455 -51.56 18.94 -8.50
CA LEU A 455 -51.30 20.25 -7.96
C LEU A 455 -52.49 20.77 -7.16
N ALA A 456 -53.71 20.49 -7.67
CA ALA A 456 -54.96 20.97 -7.04
C ALA A 456 -55.10 20.42 -5.63
N ALA A 457 -54.91 19.11 -5.50
CA ALA A 457 -54.90 18.45 -4.19
C ALA A 457 -53.86 19.09 -3.24
N ALA A 458 -52.72 19.49 -3.77
CA ALA A 458 -51.68 20.13 -2.99
C ALA A 458 -52.08 21.53 -2.51
N CYS A 459 -52.54 22.36 -3.45
CA CYS A 459 -53.01 23.72 -3.15
C CYS A 459 -54.10 23.76 -2.09
N GLU A 460 -55.01 22.79 -2.21
CA GLU A 460 -56.12 22.59 -1.29
C GLU A 460 -55.65 22.45 0.15
N VAL A 461 -54.64 21.61 0.37
CA VAL A 461 -54.18 21.25 1.72
C VAL A 461 -53.36 22.34 2.42
N TRP A 462 -52.55 23.08 1.67
CA TRP A 462 -51.66 24.07 2.27
C TRP A 462 -52.03 25.52 1.94
N LYS A 463 -53.27 25.74 1.48
CA LYS A 463 -53.76 27.09 1.12
C LYS A 463 -53.64 28.13 2.25
N GLU A 464 -54.05 27.74 3.44
CA GLU A 464 -54.05 28.66 4.59
C GLU A 464 -52.67 28.87 5.26
N ILE A 465 -51.69 28.06 4.84
CA ILE A 465 -50.43 27.91 5.61
C ILE A 465 -49.37 28.94 5.25
N LYS A 466 -49.02 29.77 6.24
CA LYS A 466 -48.05 30.84 6.07
C LYS A 466 -47.13 30.94 7.28
N PHE A 467 -45.98 31.58 7.09
CA PHE A 467 -45.01 31.77 8.17
C PHE A 467 -44.66 33.26 8.32
N GLU A 468 -45.48 33.95 9.10
CA GLU A 468 -45.28 35.38 9.44
C GLU A 468 -45.52 35.52 10.95
N PHE A 469 -44.72 36.33 11.65
CA PHE A 469 -44.90 36.45 13.11
C PHE A 469 -45.07 37.89 13.67
N GLY B 10 -59.46 4.24 14.31
CA GLY B 10 -58.71 5.53 14.13
C GLY B 10 -57.28 5.40 13.60
N ALA B 11 -56.50 6.49 13.73
CA ALA B 11 -55.07 6.60 13.35
C ALA B 11 -54.73 6.09 11.94
N GLY B 12 -55.09 6.90 10.94
CA GLY B 12 -54.67 6.72 9.54
C GLY B 12 -53.92 7.97 9.10
N PHE B 13 -53.72 8.16 7.79
CA PHE B 13 -52.97 9.33 7.31
C PHE B 13 -53.88 10.54 7.04
N LYS B 14 -53.59 11.63 7.72
CA LYS B 14 -54.39 12.84 7.60
C LYS B 14 -53.49 13.99 7.20
N ALA B 15 -53.42 14.23 5.90
CA ALA B 15 -52.70 15.36 5.31
C ALA B 15 -52.98 16.71 5.98
N GLY B 16 -51.99 17.60 5.97
CA GLY B 16 -52.18 18.95 6.50
C GLY B 16 -51.36 19.23 7.73
N VAL B 17 -51.19 20.52 8.02
CA VAL B 17 -50.48 21.00 9.21
C VAL B 17 -51.31 20.77 10.48
N LYS B 18 -50.62 20.40 11.56
CA LYS B 18 -51.26 20.42 12.87
C LYS B 18 -50.27 20.95 13.89
N ASP B 19 -50.65 21.00 15.16
CA ASP B 19 -49.76 21.51 16.19
C ASP B 19 -48.72 20.46 16.58
N TYR B 20 -47.50 20.91 16.88
CA TYR B 20 -46.43 20.00 17.26
C TYR B 20 -46.75 19.40 18.62
N ARG B 21 -47.38 20.21 19.48
CA ARG B 21 -47.69 19.77 20.83
C ARG B 21 -48.50 18.49 20.87
N LEU B 22 -49.27 18.24 19.82
CA LEU B 22 -50.11 17.03 19.77
C LEU B 22 -49.28 15.78 19.80
N THR B 23 -48.12 15.79 19.15
CA THR B 23 -47.27 14.61 19.10
C THR B 23 -45.98 14.72 19.95
N TYR B 24 -45.44 15.93 20.08
CA TYR B 24 -44.11 16.14 20.66
C TYR B 24 -44.03 16.82 22.03
N TYR B 25 -45.17 17.10 22.65
CA TYR B 25 -45.22 17.55 24.03
C TYR B 25 -45.84 16.46 24.88
N THR B 26 -45.02 15.80 25.71
CA THR B 26 -45.50 14.70 26.55
C THR B 26 -45.01 14.83 28.01
N PRO B 27 -45.64 15.73 28.79
CA PRO B 27 -45.19 16.05 30.15
C PRO B 27 -45.40 14.92 31.14
N ASP B 28 -46.03 13.85 30.69
CA ASP B 28 -46.25 12.69 31.55
C ASP B 28 -45.23 11.59 31.29
N TYR B 29 -44.25 11.89 30.42
CA TYR B 29 -43.20 10.93 30.03
C TYR B 29 -42.13 10.67 31.14
N VAL B 30 -41.91 9.39 31.46
CA VAL B 30 -40.83 8.96 32.36
C VAL B 30 -39.58 8.72 31.51
N VAL B 31 -38.59 9.60 31.63
CA VAL B 31 -37.29 9.44 30.93
C VAL B 31 -36.67 8.08 31.22
N ARG B 32 -36.09 7.47 30.19
CA ARG B 32 -35.39 6.18 30.32
C ARG B 32 -33.92 6.43 30.65
N ASP B 33 -33.27 5.44 31.26
CA ASP B 33 -31.85 5.57 31.68
C ASP B 33 -30.86 5.77 30.54
N THR B 34 -31.32 5.51 29.31
CA THR B 34 -30.52 5.56 28.10
C THR B 34 -30.82 6.76 27.21
N ASP B 35 -31.83 7.55 27.54
CA ASP B 35 -32.19 8.72 26.73
C ASP B 35 -31.15 9.82 26.86
N ILE B 36 -30.88 10.53 25.79
CA ILE B 36 -30.08 11.73 25.90
C ILE B 36 -31.08 12.82 26.23
N LEU B 37 -30.75 13.67 27.21
CA LEU B 37 -31.66 14.74 27.63
C LEU B 37 -31.02 16.07 27.37
N ALA B 38 -31.80 17.00 26.85
CA ALA B 38 -31.31 18.35 26.59
C ALA B 38 -32.10 19.35 27.39
N ALA B 39 -31.42 20.36 27.91
CA ALA B 39 -32.05 21.45 28.62
C ALA B 39 -31.85 22.73 27.82
N PHE B 40 -32.91 23.16 27.12
CA PHE B 40 -32.89 24.37 26.29
C PHE B 40 -33.47 25.59 27.01
N ARG B 41 -32.73 26.70 27.00
CA ARG B 41 -33.27 27.96 27.44
C ARG B 41 -34.05 28.62 26.29
N MET B 42 -35.34 28.36 26.27
CA MET B 42 -36.25 28.78 25.21
C MET B 42 -36.80 30.19 25.40
N THR B 43 -36.97 30.94 24.30
CA THR B 43 -37.54 32.28 24.31
C THR B 43 -38.48 32.43 23.11
N PRO B 44 -39.74 31.96 23.24
CA PRO B 44 -40.70 31.93 22.10
C PRO B 44 -41.10 33.31 21.61
N GLN B 45 -41.46 33.41 20.33
CA GLN B 45 -42.11 34.62 19.82
C GLN B 45 -43.41 34.89 20.60
N PRO B 46 -43.72 36.20 20.83
CA PRO B 46 -44.97 36.58 21.51
C PRO B 46 -46.19 35.80 20.95
N GLY B 47 -46.93 35.14 21.83
CA GLY B 47 -48.17 34.47 21.43
C GLY B 47 -47.98 33.06 20.89
N VAL B 48 -46.74 32.56 20.99
CA VAL B 48 -46.49 31.14 20.74
C VAL B 48 -46.44 30.46 22.09
N PRO B 49 -47.43 29.62 22.40
CA PRO B 49 -47.43 28.93 23.69
C PRO B 49 -46.14 28.11 23.91
N PRO B 50 -45.48 28.29 25.08
CA PRO B 50 -44.34 27.50 25.52
C PRO B 50 -44.43 25.99 25.23
N GLU B 51 -45.57 25.36 25.51
CA GLU B 51 -45.74 23.95 25.21
C GLU B 51 -45.51 23.65 23.73
N GLU B 52 -46.01 24.53 22.86
CA GLU B 52 -45.90 24.35 21.40
C GLU B 52 -44.49 24.64 20.89
N CYS B 53 -43.82 25.58 21.55
CA CYS B 53 -42.49 25.96 21.15
C CYS B 53 -41.49 24.88 21.58
N GLY B 54 -41.71 24.34 22.78
CA GLY B 54 -40.95 23.20 23.28
C GLY B 54 -41.10 21.94 22.43
N ALA B 55 -42.31 21.69 21.99
CA ALA B 55 -42.57 20.53 21.14
C ALA B 55 -42.01 20.71 19.71
N ALA B 56 -42.06 21.93 19.19
CA ALA B 56 -41.45 22.26 17.90
C ALA B 56 -39.95 21.90 17.93
N VAL B 57 -39.24 22.40 18.94
CA VAL B 57 -37.85 22.07 19.18
C VAL B 57 -37.65 20.55 19.24
N ALA B 58 -38.43 19.85 20.06
CA ALA B 58 -38.28 18.40 20.17
C ALA B 58 -38.56 17.69 18.85
N ALA B 59 -39.45 18.25 18.02
CA ALA B 59 -39.88 17.57 16.79
C ALA B 59 -38.81 17.73 15.70
N GLU B 60 -38.33 18.95 15.58
CA GLU B 60 -37.47 19.29 14.46
C GLU B 60 -36.01 18.99 14.78
N SER B 61 -35.78 18.42 15.96
CA SER B 61 -34.46 17.92 16.30
C SER B 61 -34.53 16.39 16.39
N SER B 62 -35.58 15.78 15.89
CA SER B 62 -35.70 14.35 16.00
C SER B 62 -36.36 13.72 14.76
N THR B 63 -37.69 13.72 14.71
CA THR B 63 -38.39 13.00 13.65
C THR B 63 -39.37 13.87 12.85
N GLY B 64 -39.65 15.07 13.32
CA GLY B 64 -40.82 15.80 12.80
C GLY B 64 -40.53 16.88 11.79
N THR B 65 -41.43 17.02 10.82
CA THR B 65 -41.37 18.18 9.95
C THR B 65 -42.66 19.00 10.14
N TRP B 66 -42.85 20.05 9.31
CA TRP B 66 -43.86 21.12 9.53
C TRP B 66 -45.31 20.73 9.19
N THR B 67 -45.48 19.77 8.28
CA THR B 67 -46.77 19.22 7.94
C THR B 67 -46.71 17.72 8.12
N THR B 68 -47.87 17.07 8.18
CA THR B 68 -47.90 15.65 8.47
C THR B 68 -47.46 14.84 7.27
N VAL B 69 -46.59 13.87 7.48
CA VAL B 69 -46.12 12.98 6.40
C VAL B 69 -46.62 11.55 6.60
N TRP B 70 -46.97 10.90 5.51
CA TRP B 70 -47.61 9.60 5.58
C TRP B 70 -46.68 8.49 6.04
N THR B 71 -45.38 8.70 5.85
CA THR B 71 -44.39 7.64 6.04
C THR B 71 -44.25 7.27 7.52
N ASP B 72 -44.72 8.17 8.40
CA ASP B 72 -44.77 7.96 9.86
C ASP B 72 -45.35 6.60 10.24
N GLY B 73 -46.33 6.16 9.44
CA GLY B 73 -47.07 4.95 9.72
C GLY B 73 -46.23 3.74 9.48
N LEU B 74 -45.23 3.84 8.62
CA LEU B 74 -44.41 2.70 8.27
C LEU B 74 -43.45 2.31 9.39
N THR B 75 -43.18 3.27 10.29
CA THR B 75 -42.31 3.09 11.44
C THR B 75 -43.13 3.28 12.74
N SER B 76 -42.46 3.32 13.90
CA SER B 76 -43.14 3.61 15.17
C SER B 76 -42.65 4.93 15.78
N LEU B 77 -43.32 6.02 15.44
CA LEU B 77 -42.98 7.34 15.98
C LEU B 77 -42.79 7.31 17.49
N ASP B 78 -43.60 6.51 18.18
CA ASP B 78 -43.50 6.36 19.64
C ASP B 78 -42.07 6.02 20.07
N ARG B 79 -41.52 4.98 19.44
CA ARG B 79 -40.14 4.56 19.63
C ARG B 79 -39.08 5.64 19.37
N TYR B 80 -39.27 6.44 18.33
CA TYR B 80 -38.19 7.29 17.82
C TYR B 80 -38.29 8.78 18.15
N LYS B 81 -39.47 9.26 18.53
CA LYS B 81 -39.67 10.70 18.63
C LYS B 81 -38.95 11.37 19.80
N GLY B 82 -38.39 12.53 19.52
CA GLY B 82 -37.98 13.45 20.58
C GLY B 82 -39.21 13.90 21.36
N ARG B 83 -39.05 14.09 22.66
CA ARG B 83 -40.17 14.44 23.54
C ARG B 83 -39.81 15.61 24.43
N CYS B 84 -40.56 16.70 24.30
CA CYS B 84 -40.57 17.73 25.33
C CYS B 84 -41.41 17.21 26.51
N TYR B 85 -40.79 17.12 27.69
CA TYR B 85 -41.38 16.39 28.83
C TYR B 85 -41.41 17.22 30.11
N ASP B 86 -41.06 18.50 30.01
CA ASP B 86 -41.04 19.40 31.16
C ASP B 86 -40.63 20.82 30.80
N ILE B 87 -41.37 21.79 31.34
CA ILE B 87 -41.06 23.19 31.12
C ILE B 87 -41.10 23.93 32.44
N GLU B 88 -39.95 24.50 32.83
CA GLU B 88 -39.84 25.41 33.96
C GLU B 88 -39.90 26.83 33.41
N PRO B 89 -40.58 27.75 34.12
CA PRO B 89 -40.43 29.15 33.75
C PRO B 89 -39.18 29.67 34.41
N VAL B 90 -38.57 30.71 33.84
CA VAL B 90 -37.35 31.27 34.42
C VAL B 90 -37.67 32.44 35.37
N PRO B 91 -37.27 32.32 36.66
CA PRO B 91 -37.48 33.41 37.61
C PRO B 91 -36.80 34.68 37.13
N GLY B 92 -37.51 35.79 37.21
CA GLY B 92 -36.98 37.08 36.81
C GLY B 92 -36.99 37.23 35.30
N GLU B 93 -37.82 36.42 34.62
CA GLU B 93 -37.95 36.45 33.15
C GLU B 93 -39.38 36.31 32.63
N ASP B 94 -39.83 37.30 31.86
CA ASP B 94 -41.21 37.34 31.35
C ASP B 94 -41.43 36.23 30.32
N ASN B 95 -40.57 36.22 29.29
CA ASN B 95 -40.73 35.33 28.14
C ASN B 95 -39.53 34.40 27.92
N GLN B 96 -39.20 33.63 28.94
CA GLN B 96 -38.08 32.70 28.86
C GLN B 96 -38.42 31.46 29.66
N TYR B 97 -38.20 30.30 29.06
CA TYR B 97 -38.42 29.00 29.71
C TYR B 97 -37.25 28.04 29.53
N ILE B 98 -37.11 27.09 30.43
CA ILE B 98 -36.24 25.96 30.19
C ILE B 98 -37.10 24.79 29.71
N ALA B 99 -36.93 24.40 28.46
CA ALA B 99 -37.60 23.19 27.94
C ALA B 99 -36.71 21.96 28.04
N TYR B 100 -37.28 20.84 28.45
CA TYR B 100 -36.52 19.60 28.58
C TYR B 100 -36.91 18.63 27.50
N VAL B 101 -35.90 18.25 26.71
CA VAL B 101 -36.12 17.28 25.63
C VAL B 101 -35.38 15.97 25.91
N ALA B 102 -36.09 14.86 25.72
CA ALA B 102 -35.53 13.53 25.82
C ALA B 102 -35.49 12.95 24.43
N TYR B 103 -34.32 12.44 24.02
CA TYR B 103 -34.12 11.74 22.74
C TYR B 103 -33.78 10.28 23.02
N HYP B 104 -34.44 9.33 22.36
CA HYP B 104 -34.02 7.92 22.48
C HYP B 104 -32.63 7.68 21.98
O HYP B 104 -32.20 8.29 21.01
CB HYP B 104 -34.95 7.08 21.63
CG HYP B 104 -36.15 7.98 21.42
CD HYP B 104 -35.64 9.43 21.57
OD1 HYP B 104 -37.03 7.66 22.49
N ILE B 105 -31.92 6.76 22.62
CA ILE B 105 -30.55 6.45 22.18
C ILE B 105 -30.45 6.07 20.67
N ASP B 106 -31.45 5.35 20.17
CA ASP B 106 -31.51 4.95 18.76
C ASP B 106 -31.37 6.11 17.80
N LEU B 107 -31.48 7.33 18.26
CA LEU B 107 -31.43 8.44 17.32
C LEU B 107 -30.03 8.75 16.82
N PHE B 108 -29.04 8.28 17.60
CA PHE B 108 -27.68 8.78 17.46
C PHE B 108 -26.72 7.78 16.89
N GLU B 109 -25.76 8.28 16.10
CA GLU B 109 -24.71 7.40 15.65
C GLU B 109 -23.73 7.16 16.81
N GLU B 110 -23.44 5.89 17.05
CA GLU B 110 -22.43 5.53 18.00
C GLU B 110 -21.13 6.30 17.73
N GLY B 111 -20.54 6.84 18.79
CA GLY B 111 -19.22 7.46 18.69
C GLY B 111 -19.15 8.79 17.97
N SER B 112 -20.27 9.31 17.48
CA SER B 112 -20.23 10.53 16.68
C SER B 112 -20.78 11.80 17.36
N VAL B 113 -19.90 12.58 17.97
CA VAL B 113 -20.27 13.90 18.50
C VAL B 113 -20.98 14.75 17.40
N THR B 114 -20.42 14.67 16.20
CA THR B 114 -20.96 15.35 15.03
C THR B 114 -22.42 15.01 14.84
N ASN B 115 -22.75 13.74 14.92
CA ASN B 115 -24.13 13.36 14.69
C ASN B 115 -25.00 13.86 15.81
N MET B 116 -24.51 13.76 17.04
CA MET B 116 -25.28 14.26 18.16
C MET B 116 -25.63 15.76 18.00
N PHE B 117 -24.63 16.60 17.78
CA PHE B 117 -24.89 18.03 17.60
C PHE B 117 -25.77 18.32 16.40
N THR B 118 -25.60 17.57 15.32
CA THR B 118 -26.47 17.73 14.15
C THR B 118 -27.96 17.59 14.51
N SER B 119 -28.32 16.56 15.28
CA SER B 119 -29.71 16.42 15.69
C SER B 119 -30.07 17.56 16.64
N ILE B 120 -29.37 17.63 17.76
CA ILE B 120 -29.80 18.47 18.86
C ILE B 120 -29.77 19.96 18.56
N VAL B 121 -28.75 20.44 17.86
CA VAL B 121 -28.58 21.88 17.63
C VAL B 121 -28.52 22.17 16.13
N GLY B 122 -29.14 21.29 15.36
CA GLY B 122 -28.98 21.37 13.91
C GLY B 122 -29.78 22.46 13.26
N ASN B 123 -31.09 22.46 13.47
CA ASN B 123 -31.97 23.37 12.74
C ASN B 123 -32.73 24.35 13.62
N VAL B 124 -33.24 23.82 14.74
CA VAL B 124 -34.16 24.48 15.67
C VAL B 124 -33.79 25.92 16.09
N PHE B 125 -32.52 26.20 16.31
CA PHE B 125 -32.09 27.55 16.69
C PHE B 125 -32.47 28.63 15.66
N GLY B 126 -32.82 28.20 14.45
CA GLY B 126 -33.18 29.13 13.39
C GLY B 126 -34.67 29.19 13.10
N PHE B 127 -35.48 28.63 14.00
CA PHE B 127 -36.93 28.71 13.86
C PHE B 127 -37.50 30.12 14.02
N LYS B 128 -38.39 30.48 13.08
CA LYS B 128 -39.12 31.73 13.10
C LYS B 128 -39.92 31.83 14.38
N ALA B 129 -40.54 30.70 14.76
CA ALA B 129 -41.38 30.58 15.96
C ALA B 129 -40.68 30.88 17.30
N LEU B 130 -39.38 31.16 17.30
CA LEU B 130 -38.71 31.55 18.53
C LEU B 130 -37.78 32.73 18.36
N ARG B 131 -37.59 33.49 19.43
CA ARG B 131 -36.71 34.65 19.36
C ARG B 131 -35.28 34.21 19.54
N ALA B 132 -35.08 33.31 20.51
CA ALA B 132 -33.76 32.88 20.96
C ALA B 132 -33.83 31.47 21.51
N LEU B 133 -32.72 30.75 21.42
CA LEU B 133 -32.58 29.42 22.03
C LEU B 133 -31.16 29.23 22.52
N ARG B 134 -31.02 28.59 23.66
CA ARG B 134 -29.71 28.29 24.20
C ARG B 134 -29.74 26.87 24.75
N LEU B 135 -28.78 26.05 24.33
CA LEU B 135 -28.63 24.74 24.93
C LEU B 135 -27.74 24.87 26.16
N GLU B 136 -28.31 24.58 27.32
CA GLU B 136 -27.58 24.77 28.56
C GLU B 136 -26.88 23.50 29.02
N ASP B 137 -27.49 22.34 28.80
CA ASP B 137 -26.88 21.08 29.26
C ASP B 137 -27.37 19.84 28.51
N LEU B 138 -26.58 18.79 28.58
CA LEU B 138 -26.95 17.53 27.98
C LEU B 138 -26.70 16.42 28.96
N ARG B 139 -27.58 15.44 29.00
CA ARG B 139 -27.33 14.31 29.83
C ARG B 139 -26.88 13.17 28.92
N ILE B 140 -25.57 12.94 28.90
CA ILE B 140 -25.05 11.87 28.09
C ILE B 140 -25.11 10.57 28.92
N PRO B 141 -26.02 9.65 28.55
CA PRO B 141 -26.18 8.42 29.33
C PRO B 141 -25.03 7.46 29.11
N PRO B 142 -24.68 6.67 30.15
CA PRO B 142 -23.58 5.76 30.05
C PRO B 142 -23.61 4.91 28.78
N ALA B 143 -24.78 4.41 28.38
CA ALA B 143 -24.82 3.53 27.24
C ALA B 143 -24.48 4.25 25.93
N TYR B 144 -24.60 5.59 25.91
CA TYR B 144 -24.08 6.35 24.78
C TYR B 144 -22.60 6.67 24.94
N VAL B 145 -22.22 7.10 26.13
CA VAL B 145 -20.83 7.38 26.47
C VAL B 145 -19.89 6.21 26.13
N LYS B 146 -20.31 4.97 26.43
CA LYS B 146 -19.53 3.76 26.10
C LYS B 146 -19.25 3.54 24.63
N THR B 147 -19.89 4.31 23.75
CA THR B 147 -19.63 4.14 22.34
C THR B 147 -18.52 5.05 21.84
N PHE B 148 -17.95 5.86 22.72
CA PHE B 148 -16.88 6.76 22.32
C PHE B 148 -15.50 6.25 22.73
N VAL B 149 -14.51 6.51 21.89
CA VAL B 149 -13.14 6.24 22.30
C VAL B 149 -12.77 7.18 23.45
N GLY B 150 -13.27 8.41 23.40
CA GLY B 150 -13.01 9.36 24.47
C GLY B 150 -11.59 9.86 24.40
N HYP B 151 -11.10 10.52 25.48
CA HYP B 151 -9.77 11.12 25.50
C HYP B 151 -8.69 10.10 25.28
O HYP B 151 -8.82 8.96 25.75
CB HYP B 151 -9.64 11.72 26.89
CG HYP B 151 -11.07 12.04 27.23
CD HYP B 151 -11.78 10.78 26.74
OD1 HYP B 151 -11.40 13.11 26.37
N PRO B 152 -7.60 10.48 24.59
CA PRO B 152 -6.57 9.52 24.26
C PRO B 152 -5.92 8.95 25.51
N HIS B 153 -5.77 9.78 26.56
CA HIS B 153 -5.07 9.36 27.76
C HIS B 153 -5.78 9.73 29.04
N GLY B 154 -6.12 10.99 29.26
CA GLY B 154 -6.79 11.35 30.51
C GLY B 154 -5.79 11.81 31.57
N ILE B 155 -6.27 12.43 32.63
CA ILE B 155 -5.41 13.04 33.63
C ILE B 155 -4.39 12.06 34.23
N GLN B 156 -4.89 11.00 34.86
CA GLN B 156 -4.02 9.96 35.47
C GLN B 156 -2.91 9.45 34.55
N VAL B 157 -3.29 8.98 33.37
CA VAL B 157 -2.32 8.41 32.45
C VAL B 157 -1.35 9.50 32.03
N GLU B 158 -1.85 10.70 31.74
CA GLU B 158 -0.97 11.79 31.41
C GLU B 158 0.10 11.96 32.49
N ARG B 159 -0.34 12.21 33.72
CA ARG B 159 0.58 12.40 34.81
C ARG B 159 1.62 11.30 34.89
N ASP B 160 1.16 10.04 34.88
CA ASP B 160 2.05 8.90 34.81
C ASP B 160 3.06 8.94 33.66
N LYS B 161 2.62 9.29 32.45
CA LYS B 161 3.52 9.38 31.30
C LYS B 161 4.62 10.43 31.54
N LEU B 162 4.19 11.61 31.96
CA LEU B 162 5.05 12.77 32.16
C LEU B 162 5.90 12.65 33.42
N ASN B 163 5.49 11.76 34.32
CA ASN B 163 6.12 11.57 35.64
C ASN B 163 6.07 12.85 36.48
N LYS B 164 4.93 13.55 36.45
CA LYS B 164 4.71 14.79 37.19
C LYS B 164 3.53 14.65 38.14
N TYR B 165 3.80 14.89 39.43
CA TYR B 165 2.82 14.70 40.48
C TYR B 165 2.80 15.83 41.52
N GLY B 166 1.62 16.04 42.12
CA GLY B 166 1.46 16.91 43.28
C GLY B 166 1.53 18.41 43.07
N ARG B 167 1.13 18.89 41.89
CA ARG B 167 1.06 20.34 41.57
C ARG B 167 0.47 20.63 40.17
N GLY B 168 0.00 21.86 39.99
CA GLY B 168 -0.49 22.30 38.69
C GLY B 168 0.64 22.16 37.69
N LEU B 169 0.30 22.05 36.42
CA LEU B 169 1.31 22.05 35.39
C LEU B 169 1.39 23.45 34.79
N LEU B 170 2.58 23.83 34.36
CA LEU B 170 2.82 25.17 33.92
C LEU B 170 3.13 25.18 32.48
N GLY B 171 2.34 25.96 31.75
CA GLY B 171 2.52 26.13 30.31
C GLY B 171 2.74 27.59 29.96
N CYS B 172 2.90 27.85 28.66
CA CYS B 172 3.23 29.16 28.16
C CYS B 172 3.04 29.24 26.65
N THR B 173 2.18 30.15 26.17
CA THR B 173 2.01 30.37 24.73
C THR B 173 3.10 31.31 24.21
N ILE B 174 3.96 30.82 23.30
CA ILE B 174 4.93 31.71 22.65
C ILE B 174 4.27 32.94 22.04
N LYS B 175 4.91 34.10 22.18
CA LYS B 175 4.44 35.37 21.59
C LYS B 175 5.61 36.07 20.90
N PRO B 176 5.34 36.92 19.89
CA PRO B 176 4.02 37.29 19.35
C PRO B 176 3.28 36.10 18.72
N LYS B 177 1.95 36.18 18.70
CA LYS B 177 1.13 35.09 18.14
C LYS B 177 1.74 34.70 16.79
N LEU B 178 1.63 35.61 15.82
CA LEU B 178 2.22 35.37 14.49
C LEU B 178 3.45 36.28 14.26
N GLY B 179 4.29 35.91 13.30
CA GLY B 179 5.43 36.72 12.90
C GLY B 179 6.79 36.12 13.17
N LEU B 180 6.90 35.21 14.14
CA LEU B 180 8.22 34.63 14.50
C LEU B 180 8.67 33.54 13.51
N SER B 181 9.96 33.51 13.22
CA SER B 181 10.53 32.47 12.37
C SER B 181 10.61 31.19 13.17
N ALA B 182 10.73 30.05 12.48
CA ALA B 182 10.87 28.76 13.16
C ALA B 182 12.03 28.77 14.16
N LYS B 183 13.20 29.24 13.71
CA LYS B 183 14.41 29.28 14.57
C LYS B 183 14.22 30.14 15.84
N ASN B 184 13.54 31.30 15.69
CA ASN B 184 13.26 32.14 16.86
C ASN B 184 12.26 31.44 17.77
N TYR B 185 11.27 30.79 17.14
CA TYR B 185 10.26 30.05 17.88
C TYR B 185 10.97 29.06 18.80
N GLY B 186 11.91 28.30 18.23
CA GLY B 186 12.58 27.28 19.00
C GLY B 186 13.39 27.90 20.12
N ARG B 187 14.05 29.02 19.80
CA ARG B 187 14.87 29.77 20.75
C ARG B 187 14.05 30.16 21.97
N ALA B 188 12.99 30.93 21.75
CA ALA B 188 12.03 31.27 22.79
C ALA B 188 11.56 30.03 23.54
N VAL B 189 11.31 28.94 22.82
CA VAL B 189 10.78 27.75 23.47
C VAL B 189 11.79 27.20 24.48
N TYR B 190 13.05 27.12 24.04
CA TYR B 190 14.12 26.61 24.89
C TYR B 190 14.30 27.47 26.14
N GLU B 191 14.34 28.80 25.96
CA GLU B 191 14.44 29.69 27.12
C GLU B 191 13.27 29.51 28.13
N CYS B 192 12.03 29.42 27.64
CA CYS B 192 10.89 29.21 28.55
C CYS B 192 10.91 27.84 29.27
N LEU B 193 11.27 26.80 28.54
CA LEU B 193 11.23 25.49 29.16
C LEU B 193 12.28 25.30 30.24
N ARG B 194 13.48 25.85 30.02
CA ARG B 194 14.60 25.63 30.94
C ARG B 194 14.45 26.43 32.25
N GLY B 195 13.62 27.48 32.19
CA GLY B 195 13.25 28.28 33.35
C GLY B 195 12.50 27.48 34.39
N GLY B 196 11.81 26.41 33.96
CA GLY B 196 11.03 25.55 34.87
C GLY B 196 9.55 25.35 34.52
N LEU B 197 9.14 25.87 33.36
CA LEU B 197 7.84 25.57 32.77
C LEU B 197 7.85 24.12 32.26
N ASP B 198 6.73 23.42 32.42
CA ASP B 198 6.59 22.07 31.90
C ASP B 198 6.34 22.05 30.39
N PHE B 199 5.57 23.05 29.92
CA PHE B 199 5.06 23.08 28.56
C PHE B 199 5.16 24.44 27.93
N THR B 200 5.44 24.47 26.64
CA THR B 200 5.13 25.67 25.86
C THR B 200 4.22 25.24 24.73
N KCX B 201 3.74 26.19 23.94
CA KCX B 201 2.76 25.84 22.92
CB KCX B 201 1.34 25.75 23.51
CG KCX B 201 0.75 27.10 23.96
CD KCX B 201 -0.57 26.91 24.70
CE KCX B 201 -1.71 26.59 23.77
NZ KCX B 201 -1.90 27.70 22.78
C KCX B 201 2.75 26.78 21.75
O KCX B 201 3.08 27.95 21.88
CX KCX B 201 -2.68 28.76 23.06
OQ1 KCX B 201 -2.84 29.68 22.23
OQ2 KCX B 201 -3.25 28.84 24.17
N ASP B 202 2.36 26.25 20.60
CA ASP B 202 2.06 27.07 19.46
C ASP B 202 0.81 27.85 19.80
N ASP B 203 0.73 29.09 19.33
CA ASP B 203 -0.50 29.85 19.50
C ASP B 203 -1.54 29.19 18.62
N GLU B 204 -2.79 29.22 19.05
CA GLU B 204 -3.85 28.55 18.30
C GLU B 204 -3.84 28.82 16.77
N ASN B 205 -3.46 30.03 16.37
CA ASN B 205 -3.43 30.38 14.94
C ASN B 205 -2.07 30.23 14.28
N VAL B 206 -1.09 29.75 15.05
CA VAL B 206 0.20 29.28 14.49
C VAL B 206 -0.02 27.87 13.93
N ASN B 207 -0.07 27.76 12.60
CA ASN B 207 -0.32 26.49 11.92
C ASN B 207 0.87 26.31 10.98
N SER B 208 0.71 26.77 9.74
CA SER B 208 1.81 26.85 8.81
C SER B 208 1.56 28.04 7.89
N GLN B 209 2.47 29.01 7.94
CA GLN B 209 2.29 30.28 7.21
C GLN B 209 3.61 30.67 6.53
N PRO B 210 3.57 31.68 5.62
CA PRO B 210 4.77 32.16 4.91
C PRO B 210 5.93 32.57 5.82
N PHE B 211 5.65 33.20 6.97
CA PHE B 211 6.72 33.57 7.85
C PHE B 211 7.37 32.36 8.59
N MET B 212 6.62 31.26 8.71
CA MET B 212 7.11 30.10 9.47
C MET B 212 6.35 28.84 9.08
N ARG B 213 6.98 27.98 8.27
CA ARG B 213 6.32 26.77 7.82
C ARG B 213 6.33 25.68 8.93
N TRP B 214 5.28 24.86 9.00
CA TRP B 214 5.12 23.98 10.18
C TRP B 214 6.28 23.03 10.42
N ARG B 215 6.82 22.44 9.35
CA ARG B 215 7.81 21.36 9.57
C ARG B 215 9.11 21.92 10.09
N ASP B 216 9.42 23.14 9.66
CA ASP B 216 10.54 23.88 10.19
C ASP B 216 10.39 24.07 11.71
N ARG B 217 9.24 24.59 12.13
CA ARG B 217 9.01 24.80 13.53
C ARG B 217 9.18 23.48 14.29
N PHE B 218 8.57 22.41 13.77
CA PHE B 218 8.51 21.17 14.52
C PHE B 218 9.93 20.77 14.84
N LEU B 219 10.81 20.88 13.84
CA LEU B 219 12.18 20.41 13.99
C LEU B 219 12.94 21.23 15.03
N PHE B 220 12.84 22.55 14.97
CA PHE B 220 13.52 23.38 15.96
C PHE B 220 12.91 23.21 17.34
N VAL B 221 11.59 23.16 17.43
CA VAL B 221 10.96 22.98 18.73
C VAL B 221 11.47 21.65 19.35
N ALA B 222 11.52 20.60 18.53
CA ALA B 222 11.96 19.31 19.00
C ALA B 222 13.30 19.50 19.67
N GLU B 223 14.17 20.25 19.03
CA GLU B 223 15.51 20.47 19.55
C GLU B 223 15.49 21.25 20.87
N ALA B 224 14.61 22.24 20.96
CA ALA B 224 14.48 23.03 22.17
C ALA B 224 13.99 22.17 23.30
N ILE B 225 12.93 21.40 23.05
CA ILE B 225 12.41 20.44 24.01
C ILE B 225 13.55 19.60 24.56
N TYR B 226 14.41 19.05 23.69
CA TYR B 226 15.41 18.10 24.21
C TYR B 226 16.58 18.76 24.94
N LYS B 227 17.00 19.93 24.49
CA LYS B 227 18.00 20.68 25.22
C LYS B 227 17.49 21.02 26.64
N ALA B 228 16.31 21.63 26.73
CA ALA B 228 15.74 22.02 28.01
C ALA B 228 15.59 20.81 28.92
N GLN B 229 15.22 19.68 28.33
CA GLN B 229 15.00 18.47 29.10
C GLN B 229 16.30 17.92 29.64
N ALA B 230 17.36 17.95 28.82
CA ALA B 230 18.70 17.51 29.27
C ALA B 230 19.26 18.44 30.36
N GLU B 231 19.04 19.74 30.19
CA GLU B 231 19.54 20.74 31.09
C GLU B 231 18.83 20.67 32.47
N THR B 232 17.51 20.58 32.48
CA THR B 232 16.78 20.62 33.75
C THR B 232 16.64 19.24 34.41
N GLY B 233 16.71 18.18 33.62
CA GLY B 233 16.44 16.83 34.16
C GLY B 233 14.96 16.57 34.39
N GLU B 234 14.12 17.55 34.06
CA GLU B 234 12.68 17.33 34.12
C GLU B 234 12.11 17.11 32.73
N VAL B 235 11.03 16.32 32.63
CA VAL B 235 10.36 16.04 31.36
C VAL B 235 9.67 17.29 30.80
N LYS B 236 9.85 17.52 29.51
CA LYS B 236 9.41 18.77 28.90
C LYS B 236 8.57 18.50 27.66
N GLY B 237 7.67 19.41 27.35
CA GLY B 237 6.80 19.26 26.20
C GLY B 237 6.56 20.59 25.54
N HIS B 238 6.04 20.52 24.32
CA HIS B 238 5.56 21.69 23.59
C HIS B 238 4.43 21.26 22.68
N TYR B 239 3.31 21.96 22.77
CA TYR B 239 2.15 21.57 22.00
C TYR B 239 2.36 22.01 20.58
N LEU B 240 2.83 21.11 19.72
CA LEU B 240 2.93 21.44 18.29
C LEU B 240 1.56 21.32 17.68
N ASN B 241 1.15 22.36 16.96
CA ASN B 241 -0.21 22.48 16.44
C ASN B 241 -0.46 21.68 15.18
N ALA B 242 -1.35 20.69 15.25
CA ALA B 242 -1.70 19.89 14.08
C ALA B 242 -2.94 20.42 13.38
N THR B 243 -3.56 21.46 13.92
CA THR B 243 -4.68 22.11 13.22
C THR B 243 -4.27 22.46 11.80
N ALA B 244 -5.13 22.15 10.83
CA ALA B 244 -4.77 22.32 9.42
C ALA B 244 -6.00 22.44 8.54
N GLY B 245 -5.77 22.67 7.26
CA GLY B 245 -6.86 22.90 6.31
C GLY B 245 -7.66 21.66 5.97
N THR B 246 -6.99 20.50 5.92
CA THR B 246 -7.59 19.22 5.53
C THR B 246 -7.16 18.15 6.51
N CYS B 247 -7.89 17.02 6.61
CA CYS B 247 -7.48 15.93 7.50
C CYS B 247 -6.09 15.38 7.09
N GLU B 248 -5.87 15.23 5.79
CA GLU B 248 -4.61 14.71 5.33
C GLU B 248 -3.45 15.53 5.90
N GLU B 249 -3.54 16.88 5.88
CA GLU B 249 -2.48 17.74 6.43
C GLU B 249 -2.42 17.60 7.93
N MET B 250 -3.58 17.62 8.59
CA MET B 250 -3.58 17.50 10.03
C MET B 250 -2.79 16.25 10.41
N MET B 251 -3.06 15.14 9.73
CA MET B 251 -2.43 13.86 10.03
C MET B 251 -0.95 13.90 9.71
N LYS B 252 -0.61 14.60 8.65
CA LYS B 252 0.78 14.71 8.24
C LYS B 252 1.61 15.31 9.39
N ARG B 253 1.05 16.35 10.03
CA ARG B 253 1.61 17.02 11.17
C ARG B 253 1.68 16.18 12.46
N ALA B 254 0.62 15.46 12.76
CA ALA B 254 0.68 14.50 13.86
C ALA B 254 1.76 13.43 13.64
N VAL B 255 1.81 12.84 12.46
CA VAL B 255 2.79 11.81 12.16
C VAL B 255 4.22 12.31 12.40
N SMC B 256 4.47 13.55 11.96
CA SMC B 256 5.79 14.12 12.13
CB SMC B 256 5.75 15.46 11.42
SG SMC B 256 7.24 16.39 11.83
CS SMC B 256 8.55 15.36 11.15
C SMC B 256 6.12 14.25 13.60
O SMC B 256 7.19 13.82 14.04
N ALA B 257 5.21 14.84 14.36
CA ALA B 257 5.35 14.96 15.79
C ALA B 257 5.72 13.63 16.42
N LYS B 258 5.04 12.56 16.01
CA LYS B 258 5.35 11.25 16.57
C LYS B 258 6.74 10.85 16.16
N GLU B 259 7.02 11.03 14.88
CA GLU B 259 8.30 10.64 14.32
C GLU B 259 9.47 11.30 15.06
N LEU B 260 9.21 12.50 15.59
CA LEU B 260 10.18 13.26 16.35
C LEU B 260 10.25 12.87 17.82
N GLY B 261 9.38 11.98 18.26
CA GLY B 261 9.45 11.59 19.68
C GLY B 261 8.85 12.61 20.64
N VAL B 262 8.38 13.74 20.14
CA VAL B 262 7.80 14.71 21.07
C VAL B 262 6.55 14.15 21.80
N PRO B 263 6.35 14.53 23.07
CA PRO B 263 5.24 13.94 23.82
C PRO B 263 3.83 14.49 23.53
N ILE B 264 3.70 15.64 22.90
CA ILE B 264 2.37 16.30 22.91
C ILE B 264 2.06 17.19 21.69
N ILE B 265 0.84 17.10 21.18
CA ILE B 265 0.41 17.99 20.08
C ILE B 265 -0.90 18.64 20.49
N MET B 266 -1.36 19.62 19.72
CA MET B 266 -2.59 20.34 20.08
C MET B 266 -3.49 20.43 18.87
N HIS B 267 -4.78 20.61 19.10
CA HIS B 267 -5.73 20.84 18.00
C HIS B 267 -6.74 21.88 18.43
N ASP B 268 -7.21 22.73 17.49
CA ASP B 268 -8.37 23.62 17.72
C ASP B 268 -9.69 22.90 17.31
N TYR B 269 -10.33 22.22 18.26
CA TYR B 269 -11.41 21.32 17.90
C TYR B 269 -12.62 21.99 17.28
N LEU B 270 -12.87 23.24 17.61
CA LEU B 270 -14.05 23.87 17.01
C LEU B 270 -13.75 24.45 15.64
N THR B 271 -12.56 24.99 15.43
CA THR B 271 -12.27 25.49 14.07
C THR B 271 -11.84 24.38 13.13
N GLY B 272 -11.04 23.44 13.65
CA GLY B 272 -10.81 22.20 12.93
C GLY B 272 -12.10 21.45 12.70
N GLY B 273 -12.87 21.25 13.78
CA GLY B 273 -14.18 20.55 13.70
C GLY B 273 -14.16 19.16 14.35
N PHE B 274 -15.32 18.71 14.80
CA PHE B 274 -15.43 17.46 15.54
C PHE B 274 -14.95 16.21 14.78
N THR B 275 -15.26 16.13 13.49
CA THR B 275 -14.94 14.95 12.74
C THR B 275 -13.43 14.83 12.65
N ALA B 276 -12.79 15.95 12.35
CA ALA B 276 -11.35 16.00 12.27
C ALA B 276 -10.76 15.76 13.64
N ASN B 277 -11.39 16.30 14.67
CA ASN B 277 -10.83 16.17 15.98
C ASN B 277 -10.82 14.72 16.50
N THR B 278 -11.94 14.04 16.35
CA THR B 278 -12.07 12.63 16.75
C THR B 278 -11.03 11.79 16.04
N SER B 279 -10.79 12.11 14.77
CA SER B 279 -9.82 11.35 13.99
C SER B 279 -8.49 11.44 14.68
N LEU B 280 -8.14 12.67 15.04
CA LEU B 280 -6.85 12.94 15.64
C LEU B 280 -6.72 12.27 17.02
N ALA B 281 -7.80 12.29 17.80
CA ALA B 281 -7.72 11.77 19.15
C ALA B 281 -7.49 10.27 19.04
N ILE B 282 -8.11 9.65 18.05
CA ILE B 282 -7.93 8.23 17.87
C ILE B 282 -6.46 8.00 17.49
N TYR B 283 -5.88 8.90 16.73
CA TYR B 283 -4.49 8.70 16.28
C TYR B 283 -3.60 8.77 17.50
N CYS B 284 -3.90 9.77 18.34
CA CYS B 284 -3.13 9.99 19.55
C CYS B 284 -3.22 8.75 20.45
N ARG B 285 -4.43 8.22 20.64
CA ARG B 285 -4.57 6.99 21.38
C ARG B 285 -3.68 5.86 20.79
N ASP B 286 -3.59 5.80 19.45
CA ASP B 286 -2.90 4.69 18.79
C ASP B 286 -1.39 4.85 18.75
N ASN B 287 -0.89 6.00 19.18
CA ASN B 287 0.54 6.30 19.09
C ASN B 287 1.10 6.94 20.34
N GLY B 288 0.27 7.07 21.36
CA GLY B 288 0.69 7.54 22.66
C GLY B 288 1.12 8.99 22.68
N LEU B 289 0.45 9.84 21.93
CA LEU B 289 0.76 11.24 21.93
C LEU B 289 -0.25 11.89 22.82
N LEU B 290 0.17 12.85 23.64
CA LEU B 290 -0.84 13.61 24.41
C LEU B 290 -1.50 14.63 23.52
N LEU B 291 -2.78 14.90 23.77
CA LEU B 291 -3.52 15.80 22.89
C LEU B 291 -4.04 17.02 23.63
N HIS B 292 -3.51 18.19 23.30
CA HIS B 292 -3.95 19.40 23.95
C HIS B 292 -5.01 20.06 23.11
N ILE B 293 -6.20 20.30 23.69
CA ILE B 293 -7.30 20.95 22.93
C ILE B 293 -7.52 22.44 23.21
N HIS B 294 -7.45 23.25 22.17
CA HIS B 294 -7.65 24.67 22.29
C HIS B 294 -9.04 24.93 21.76
N ARG B 295 -9.80 25.75 22.49
CA ARG B 295 -11.21 25.91 22.23
C ARG B 295 -11.53 27.13 21.36
N ALA B 296 -10.53 27.57 20.59
CA ALA B 296 -10.69 28.70 19.67
C ALA B 296 -12.11 28.75 19.12
N MET B 297 -12.73 29.92 19.17
CA MET B 297 -14.06 30.16 18.57
C MET B 297 -15.25 29.89 19.53
N HIS B 298 -15.00 29.28 20.69
CA HIS B 298 -16.10 28.95 21.59
C HIS B 298 -16.93 30.18 21.97
N ALA B 299 -16.26 31.30 22.16
CA ALA B 299 -16.96 32.52 22.57
C ALA B 299 -18.02 32.98 21.57
N VAL B 300 -17.84 32.70 20.28
CA VAL B 300 -18.88 32.93 19.25
C VAL B 300 -20.23 32.24 19.58
N ILE B 301 -20.14 31.09 20.23
CA ILE B 301 -21.27 30.21 20.50
C ILE B 301 -21.76 30.30 21.96
N ASP B 302 -20.86 30.50 22.91
CA ASP B 302 -21.21 30.29 24.32
C ASP B 302 -21.25 31.54 25.22
N ARG B 303 -20.95 32.71 24.65
CA ARG B 303 -20.82 33.95 25.46
C ARG B 303 -22.15 34.50 26.00
N GLN B 304 -23.15 34.64 25.12
CA GLN B 304 -24.44 35.22 25.50
C GLN B 304 -25.35 34.24 26.24
N ARG B 305 -26.15 34.80 27.16
CA ARG B 305 -27.03 34.02 28.04
C ARG B 305 -28.33 33.56 27.37
N ASN B 306 -28.80 34.35 26.40
CA ASN B 306 -30.10 34.09 25.74
C ASN B 306 -30.05 33.12 24.54
N HIS B 307 -28.91 33.07 23.85
CA HIS B 307 -28.74 32.32 22.60
C HIS B 307 -27.34 31.68 22.39
N GLY B 308 -27.35 30.43 21.93
CA GLY B 308 -26.11 29.70 21.59
C GLY B 308 -26.05 28.35 22.28
N ILE B 309 -24.83 27.84 22.48
CA ILE B 309 -24.62 26.66 23.31
C ILE B 309 -23.70 27.08 24.43
N HIS B 310 -24.00 26.64 25.65
CA HIS B 310 -23.16 26.97 26.77
C HIS B 310 -21.91 26.14 26.72
N PHE B 311 -20.81 26.71 27.18
CA PHE B 311 -19.54 25.99 27.20
C PHE B 311 -19.58 24.62 27.88
N ARG B 312 -20.39 24.45 28.91
CA ARG B 312 -20.34 23.18 29.62
C ARG B 312 -20.66 22.01 28.63
N VAL B 313 -21.57 22.29 27.69
CA VAL B 313 -21.94 21.33 26.67
C VAL B 313 -20.78 21.13 25.70
N LEU B 314 -20.16 22.23 25.27
CA LEU B 314 -19.02 22.14 24.36
C LEU B 314 -17.86 21.40 25.02
N ALA B 315 -17.89 21.32 26.34
CA ALA B 315 -16.81 20.64 27.02
C ALA B 315 -17.12 19.16 27.12
N LYS B 316 -18.38 18.85 27.40
CA LYS B 316 -18.81 17.45 27.43
C LYS B 316 -18.52 16.85 26.05
N ALA B 317 -18.80 17.64 25.03
CA ALA B 317 -18.62 17.20 23.68
C ALA B 317 -17.14 16.81 23.41
N LEU B 318 -16.23 17.71 23.77
CA LEU B 318 -14.81 17.48 23.59
C LEU B 318 -14.32 16.30 24.41
N ARG B 319 -14.85 16.13 25.61
CA ARG B 319 -14.48 15.00 26.40
C ARG B 319 -14.87 13.71 25.68
N MET B 320 -15.97 13.75 24.94
CA MET B 320 -16.42 12.58 24.16
C MET B 320 -15.66 12.42 22.87
N SER B 321 -15.42 13.52 22.17
CA SER B 321 -14.68 13.46 20.93
C SER B 321 -13.26 12.98 21.20
N GLY B 322 -12.62 13.56 22.23
CA GLY B 322 -11.30 13.16 22.71
C GLY B 322 -10.39 14.37 22.84
N GLY B 323 -9.76 14.48 24.02
CA GLY B 323 -8.75 15.51 24.29
C GLY B 323 -8.15 15.23 25.66
N ASP B 324 -6.86 15.47 25.83
CA ASP B 324 -6.23 15.24 27.13
C ASP B 324 -6.29 16.51 28.00
N HIS B 325 -6.22 17.67 27.34
CA HIS B 325 -6.35 18.99 27.96
C HIS B 325 -7.44 19.74 27.21
N LEU B 326 -8.19 20.55 27.94
CA LEU B 326 -9.11 21.49 27.33
C LEU B 326 -9.02 22.80 28.06
N HIS B 327 -8.91 23.89 27.33
CA HIS B 327 -8.94 25.20 27.96
C HIS B 327 -10.24 25.37 28.70
N SER B 328 -10.14 25.85 29.96
CA SER B 328 -11.31 25.97 30.84
C SER B 328 -11.65 27.41 31.16
N GLY B 329 -10.75 28.34 30.83
CA GLY B 329 -10.93 29.73 31.23
C GLY B 329 -10.26 29.99 32.55
N THR B 330 -10.05 31.28 32.87
CA THR B 330 -9.27 31.65 34.05
C THR B 330 -10.10 32.17 35.22
N VAL B 331 -11.29 32.69 34.91
CA VAL B 331 -12.08 33.52 35.83
C VAL B 331 -11.47 34.92 36.02
N VAL B 332 -10.21 34.96 36.45
CA VAL B 332 -9.54 36.20 36.85
C VAL B 332 -8.76 36.91 35.72
N GLY B 333 -8.49 36.22 34.63
CA GLY B 333 -7.66 36.77 33.55
C GLY B 333 -8.43 37.64 32.57
N LYS B 334 -7.87 37.80 31.36
CA LYS B 334 -8.43 38.67 30.31
C LYS B 334 -9.72 38.22 29.61
N LEU B 335 -10.10 36.95 29.75
CA LEU B 335 -11.31 36.45 29.09
C LEU B 335 -12.40 36.03 30.07
N GLU B 336 -13.67 36.29 29.70
CA GLU B 336 -14.80 36.04 30.61
C GLU B 336 -14.84 34.62 31.17
N GLY B 337 -15.41 34.49 32.36
CA GLY B 337 -15.58 33.21 33.03
C GLY B 337 -16.02 33.46 34.46
N GLU B 338 -17.32 33.35 34.69
CA GLU B 338 -17.88 33.43 36.05
C GLU B 338 -17.44 32.20 36.86
N ARG B 339 -17.14 32.42 38.14
CA ARG B 339 -16.53 31.40 39.03
C ARG B 339 -17.36 30.11 39.30
N GLU B 340 -18.64 30.24 39.62
CA GLU B 340 -19.43 29.07 40.05
C GLU B 340 -19.63 28.08 38.90
N VAL B 341 -20.05 28.62 37.77
CA VAL B 341 -20.25 27.88 36.53
C VAL B 341 -18.97 27.13 36.10
N THR B 342 -17.83 27.84 36.14
CA THR B 342 -16.53 27.28 35.80
C THR B 342 -16.16 26.09 36.70
N LEU B 343 -16.28 26.26 38.01
CA LEU B 343 -16.06 25.17 38.95
C LEU B 343 -16.91 23.96 38.57
N GLY B 344 -18.10 24.23 38.04
CA GLY B 344 -19.04 23.18 37.64
C GLY B 344 -18.57 22.41 36.42
N PHE B 345 -18.30 23.14 35.33
CA PHE B 345 -17.83 22.47 34.13
C PHE B 345 -16.42 21.88 34.22
N VAL B 346 -15.62 22.39 35.16
CA VAL B 346 -14.37 21.71 35.50
C VAL B 346 -14.65 20.31 36.12
N ASP B 347 -15.65 20.23 36.98
CA ASP B 347 -15.99 18.92 37.54
C ASP B 347 -16.50 18.02 36.42
N LEU B 348 -17.12 18.61 35.41
CA LEU B 348 -17.69 17.85 34.31
C LEU B 348 -16.62 17.23 33.41
N MET B 349 -15.51 17.97 33.29
CA MET B 349 -14.34 17.59 32.51
C MET B 349 -13.54 16.53 33.22
N ARG B 350 -13.41 16.66 34.55
CA ARG B 350 -12.47 15.82 35.31
C ARG B 350 -13.06 14.58 35.94
N ASP B 351 -14.28 14.67 36.45
CA ASP B 351 -14.78 13.67 37.40
C ASP B 351 -15.55 12.52 36.76
N ASP B 352 -15.71 11.42 37.50
CA ASP B 352 -16.46 10.27 37.01
C ASP B 352 -17.95 10.42 37.15
N TYR B 353 -18.37 11.08 38.22
CA TYR B 353 -19.79 11.30 38.51
C TYR B 353 -19.99 12.72 39.04
N VAL B 354 -20.94 13.43 38.46
CA VAL B 354 -21.21 14.81 38.86
C VAL B 354 -22.70 14.95 39.10
N GLU B 355 -23.09 15.20 40.36
CA GLU B 355 -24.51 15.32 40.74
C GLU B 355 -25.08 16.62 40.18
N LYS B 356 -26.37 16.59 39.88
CA LYS B 356 -27.14 17.78 39.50
C LYS B 356 -26.93 18.85 40.55
N ASP B 357 -26.71 20.08 40.09
CA ASP B 357 -26.51 21.23 40.97
C ASP B 357 -26.76 22.53 40.21
N ARG B 358 -28.01 23.00 40.29
CA ARG B 358 -28.44 24.17 39.53
C ARG B 358 -27.71 25.45 39.88
N SER B 359 -27.17 25.54 41.10
CA SER B 359 -26.37 26.71 41.50
C SER B 359 -25.12 26.86 40.63
N ARG B 360 -24.65 25.72 40.10
CA ARG B 360 -23.47 25.68 39.24
C ARG B 360 -23.79 25.48 37.74
N GLY B 361 -25.05 25.69 37.36
CA GLY B 361 -25.48 25.52 35.98
C GLY B 361 -25.53 24.06 35.56
N ILE B 362 -25.38 23.14 36.50
CA ILE B 362 -25.43 21.73 36.16
C ILE B 362 -26.88 21.21 36.14
N TYR B 363 -27.47 21.10 34.95
CA TYR B 363 -28.87 20.68 34.87
C TYR B 363 -29.13 19.20 35.05
N PHE B 364 -28.10 18.38 34.89
CA PHE B 364 -28.29 16.91 34.88
C PHE B 364 -27.20 16.23 35.66
N THR B 365 -27.55 15.13 36.33
CA THR B 365 -26.54 14.23 36.86
C THR B 365 -25.85 13.58 35.64
N GLN B 366 -24.53 13.77 35.57
CA GLN B 366 -23.71 13.21 34.51
C GLN B 366 -22.83 12.07 35.04
N ASP B 367 -23.02 10.87 34.50
CA ASP B 367 -22.20 9.72 34.87
C ASP B 367 -21.34 9.37 33.66
N TRP B 368 -20.03 9.59 33.77
CA TRP B 368 -19.11 9.34 32.67
C TRP B 368 -18.67 7.89 32.57
N SMC B 369 -19.19 7.03 33.42
CA SMC B 369 -18.89 5.61 33.36
CB SMC B 369 -19.91 5.08 32.36
SG SMC B 369 -20.25 3.30 32.48
CS SMC B 369 -21.15 3.18 34.04
C SMC B 369 -17.47 5.26 32.99
O SMC B 369 -17.23 4.48 32.09
N SER B 370 -16.51 5.87 33.69
CA SER B 370 -15.07 5.57 33.57
C SER B 370 -14.32 6.19 32.40
N MET B 371 -15.01 6.94 31.55
CA MET B 371 -14.31 7.71 30.55
C MET B 371 -13.25 8.53 31.27
N PRO B 372 -12.01 8.52 30.79
CA PRO B 372 -10.98 9.33 31.47
C PRO B 372 -11.36 10.82 31.59
N GLY B 373 -10.70 11.51 32.51
CA GLY B 373 -10.93 12.93 32.74
C GLY B 373 -10.05 13.83 31.89
N VAL B 374 -10.64 14.92 31.40
CA VAL B 374 -9.87 15.92 30.67
C VAL B 374 -9.25 16.92 31.66
N MET B 375 -8.00 17.32 31.43
CA MET B 375 -7.38 18.29 32.30
C MET B 375 -7.69 19.72 31.87
N PRO B 376 -8.27 20.51 32.79
CA PRO B 376 -8.57 21.94 32.52
C PRO B 376 -7.31 22.76 32.35
N VAL B 377 -7.27 23.56 31.30
CA VAL B 377 -6.14 24.45 31.13
C VAL B 377 -6.60 25.88 31.31
N ALA B 378 -5.93 26.59 32.22
CA ALA B 378 -6.34 27.92 32.60
C ALA B 378 -5.32 28.84 31.98
N SER B 379 -5.78 29.77 31.12
CA SER B 379 -4.87 30.57 30.32
C SER B 379 -5.47 31.87 29.87
N GLY B 380 -4.62 32.89 29.76
CA GLY B 380 -4.99 34.13 29.08
C GLY B 380 -5.05 35.30 30.04
N GLY B 381 -4.03 36.17 29.96
CA GLY B 381 -3.97 37.36 30.80
C GLY B 381 -3.83 37.07 32.29
N ILE B 382 -3.17 35.96 32.63
CA ILE B 382 -2.81 35.70 34.02
C ILE B 382 -1.31 35.95 34.27
N HIS B 383 -0.97 36.21 35.53
CA HIS B 383 0.41 36.45 35.97
C HIS B 383 0.55 36.02 37.42
N VAL B 384 1.73 36.25 37.96
CA VAL B 384 2.12 35.69 39.24
C VAL B 384 1.18 36.02 40.39
N TRP B 385 0.52 37.18 40.36
CA TRP B 385 -0.40 37.56 41.45
C TRP B 385 -1.67 36.68 41.47
N HIS B 386 -2.05 36.18 40.31
CA HIS B 386 -3.23 35.34 40.22
C HIS B 386 -2.96 33.94 40.76
N MET B 387 -1.67 33.58 40.93
CA MET B 387 -1.30 32.19 41.21
C MET B 387 -2.11 31.52 42.33
N PRO B 388 -2.23 32.19 43.50
CA PRO B 388 -3.02 31.56 44.59
C PRO B 388 -4.54 31.38 44.23
N ALA B 389 -5.18 32.43 43.69
CA ALA B 389 -6.55 32.28 43.22
C ALA B 389 -6.64 31.06 42.29
N LEU B 390 -5.65 30.87 41.42
CA LEU B 390 -5.69 29.79 40.44
C LEU B 390 -5.55 28.44 41.11
N VAL B 391 -4.52 28.28 41.93
CA VAL B 391 -4.36 27.04 42.72
C VAL B 391 -5.60 26.74 43.58
N GLU B 392 -6.30 27.80 43.98
CA GLU B 392 -7.46 27.67 44.85
C GLU B 392 -8.61 27.09 44.04
N ILE B 393 -8.88 27.69 42.88
CA ILE B 393 -9.96 27.27 41.99
C ILE B 393 -9.76 25.83 41.49
N PHE B 394 -8.57 25.54 40.98
CA PHE B 394 -8.41 24.34 40.17
C PHE B 394 -7.84 23.14 40.93
N GLY B 395 -7.08 23.40 41.98
CA GLY B 395 -6.35 22.32 42.64
C GLY B 395 -5.22 21.84 41.74
N ASP B 396 -4.60 20.72 42.11
CA ASP B 396 -3.45 20.17 41.37
C ASP B 396 -3.73 19.77 39.92
N ASP B 397 -4.93 19.23 39.66
CA ASP B 397 -5.25 18.66 38.35
C ASP B 397 -5.71 19.73 37.42
N ALA B 398 -4.77 20.60 37.04
CA ALA B 398 -5.01 21.60 36.05
C ALA B 398 -3.65 21.97 35.46
N CYS B 399 -3.70 22.79 34.42
CA CYS B 399 -2.50 23.28 33.79
C CYS B 399 -2.71 24.75 33.64
N LEU B 400 -1.73 25.52 34.12
CA LEU B 400 -1.79 26.96 34.15
C LEU B 400 -0.81 27.51 33.14
N GLN B 401 -1.24 28.50 32.37
CA GLN B 401 -0.43 28.99 31.28
C GLN B 401 -0.19 30.48 31.24
N PHE B 402 1.07 30.83 31.00
CA PHE B 402 1.50 32.19 31.09
C PHE B 402 2.24 32.57 29.83
N GLY B 403 1.54 33.22 28.92
CA GLY B 403 2.17 33.61 27.66
C GLY B 403 2.89 34.92 27.89
N GLY B 404 2.09 35.99 27.90
CA GLY B 404 2.57 37.33 28.23
C GLY B 404 3.26 37.26 29.58
N GLY B 405 2.59 36.62 30.53
CA GLY B 405 3.13 36.36 31.86
C GLY B 405 4.48 35.66 31.92
N THR B 406 5.05 35.34 30.77
CA THR B 406 6.40 34.75 30.74
C THR B 406 7.30 35.56 29.82
N LEU B 407 6.90 35.71 28.56
CA LEU B 407 7.71 36.47 27.60
C LEU B 407 7.57 38.01 27.82
N GLY B 408 6.70 38.37 28.77
CA GLY B 408 6.56 39.75 29.20
C GLY B 408 7.44 40.13 30.39
N HIS B 409 8.08 39.13 31.00
CA HIS B 409 8.96 39.32 32.16
C HIS B 409 10.14 40.16 31.71
N PRO B 410 10.57 41.15 32.51
CA PRO B 410 11.64 42.10 32.11
C PRO B 410 13.04 41.48 31.92
N TRP B 411 13.28 40.29 32.50
CA TRP B 411 14.59 39.61 32.37
C TRP B 411 14.61 38.44 31.34
N GLY B 412 13.58 38.40 30.48
CA GLY B 412 13.39 37.31 29.50
C GLY B 412 12.64 36.07 29.97
N ASN B 413 12.73 35.03 29.14
CA ASN B 413 11.90 33.83 29.28
C ASN B 413 12.32 32.93 30.43
N ALA B 414 13.61 32.60 30.52
CA ALA B 414 14.09 31.68 31.57
C ALA B 414 13.72 32.22 32.97
N PRO B 415 14.09 33.48 33.25
CA PRO B 415 13.62 34.08 34.51
C PRO B 415 12.08 34.12 34.64
N GLY B 416 11.40 34.55 33.58
CA GLY B 416 9.93 34.53 33.51
C GLY B 416 9.38 33.19 33.97
N ALA B 417 9.95 32.12 33.43
CA ALA B 417 9.54 30.78 33.78
C ALA B 417 9.82 30.48 35.25
N ALA B 418 11.09 30.63 35.63
CA ALA B 418 11.48 30.44 37.03
C ALA B 418 10.54 31.16 38.02
N ALA B 419 10.17 32.39 37.69
CA ALA B 419 9.26 33.18 38.52
C ALA B 419 7.97 32.42 38.73
N ASN B 420 7.28 32.14 37.62
CA ASN B 420 5.99 31.43 37.66
C ASN B 420 6.12 30.09 38.38
N ARG B 421 7.20 29.37 38.10
CA ARG B 421 7.38 28.07 38.71
C ARG B 421 7.47 28.20 40.25
N VAL B 422 8.23 29.21 40.70
CA VAL B 422 8.37 29.47 42.13
C VAL B 422 7.05 29.93 42.76
N ALA B 423 6.35 30.87 42.09
CA ALA B 423 5.03 31.30 42.53
C ALA B 423 4.09 30.12 42.75
N LEU B 424 4.03 29.20 41.78
CA LEU B 424 3.20 27.99 41.89
C LEU B 424 3.70 27.07 43.00
N GLU B 425 5.00 26.85 43.06
CA GLU B 425 5.51 25.89 44.05
C GLU B 425 5.26 26.36 45.49
N ALA B 426 5.34 27.67 45.68
CA ALA B 426 5.10 28.27 46.99
C ALA B 426 3.63 28.11 47.41
N CYS B 427 2.70 28.47 46.51
CA CYS B 427 1.27 28.34 46.77
C CYS B 427 0.90 26.90 47.13
N THR B 428 1.53 25.94 46.45
CA THR B 428 1.29 24.52 46.69
C THR B 428 1.72 24.14 48.11
N GLN B 429 2.99 24.39 48.43
CA GLN B 429 3.52 24.22 49.78
C GLN B 429 2.59 24.85 50.81
N ALA B 430 2.28 26.13 50.63
CA ALA B 430 1.35 26.86 51.48
C ALA B 430 0.06 26.09 51.66
N ARG B 431 -0.60 25.76 50.55
CA ARG B 431 -1.84 24.97 50.59
C ARG B 431 -1.65 23.74 51.46
N ASN B 432 -0.61 22.97 51.15
CA ASN B 432 -0.33 21.71 51.85
C ASN B 432 -0.09 21.91 53.37
N GLU B 433 0.57 23.01 53.71
CA GLU B 433 0.93 23.33 55.10
C GLU B 433 -0.28 23.77 55.94
N GLY B 434 -1.44 23.91 55.32
CA GLY B 434 -2.64 24.27 56.04
C GLY B 434 -3.17 25.64 55.67
N ARG B 435 -2.29 26.52 55.20
CA ARG B 435 -2.69 27.90 54.88
C ARG B 435 -3.87 27.96 53.90
N ASP B 436 -4.82 28.83 54.22
CA ASP B 436 -6.02 29.05 53.40
C ASP B 436 -5.68 30.04 52.30
N LEU B 437 -5.64 29.55 51.05
CA LEU B 437 -5.21 30.37 49.90
C LEU B 437 -6.19 31.48 49.51
N ALA B 438 -7.45 31.28 49.87
CA ALA B 438 -8.49 32.27 49.55
C ALA B 438 -8.29 33.59 50.33
N ARG B 439 -7.66 33.51 51.52
CA ARG B 439 -7.39 34.69 52.38
C ARG B 439 -5.93 35.10 52.42
N GLU B 440 -5.06 34.15 52.77
CA GLU B 440 -3.62 34.41 52.88
C GLU B 440 -2.91 34.53 51.51
N GLY B 441 -3.70 34.63 50.45
CA GLY B 441 -3.21 34.69 49.06
C GLY B 441 -2.05 35.63 48.85
N GLY B 442 -2.34 36.93 48.96
CA GLY B 442 -1.33 37.99 48.80
C GLY B 442 -0.09 37.79 49.67
N ASP B 443 -0.30 37.23 50.86
CA ASP B 443 0.78 36.98 51.80
C ASP B 443 1.79 36.00 51.27
N VAL B 444 1.30 34.88 50.74
CA VAL B 444 2.17 33.79 50.24
C VAL B 444 3.01 34.29 49.06
N ILE B 445 2.37 35.02 48.15
CA ILE B 445 3.09 35.64 47.02
C ILE B 445 4.15 36.62 47.52
N ARG B 446 3.74 37.56 48.36
CA ARG B 446 4.67 38.53 48.95
C ARG B 446 5.89 37.90 49.65
N SER B 447 5.68 36.89 50.49
CA SER B 447 6.81 36.16 51.13
C SER B 447 7.80 35.68 50.07
N ALA B 448 7.27 35.19 48.96
CA ALA B 448 8.06 34.62 47.89
C ALA B 448 8.83 35.65 47.03
N CYS B 449 8.31 36.88 46.89
CA CYS B 449 9.04 37.94 46.15
C CYS B 449 10.27 38.44 46.89
N LYS B 450 10.10 38.62 48.20
CA LYS B 450 11.20 39.05 49.04
C LYS B 450 12.27 37.93 49.08
N TRP B 451 11.87 36.71 48.73
CA TRP B 451 12.79 35.56 48.73
C TRP B 451 13.45 35.27 47.35
N SER B 452 12.68 35.42 46.26
CA SER B 452 13.19 35.12 44.91
C SER B 452 13.31 36.40 44.05
N PRO B 453 14.54 36.74 43.63
CA PRO B 453 14.82 37.89 42.76
C PRO B 453 14.00 37.94 41.45
N GLU B 454 13.87 36.77 40.79
CA GLU B 454 13.13 36.64 39.53
C GLU B 454 11.65 36.90 39.72
N LEU B 455 11.08 36.29 40.75
CA LEU B 455 9.69 36.53 41.13
C LEU B 455 9.40 38.01 41.49
N ALA B 456 10.33 38.62 42.25
CA ALA B 456 10.26 40.02 42.68
C ALA B 456 10.12 40.95 41.48
N ALA B 457 11.00 40.75 40.49
CA ALA B 457 10.93 41.48 39.22
C ALA B 457 9.56 41.31 38.56
N ALA B 458 9.01 40.10 38.67
CA ALA B 458 7.69 39.78 38.10
C ALA B 458 6.53 40.47 38.82
N CYS B 459 6.53 40.37 40.15
CA CYS B 459 5.52 40.99 40.99
C CYS B 459 5.50 42.51 40.85
N GLU B 460 6.71 43.08 40.73
CA GLU B 460 6.93 44.50 40.50
C GLU B 460 6.17 45.01 39.27
N VAL B 461 6.31 44.31 38.15
CA VAL B 461 5.77 44.78 36.86
C VAL B 461 4.25 44.64 36.70
N TRP B 462 3.65 43.64 37.33
CA TRP B 462 2.21 43.39 37.11
C TRP B 462 1.39 43.56 38.37
N LYS B 463 1.96 44.24 39.38
CA LYS B 463 1.28 44.47 40.68
C LYS B 463 -0.09 45.17 40.55
N GLU B 464 -0.16 46.20 39.69
CA GLU B 464 -1.39 46.98 39.52
C GLU B 464 -2.43 46.34 38.59
N ILE B 465 -2.03 45.30 37.87
CA ILE B 465 -2.82 44.77 36.75
C ILE B 465 -3.90 43.78 37.16
N LYS B 466 -5.14 44.17 36.88
CA LYS B 466 -6.33 43.39 37.20
C LYS B 466 -7.35 43.43 36.05
N PHE B 467 -8.24 42.43 36.06
CA PHE B 467 -9.32 42.32 35.08
C PHE B 467 -10.70 42.23 35.76
N GLU B 468 -11.26 43.41 36.06
CA GLU B 468 -12.65 43.59 36.57
C GLU B 468 -13.25 44.80 35.85
N PHE B 469 -14.56 44.83 35.60
CA PHE B 469 -15.13 46.01 34.88
C PHE B 469 -16.33 46.71 35.57
N GLY C 12 52.86 12.61 -13.38
CA GLY C 12 53.02 13.63 -12.30
C GLY C 12 51.90 14.66 -12.29
N PHE C 13 51.60 15.19 -11.12
CA PHE C 13 50.58 16.22 -11.02
C PHE C 13 51.20 17.59 -11.11
N LYS C 14 50.82 18.34 -12.14
CA LYS C 14 51.32 19.68 -12.34
C LYS C 14 50.18 20.70 -12.20
N ALA C 15 50.08 21.33 -11.04
CA ALA C 15 49.04 22.35 -10.80
C ALA C 15 49.08 23.51 -11.82
N GLY C 16 47.94 24.20 -11.99
CA GLY C 16 47.85 25.30 -12.96
C GLY C 16 47.04 25.07 -14.23
N VAL C 17 46.71 26.17 -14.90
CA VAL C 17 46.01 26.18 -16.18
C VAL C 17 46.89 25.79 -17.36
N LYS C 18 46.34 25.00 -18.25
CA LYS C 18 46.98 24.75 -19.53
C LYS C 18 45.90 24.71 -20.59
N ASP C 19 46.30 24.48 -21.83
CA ASP C 19 45.35 24.44 -22.93
C ASP C 19 44.56 23.15 -22.92
N TYR C 20 43.27 23.27 -23.24
CA TYR C 20 42.42 22.10 -23.38
C TYR C 20 42.92 21.24 -24.52
N ARG C 21 43.38 21.87 -25.60
CA ARG C 21 43.80 21.13 -26.80
C ARG C 21 44.86 20.06 -26.50
N LEU C 22 45.66 20.28 -25.45
CA LEU C 22 46.71 19.34 -25.05
C LEU C 22 46.15 17.98 -24.68
N THR C 23 44.95 17.98 -24.11
CA THR C 23 44.31 16.75 -23.65
C THR C 23 43.08 16.35 -24.50
N TYR C 24 42.29 17.34 -24.91
CA TYR C 24 40.96 17.11 -25.50
C TYR C 24 40.81 17.29 -27.02
N TYR C 25 41.90 17.65 -27.71
CA TYR C 25 41.89 17.67 -29.16
C TYR C 25 42.68 16.48 -29.61
N THR C 26 42.02 15.53 -30.26
CA THR C 26 42.66 14.32 -30.75
C THR C 26 42.14 14.05 -32.17
N PRO C 27 42.70 14.76 -33.17
CA PRO C 27 42.21 14.65 -34.53
C PRO C 27 42.57 13.31 -35.16
N ASP C 28 43.36 12.52 -34.44
CA ASP C 28 43.84 11.24 -34.94
C ASP C 28 43.02 10.06 -34.39
N TYR C 29 42.07 10.36 -33.51
CA TYR C 29 41.24 9.36 -32.85
C TYR C 29 40.33 8.62 -33.82
N VAL C 30 40.30 7.29 -33.69
CA VAL C 30 39.33 6.43 -34.40
C VAL C 30 38.09 6.20 -33.54
N VAL C 31 36.96 6.75 -33.97
CA VAL C 31 35.70 6.61 -33.22
C VAL C 31 35.31 5.15 -33.06
N ARG C 32 34.79 4.83 -31.88
CA ARG C 32 34.34 3.47 -31.57
C ARG C 32 32.86 3.34 -31.91
N ASP C 33 32.44 2.12 -32.21
CA ASP C 33 31.06 1.85 -32.64
C ASP C 33 30.01 2.17 -31.58
N THR C 34 30.47 2.36 -30.35
CA THR C 34 29.63 2.63 -29.18
C THR C 34 29.72 4.06 -28.65
N ASP C 35 30.63 4.85 -29.21
CA ASP C 35 30.77 6.26 -28.85
C ASP C 35 29.51 7.01 -29.25
N ILE C 36 29.07 7.94 -28.41
CA ILE C 36 28.07 8.93 -28.81
C ILE C 36 28.84 10.05 -29.49
N LEU C 37 28.39 10.49 -30.65
CA LEU C 37 29.08 11.53 -31.42
C LEU C 37 28.24 12.76 -31.52
N ALA C 38 28.84 13.93 -31.33
CA ALA C 38 28.11 15.19 -31.49
C ALA C 38 28.69 16.02 -32.62
N ALA C 39 27.83 16.74 -33.31
CA ALA C 39 28.29 17.69 -34.31
C ALA C 39 27.84 19.09 -33.91
N PHE C 40 28.77 19.87 -33.36
CA PHE C 40 28.48 21.23 -32.92
C PHE C 40 28.85 22.23 -33.97
N ARG C 41 28.02 23.25 -34.14
CA ARG C 41 28.34 24.38 -35.00
C ARG C 41 28.94 25.46 -34.14
N MET C 42 30.26 25.51 -34.15
CA MET C 42 31.05 26.34 -33.26
C MET C 42 31.37 27.72 -33.87
N THR C 43 31.33 28.75 -33.05
CA THR C 43 31.74 30.12 -33.42
C THR C 43 32.62 30.69 -32.29
N PRO C 44 33.95 30.46 -32.36
CA PRO C 44 34.82 30.92 -31.30
C PRO C 44 34.89 32.46 -31.22
N GLN C 45 35.31 32.97 -30.07
CA GLN C 45 35.65 34.38 -29.96
C GLN C 45 36.87 34.64 -30.84
N PRO C 46 36.95 35.85 -31.42
CA PRO C 46 38.11 36.26 -32.22
C PRO C 46 39.41 35.95 -31.50
N GLY C 47 40.28 35.18 -32.17
CA GLY C 47 41.59 34.88 -31.64
C GLY C 47 41.66 33.61 -30.82
N VAL C 48 40.52 32.95 -30.62
CA VAL C 48 40.53 31.64 -30.00
C VAL C 48 40.64 30.60 -31.11
N PRO C 49 41.77 29.86 -31.13
CA PRO C 49 41.96 28.87 -32.19
C PRO C 49 40.90 27.77 -32.15
N PRO C 50 40.24 27.53 -33.30
CA PRO C 50 39.27 26.45 -33.45
C PRO C 50 39.63 25.16 -32.70
N GLU C 51 40.88 24.70 -32.80
CA GLU C 51 41.29 23.47 -32.13
C GLU C 51 41.10 23.58 -30.62
N GLU C 52 41.38 24.74 -30.05
CA GLU C 52 41.27 24.93 -28.62
C GLU C 52 39.80 25.03 -28.21
N CYS C 53 39.02 25.73 -29.01
CA CYS C 53 37.61 25.90 -28.72
C CYS C 53 36.90 24.55 -28.73
N GLY C 54 37.15 23.77 -29.78
CA GLY C 54 36.58 22.45 -29.92
C GLY C 54 36.91 21.55 -28.76
N ALA C 55 38.13 21.66 -28.26
CA ALA C 55 38.60 20.88 -27.13
C ALA C 55 37.94 21.33 -25.83
N ALA C 56 37.64 22.63 -25.74
CA ALA C 56 37.01 23.21 -24.58
C ALA C 56 35.62 22.62 -24.46
N VAL C 57 34.92 22.57 -25.58
CA VAL C 57 33.61 21.97 -25.68
C VAL C 57 33.68 20.51 -25.31
N ALA C 58 34.57 19.75 -25.92
CA ALA C 58 34.76 18.35 -25.54
C ALA C 58 35.10 18.18 -24.07
N ALA C 59 35.85 19.10 -23.50
CA ALA C 59 36.37 18.90 -22.15
C ALA C 59 35.30 19.16 -21.12
N GLU C 60 34.61 20.27 -21.29
CA GLU C 60 33.68 20.73 -20.29
C GLU C 60 32.31 20.08 -20.50
N SER C 61 32.26 19.13 -21.41
CA SER C 61 31.07 18.33 -21.58
C SER C 61 31.34 16.85 -21.21
N SER C 62 32.48 16.56 -20.58
CA SER C 62 32.81 15.21 -20.20
C SER C 62 33.63 15.11 -18.88
N THR C 63 34.93 15.38 -18.95
CA THR C 63 35.76 15.12 -17.78
C THR C 63 36.51 16.31 -17.26
N GLY C 64 36.60 17.37 -18.05
CA GLY C 64 37.54 18.45 -17.72
C GLY C 64 37.02 19.72 -17.09
N THR C 65 37.87 20.37 -16.31
CA THR C 65 37.58 21.75 -15.87
C THR C 65 38.64 22.76 -16.35
N TRP C 66 38.61 23.97 -15.81
CA TRP C 66 39.46 25.07 -16.25
C TRP C 66 40.93 25.02 -15.82
N THR C 67 41.25 24.37 -14.71
CA THR C 67 42.64 24.20 -14.29
C THR C 67 42.95 22.71 -14.00
N THR C 68 44.21 22.32 -13.87
CA THR C 68 44.50 20.89 -13.74
C THR C 68 44.23 20.35 -12.33
N VAL C 69 43.39 19.32 -12.27
CA VAL C 69 43.08 18.65 -11.00
C VAL C 69 43.92 17.38 -10.85
N TRP C 70 44.28 17.07 -9.60
CA TRP C 70 45.15 15.97 -9.26
C TRP C 70 44.48 14.62 -9.31
N THR C 71 43.15 14.63 -9.13
CA THR C 71 42.34 13.41 -9.06
C THR C 71 42.32 12.65 -10.37
N ASP C 72 42.60 13.37 -11.46
CA ASP C 72 42.77 12.76 -12.78
C ASP C 72 43.58 11.48 -12.75
N GLY C 73 44.59 11.44 -11.89
CA GLY C 73 45.56 10.34 -11.88
C GLY C 73 45.02 9.08 -11.27
N LEU C 74 43.95 9.22 -10.47
CA LEU C 74 43.29 8.10 -9.81
C LEU C 74 42.45 7.26 -10.78
N THR C 75 42.01 7.88 -11.86
CA THR C 75 41.27 7.22 -12.90
C THR C 75 42.04 7.29 -14.20
N SER C 76 41.45 6.77 -15.28
CA SER C 76 42.08 6.75 -16.60
C SER C 76 41.38 7.75 -17.55
N LEU C 77 41.89 8.97 -17.57
CA LEU C 77 41.37 10.04 -18.45
C LEU C 77 41.26 9.61 -19.90
N ASP C 78 42.17 8.74 -20.34
CA ASP C 78 42.09 8.17 -21.68
C ASP C 78 40.76 7.46 -21.94
N ARG C 79 40.35 6.63 -20.99
CA ARG C 79 39.11 5.85 -21.07
C ARG C 79 37.87 6.71 -21.09
N TYR C 80 37.87 7.82 -20.35
CA TYR C 80 36.64 8.58 -20.10
C TYR C 80 36.47 9.91 -20.85
N LYS C 81 37.56 10.52 -21.31
CA LYS C 81 37.47 11.90 -21.84
C LYS C 81 36.66 12.02 -23.12
N GLY C 82 35.93 13.13 -23.22
CA GLY C 82 35.35 13.56 -24.47
C GLY C 82 36.46 14.00 -25.41
N ARG C 83 36.32 13.72 -26.68
CA ARG C 83 37.41 13.96 -27.63
C ARG C 83 36.88 14.68 -28.81
N CYS C 84 37.42 15.89 -29.07
CA CYS C 84 37.22 16.59 -30.34
C CYS C 84 38.14 15.94 -31.33
N TYR C 85 37.59 15.40 -32.40
CA TYR C 85 38.35 14.53 -33.27
C TYR C 85 38.35 14.98 -34.73
N ASP C 86 37.66 16.07 -35.03
CA ASP C 86 37.62 16.59 -36.39
C ASP C 86 36.97 17.95 -36.40
N ILE C 87 37.50 18.86 -37.24
CA ILE C 87 36.92 20.20 -37.43
C ILE C 87 36.83 20.54 -38.93
N GLU C 88 35.62 20.80 -39.41
CA GLU C 88 35.38 21.28 -40.77
C GLU C 88 35.16 22.77 -40.71
N PRO C 89 35.73 23.53 -41.68
CA PRO C 89 35.34 24.93 -41.73
C PRO C 89 34.04 25.03 -42.46
N VAL C 90 33.21 26.00 -42.12
CA VAL C 90 31.92 26.16 -42.79
C VAL C 90 32.07 27.05 -44.05
N PRO C 91 31.73 26.49 -45.23
CA PRO C 91 31.76 27.27 -46.47
C PRO C 91 30.85 28.51 -46.40
N GLY C 92 31.37 29.66 -46.80
CA GLY C 92 30.60 30.90 -46.78
C GLY C 92 30.55 31.48 -45.40
N GLU C 93 31.49 31.06 -44.54
CA GLU C 93 31.58 31.59 -43.18
C GLU C 93 33.02 31.86 -42.75
N ASP C 94 33.23 33.08 -42.26
CA ASP C 94 34.56 33.48 -41.79
C ASP C 94 34.95 32.69 -40.52
N ASN C 95 34.10 32.76 -39.47
CA ASN C 95 34.39 32.22 -38.11
C ASN C 95 33.34 31.24 -37.64
N GLN C 96 33.15 30.17 -38.40
CA GLN C 96 32.20 29.14 -38.01
C GLN C 96 32.71 27.81 -38.45
N TYR C 97 32.76 26.87 -37.51
CA TYR C 97 33.27 25.54 -37.77
C TYR C 97 32.30 24.49 -37.28
N ILE C 98 32.36 23.31 -37.87
CA ILE C 98 31.66 22.16 -37.31
C ILE C 98 32.66 21.33 -36.49
N ALA C 99 32.54 21.36 -35.17
CA ALA C 99 33.40 20.53 -34.30
C ALA C 99 32.75 19.18 -33.95
N TYR C 100 33.51 18.10 -34.15
CA TYR C 100 33.01 16.77 -33.90
C TYR C 100 33.57 16.23 -32.59
N VAL C 101 32.67 15.87 -31.67
CA VAL C 101 33.09 15.30 -30.40
C VAL C 101 32.60 13.86 -30.22
N ALA C 102 33.51 12.99 -29.80
CA ALA C 102 33.13 11.61 -29.47
C ALA C 102 33.13 11.46 -27.96
N TYR C 103 32.02 10.97 -27.40
CA TYR C 103 31.91 10.68 -25.97
C TYR C 103 31.80 9.17 -25.77
N HYP C 104 32.63 8.56 -24.89
CA HYP C 104 32.48 7.14 -24.61
C HYP C 104 31.18 6.76 -23.98
O HYP C 104 30.59 7.58 -23.27
CB HYP C 104 33.57 6.79 -23.61
CG HYP C 104 34.57 7.91 -23.78
CD HYP C 104 33.74 9.12 -24.15
OD1 HYP C 104 35.33 7.44 -24.87
N ILE C 105 30.74 5.53 -24.18
CA ILE C 105 29.41 5.11 -23.72
C ILE C 105 29.29 5.16 -22.19
N ASP C 106 30.37 4.80 -21.50
CA ASP C 106 30.48 4.91 -20.04
C ASP C 106 30.07 6.24 -19.43
N LEU C 107 29.96 7.28 -20.23
CA LEU C 107 29.73 8.59 -19.66
C LEU C 107 28.28 8.80 -19.29
N PHE C 108 27.42 7.93 -19.82
CA PHE C 108 25.98 8.17 -19.83
C PHE C 108 25.19 7.22 -18.96
N GLU C 109 24.18 7.77 -18.28
CA GLU C 109 23.27 6.90 -17.61
C GLU C 109 22.37 6.21 -18.65
N GLU C 110 22.32 4.88 -18.54
CA GLU C 110 21.43 4.05 -19.33
C GLU C 110 20.01 4.55 -19.23
N GLY C 111 19.35 4.68 -20.37
CA GLY C 111 17.94 5.08 -20.44
C GLY C 111 17.59 6.51 -20.07
N SER C 112 18.58 7.40 -19.92
CA SER C 112 18.30 8.74 -19.43
C SER C 112 18.62 9.86 -20.41
N VAL C 113 17.61 10.29 -21.18
CA VAL C 113 17.77 11.44 -22.08
C VAL C 113 18.23 12.65 -21.30
N THR C 114 17.72 12.78 -20.09
CA THR C 114 18.10 13.87 -19.20
C THR C 114 19.62 13.96 -18.98
N ASN C 115 20.24 12.82 -18.68
CA ASN C 115 21.66 12.73 -18.46
C ASN C 115 22.45 13.03 -19.74
N MET C 116 21.97 12.50 -20.85
CA MET C 116 22.67 12.71 -22.08
C MET C 116 22.75 14.17 -22.41
N PHE C 117 21.64 14.88 -22.25
CA PHE C 117 21.57 16.32 -22.50
C PHE C 117 22.33 17.13 -21.47
N THR C 118 22.37 16.63 -20.24
CA THR C 118 23.13 17.30 -19.19
C THR C 118 24.62 17.35 -19.50
N SER C 119 25.18 16.26 -20.01
CA SER C 119 26.57 16.27 -20.42
C SER C 119 26.79 17.13 -21.69
N ILE C 120 26.12 16.78 -22.77
CA ILE C 120 26.46 17.34 -24.07
C ILE C 120 26.10 18.83 -24.22
N VAL C 121 25.04 19.26 -23.59
CA VAL C 121 24.57 20.64 -23.76
C VAL C 121 24.41 21.32 -22.41
N GLY C 122 25.09 20.80 -21.40
CA GLY C 122 24.92 21.33 -20.03
C GLY C 122 25.50 22.72 -19.80
N ASN C 123 26.79 22.89 -20.02
CA ASN C 123 27.46 24.13 -19.69
C ASN C 123 28.06 24.90 -20.88
N VAL C 124 28.66 24.13 -21.79
CA VAL C 124 29.50 24.62 -22.87
C VAL C 124 28.89 25.81 -23.64
N PHE C 125 27.57 25.83 -23.79
CA PHE C 125 26.93 26.87 -24.59
C PHE C 125 27.06 28.24 -23.96
N GLY C 126 27.49 28.28 -22.70
CA GLY C 126 27.63 29.54 -21.99
C GLY C 126 29.05 30.06 -21.89
N PHE C 127 30.01 29.29 -22.40
CA PHE C 127 31.41 29.66 -22.36
C PHE C 127 31.77 31.05 -22.92
N LYS C 128 32.62 31.76 -22.18
CA LYS C 128 33.13 33.06 -22.62
C LYS C 128 33.94 32.91 -23.91
N ALA C 129 34.70 31.80 -24.00
CA ALA C 129 35.58 31.55 -25.13
C ALA C 129 34.87 31.29 -26.45
N LEU C 130 33.56 31.43 -26.49
CA LEU C 130 32.85 31.31 -27.77
C LEU C 130 31.69 32.27 -27.90
N ARG C 131 31.33 32.60 -29.13
CA ARG C 131 30.29 33.57 -29.41
C ARG C 131 28.94 32.90 -29.50
N ALA C 132 28.92 31.74 -30.13
CA ALA C 132 27.71 31.00 -30.34
C ALA C 132 28.05 29.52 -30.46
N LEU C 133 27.08 28.66 -30.13
CA LEU C 133 27.20 27.20 -30.33
C LEU C 133 25.86 26.58 -30.70
N ARG C 134 25.88 25.66 -31.64
CA ARG C 134 24.66 24.99 -32.01
C ARG C 134 24.90 23.49 -32.13
N LEU C 135 24.03 22.69 -31.50
CA LEU C 135 24.14 21.27 -31.65
C LEU C 135 23.30 20.89 -32.86
N GLU C 136 23.94 20.30 -33.85
CA GLU C 136 23.28 20.04 -35.11
C GLU C 136 22.77 18.61 -35.18
N ASP C 137 23.59 17.67 -34.72
CA ASP C 137 23.23 16.26 -34.80
C ASP C 137 23.97 15.46 -33.72
N LEU C 138 23.37 14.33 -33.31
CA LEU C 138 23.99 13.36 -32.43
C LEU C 138 23.92 12.02 -33.08
N ARG C 139 24.94 11.19 -32.88
CA ARG C 139 24.91 9.84 -33.33
C ARG C 139 24.70 9.02 -32.10
N ILE C 140 23.47 8.55 -31.89
CA ILE C 140 23.16 7.61 -30.81
C ILE C 140 23.45 6.19 -31.26
N PRO C 141 24.46 5.54 -30.67
CA PRO C 141 24.87 4.23 -31.12
C PRO C 141 23.89 3.16 -30.64
N PRO C 142 23.78 2.07 -31.38
CA PRO C 142 22.86 1.04 -30.94
C PRO C 142 23.02 0.63 -29.46
N ALA C 143 24.26 0.38 -28.99
CA ALA C 143 24.40 -0.05 -27.60
C ALA C 143 23.81 0.96 -26.61
N TYR C 144 23.70 2.23 -26.98
CA TYR C 144 23.06 3.19 -26.10
C TYR C 144 21.54 3.19 -26.27
N VAL C 145 21.10 3.06 -27.53
CA VAL C 145 19.70 3.00 -27.90
C VAL C 145 18.99 1.86 -27.17
N LYS C 146 19.64 0.69 -27.12
CA LYS C 146 19.09 -0.50 -26.49
C LYS C 146 18.84 -0.31 -25.00
N THR C 147 19.41 0.72 -24.38
CA THR C 147 19.13 0.98 -22.96
C THR C 147 17.82 1.74 -22.71
N PHE C 148 17.13 2.13 -23.76
CA PHE C 148 15.92 2.94 -23.61
C PHE C 148 14.66 2.10 -23.86
N VAL C 149 13.62 2.34 -23.08
CA VAL C 149 12.32 1.76 -23.40
C VAL C 149 11.84 2.33 -24.73
N GLY C 150 12.02 3.63 -24.93
CA GLY C 150 11.61 4.24 -26.19
C GLY C 150 10.12 4.34 -26.36
N HYP C 151 9.63 4.48 -27.59
CA HYP C 151 8.23 4.76 -27.77
C HYP C 151 7.27 3.73 -27.22
O HYP C 151 7.51 2.55 -27.37
CB HYP C 151 8.09 4.88 -29.28
CG HYP C 151 9.43 5.46 -29.67
CD HYP C 151 10.34 4.57 -28.86
OD1 HYP C 151 9.50 6.77 -29.12
N PRO C 152 6.18 4.17 -26.60
CA PRO C 152 5.29 3.19 -26.03
C PRO C 152 4.79 2.20 -27.06
N HIS C 153 4.52 2.64 -28.29
CA HIS C 153 4.00 1.73 -29.29
C HIS C 153 4.67 1.83 -30.63
N GLY C 154 4.66 3.02 -31.22
CA GLY C 154 5.30 3.22 -32.51
C GLY C 154 4.29 3.04 -33.62
N ILE C 155 4.69 3.42 -34.84
CA ILE C 155 3.78 3.58 -35.98
C ILE C 155 2.95 2.33 -36.29
N GLN C 156 3.64 1.21 -36.54
CA GLN C 156 2.97 -0.07 -36.82
C GLN C 156 1.94 -0.45 -35.75
N VAL C 157 2.39 -0.56 -34.52
CA VAL C 157 1.51 -0.98 -33.45
C VAL C 157 0.33 0.00 -33.35
N GLU C 158 0.60 1.30 -33.47
CA GLU C 158 -0.48 2.27 -33.41
C GLU C 158 -1.53 2.03 -34.51
N ARG C 159 -1.05 1.91 -35.74
CA ARG C 159 -1.95 1.60 -36.82
C ARG C 159 -2.74 0.33 -36.53
N ASP C 160 -2.07 -0.71 -36.10
CA ASP C 160 -2.74 -1.93 -35.68
C ASP C 160 -3.78 -1.72 -34.57
N LYS C 161 -3.48 -0.89 -33.59
CA LYS C 161 -4.42 -0.74 -32.49
C LYS C 161 -5.64 0.04 -32.96
N LEU C 162 -5.40 1.05 -33.78
CA LEU C 162 -6.48 1.90 -34.26
C LEU C 162 -7.25 1.31 -35.45
N ASN C 163 -6.66 0.29 -36.07
CA ASN C 163 -7.22 -0.34 -37.26
C ASN C 163 -7.34 0.63 -38.44
N LYS C 164 -6.27 1.36 -38.70
CA LYS C 164 -6.29 2.41 -39.70
C LYS C 164 -5.09 2.24 -40.63
N TYR C 165 -5.35 2.14 -41.93
CA TYR C 165 -4.29 1.78 -42.87
C TYR C 165 -4.42 2.49 -44.22
N GLY C 166 -3.30 2.64 -44.92
CA GLY C 166 -3.29 3.17 -46.28
C GLY C 166 -3.73 4.62 -46.49
N ARG C 167 -3.58 5.46 -45.47
CA ARG C 167 -3.73 6.93 -45.59
C ARG C 167 -3.14 7.65 -44.38
N GLY C 168 -3.03 8.97 -44.46
CA GLY C 168 -2.59 9.73 -43.32
C GLY C 168 -3.70 9.72 -42.31
N LEU C 169 -3.39 10.12 -41.09
CA LEU C 169 -4.42 10.32 -40.10
C LEU C 169 -4.77 11.82 -39.99
N LEU C 170 -6.02 12.11 -39.66
CA LEU C 170 -6.49 13.49 -39.60
C LEU C 170 -6.87 13.84 -38.21
N GLY C 171 -6.36 14.98 -37.77
CA GLY C 171 -6.61 15.47 -36.43
C GLY C 171 -7.02 16.93 -36.48
N CYS C 172 -7.14 17.54 -35.30
CA CYS C 172 -7.72 18.86 -35.17
C CYS C 172 -7.63 19.38 -33.73
N THR C 173 -6.86 20.43 -33.51
CA THR C 173 -6.90 21.14 -32.23
C THR C 173 -8.18 21.96 -32.06
N ILE C 174 -8.92 21.70 -30.99
CA ILE C 174 -10.07 22.50 -30.60
C ILE C 174 -9.62 23.94 -30.34
N LYS C 175 -10.46 24.87 -30.76
CA LYS C 175 -10.21 26.30 -30.62
C LYS C 175 -11.49 26.97 -30.14
N PRO C 176 -11.39 28.11 -29.45
CA PRO C 176 -10.17 28.85 -29.11
C PRO C 176 -9.28 28.00 -28.21
N LYS C 177 -7.99 28.33 -28.14
CA LYS C 177 -7.03 27.62 -27.31
C LYS C 177 -7.56 27.50 -25.89
N LEU C 178 -7.80 28.64 -25.25
CA LEU C 178 -8.31 28.69 -23.88
C LEU C 178 -9.66 29.40 -23.92
N GLY C 179 -10.48 29.22 -22.89
CA GLY C 179 -11.76 29.89 -22.76
C GLY C 179 -13.00 29.01 -22.80
N LEU C 180 -12.92 27.86 -23.46
CA LEU C 180 -14.08 26.95 -23.54
C LEU C 180 -14.30 26.13 -22.27
N SER C 181 -15.56 25.91 -21.93
CA SER C 181 -15.88 25.13 -20.76
C SER C 181 -15.73 23.70 -21.19
N ALA C 182 -15.70 22.78 -20.21
CA ALA C 182 -15.65 21.35 -20.44
C ALA C 182 -16.75 20.85 -21.35
N LYS C 183 -17.99 21.24 -21.08
CA LYS C 183 -19.13 20.78 -21.84
C LYS C 183 -19.00 21.21 -23.29
N ASN C 184 -18.65 22.48 -23.49
CA ASN C 184 -18.45 23.00 -24.84
C ASN C 184 -17.31 22.30 -25.56
N TYR C 185 -16.24 22.01 -24.81
CA TYR C 185 -15.10 21.32 -25.39
C TYR C 185 -15.53 20.03 -26.02
N GLY C 186 -16.32 19.24 -25.27
CA GLY C 186 -16.79 17.95 -25.71
C GLY C 186 -17.72 18.07 -26.88
N ARG C 187 -18.51 19.13 -26.84
CA ARG C 187 -19.42 19.45 -27.96
C ARG C 187 -18.66 19.67 -29.27
N ALA C 188 -17.67 20.54 -29.24
CA ALA C 188 -16.81 20.72 -30.40
C ALA C 188 -16.17 19.40 -30.82
N VAL C 189 -15.69 18.64 -29.85
CA VAL C 189 -15.00 17.37 -30.12
C VAL C 189 -15.92 16.39 -30.85
N TYR C 190 -17.14 16.22 -30.36
CA TYR C 190 -18.07 15.34 -31.04
C TYR C 190 -18.32 15.75 -32.49
N GLU C 191 -18.46 17.05 -32.71
CA GLU C 191 -18.82 17.53 -34.03
C GLU C 191 -17.67 17.29 -34.99
N CYS C 192 -16.45 17.61 -34.57
CA CYS C 192 -15.30 17.33 -35.43
C CYS C 192 -15.16 15.85 -35.74
N LEU C 193 -15.20 15.02 -34.70
CA LEU C 193 -14.96 13.58 -34.86
C LEU C 193 -15.93 12.87 -35.82
N ARG C 194 -17.20 13.26 -35.76
CA ARG C 194 -18.26 12.63 -36.52
C ARG C 194 -18.23 13.01 -37.99
N GLY C 195 -17.67 14.18 -38.30
CA GLY C 195 -17.47 14.57 -39.68
C GLY C 195 -16.44 13.74 -40.46
N GLY C 196 -15.54 13.04 -39.76
CA GLY C 196 -14.54 12.21 -40.42
C GLY C 196 -13.07 12.38 -40.04
N LEU C 197 -12.78 13.24 -39.07
CA LEU C 197 -11.44 13.30 -38.46
C LEU C 197 -11.22 12.05 -37.62
N ASP C 198 -9.98 11.60 -37.50
CA ASP C 198 -9.65 10.47 -36.63
C ASP C 198 -9.47 10.92 -35.18
N PHE C 199 -8.86 12.09 -35.02
CA PHE C 199 -8.43 12.57 -33.72
C PHE C 199 -8.82 14.00 -33.55
N THR C 200 -9.04 14.41 -32.31
CA THR C 200 -9.01 15.82 -31.94
C THR C 200 -8.07 15.91 -30.76
N KCX C 201 -7.67 17.10 -30.36
CA KCX C 201 -6.75 17.23 -29.25
CB KCX C 201 -5.34 17.24 -29.76
CG KCX C 201 -5.00 18.39 -30.65
CD KCX C 201 -3.58 18.23 -31.18
CE KCX C 201 -2.52 18.53 -30.14
NZ KCX C 201 -2.58 19.96 -29.66
C KCX C 201 -6.99 18.46 -28.40
O KCX C 201 -7.49 19.45 -28.87
CX KCX C 201 -1.99 20.95 -30.35
OQ1 KCX C 201 -2.03 22.13 -29.95
OQ2 KCX C 201 -1.38 20.73 -31.40
N ASP C 202 -6.60 18.37 -27.13
CA ASP C 202 -6.45 19.55 -26.29
C ASP C 202 -5.36 20.46 -26.88
N ASP C 203 -5.49 21.76 -26.71
CA ASP C 203 -4.40 22.61 -27.11
C ASP C 203 -3.29 22.40 -26.10
N GLU C 204 -2.06 22.55 -26.56
CA GLU C 204 -0.93 22.29 -25.71
C GLU C 204 -1.02 22.98 -24.36
N ASN C 205 -1.68 24.12 -24.30
CA ASN C 205 -1.77 24.84 -23.03
C ASN C 205 -3.06 24.64 -22.27
N VAL C 206 -3.93 23.80 -22.84
CA VAL C 206 -5.12 23.34 -22.14
C VAL C 206 -4.67 22.28 -21.17
N ASN C 207 -4.64 22.63 -19.90
CA ASN C 207 -4.21 21.69 -18.88
C ASN C 207 -5.36 21.50 -17.87
N SER C 208 -5.32 22.26 -16.78
CA SER C 208 -6.47 22.39 -15.92
C SER C 208 -6.49 23.86 -15.45
N GLN C 209 -7.57 24.57 -15.76
CA GLN C 209 -7.64 25.99 -15.45
C GLN C 209 -9.01 26.35 -14.89
N PRO C 210 -9.13 27.55 -14.30
CA PRO C 210 -10.40 28.06 -13.78
C PRO C 210 -11.61 27.98 -14.72
N PHE C 211 -11.43 28.13 -16.02
CA PHE C 211 -12.58 28.04 -16.92
C PHE C 211 -12.94 26.61 -17.26
N MET C 212 -11.99 25.68 -17.11
CA MET C 212 -12.21 24.25 -17.47
C MET C 212 -11.26 23.32 -16.73
N ARG C 213 -11.77 22.59 -15.75
CA ARG C 213 -10.93 21.72 -14.96
C ARG C 213 -10.75 20.38 -15.66
N TRP C 214 -9.56 19.79 -15.55
CA TRP C 214 -9.22 18.70 -16.44
C TRP C 214 -10.16 17.50 -16.35
N ARG C 215 -10.63 17.16 -15.14
CA ARG C 215 -11.37 15.90 -15.00
C ARG C 215 -12.72 16.03 -15.67
N ASP C 216 -13.30 17.23 -15.59
CA ASP C 216 -14.57 17.57 -16.23
C ASP C 216 -14.43 17.39 -17.72
N ARG C 217 -13.38 17.97 -18.28
CA ARG C 217 -13.07 17.82 -19.69
C ARG C 217 -12.88 16.34 -20.02
N PHE C 218 -12.08 15.62 -19.25
CA PHE C 218 -11.81 14.23 -19.64
C PHE C 218 -13.12 13.47 -19.76
N LEU C 219 -14.08 13.78 -18.89
CA LEU C 219 -15.33 13.03 -18.87
C LEU C 219 -16.18 13.30 -20.11
N PHE C 220 -16.40 14.58 -20.39
CA PHE C 220 -17.17 15.01 -21.55
C PHE C 220 -16.51 14.62 -22.86
N VAL C 221 -15.19 14.62 -22.87
CA VAL C 221 -14.49 14.27 -24.09
C VAL C 221 -14.66 12.78 -24.31
N ALA C 222 -14.66 12.01 -23.23
CA ALA C 222 -14.77 10.60 -23.38
C ALA C 222 -16.14 10.31 -23.99
N GLU C 223 -17.13 11.11 -23.60
CA GLU C 223 -18.47 10.88 -24.08
C GLU C 223 -18.61 11.18 -25.58
N ALA C 224 -17.94 12.24 -26.00
CA ALA C 224 -17.88 12.65 -27.39
C ALA C 224 -17.16 11.61 -28.22
N ILE C 225 -16.03 11.15 -27.73
CA ILE C 225 -15.31 10.07 -28.42
C ILE C 225 -16.23 8.88 -28.69
N TYR C 226 -17.03 8.50 -27.69
CA TYR C 226 -17.86 7.31 -27.86
C TYR C 226 -19.09 7.52 -28.74
N LYS C 227 -19.78 8.65 -28.59
CA LYS C 227 -20.87 9.01 -29.50
C LYS C 227 -20.39 9.03 -30.98
N ALA C 228 -19.32 9.77 -31.26
CA ALA C 228 -18.75 9.83 -32.60
C ALA C 228 -18.34 8.47 -33.12
N GLN C 229 -17.81 7.62 -32.25
CA GLN C 229 -17.40 6.29 -32.68
C GLN C 229 -18.58 5.43 -33.09
N ALA C 230 -19.66 5.47 -32.30
CA ALA C 230 -20.84 4.68 -32.56
C ALA C 230 -21.51 5.18 -33.84
N GLU C 231 -21.57 6.49 -33.99
CA GLU C 231 -22.16 7.11 -35.16
C GLU C 231 -21.45 6.75 -36.47
N THR C 232 -20.13 6.93 -36.51
CA THR C 232 -19.37 6.74 -37.74
C THR C 232 -18.97 5.29 -37.99
N GLY C 233 -18.85 4.50 -36.92
CA GLY C 233 -18.37 3.12 -37.03
C GLY C 233 -16.86 3.01 -37.22
N GLU C 234 -16.19 4.15 -37.21
CA GLU C 234 -14.72 4.20 -37.24
C GLU C 234 -14.18 4.50 -35.84
N VAL C 235 -13.00 3.97 -35.54
CA VAL C 235 -12.33 4.28 -34.28
C VAL C 235 -11.95 5.76 -34.16
N LYS C 236 -12.24 6.36 -33.02
CA LYS C 236 -11.95 7.77 -32.81
C LYS C 236 -11.11 8.02 -31.55
N GLY C 237 -10.52 9.18 -31.46
CA GLY C 237 -9.66 9.50 -30.33
C GLY C 237 -9.58 10.99 -30.07
N HIS C 238 -9.14 11.34 -28.87
CA HIS C 238 -8.91 12.72 -28.52
C HIS C 238 -7.71 12.74 -27.62
N TYR C 239 -6.68 13.45 -28.00
CA TYR C 239 -5.49 13.52 -27.17
C TYR C 239 -5.76 14.33 -25.91
N LEU C 240 -6.07 13.64 -24.82
CA LEU C 240 -6.27 14.34 -23.56
C LEU C 240 -4.91 14.72 -22.98
N ASN C 241 -4.75 15.98 -22.59
CA ASN C 241 -3.47 16.46 -22.12
C ASN C 241 -3.14 16.05 -20.69
N ALA C 242 -2.04 15.33 -20.51
CA ALA C 242 -1.61 14.96 -19.18
C ALA C 242 -0.55 15.90 -18.65
N THR C 243 -0.15 16.88 -19.46
CA THR C 243 0.87 17.85 -19.06
C THR C 243 0.41 18.49 -17.78
N ALA C 244 1.32 18.63 -16.81
CA ALA C 244 0.95 19.13 -15.48
C ALA C 244 2.10 19.74 -14.66
N GLY C 245 1.76 20.35 -13.54
CA GLY C 245 2.76 20.98 -12.72
C GLY C 245 3.74 20.05 -12.03
N THR C 246 3.25 18.88 -11.62
CA THR C 246 4.02 17.89 -10.85
C THR C 246 3.85 16.53 -11.47
N CYS C 247 4.82 15.63 -11.31
CA CYS C 247 4.65 14.26 -11.79
C CYS C 247 3.38 13.61 -11.23
N GLU C 248 3.12 13.78 -9.94
CA GLU C 248 1.93 13.21 -9.34
C GLU C 248 0.65 13.57 -10.10
N GLU C 249 0.46 14.87 -10.39
CA GLU C 249 -0.65 15.34 -11.21
C GLU C 249 -0.63 14.76 -12.60
N MET C 250 0.53 14.75 -13.24
CA MET C 250 0.65 14.18 -14.58
C MET C 250 0.11 12.74 -14.63
N MET C 251 0.48 11.95 -13.63
CA MET C 251 0.10 10.56 -13.54
C MET C 251 -1.36 10.44 -13.26
N LYS C 252 -1.85 11.28 -12.36
CA LYS C 252 -3.24 11.27 -11.95
C LYS C 252 -4.14 11.35 -13.17
N ARG C 253 -3.74 12.13 -14.18
CA ARG C 253 -4.54 12.39 -15.35
C ARG C 253 -4.43 11.24 -16.32
N ALA C 254 -3.22 10.71 -16.46
CA ALA C 254 -2.99 9.56 -17.34
C ALA C 254 -3.80 8.37 -16.84
N VAL C 255 -3.80 8.15 -15.52
CA VAL C 255 -4.60 7.11 -14.87
C VAL C 255 -6.10 7.23 -15.19
N SMC C 256 -6.64 8.45 -15.12
CA SMC C 256 -8.05 8.68 -15.39
CB SMC C 256 -8.29 10.14 -15.09
SG SMC C 256 -9.94 10.66 -15.62
CS SMC C 256 -11.05 9.69 -14.59
C SMC C 256 -8.38 8.43 -16.81
O SMC C 256 -9.41 7.83 -17.12
N ALA C 257 -7.52 8.88 -17.71
CA ALA C 257 -7.68 8.56 -19.11
C ALA C 257 -7.77 7.04 -19.34
N LYS C 258 -6.86 6.28 -18.74
CA LYS C 258 -6.90 4.82 -18.78
C LYS C 258 -8.22 4.27 -18.24
N GLU C 259 -8.53 4.69 -17.02
CA GLU C 259 -9.82 4.39 -16.40
C GLU C 259 -11.04 4.67 -17.28
N LEU C 260 -10.95 5.64 -18.18
CA LEU C 260 -12.06 5.97 -19.08
C LEU C 260 -12.05 5.17 -20.35
N GLY C 261 -10.98 4.40 -20.54
CA GLY C 261 -10.87 3.55 -21.73
C GLY C 261 -10.49 4.24 -23.01
N VAL C 262 -10.22 5.55 -22.96
CA VAL C 262 -9.87 6.31 -24.16
C VAL C 262 -8.51 5.86 -24.67
N PRO C 263 -8.29 5.93 -25.99
CA PRO C 263 -7.07 5.39 -26.61
C PRO C 263 -5.76 6.19 -26.47
N ILE C 264 -5.80 7.48 -26.19
CA ILE C 264 -4.62 8.28 -26.45
C ILE C 264 -4.58 9.52 -25.58
N ILE C 265 -3.41 9.79 -24.99
CA ILE C 265 -3.14 11.07 -24.28
C ILE C 265 -1.99 11.85 -24.93
N MET C 266 -1.85 13.12 -24.55
CA MET C 266 -0.72 13.95 -25.04
C MET C 266 0.11 14.53 -23.90
N HIS C 267 1.37 14.79 -24.20
CA HIS C 267 2.26 15.44 -23.24
C HIS C 267 3.15 16.49 -23.94
N ASP C 268 3.36 17.64 -23.29
CA ASP C 268 4.32 18.62 -23.81
C ASP C 268 5.73 18.32 -23.29
N TYR C 269 6.51 17.54 -24.04
CA TYR C 269 7.73 17.01 -23.45
C TYR C 269 8.75 18.03 -23.02
N LEU C 270 8.81 19.14 -23.71
CA LEU C 270 9.85 20.11 -23.43
C LEU C 270 9.50 21.01 -22.27
N THR C 271 8.27 21.49 -22.20
CA THR C 271 7.84 22.25 -21.02
C THR C 271 7.58 21.35 -19.79
N GLY C 272 6.96 20.19 -20.02
CA GLY C 272 6.93 19.12 -18.99
C GLY C 272 8.31 18.66 -18.55
N GLY C 273 9.19 18.39 -19.52
CA GLY C 273 10.57 17.93 -19.25
C GLY C 273 10.80 16.45 -19.54
N PHE C 274 12.06 16.09 -19.81
CA PHE C 274 12.37 14.72 -20.17
C PHE C 274 12.08 13.69 -19.06
N THR C 275 12.35 14.09 -17.83
CA THR C 275 12.19 13.17 -16.74
C THR C 275 10.75 12.78 -16.68
N ALA C 276 9.88 13.77 -16.62
CA ALA C 276 8.43 13.58 -16.57
C ALA C 276 7.96 12.84 -17.82
N ASN C 277 8.54 13.17 -18.95
CA ASN C 277 8.11 12.52 -20.16
C ASN C 277 8.42 11.02 -20.20
N THR C 278 9.65 10.65 -19.84
CA THR C 278 10.05 9.23 -19.81
C THR C 278 9.16 8.40 -18.84
N SER C 279 8.82 9.01 -17.71
CA SER C 279 7.89 8.41 -16.79
C SER C 279 6.58 8.11 -17.49
N LEU C 280 6.07 9.12 -18.19
CA LEU C 280 4.79 9.00 -18.85
C LEU C 280 4.81 7.94 -19.95
N ALA C 281 5.87 7.94 -20.75
CA ALA C 281 5.98 6.99 -21.82
C ALA C 281 6.02 5.59 -21.24
N ILE C 282 6.70 5.39 -20.13
CA ILE C 282 6.70 4.07 -19.54
C ILE C 282 5.29 3.65 -19.08
N TYR C 283 4.55 4.58 -18.48
CA TYR C 283 3.21 4.32 -18.04
C TYR C 283 2.38 3.92 -19.22
N CYS C 284 2.62 4.57 -20.35
CA CYS C 284 1.81 4.35 -21.50
C CYS C 284 2.10 2.99 -22.04
N ARG C 285 3.37 2.59 -22.05
CA ARG C 285 3.73 1.26 -22.50
C ARG C 285 3.02 0.23 -21.63
N ASP C 286 3.00 0.48 -20.31
CA ASP C 286 2.48 -0.48 -19.33
C ASP C 286 0.95 -0.58 -19.33
N ASN C 287 0.29 0.36 -19.99
CA ASN C 287 -1.16 0.40 -19.96
C ASN C 287 -1.83 0.46 -21.30
N GLY C 288 -1.03 0.40 -22.36
CA GLY C 288 -1.49 0.44 -23.73
C GLY C 288 -2.16 1.75 -24.12
N LEU C 289 -1.64 2.86 -23.62
CA LEU C 289 -2.10 4.17 -24.06
C LEU C 289 -1.22 4.70 -25.15
N LEU C 290 -1.82 5.26 -26.19
CA LEU C 290 -1.03 5.95 -27.20
C LEU C 290 -0.56 7.28 -26.65
N LEU C 291 0.61 7.72 -27.06
CA LEU C 291 1.18 8.93 -26.50
C LEU C 291 1.52 9.95 -27.57
N HIS C 292 0.74 11.03 -27.61
CA HIS C 292 0.99 12.11 -28.57
C HIS C 292 1.86 13.18 -27.97
N ILE C 293 2.98 13.50 -28.65
CA ILE C 293 3.93 14.48 -28.08
C ILE C 293 3.86 15.86 -28.74
N HIS C 294 3.59 16.88 -27.95
CA HIS C 294 3.58 18.22 -28.45
C HIS C 294 4.92 18.86 -28.15
N ARG C 295 5.48 19.61 -29.09
CA ARG C 295 6.85 20.11 -28.94
C ARG C 295 6.92 21.57 -28.46
N ALA C 296 5.85 22.00 -27.79
CA ALA C 296 5.81 23.31 -27.20
C ALA C 296 7.18 23.74 -26.71
N MET C 297 7.60 24.95 -27.12
CA MET C 297 8.86 25.58 -26.72
C MET C 297 10.09 25.18 -27.58
N HIS C 298 9.95 24.25 -28.51
CA HIS C 298 11.10 23.87 -29.31
C HIS C 298 11.75 25.06 -30.01
N ALA C 299 10.91 25.96 -30.52
CA ALA C 299 11.38 27.10 -31.33
C ALA C 299 12.29 28.04 -30.55
N VAL C 300 12.06 28.18 -29.24
CA VAL C 300 13.00 28.87 -28.34
C VAL C 300 14.43 28.38 -28.48
N ILE C 301 14.60 27.09 -28.76
CA ILE C 301 15.89 26.39 -28.77
C ILE C 301 16.40 26.16 -30.20
N ASP C 302 15.49 25.85 -31.13
CA ASP C 302 15.93 25.33 -32.43
C ASP C 302 15.81 26.29 -33.63
N ARG C 303 15.26 27.48 -33.40
CA ARG C 303 14.96 28.40 -34.49
C ARG C 303 16.20 29.00 -35.16
N GLN C 304 17.14 29.52 -34.38
CA GLN C 304 18.34 30.18 -34.96
C GLN C 304 19.47 29.24 -35.46
N ARG C 305 20.08 29.59 -36.59
CA ARG C 305 21.11 28.75 -37.19
C ARG C 305 22.43 28.80 -36.42
N ASN C 306 22.75 29.94 -35.84
CA ASN C 306 24.05 30.14 -35.18
C ASN C 306 24.16 29.54 -33.77
N HIS C 307 23.02 29.46 -33.06
CA HIS C 307 22.95 29.08 -31.63
C HIS C 307 21.71 28.23 -31.26
N GLY C 308 21.92 27.24 -30.40
CA GLY C 308 20.85 26.39 -29.90
C GLY C 308 21.07 24.91 -30.14
N ILE C 309 19.97 24.15 -30.15
CA ILE C 309 19.99 22.76 -30.56
C ILE C 309 19.05 22.63 -31.73
N HIS C 310 19.48 22.00 -32.79
CA HIS C 310 18.60 21.79 -33.94
C HIS C 310 17.52 20.77 -33.61
N PHE C 311 16.34 20.96 -34.19
CA PHE C 311 15.23 20.09 -33.91
C PHE C 311 15.48 18.61 -34.18
N ARG C 312 16.30 18.26 -35.14
CA ARG C 312 16.54 16.86 -35.39
C ARG C 312 17.11 16.21 -34.14
N VAL C 313 17.87 16.96 -33.35
CA VAL C 313 18.37 16.42 -32.10
C VAL C 313 17.24 16.28 -31.08
N LEU C 314 16.39 17.27 -31.00
CA LEU C 314 15.28 17.20 -30.08
C LEU C 314 14.28 16.13 -30.47
N ALA C 315 14.33 15.68 -31.73
CA ALA C 315 13.45 14.63 -32.20
C ALA C 315 14.06 13.28 -31.88
N LYS C 316 15.37 13.18 -32.01
CA LYS C 316 16.03 11.92 -31.64
C LYS C 316 15.78 11.67 -30.15
N ALA C 317 15.94 12.74 -29.39
CA ALA C 317 15.81 12.72 -27.95
C ALA C 317 14.45 12.19 -27.59
N LEU C 318 13.41 12.77 -28.21
CA LEU C 318 12.05 12.40 -27.94
C LEU C 318 11.80 10.94 -28.29
N ARG C 319 12.48 10.45 -29.33
CA ARG C 319 12.26 9.09 -29.79
C ARG C 319 12.80 8.18 -28.70
N MET C 320 13.87 8.62 -28.07
CA MET C 320 14.49 7.84 -26.99
C MET C 320 13.69 7.92 -25.71
N SER C 321 13.27 9.13 -25.35
CA SER C 321 12.43 9.33 -24.17
C SER C 321 11.13 8.54 -24.29
N GLY C 322 10.47 8.69 -25.43
CA GLY C 322 9.28 7.94 -25.75
C GLY C 322 8.12 8.82 -26.20
N GLY C 323 7.54 8.45 -27.34
CA GLY C 323 6.37 9.11 -27.84
C GLY C 323 5.95 8.37 -29.08
N ASP C 324 4.64 8.31 -29.30
CA ASP C 324 4.06 7.68 -30.47
C ASP C 324 3.87 8.65 -31.65
N HIS C 325 3.56 9.90 -31.31
CA HIS C 325 3.51 10.98 -32.27
C HIS C 325 4.46 12.04 -31.82
N LEU C 326 5.03 12.75 -32.78
CA LEU C 326 5.70 14.02 -32.50
C LEU C 326 5.41 15.02 -33.62
N HIS C 327 5.13 16.25 -33.24
CA HIS C 327 4.92 17.31 -34.21
C HIS C 327 6.20 17.53 -35.01
N SER C 328 6.08 17.56 -36.34
CA SER C 328 7.23 17.65 -37.22
C SER C 328 7.32 18.98 -37.94
N GLY C 329 6.26 19.79 -37.81
CA GLY C 329 6.08 20.99 -38.62
C GLY C 329 5.43 20.73 -39.98
N THR C 330 5.08 21.81 -40.68
CA THR C 330 4.26 21.67 -41.89
C THR C 330 5.00 22.00 -43.15
N VAL C 331 6.08 22.78 -43.02
CA VAL C 331 6.75 23.40 -44.16
C VAL C 331 5.92 24.56 -44.70
N VAL C 332 4.70 24.25 -45.14
CA VAL C 332 3.85 25.18 -45.86
C VAL C 332 2.98 26.04 -44.93
N GLY C 333 2.83 25.61 -43.68
CA GLY C 333 1.90 26.28 -42.74
C GLY C 333 2.42 27.55 -42.08
N LYS C 334 1.77 27.96 -40.99
CA LYS C 334 2.10 29.22 -40.30
C LYS C 334 3.45 29.27 -39.54
N LEU C 335 4.06 28.11 -39.32
CA LEU C 335 5.30 28.04 -38.53
C LEU C 335 6.47 27.57 -39.36
N GLU C 336 7.67 28.00 -39.03
CA GLU C 336 8.81 27.77 -39.90
C GLU C 336 9.16 26.30 -40.03
N GLY C 337 9.74 25.94 -41.17
CA GLY C 337 10.18 24.60 -41.44
C GLY C 337 10.60 24.48 -42.89
N GLU C 338 11.90 24.40 -43.12
CA GLU C 338 12.45 24.25 -44.47
C GLU C 338 12.26 22.80 -44.95
N ARG C 339 12.03 22.59 -46.24
CA ARG C 339 11.61 21.29 -46.76
C ARG C 339 12.64 20.15 -46.70
N GLU C 340 13.87 20.40 -47.16
CA GLU C 340 14.93 19.36 -47.18
C GLU C 340 15.31 18.81 -45.78
N VAL C 341 15.54 19.72 -44.84
CA VAL C 341 15.82 19.40 -43.44
C VAL C 341 14.68 18.59 -42.75
N THR C 342 13.43 18.94 -43.07
CA THR C 342 12.27 18.29 -42.52
C THR C 342 12.16 16.86 -43.03
N LEU C 343 12.41 16.66 -44.31
CA LEU C 343 12.36 15.33 -44.89
C LEU C 343 13.40 14.43 -44.23
N GLY C 344 14.43 15.07 -43.68
CA GLY C 344 15.51 14.38 -43.04
C GLY C 344 15.12 13.94 -41.65
N PHE C 345 14.63 14.87 -40.85
CA PHE C 345 14.30 14.48 -39.50
C PHE C 345 13.02 13.65 -39.42
N VAL C 346 12.19 13.69 -40.46
CA VAL C 346 11.08 12.76 -40.54
C VAL C 346 11.62 11.34 -40.78
N ASP C 347 12.68 11.21 -41.55
CA ASP C 347 13.28 9.89 -41.73
C ASP C 347 13.89 9.43 -40.41
N LEU C 348 14.53 10.36 -39.72
CA LEU C 348 15.11 10.11 -38.40
C LEU C 348 14.09 9.67 -37.34
N MET C 349 12.87 10.16 -37.46
CA MET C 349 11.76 9.82 -36.59
C MET C 349 11.16 8.47 -36.93
N ARG C 350 11.04 8.16 -38.22
CA ARG C 350 10.25 6.99 -38.67
C ARG C 350 11.04 5.72 -38.91
N ASP C 351 12.23 5.88 -39.44
CA ASP C 351 12.91 4.79 -40.08
C ASP C 351 13.86 4.07 -39.15
N ASP C 352 14.22 2.85 -39.54
CA ASP C 352 15.15 2.08 -38.77
C ASP C 352 16.60 2.52 -38.96
N TYR C 353 16.93 2.92 -40.17
CA TYR C 353 18.31 3.17 -40.52
C TYR C 353 18.36 4.32 -41.46
N VAL C 354 19.11 5.35 -41.09
CA VAL C 354 19.18 6.56 -41.89
C VAL C 354 20.63 6.87 -42.22
N GLU C 355 21.00 6.77 -43.51
CA GLU C 355 22.35 7.06 -43.99
C GLU C 355 22.62 8.55 -43.89
N LYS C 356 23.89 8.86 -43.60
CA LYS C 356 24.43 10.23 -43.61
C LYS C 356 24.03 10.89 -44.90
N ASP C 357 23.57 12.13 -44.79
CA ASP C 357 23.22 12.94 -45.95
C ASP C 357 23.24 14.43 -45.57
N ARG C 358 24.37 15.08 -45.85
CA ARG C 358 24.57 16.50 -45.47
C ARG C 358 23.65 17.48 -46.18
N SER C 359 23.15 17.08 -47.34
CA SER C 359 22.14 17.88 -48.06
C SER C 359 20.86 18.05 -47.23
N ARG C 360 20.61 17.11 -46.33
CA ARG C 360 19.42 17.12 -45.50
C ARG C 360 19.73 17.37 -44.03
N GLY C 361 20.94 17.84 -43.75
CA GLY C 361 21.35 18.18 -42.39
C GLY C 361 21.65 16.96 -41.53
N ILE C 362 21.86 15.80 -42.18
CA ILE C 362 22.06 14.56 -41.44
C ILE C 362 23.55 14.26 -41.39
N TYR C 363 24.18 14.65 -40.27
CA TYR C 363 25.63 14.57 -40.13
C TYR C 363 26.10 13.17 -39.82
N PHE C 364 25.23 12.33 -39.28
CA PHE C 364 25.64 10.96 -38.89
C PHE C 364 24.71 9.89 -39.42
N THR C 365 25.27 8.74 -39.74
CA THR C 365 24.44 7.56 -39.95
C THR C 365 23.87 7.16 -38.61
N GLN C 366 22.55 7.06 -38.54
CA GLN C 366 21.88 6.71 -37.32
C GLN C 366 21.17 5.38 -37.51
N ASP C 367 21.55 4.43 -36.66
CA ASP C 367 20.96 3.10 -36.64
C ASP C 367 20.12 3.00 -35.39
N TRP C 368 18.81 2.94 -35.54
CA TRP C 368 17.88 2.85 -34.39
C TRP C 368 17.70 1.43 -33.81
N SMC C 369 18.35 0.44 -34.43
CA SMC C 369 18.36 -0.93 -33.95
CB SMC C 369 19.43 -0.92 -32.85
SG SMC C 369 20.10 -2.57 -32.52
CS SMC C 369 21.26 -2.81 -33.89
C SMC C 369 17.03 -1.39 -33.43
O SMC C 369 16.93 -1.90 -32.32
N SER C 370 16.01 -1.17 -34.25
CA SER C 370 14.64 -1.67 -34.02
C SER C 370 13.77 -0.91 -33.04
N MET C 371 14.29 0.18 -32.48
CA MET C 371 13.44 1.09 -31.75
C MET C 371 12.29 1.53 -32.66
N PRO C 372 11.05 1.48 -32.16
CA PRO C 372 9.90 1.82 -32.99
C PRO C 372 9.97 3.22 -33.58
N GLY C 373 9.22 3.45 -34.64
CA GLY C 373 9.12 4.76 -35.26
C GLY C 373 8.08 5.70 -34.65
N VAL C 374 8.43 6.98 -34.59
CA VAL C 374 7.51 7.99 -34.11
C VAL C 374 6.73 8.57 -35.30
N MET C 375 5.42 8.73 -35.15
CA MET C 375 4.64 9.29 -36.23
C MET C 375 4.73 10.80 -36.26
N PRO C 376 5.18 11.37 -37.41
CA PRO C 376 5.28 12.80 -37.55
C PRO C 376 3.91 13.39 -37.61
N VAL C 377 3.69 14.45 -36.84
CA VAL C 377 2.42 15.18 -36.91
C VAL C 377 2.66 16.54 -37.53
N ALA C 378 1.98 16.78 -38.65
CA ALA C 378 2.01 18.05 -39.38
C ALA C 378 0.79 18.92 -39.03
N SER C 379 1.06 20.06 -38.40
CA SER C 379 0.03 20.87 -37.77
C SER C 379 0.41 22.36 -37.74
N GLY C 380 -0.59 23.22 -37.90
CA GLY C 380 -0.42 24.67 -37.67
C GLY C 380 -0.57 25.49 -38.93
N GLY C 381 -1.70 26.17 -39.03
CA GLY C 381 -2.01 27.03 -40.17
C GLY C 381 -2.20 26.33 -41.50
N ILE C 382 -2.62 25.06 -41.51
CA ILE C 382 -2.86 24.39 -42.77
C ILE C 382 -4.34 24.24 -43.07
N HIS C 383 -4.70 24.18 -44.36
CA HIS C 383 -6.07 24.00 -44.82
C HIS C 383 -6.08 23.15 -46.09
N VAL C 384 -7.26 22.93 -46.63
CA VAL C 384 -7.49 21.94 -47.70
C VAL C 384 -6.58 22.08 -48.93
N TRP C 385 -6.18 23.29 -49.27
CA TRP C 385 -5.28 23.56 -50.40
C TRP C 385 -3.84 23.03 -50.19
N HIS C 386 -3.45 22.85 -48.93
CA HIS C 386 -2.14 22.30 -48.65
C HIS C 386 -2.14 20.79 -48.77
N MET C 387 -3.33 20.19 -48.82
CA MET C 387 -3.47 18.74 -48.67
C MET C 387 -2.53 17.95 -49.57
N PRO C 388 -2.48 18.29 -50.88
CA PRO C 388 -1.60 17.50 -51.76
C PRO C 388 -0.10 17.67 -51.43
N ALA C 389 0.33 18.91 -51.18
CA ALA C 389 1.68 19.17 -50.75
C ALA C 389 2.04 18.32 -49.51
N LEU C 390 1.09 18.23 -48.57
CA LEU C 390 1.25 17.45 -47.35
C LEU C 390 1.39 15.96 -47.62
N VAL C 391 0.44 15.39 -48.35
CA VAL C 391 0.51 13.99 -48.73
C VAL C 391 1.81 13.66 -49.52
N GLU C 392 2.29 14.64 -50.28
CA GLU C 392 3.50 14.46 -51.06
C GLU C 392 4.75 14.43 -50.17
N ILE C 393 4.79 15.32 -49.17
CA ILE C 393 5.93 15.40 -48.24
C ILE C 393 6.05 14.20 -47.29
N PHE C 394 4.95 13.82 -46.66
CA PHE C 394 5.00 12.85 -45.58
C PHE C 394 4.60 11.44 -45.96
N GLY C 395 3.77 11.28 -46.99
CA GLY C 395 3.26 9.97 -47.33
C GLY C 395 2.17 9.58 -46.35
N ASP C 396 1.89 8.28 -46.25
CA ASP C 396 0.80 7.82 -45.40
C ASP C 396 1.12 7.93 -43.91
N ASP C 397 2.37 7.67 -43.54
CA ASP C 397 2.70 7.59 -42.12
C ASP C 397 2.91 8.95 -41.53
N ALA C 398 1.81 9.66 -41.34
CA ALA C 398 1.84 10.98 -40.78
C ALA C 398 0.46 11.28 -40.27
N CYS C 399 0.38 12.24 -39.37
CA CYS C 399 -0.89 12.70 -38.92
C CYS C 399 -0.94 14.18 -39.26
N LEU C 400 -2.03 14.59 -39.92
CA LEU C 400 -2.19 15.98 -40.37
C LEU C 400 -3.30 16.61 -39.57
N GLN C 401 -3.09 17.82 -39.09
CA GLN C 401 -4.03 18.43 -38.19
C GLN C 401 -4.57 19.78 -38.62
N PHE C 402 -5.87 19.93 -38.50
CA PHE C 402 -6.55 21.11 -38.96
C PHE C 402 -7.36 21.64 -37.83
N GLY C 403 -6.79 22.58 -37.09
CA GLY C 403 -7.52 23.27 -36.03
C GLY C 403 -8.46 24.32 -36.60
N GLY C 404 -7.90 25.49 -36.88
CA GLY C 404 -8.60 26.51 -37.66
C GLY C 404 -9.22 25.91 -38.93
N GLY C 405 -8.41 25.12 -39.63
CA GLY C 405 -8.86 24.42 -40.82
C GLY C 405 -10.10 23.57 -40.64
N THR C 406 -10.63 23.50 -39.41
CA THR C 406 -11.85 22.73 -39.17
C THR C 406 -12.91 23.57 -38.47
N LEU C 407 -12.54 24.14 -37.33
CA LEU C 407 -13.45 24.99 -36.58
C LEU C 407 -13.65 26.34 -37.28
N GLY C 408 -12.91 26.55 -38.35
CA GLY C 408 -13.06 27.78 -39.13
C GLY C 408 -13.88 27.65 -40.39
N HIS C 409 -14.27 26.43 -40.72
CA HIS C 409 -15.13 26.14 -41.85
C HIS C 409 -16.48 26.81 -41.63
N PRO C 410 -17.04 27.47 -42.66
CA PRO C 410 -18.27 28.27 -42.54
C PRO C 410 -19.52 27.51 -42.10
N TRP C 411 -19.51 26.18 -42.24
CA TRP C 411 -20.68 25.36 -41.92
C TRP C 411 -20.57 24.60 -40.60
N GLY C 412 -19.46 24.80 -39.89
CA GLY C 412 -19.23 24.13 -38.60
C GLY C 412 -18.28 22.95 -38.69
N ASN C 413 -18.09 22.30 -37.53
CA ASN C 413 -17.07 21.27 -37.34
C ASN C 413 -17.30 19.99 -38.12
N ALA C 414 -18.50 19.45 -38.12
CA ALA C 414 -18.75 18.22 -38.88
C ALA C 414 -18.46 18.39 -40.38
N PRO C 415 -19.05 19.42 -41.03
CA PRO C 415 -18.66 19.68 -42.41
C PRO C 415 -17.19 20.00 -42.59
N GLY C 416 -16.62 20.81 -41.70
CA GLY C 416 -15.18 21.05 -41.70
C GLY C 416 -14.38 19.76 -41.75
N ALA C 417 -14.73 18.84 -40.86
CA ALA C 417 -14.07 17.55 -40.81
C ALA C 417 -14.27 16.85 -42.13
N ALA C 418 -15.51 16.81 -42.59
CA ALA C 418 -15.84 16.07 -43.78
C ALA C 418 -15.00 16.57 -44.95
N ALA C 419 -14.79 17.88 -45.00
CA ALA C 419 -14.04 18.54 -46.06
C ALA C 419 -12.62 17.99 -46.12
N ASN C 420 -11.95 18.05 -44.98
CA ASN C 420 -10.57 17.66 -44.87
C ASN C 420 -10.42 16.19 -45.17
N ARG C 421 -11.39 15.40 -44.72
CA ARG C 421 -11.32 13.96 -44.93
C ARG C 421 -11.42 13.63 -46.41
N VAL C 422 -12.35 14.30 -47.09
CA VAL C 422 -12.51 14.13 -48.54
C VAL C 422 -11.23 14.60 -49.28
N ALA C 423 -10.76 15.81 -48.94
CA ALA C 423 -9.51 16.32 -49.48
C ALA C 423 -8.36 15.30 -49.35
N LEU C 424 -8.12 14.78 -48.15
CA LEU C 424 -7.07 13.78 -47.96
C LEU C 424 -7.34 12.48 -48.74
N GLU C 425 -8.59 12.02 -48.75
CA GLU C 425 -8.92 10.77 -49.43
C GLU C 425 -8.73 10.88 -50.93
N ALA C 426 -9.05 12.04 -51.48
CA ALA C 426 -8.89 12.31 -52.90
C ALA C 426 -7.43 12.26 -53.32
N CYS C 427 -6.58 12.98 -52.58
CA CYS C 427 -5.14 13.00 -52.85
C CYS C 427 -4.53 11.62 -52.77
N THR C 428 -4.96 10.82 -51.79
CA THR C 428 -4.45 9.49 -51.61
C THR C 428 -4.81 8.64 -52.83
N GLN C 429 -6.08 8.68 -53.23
CA GLN C 429 -6.54 7.98 -54.42
C GLN C 429 -5.76 8.45 -55.65
N ALA C 430 -5.61 9.76 -55.79
CA ALA C 430 -4.85 10.34 -56.90
C ALA C 430 -3.44 9.74 -56.94
N ARG C 431 -2.71 9.90 -55.84
CA ARG C 431 -1.36 9.36 -55.66
C ARG C 431 -1.34 7.90 -56.07
N ASN C 432 -2.25 7.10 -55.54
CA ASN C 432 -2.31 5.68 -55.82
C ASN C 432 -2.57 5.35 -57.29
N GLU C 433 -3.42 6.15 -57.94
CA GLU C 433 -3.77 5.97 -59.35
C GLU C 433 -2.65 6.37 -60.31
N GLY C 434 -1.56 6.93 -59.77
CA GLY C 434 -0.38 7.28 -60.53
C GLY C 434 -0.08 8.76 -60.64
N ARG C 435 -1.12 9.58 -60.49
CA ARG C 435 -0.98 11.03 -60.58
C ARG C 435 0.14 11.59 -59.68
N ASP C 436 0.91 12.51 -60.23
CA ASP C 436 2.02 13.11 -59.52
C ASP C 436 1.46 14.31 -58.76
N LEU C 437 1.50 14.23 -57.43
CA LEU C 437 0.88 15.24 -56.57
C LEU C 437 1.65 16.55 -56.50
N ALA C 438 2.94 16.51 -56.81
CA ALA C 438 3.75 17.73 -56.79
C ALA C 438 3.32 18.69 -57.90
N ARG C 439 2.76 18.15 -58.99
CA ARG C 439 2.35 18.92 -60.17
C ARG C 439 0.84 19.05 -60.35
N GLU C 440 0.14 17.92 -60.36
CA GLU C 440 -1.32 17.91 -60.54
C GLU C 440 -2.07 18.25 -59.23
N GLY C 441 -1.34 18.73 -58.22
CA GLY C 441 -1.90 19.01 -56.91
C GLY C 441 -3.20 19.79 -56.96
N GLY C 442 -3.14 21.00 -57.50
CA GLY C 442 -4.29 21.89 -57.57
C GLY C 442 -5.43 21.30 -58.34
N ASP C 443 -5.11 20.48 -59.33
CA ASP C 443 -6.13 19.81 -60.14
C ASP C 443 -6.94 18.85 -59.30
N VAL C 444 -6.24 18.03 -58.50
CA VAL C 444 -6.89 17.02 -57.69
C VAL C 444 -7.83 17.69 -56.71
N ILE C 445 -7.36 18.74 -56.06
CA ILE C 445 -8.21 19.48 -55.12
C ILE C 445 -9.43 20.05 -55.85
N ARG C 446 -9.20 20.72 -56.98
CA ARG C 446 -10.29 21.35 -57.73
C ARG C 446 -11.36 20.36 -58.17
N SER C 447 -10.96 19.20 -58.69
CA SER C 447 -11.91 18.14 -59.07
C SER C 447 -12.84 17.79 -57.91
N ALA C 448 -12.25 17.70 -56.73
CA ALA C 448 -12.97 17.33 -55.51
C ALA C 448 -13.93 18.40 -54.97
N CYS C 449 -13.62 19.68 -55.17
CA CYS C 449 -14.51 20.77 -54.72
C CYS C 449 -15.78 20.81 -55.52
N LYS C 450 -15.64 20.60 -56.83
CA LYS C 450 -16.77 20.59 -57.76
C LYS C 450 -17.63 19.39 -57.48
N TRP C 451 -17.04 18.39 -56.80
CA TRP C 451 -17.74 17.16 -56.43
C TRP C 451 -18.39 17.21 -55.03
N SER C 452 -17.68 17.76 -54.05
CA SER C 452 -18.15 17.79 -52.66
C SER C 452 -18.51 19.20 -52.18
N PRO C 453 -19.80 19.42 -51.85
CA PRO C 453 -20.27 20.72 -51.36
C PRO C 453 -19.46 21.25 -50.16
N GLU C 454 -19.20 20.37 -49.19
CA GLU C 454 -18.51 20.76 -47.95
C GLU C 454 -17.09 21.17 -48.25
N LEU C 455 -16.42 20.39 -49.10
CA LEU C 455 -15.08 20.74 -49.53
C LEU C 455 -15.07 22.07 -50.30
N ALA C 456 -16.06 22.23 -51.18
CA ALA C 456 -16.23 23.44 -52.00
C ALA C 456 -16.30 24.70 -51.15
N ALA C 457 -17.10 24.66 -50.10
CA ALA C 457 -17.22 25.77 -49.15
C ALA C 457 -15.87 26.05 -48.50
N ALA C 458 -15.07 25.01 -48.29
CA ALA C 458 -13.79 25.19 -47.62
C ALA C 458 -12.79 25.85 -48.55
N CYS C 459 -12.73 25.35 -49.78
CA CYS C 459 -11.80 25.84 -50.79
C CYS C 459 -12.01 27.29 -51.10
N GLU C 460 -13.29 27.67 -51.12
CA GLU C 460 -13.74 29.03 -51.36
C GLU C 460 -13.17 29.99 -50.32
N VAL C 461 -13.23 29.61 -49.04
CA VAL C 461 -12.81 30.51 -47.96
C VAL C 461 -11.29 30.71 -47.85
N TRP C 462 -10.53 29.64 -48.07
CA TRP C 462 -9.07 29.72 -47.87
C TRP C 462 -8.25 29.65 -49.14
N LYS C 463 -8.86 29.99 -50.28
CA LYS C 463 -8.19 29.96 -51.59
C LYS C 463 -6.97 30.90 -51.68
N GLU C 464 -7.14 32.11 -51.18
CA GLU C 464 -6.06 33.12 -51.26
C GLU C 464 -4.94 32.96 -50.22
N ILE C 465 -5.16 32.09 -49.23
CA ILE C 465 -4.36 32.05 -48.01
C ILE C 465 -3.10 31.19 -48.11
N LYS C 466 -1.95 31.85 -48.03
CA LYS C 466 -0.64 31.23 -48.15
C LYS C 466 0.32 31.74 -47.09
N PHE C 467 1.41 31.03 -46.88
CA PHE C 467 2.43 31.44 -45.93
C PHE C 467 3.78 31.41 -46.59
N GLU C 468 4.12 32.53 -47.24
CA GLU C 468 5.44 32.77 -47.83
C GLU C 468 5.92 34.15 -47.43
N PHE C 469 7.22 34.27 -47.15
CA PHE C 469 7.79 35.50 -46.57
C PHE C 469 9.20 35.83 -47.13
N ASP C 470 9.58 37.12 -47.04
CA ASP C 470 10.97 37.57 -47.25
C ASP C 470 11.72 36.84 -48.36
N ALA D 11 -21.76 41.40 -34.34
CA ALA D 11 -20.94 40.18 -34.04
C ALA D 11 -21.71 38.88 -34.35
N GLY D 12 -21.65 38.45 -35.62
CA GLY D 12 -22.03 37.09 -36.02
C GLY D 12 -20.76 36.28 -36.19
N PHE D 13 -20.86 35.10 -36.81
CA PHE D 13 -19.65 34.34 -37.17
C PHE D 13 -19.27 34.57 -38.63
N LYS D 14 -18.11 35.15 -38.85
CA LYS D 14 -17.66 35.39 -40.21
C LYS D 14 -16.42 34.56 -40.52
N ALA D 15 -16.63 33.43 -41.21
CA ALA D 15 -15.52 32.54 -41.59
C ALA D 15 -14.41 33.27 -42.36
N GLY D 16 -13.19 32.75 -42.27
CA GLY D 16 -12.05 33.31 -43.02
C GLY D 16 -10.99 34.02 -42.19
N VAL D 17 -9.85 34.27 -42.82
CA VAL D 17 -8.68 34.92 -42.20
C VAL D 17 -8.86 36.42 -42.11
N LYS D 18 -8.29 36.99 -41.06
CA LYS D 18 -8.32 38.42 -40.87
C LYS D 18 -7.10 38.73 -40.01
N ASP D 19 -6.81 40.00 -39.81
CA ASP D 19 -5.61 40.38 -39.08
C ASP D 19 -5.78 40.09 -37.59
N TYR D 20 -4.68 39.68 -36.94
CA TYR D 20 -4.67 39.53 -35.49
C TYR D 20 -4.88 40.85 -34.77
N ARG D 21 -4.33 41.93 -35.33
CA ARG D 21 -4.43 43.24 -34.70
C ARG D 21 -5.86 43.65 -34.39
N LEU D 22 -6.80 43.22 -35.23
CA LEU D 22 -8.21 43.56 -35.03
C LEU D 22 -8.73 43.14 -33.69
N THR D 23 -8.22 42.02 -33.19
CA THR D 23 -8.72 41.46 -31.95
C THR D 23 -7.71 41.55 -30.81
N TYR D 24 -6.42 41.42 -31.12
CA TYR D 24 -5.39 41.17 -30.11
C TYR D 24 -4.41 42.32 -29.85
N TYR D 25 -4.57 43.41 -30.62
CA TYR D 25 -3.83 44.64 -30.36
C TYR D 25 -4.81 45.57 -29.67
N THR D 26 -4.48 45.97 -28.44
CA THR D 26 -5.33 46.86 -27.66
C THR D 26 -4.47 47.82 -26.85
N PRO D 27 -3.95 48.88 -27.49
CA PRO D 27 -2.97 49.77 -26.85
C PRO D 27 -3.61 50.70 -25.83
N ASP D 28 -4.92 50.64 -25.71
CA ASP D 28 -5.66 51.43 -24.73
C ASP D 28 -6.01 50.62 -23.50
N TYR D 29 -5.53 49.39 -23.43
CA TYR D 29 -5.89 48.49 -22.33
C TYR D 29 -5.19 48.87 -21.03
N VAL D 30 -5.96 48.88 -19.94
CA VAL D 30 -5.41 49.11 -18.61
C VAL D 30 -5.14 47.75 -17.95
N VAL D 31 -3.87 47.40 -17.79
CA VAL D 31 -3.50 46.14 -17.15
C VAL D 31 -4.09 46.03 -15.76
N ARG D 32 -4.47 44.80 -15.40
CA ARG D 32 -5.06 44.50 -14.11
C ARG D 32 -3.95 44.00 -13.19
N ASP D 33 -4.15 44.18 -11.89
CA ASP D 33 -3.18 43.79 -10.89
C ASP D 33 -2.86 42.31 -10.88
N THR D 34 -3.72 41.51 -11.51
CA THR D 34 -3.62 40.05 -11.51
C THR D 34 -3.19 39.46 -12.88
N ASP D 35 -3.02 40.31 -13.89
CA ASP D 35 -2.56 39.87 -15.21
C ASP D 35 -1.12 39.46 -15.15
N ILE D 36 -0.75 38.49 -15.96
CA ILE D 36 0.64 38.11 -16.09
C ILE D 36 1.06 38.90 -17.29
N LEU D 37 2.18 39.61 -17.19
CA LEU D 37 2.67 40.45 -18.28
C LEU D 37 3.98 39.94 -18.83
N ALA D 38 4.08 39.96 -20.14
CA ALA D 38 5.25 39.51 -20.83
C ALA D 38 5.88 40.64 -21.65
N ALA D 39 7.20 40.72 -21.56
CA ALA D 39 7.99 41.61 -22.37
C ALA D 39 8.83 40.83 -23.40
N PHE D 40 8.35 40.83 -24.64
CA PHE D 40 9.03 40.11 -25.73
C PHE D 40 9.92 41.05 -26.55
N ARG D 41 11.11 40.59 -26.91
CA ARG D 41 11.97 41.34 -27.82
C ARG D 41 11.75 40.86 -29.23
N MET D 42 10.82 41.53 -29.90
CA MET D 42 10.27 41.12 -31.19
C MET D 42 11.10 41.60 -32.41
N THR D 43 11.31 40.72 -33.39
CA THR D 43 11.96 41.06 -34.67
C THR D 43 11.10 40.52 -35.84
N PRO D 44 10.14 41.32 -36.35
CA PRO D 44 9.23 40.87 -37.40
C PRO D 44 9.95 40.61 -38.70
N GLN D 45 9.34 39.85 -39.59
CA GLN D 45 9.83 39.77 -40.97
C GLN D 45 9.59 41.10 -41.63
N PRO D 46 10.44 41.47 -42.62
CA PRO D 46 10.26 42.71 -43.42
C PRO D 46 8.84 42.86 -43.97
N GLY D 47 8.20 44.00 -43.69
CA GLY D 47 6.86 44.27 -44.19
C GLY D 47 5.69 43.76 -43.36
N VAL D 48 6.01 43.20 -42.19
CA VAL D 48 4.98 42.83 -41.22
C VAL D 48 4.95 43.94 -40.16
N PRO D 49 3.85 44.72 -40.13
CA PRO D 49 3.73 45.78 -39.14
C PRO D 49 3.84 45.27 -37.69
N PRO D 50 4.73 45.89 -36.88
CA PRO D 50 4.89 45.67 -35.45
C PRO D 50 3.58 45.42 -34.73
N GLU D 51 2.58 46.27 -34.93
CA GLU D 51 1.28 46.05 -34.31
C GLU D 51 0.75 44.65 -34.63
N GLU D 52 0.92 44.19 -35.86
CA GLU D 52 0.32 42.92 -36.26
C GLU D 52 1.12 41.75 -35.70
N CYS D 53 2.44 41.86 -35.71
CA CYS D 53 3.30 40.83 -35.17
C CYS D 53 3.06 40.66 -33.66
N GLY D 54 2.97 41.77 -32.94
CA GLY D 54 2.69 41.77 -31.50
C GLY D 54 1.35 41.13 -31.17
N ALA D 55 0.38 41.32 -32.04
CA ALA D 55 -0.95 40.77 -31.81
C ALA D 55 -0.99 39.27 -32.15
N ALA D 56 -0.14 38.85 -33.09
CA ALA D 56 0.04 37.44 -33.39
C ALA D 56 0.58 36.72 -32.15
N VAL D 57 1.67 37.25 -31.60
CA VAL D 57 2.27 36.70 -30.40
C VAL D 57 1.27 36.60 -29.27
N ALA D 58 0.47 37.64 -29.06
CA ALA D 58 -0.54 37.63 -28.00
C ALA D 58 -1.65 36.62 -28.30
N ALA D 59 -2.01 36.50 -29.57
CA ALA D 59 -3.13 35.64 -29.96
C ALA D 59 -2.77 34.17 -29.76
N GLU D 60 -1.61 33.81 -30.28
CA GLU D 60 -1.24 32.43 -30.43
C GLU D 60 -0.58 31.92 -29.17
N SER D 61 -0.52 32.80 -28.18
CA SER D 61 -0.06 32.44 -26.85
C SER D 61 -1.21 32.53 -25.84
N SER D 62 -2.43 32.59 -26.32
CA SER D 62 -3.58 32.70 -25.44
C SER D 62 -4.80 32.06 -26.03
N THR D 63 -5.54 32.75 -26.89
CA THR D 63 -6.84 32.23 -27.32
C THR D 63 -7.04 32.01 -28.80
N GLY D 64 -6.12 32.43 -29.66
CA GLY D 64 -6.46 32.53 -31.06
C GLY D 64 -5.64 31.71 -32.01
N THR D 65 -6.28 31.31 -33.11
CA THR D 65 -5.59 30.62 -34.20
C THR D 65 -5.58 31.47 -35.50
N TRP D 66 -5.17 30.88 -36.61
CA TRP D 66 -4.87 31.60 -37.85
C TRP D 66 -6.07 32.07 -38.68
N THR D 67 -7.22 31.42 -38.47
CA THR D 67 -8.48 31.77 -39.14
C THR D 67 -9.58 31.91 -38.08
N THR D 68 -10.72 32.47 -38.45
CA THR D 68 -11.74 32.76 -37.44
C THR D 68 -12.53 31.49 -37.13
N VAL D 69 -12.65 31.16 -35.85
CA VAL D 69 -13.39 29.99 -35.45
C VAL D 69 -14.68 30.40 -34.74
N TRP D 70 -15.74 29.61 -34.98
CA TRP D 70 -17.09 29.96 -34.57
C TRP D 70 -17.30 29.85 -33.10
N THR D 71 -16.47 29.02 -32.47
CA THR D 71 -16.66 28.62 -31.08
C THR D 71 -16.39 29.77 -30.13
N ASP D 72 -15.67 30.78 -30.64
CA ASP D 72 -15.44 32.04 -29.93
C ASP D 72 -16.73 32.58 -29.37
N GLY D 73 -17.82 32.44 -30.11
CA GLY D 73 -19.12 32.94 -29.68
C GLY D 73 -19.68 32.34 -28.40
N LEU D 74 -19.24 31.14 -28.05
CA LEU D 74 -19.77 30.38 -26.91
C LEU D 74 -19.18 30.85 -25.60
N THR D 75 -18.09 31.58 -25.71
CA THR D 75 -17.37 32.10 -24.56
C THR D 75 -17.15 33.62 -24.76
N SER D 76 -16.45 34.26 -23.82
CA SER D 76 -16.19 35.70 -23.88
C SER D 76 -14.72 36.01 -24.15
N LEU D 77 -14.34 36.06 -25.42
CA LEU D 77 -13.00 36.41 -25.85
C LEU D 77 -12.41 37.64 -25.14
N ASP D 78 -13.27 38.60 -24.80
CA ASP D 78 -12.82 39.75 -24.00
C ASP D 78 -12.19 39.35 -22.66
N ARG D 79 -12.83 38.39 -21.99
CA ARG D 79 -12.39 37.89 -20.70
C ARG D 79 -11.09 37.10 -20.78
N TYR D 80 -10.85 36.39 -21.88
CA TYR D 80 -9.76 35.39 -21.89
C TYR D 80 -8.58 35.70 -22.78
N LYS D 81 -8.75 36.62 -23.73
CA LYS D 81 -7.70 36.89 -24.74
C LYS D 81 -6.45 37.52 -24.15
N GLY D 82 -5.32 37.06 -24.67
CA GLY D 82 -4.05 37.75 -24.52
C GLY D 82 -4.08 39.02 -25.36
N ARG D 83 -3.48 40.08 -24.82
CA ARG D 83 -3.61 41.41 -25.38
C ARG D 83 -2.26 42.05 -25.49
N CYS D 84 -1.83 42.36 -26.71
CA CYS D 84 -0.68 43.26 -26.90
C CYS D 84 -1.10 44.70 -26.65
N TYR D 85 -0.55 45.29 -25.61
CA TYR D 85 -1.04 46.57 -25.12
C TYR D 85 -0.05 47.74 -25.20
N ASP D 86 1.12 47.55 -25.81
CA ASP D 86 2.17 48.56 -25.86
C ASP D 86 3.36 48.06 -26.65
N ILE D 87 3.90 48.92 -27.53
CA ILE D 87 5.10 48.59 -28.32
C ILE D 87 6.17 49.71 -28.27
N GLU D 88 7.31 49.43 -27.64
CA GLU D 88 8.47 50.33 -27.67
C GLU D 88 9.36 49.94 -28.84
N PRO D 89 9.87 50.93 -29.61
CA PRO D 89 10.92 50.56 -30.56
C PRO D 89 12.26 50.47 -29.81
N VAL D 90 13.22 49.70 -30.32
CA VAL D 90 14.49 49.55 -29.61
C VAL D 90 15.53 50.54 -30.14
N PRO D 91 16.02 51.46 -29.28
CA PRO D 91 17.06 52.39 -29.67
C PRO D 91 18.30 51.68 -30.21
N GLY D 92 18.74 52.12 -31.39
CA GLY D 92 19.91 51.56 -32.05
C GLY D 92 19.55 50.31 -32.82
N GLU D 93 18.28 50.19 -33.18
CA GLU D 93 17.78 48.99 -33.89
C GLU D 93 16.69 49.31 -34.92
N ASP D 94 16.95 48.94 -36.18
CA ASP D 94 16.02 49.20 -37.30
C ASP D 94 14.72 48.40 -37.15
N ASN D 95 14.88 47.08 -37.00
CA ASN D 95 13.76 46.13 -37.02
C ASN D 95 13.62 45.33 -35.73
N GLN D 96 13.57 46.02 -34.60
CA GLN D 96 13.43 45.37 -33.30
C GLN D 96 12.56 46.21 -32.36
N TYR D 97 11.64 45.53 -31.70
CA TYR D 97 10.66 46.16 -30.83
C TYR D 97 10.50 45.37 -29.53
N ILE D 98 10.06 46.05 -28.47
CA ILE D 98 9.64 45.36 -27.24
C ILE D 98 8.12 45.35 -27.25
N ALA D 99 7.52 44.16 -27.37
CA ALA D 99 6.07 44.02 -27.37
C ALA D 99 5.65 43.57 -25.98
N TYR D 100 4.58 44.18 -25.47
CA TYR D 100 4.12 43.89 -24.12
C TYR D 100 2.82 43.16 -24.23
N VAL D 101 2.77 42.01 -23.58
CA VAL D 101 1.53 41.24 -23.58
C VAL D 101 1.03 41.05 -22.16
N ALA D 102 -0.28 41.14 -22.01
CA ALA D 102 -0.93 40.90 -20.75
C ALA D 102 -1.83 39.68 -20.92
N TYR D 103 -1.77 38.78 -19.94
CA TYR D 103 -2.52 37.55 -19.97
C TYR D 103 -3.33 37.52 -18.69
N HYP D 104 -4.64 37.24 -18.80
CA HYP D 104 -5.50 37.12 -17.61
C HYP D 104 -5.10 35.95 -16.75
O HYP D 104 -4.66 34.92 -17.28
CB HYP D 104 -6.93 36.88 -18.09
CG HYP D 104 -6.89 37.35 -19.53
CD HYP D 104 -5.43 37.09 -20.01
OD1 HYP D 104 -7.16 38.75 -19.45
N ILE D 105 -5.27 36.06 -15.43
CA ILE D 105 -4.86 34.98 -14.54
C ILE D 105 -5.60 33.63 -14.83
N ASP D 106 -6.83 33.73 -15.31
CA ASP D 106 -7.65 32.58 -15.64
C ASP D 106 -7.05 31.69 -16.68
N LEU D 107 -6.00 32.16 -17.34
CA LEU D 107 -5.43 31.38 -18.41
C LEU D 107 -4.47 30.31 -17.94
N PHE D 108 -4.15 30.32 -16.65
CA PHE D 108 -3.02 29.55 -16.15
C PHE D 108 -3.40 28.61 -15.08
N GLU D 109 -2.79 27.42 -15.11
CA GLU D 109 -2.96 26.46 -14.04
C GLU D 109 -2.24 26.94 -12.78
N GLU D 110 -2.98 26.93 -11.67
CA GLU D 110 -2.39 27.21 -10.36
C GLU D 110 -1.20 26.28 -10.14
N GLY D 111 -0.18 26.83 -9.49
CA GLY D 111 1.04 26.10 -9.19
C GLY D 111 1.87 25.52 -10.31
N SER D 112 1.53 25.77 -11.56
CA SER D 112 2.24 25.08 -12.64
C SER D 112 3.13 25.95 -13.58
N VAL D 113 4.42 26.07 -13.27
CA VAL D 113 5.37 26.74 -14.18
C VAL D 113 5.22 26.16 -15.59
N THR D 114 5.17 24.82 -15.66
CA THR D 114 5.01 24.14 -16.94
C THR D 114 3.87 24.75 -17.75
N ASN D 115 2.72 24.98 -17.14
CA ASN D 115 1.61 25.43 -17.94
C ASN D 115 1.78 26.88 -18.38
N MET D 116 2.36 27.70 -17.49
CA MET D 116 2.74 29.08 -17.80
C MET D 116 3.69 29.18 -19.01
N PHE D 117 4.76 28.40 -19.01
CA PHE D 117 5.67 28.43 -20.15
C PHE D 117 4.98 27.93 -21.39
N THR D 118 4.08 26.98 -21.23
CA THR D 118 3.49 26.37 -22.39
C THR D 118 2.68 27.38 -23.15
N SER D 119 1.92 28.22 -22.46
CA SER D 119 1.21 29.32 -23.12
C SER D 119 2.18 30.34 -23.68
N ILE D 120 2.97 30.94 -22.79
CA ILE D 120 3.77 32.10 -23.13
C ILE D 120 4.87 31.84 -24.14
N VAL D 121 5.56 30.72 -24.01
CA VAL D 121 6.65 30.50 -24.95
C VAL D 121 6.44 29.23 -25.76
N GLY D 122 5.20 28.75 -25.82
CA GLY D 122 4.90 27.48 -26.46
C GLY D 122 5.11 27.42 -27.95
N ASN D 123 4.45 28.28 -28.70
CA ASN D 123 4.44 28.19 -30.17
C ASN D 123 4.96 29.40 -30.91
N VAL D 124 4.77 30.58 -30.30
CA VAL D 124 5.07 31.86 -30.94
C VAL D 124 6.48 31.97 -31.52
N PHE D 125 7.46 31.39 -30.83
CA PHE D 125 8.86 31.54 -31.26
C PHE D 125 9.15 30.98 -32.62
N GLY D 126 8.20 30.23 -33.17
CA GLY D 126 8.44 29.49 -34.43
C GLY D 126 7.66 30.04 -35.60
N PHE D 127 6.97 31.15 -35.35
CA PHE D 127 6.19 31.83 -36.40
C PHE D 127 6.96 32.33 -37.62
N LYS D 128 6.43 32.05 -38.81
CA LYS D 128 7.04 32.52 -40.06
C LYS D 128 7.06 34.05 -40.11
N ALA D 129 6.02 34.66 -39.57
CA ALA D 129 5.86 36.10 -39.58
C ALA D 129 6.94 36.85 -38.79
N LEU D 130 7.78 36.14 -38.04
CA LEU D 130 8.87 36.85 -37.37
C LEU D 130 10.24 36.20 -37.56
N ARG D 131 11.29 36.99 -37.41
CA ARG D 131 12.65 36.54 -37.62
C ARG D 131 13.22 36.00 -36.34
N ALA D 132 12.86 36.66 -35.24
CA ALA D 132 13.41 36.32 -33.95
C ALA D 132 12.50 36.84 -32.85
N LEU D 133 12.50 36.16 -31.69
CA LEU D 133 11.71 36.56 -30.54
C LEU D 133 12.47 36.22 -29.28
N ARG D 134 12.38 37.09 -28.28
CA ARG D 134 13.08 36.84 -27.03
C ARG D 134 12.21 37.23 -25.85
N LEU D 135 12.04 36.33 -24.90
CA LEU D 135 11.26 36.71 -23.72
C LEU D 135 12.24 37.32 -22.76
N GLU D 136 11.97 38.54 -22.34
CA GLU D 136 12.94 39.30 -21.54
C GLU D 136 12.53 39.29 -20.08
N ASP D 137 11.23 39.33 -19.84
CA ASP D 137 10.75 39.39 -18.47
C ASP D 137 9.26 39.04 -18.40
N LEU D 138 8.83 38.70 -17.19
CA LEU D 138 7.46 38.37 -16.91
C LEU D 138 7.12 39.03 -15.60
N ARG D 139 5.89 39.47 -15.47
CA ARG D 139 5.46 40.05 -14.22
C ARG D 139 4.53 39.02 -13.61
N ILE D 140 4.98 38.37 -12.55
CA ILE D 140 4.19 37.33 -11.92
C ILE D 140 3.41 37.97 -10.79
N PRO D 141 2.11 38.20 -10.99
CA PRO D 141 1.36 38.92 -9.99
C PRO D 141 1.26 38.12 -8.71
N PRO D 142 1.17 38.80 -7.57
CA PRO D 142 1.03 38.09 -6.31
C PRO D 142 -0.04 36.98 -6.37
N ALA D 143 -1.20 37.29 -6.89
CA ALA D 143 -2.30 36.31 -6.92
C ALA D 143 -1.92 35.04 -7.69
N TYR D 144 -0.91 35.13 -8.56
CA TYR D 144 -0.43 33.91 -9.21
C TYR D 144 0.62 33.31 -8.36
N VAL D 145 1.50 34.16 -7.84
CA VAL D 145 2.57 33.72 -6.99
C VAL D 145 2.02 32.82 -5.85
N LYS D 146 0.90 33.22 -5.25
CA LYS D 146 0.40 32.52 -4.08
C LYS D 146 -0.07 31.08 -4.36
N THR D 147 -0.28 30.73 -5.63
CA THR D 147 -0.69 29.37 -5.94
C THR D 147 0.48 28.37 -6.01
N PHE D 148 1.70 28.80 -5.67
CA PHE D 148 2.87 27.95 -5.75
C PHE D 148 3.43 27.56 -4.38
N VAL D 149 3.82 26.31 -4.20
CA VAL D 149 4.52 26.00 -2.96
C VAL D 149 5.82 26.80 -2.85
N GLY D 150 6.49 27.00 -3.99
CA GLY D 150 7.74 27.75 -4.01
C GLY D 150 8.88 26.97 -3.37
N HYP D 151 10.01 27.65 -3.12
CA HYP D 151 11.20 26.99 -2.63
C HYP D 151 10.95 26.25 -1.33
O HYP D 151 10.26 26.75 -0.45
CB HYP D 151 12.19 28.12 -2.39
CG HYP D 151 11.71 29.17 -3.37
CD HYP D 151 10.21 29.07 -3.28
OD1 HYP D 151 12.05 28.79 -4.70
N PRO D 152 11.56 25.06 -1.19
CA PRO D 152 11.34 24.23 -0.03
C PRO D 152 11.72 24.98 1.25
N HIS D 153 12.83 25.72 1.23
CA HIS D 153 13.22 26.46 2.43
C HIS D 153 13.43 27.97 2.20
N GLY D 154 14.38 28.34 1.36
CA GLY D 154 14.68 29.76 1.21
C GLY D 154 15.86 30.15 2.07
N ILE D 155 16.45 31.29 1.75
CA ILE D 155 17.72 31.72 2.35
C ILE D 155 17.72 31.68 3.90
N GLN D 156 16.80 32.42 4.52
CA GLN D 156 16.76 32.50 5.96
C GLN D 156 16.75 31.11 6.59
N VAL D 157 15.79 30.28 6.17
CA VAL D 157 15.57 29.00 6.82
C VAL D 157 16.80 28.14 6.60
N GLU D 158 17.34 28.16 5.38
CA GLU D 158 18.56 27.42 5.10
C GLU D 158 19.68 27.77 6.11
N ARG D 159 19.95 29.07 6.25
CA ARG D 159 20.94 29.55 7.18
C ARG D 159 20.64 29.05 8.58
N ASP D 160 19.39 29.19 8.99
CA ASP D 160 19.00 28.71 10.32
C ASP D 160 19.21 27.22 10.51
N LYS D 161 18.82 26.41 9.53
CA LYS D 161 19.07 24.97 9.57
C LYS D 161 20.57 24.66 9.61
N LEU D 162 21.33 25.32 8.74
CA LEU D 162 22.76 25.04 8.67
C LEU D 162 23.58 25.61 9.83
N ASN D 163 22.97 26.58 10.51
CA ASN D 163 23.60 27.35 11.56
C ASN D 163 24.84 28.09 11.05
N LYS D 164 24.65 28.82 9.95
CA LYS D 164 25.75 29.50 9.27
C LYS D 164 25.38 30.94 8.99
N TYR D 165 26.12 31.87 9.58
CA TYR D 165 25.73 33.29 9.47
C TYR D 165 26.89 34.23 9.18
N GLY D 166 26.55 35.41 8.64
CA GLY D 166 27.51 36.48 8.41
C GLY D 166 28.67 36.15 7.50
N ARG D 167 28.40 35.52 6.36
CA ARG D 167 29.38 35.27 5.28
C ARG D 167 28.75 34.42 4.17
N GLY D 168 29.31 34.51 2.97
CA GLY D 168 28.92 33.61 1.88
C GLY D 168 29.22 32.18 2.25
N LEU D 169 28.63 31.23 1.53
CA LEU D 169 28.92 29.84 1.80
C LEU D 169 29.89 29.32 0.76
N LEU D 170 30.74 28.38 1.17
CA LEU D 170 31.74 27.88 0.24
C LEU D 170 31.48 26.46 -0.23
N GLY D 171 31.53 26.29 -1.54
CA GLY D 171 31.23 25.02 -2.19
C GLY D 171 32.29 24.66 -3.21
N CYS D 172 32.11 23.52 -3.86
CA CYS D 172 33.19 22.90 -4.60
C CYS D 172 32.66 21.69 -5.38
N THR D 173 32.73 21.74 -6.70
CA THR D 173 32.35 20.59 -7.53
C THR D 173 33.51 19.61 -7.54
N ILE D 174 33.25 18.33 -7.30
CA ILE D 174 34.30 17.33 -7.41
C ILE D 174 34.71 17.18 -8.88
N LYS D 175 36.01 16.97 -9.10
CA LYS D 175 36.56 16.78 -10.44
C LYS D 175 37.50 15.58 -10.48
N PRO D 176 37.71 14.97 -11.66
CA PRO D 176 37.07 15.23 -12.96
C PRO D 176 35.53 15.14 -12.88
N LYS D 177 34.83 15.69 -13.87
CA LYS D 177 33.38 15.60 -13.87
C LYS D 177 33.00 14.13 -13.79
N LEU D 178 33.40 13.35 -14.78
CA LEU D 178 33.07 11.92 -14.79
C LEU D 178 34.35 11.09 -14.66
N GLY D 179 34.22 9.81 -14.30
CA GLY D 179 35.35 8.93 -14.27
C GLY D 179 35.79 8.48 -12.92
N LEU D 180 35.36 9.17 -11.86
CA LEU D 180 35.77 8.82 -10.50
C LEU D 180 34.85 7.76 -9.92
N SER D 181 35.45 6.78 -9.23
CA SER D 181 34.70 5.78 -8.50
C SER D 181 34.03 6.37 -7.24
N ALA D 182 32.98 5.69 -6.79
CA ALA D 182 32.27 6.10 -5.58
C ALA D 182 33.21 6.29 -4.39
N LYS D 183 34.12 5.33 -4.19
CA LYS D 183 35.07 5.42 -3.08
C LYS D 183 35.97 6.64 -3.19
N ASN D 184 36.45 6.90 -4.41
CA ASN D 184 37.33 8.05 -4.65
C ASN D 184 36.56 9.32 -4.53
N TYR D 185 35.31 9.28 -4.96
CA TYR D 185 34.49 10.45 -4.91
C TYR D 185 34.39 10.88 -3.46
N GLY D 186 34.11 9.90 -2.59
CA GLY D 186 33.93 10.18 -1.16
C GLY D 186 35.19 10.74 -0.54
N ARG D 187 36.32 10.11 -0.86
CA ARG D 187 37.66 10.54 -0.47
C ARG D 187 37.88 12.01 -0.80
N ALA D 188 37.72 12.36 -2.08
CA ALA D 188 37.86 13.77 -2.47
C ALA D 188 36.92 14.69 -1.69
N VAL D 189 35.70 14.22 -1.45
CA VAL D 189 34.73 15.01 -0.70
C VAL D 189 35.26 15.30 0.72
N TYR D 190 35.73 14.23 1.39
CA TYR D 190 36.18 14.35 2.76
C TYR D 190 37.32 15.34 2.85
N GLU D 191 38.27 15.23 1.93
CA GLU D 191 39.42 16.13 1.95
C GLU D 191 38.98 17.56 1.75
N CYS D 192 38.10 17.80 0.79
CA CYS D 192 37.58 19.14 0.57
C CYS D 192 36.88 19.70 1.82
N LEU D 193 36.01 18.89 2.42
CA LEU D 193 35.09 19.43 3.42
C LEU D 193 35.82 19.79 4.71
N ARG D 194 36.89 19.05 4.99
CA ARG D 194 37.63 19.20 6.25
C ARG D 194 38.52 20.43 6.19
N GLY D 195 38.89 20.82 4.97
CA GLY D 195 39.69 22.01 4.75
C GLY D 195 38.94 23.29 5.10
N GLY D 196 37.61 23.25 5.11
CA GLY D 196 36.82 24.40 5.51
C GLY D 196 35.75 24.84 4.53
N LEU D 197 35.51 24.01 3.50
CA LEU D 197 34.40 24.28 2.59
C LEU D 197 33.16 23.84 3.31
N ASP D 198 32.06 24.56 3.08
CA ASP D 198 30.78 24.18 3.64
C ASP D 198 30.13 23.03 2.91
N PHE D 199 30.27 23.01 1.59
CA PHE D 199 29.59 22.08 0.70
C PHE D 199 30.53 21.51 -0.32
N THR D 200 30.24 20.31 -0.78
CA THR D 200 30.75 19.84 -2.06
C THR D 200 29.54 19.43 -2.89
N KCX D 201 29.77 19.01 -4.14
CA KCX D 201 28.65 18.64 -4.96
CB KCX D 201 27.95 19.90 -5.54
CG KCX D 201 28.70 20.63 -6.60
CD KCX D 201 27.96 21.90 -7.02
CE KCX D 201 26.83 21.63 -8.04
NZ KCX D 201 27.34 20.95 -9.25
C KCX D 201 29.03 17.67 -6.05
O KCX D 201 30.17 17.64 -6.52
CX KCX D 201 27.86 21.59 -10.28
OQ1 KCX D 201 28.27 20.92 -11.25
OQ2 KCX D 201 27.95 22.84 -10.31
N ASP D 202 28.06 16.83 -6.43
CA ASP D 202 28.16 16.03 -7.65
C ASP D 202 28.17 17.06 -8.79
N ASP D 203 28.92 16.77 -9.86
CA ASP D 203 28.84 17.57 -11.08
C ASP D 203 27.45 17.38 -11.66
N GLU D 204 26.96 18.35 -12.44
CA GLU D 204 25.60 18.25 -12.97
C GLU D 204 25.33 16.95 -13.73
N ASN D 205 26.34 16.43 -14.43
CA ASN D 205 26.15 15.24 -15.20
C ASN D 205 26.53 13.95 -14.45
N VAL D 206 27.00 14.09 -13.21
CA VAL D 206 27.14 12.92 -12.32
C VAL D 206 25.77 12.44 -11.83
N ASN D 207 25.29 11.34 -12.40
CA ASN D 207 23.96 10.82 -12.06
C ASN D 207 24.08 9.40 -11.58
N SER D 208 23.92 8.47 -12.49
CA SER D 208 24.30 7.10 -12.22
C SER D 208 24.88 6.49 -13.49
N GLN D 209 26.16 6.08 -13.44
CA GLN D 209 26.89 5.64 -14.63
C GLN D 209 27.71 4.40 -14.33
N PRO D 210 28.16 3.68 -15.39
CA PRO D 210 28.97 2.49 -15.22
C PRO D 210 30.18 2.68 -14.30
N PHE D 211 30.85 3.83 -14.34
CA PHE D 211 32.05 4.01 -13.49
C PHE D 211 31.71 4.24 -11.99
N MET D 212 30.51 4.75 -11.72
CA MET D 212 30.10 4.99 -10.35
C MET D 212 28.58 5.08 -10.26
N ARG D 213 27.96 4.02 -9.71
CA ARG D 213 26.51 3.93 -9.54
C ARG D 213 26.11 4.85 -8.38
N TRP D 214 24.95 5.50 -8.49
CA TRP D 214 24.55 6.50 -7.49
C TRP D 214 24.49 6.04 -6.03
N ARG D 215 23.92 4.86 -5.74
CA ARG D 215 23.76 4.46 -4.34
C ARG D 215 25.11 4.25 -3.64
N ASP D 216 26.06 3.66 -4.34
CA ASP D 216 27.43 3.61 -3.89
C ASP D 216 28.00 4.99 -3.55
N ARG D 217 27.88 5.94 -4.48
CA ARG D 217 28.28 7.30 -4.23
C ARG D 217 27.61 7.83 -2.98
N PHE D 218 26.30 7.69 -2.88
CA PHE D 218 25.52 8.35 -1.81
C PHE D 218 26.03 7.91 -0.44
N LEU D 219 26.30 6.61 -0.33
CA LEU D 219 26.76 6.00 0.92
C LEU D 219 28.11 6.52 1.37
N PHE D 220 29.09 6.45 0.47
CA PHE D 220 30.44 6.94 0.75
C PHE D 220 30.43 8.44 1.00
N VAL D 221 29.70 9.20 0.19
CA VAL D 221 29.64 10.62 0.44
C VAL D 221 29.07 10.91 1.83
N ALA D 222 28.02 10.19 2.20
CA ALA D 222 27.44 10.37 3.56
C ALA D 222 28.51 10.18 4.63
N GLU D 223 29.37 9.17 4.44
CA GLU D 223 30.41 8.87 5.38
C GLU D 223 31.42 10.02 5.44
N ALA D 224 31.78 10.55 4.28
CA ALA D 224 32.70 11.66 4.17
C ALA D 224 32.13 12.82 4.93
N ILE D 225 30.86 13.15 4.66
CA ILE D 225 30.20 14.29 5.31
C ILE D 225 30.32 14.20 6.81
N TYR D 226 30.09 13.01 7.35
CA TYR D 226 30.06 12.83 8.80
C TYR D 226 31.44 12.88 9.42
N LYS D 227 32.44 12.40 8.69
CA LYS D 227 33.82 12.41 9.15
C LYS D 227 34.35 13.84 9.20
N ALA D 228 34.17 14.59 8.11
CA ALA D 228 34.50 16.01 8.05
C ALA D 228 33.73 16.85 9.10
N GLN D 229 32.49 16.49 9.36
CA GLN D 229 31.73 17.24 10.34
C GLN D 229 32.32 17.04 11.72
N ALA D 230 32.72 15.81 12.03
CA ALA D 230 33.15 15.47 13.38
C ALA D 230 34.49 16.09 13.68
N GLU D 231 35.36 15.99 12.68
CA GLU D 231 36.67 16.60 12.68
C GLU D 231 36.65 18.15 12.77
N THR D 232 35.82 18.83 11.99
CA THR D 232 35.86 20.28 12.01
C THR D 232 34.93 20.90 13.06
N GLY D 233 33.89 20.18 13.47
CA GLY D 233 32.87 20.73 14.38
C GLY D 233 31.94 21.72 13.70
N GLU D 234 32.12 21.93 12.40
CA GLU D 234 31.15 22.73 11.62
C GLU D 234 30.17 21.82 10.84
N VAL D 235 28.93 22.29 10.63
CA VAL D 235 27.96 21.56 9.82
C VAL D 235 28.42 21.47 8.35
N LYS D 236 28.46 20.24 7.83
CA LYS D 236 28.87 20.00 6.43
C LYS D 236 27.75 19.46 5.52
N GLY D 237 27.87 19.71 4.22
CA GLY D 237 26.90 19.17 3.26
C GLY D 237 27.51 18.80 1.92
N HIS D 238 26.79 17.97 1.15
CA HIS D 238 27.21 17.61 -0.21
C HIS D 238 25.99 17.41 -1.08
N TYR D 239 25.91 18.15 -2.18
CA TYR D 239 24.70 18.08 -2.99
C TYR D 239 24.68 16.75 -3.74
N LEU D 240 24.05 15.73 -3.16
CA LEU D 240 23.89 14.49 -3.92
C LEU D 240 22.89 14.74 -5.01
N ASN D 241 23.20 14.29 -6.23
CA ASN D 241 22.37 14.60 -7.39
C ASN D 241 21.18 13.64 -7.56
N ALA D 242 19.98 14.18 -7.63
CA ALA D 242 18.83 13.29 -7.82
C ALA D 242 18.32 13.33 -9.24
N THR D 243 18.91 14.14 -10.10
CA THR D 243 18.49 14.22 -11.47
C THR D 243 18.53 12.81 -12.00
N ALA D 244 17.56 12.44 -12.82
CA ALA D 244 17.46 11.06 -13.27
C ALA D 244 16.60 10.95 -14.53
N GLY D 245 16.59 9.77 -15.16
CA GLY D 245 15.77 9.56 -16.34
C GLY D 245 14.28 9.67 -16.13
N THR D 246 13.78 9.21 -14.99
CA THR D 246 12.34 9.14 -14.70
C THR D 246 12.04 9.74 -13.34
N CYS D 247 10.81 10.20 -13.08
CA CYS D 247 10.47 10.72 -11.76
C CYS D 247 10.64 9.66 -10.68
N GLU D 248 10.32 8.41 -11.00
CA GLU D 248 10.42 7.37 -9.99
C GLU D 248 11.87 7.28 -9.53
N GLU D 249 12.80 7.31 -10.48
CA GLU D 249 14.20 7.22 -10.15
C GLU D 249 14.60 8.44 -9.37
N MET D 250 14.14 9.61 -9.82
CA MET D 250 14.51 10.83 -9.13
C MET D 250 14.06 10.71 -7.69
N MET D 251 12.82 10.31 -7.47
CA MET D 251 12.34 10.11 -6.12
C MET D 251 13.14 9.10 -5.32
N LYS D 252 13.56 8.00 -5.96
CA LYS D 252 14.25 6.91 -5.28
C LYS D 252 15.52 7.49 -4.65
N ARG D 253 16.19 8.38 -5.40
CA ARG D 253 17.43 9.00 -4.95
C ARG D 253 17.20 10.01 -3.85
N ALA D 254 16.14 10.80 -3.98
CA ALA D 254 15.79 11.75 -2.94
C ALA D 254 15.51 11.05 -1.59
N VAL D 255 14.79 9.93 -1.65
CA VAL D 255 14.43 9.15 -0.46
C VAL D 255 15.71 8.58 0.22
N SMC D 256 16.67 8.12 -0.58
CA SMC D 256 17.88 7.52 -0.01
CB SMC D 256 18.72 6.96 -1.15
SG SMC D 256 20.34 6.33 -0.57
CS SMC D 256 19.79 5.05 0.58
C SMC D 256 18.63 8.57 0.74
O SMC D 256 18.98 8.40 1.90
N ALA D 257 18.89 9.70 0.06
CA ALA D 257 19.52 10.83 0.72
C ALA D 257 18.85 11.15 2.07
N LYS D 258 17.51 11.21 2.12
CA LYS D 258 16.83 11.54 3.38
C LYS D 258 17.13 10.44 4.37
N GLU D 259 17.05 9.22 3.89
CA GLU D 259 17.22 8.05 4.72
C GLU D 259 18.63 8.05 5.31
N LEU D 260 19.57 8.68 4.62
CA LEU D 260 20.94 8.80 5.10
C LEU D 260 21.15 10.00 6.02
N GLY D 261 20.09 10.80 6.23
CA GLY D 261 20.18 11.94 7.12
C GLY D 261 21.00 13.09 6.57
N VAL D 262 21.43 12.99 5.30
CA VAL D 262 22.22 14.09 4.67
C VAL D 262 21.39 15.35 4.44
N PRO D 263 21.99 16.53 4.57
CA PRO D 263 21.16 17.74 4.56
C PRO D 263 20.68 18.23 3.19
N ILE D 264 21.33 17.84 2.10
CA ILE D 264 21.10 18.58 0.87
C ILE D 264 21.18 17.73 -0.39
N ILE D 265 20.28 17.97 -1.32
CA ILE D 265 20.39 17.38 -2.65
C ILE D 265 20.34 18.45 -3.75
N MET D 266 20.71 18.05 -4.97
CA MET D 266 20.64 18.91 -6.14
C MET D 266 19.81 18.33 -7.31
N HIS D 267 19.37 19.19 -8.21
CA HIS D 267 18.59 18.81 -9.39
C HIS D 267 18.96 19.76 -10.50
N ASP D 268 19.06 19.24 -11.72
CA ASP D 268 19.27 20.04 -12.92
C ASP D 268 17.89 20.37 -13.49
N TYR D 269 17.26 21.43 -12.98
CA TYR D 269 15.85 21.68 -13.30
C TYR D 269 15.49 21.73 -14.79
N LEU D 270 16.42 22.11 -15.64
CA LEU D 270 16.06 22.30 -17.03
C LEU D 270 16.24 21.02 -17.82
N THR D 271 17.28 20.23 -17.54
CA THR D 271 17.43 18.98 -18.26
C THR D 271 16.49 17.90 -17.64
N GLY D 272 16.21 18.04 -16.33
CA GLY D 272 15.17 17.24 -15.67
C GLY D 272 13.78 17.68 -16.08
N GLY D 273 13.56 18.99 -16.04
CA GLY D 273 12.29 19.61 -16.45
C GLY D 273 11.48 20.14 -15.28
N PHE D 274 10.59 21.08 -15.59
CA PHE D 274 9.80 21.71 -14.52
C PHE D 274 8.88 20.80 -13.72
N THR D 275 8.24 19.87 -14.41
CA THR D 275 7.27 18.97 -13.79
C THR D 275 7.99 18.13 -12.73
N ALA D 276 9.12 17.52 -13.12
CA ALA D 276 9.90 16.75 -12.19
C ALA D 276 10.50 17.67 -11.11
N ASN D 277 10.91 18.86 -11.48
CA ASN D 277 11.48 19.72 -10.47
C ASN D 277 10.49 20.16 -9.38
N THR D 278 9.27 20.55 -9.75
CA THR D 278 8.30 20.91 -8.73
C THR D 278 8.00 19.73 -7.80
N SER D 279 7.92 18.51 -8.36
CA SER D 279 7.64 17.33 -7.56
C SER D 279 8.72 17.21 -6.51
N LEU D 280 9.97 17.30 -6.94
CA LEU D 280 11.11 17.20 -6.05
C LEU D 280 11.11 18.27 -4.96
N ALA D 281 10.71 19.49 -5.35
CA ALA D 281 10.67 20.65 -4.44
C ALA D 281 9.71 20.39 -3.33
N ILE D 282 8.57 19.82 -3.70
CA ILE D 282 7.53 19.50 -2.73
C ILE D 282 8.01 18.37 -1.81
N TYR D 283 8.75 17.41 -2.36
CA TYR D 283 9.30 16.32 -1.55
C TYR D 283 10.23 16.88 -0.48
N CYS D 284 11.15 17.73 -0.91
CA CYS D 284 12.07 18.40 -0.02
C CYS D 284 11.31 19.20 1.05
N ARG D 285 10.32 19.98 0.66
CA ARG D 285 9.59 20.76 1.66
C ARG D 285 9.00 19.85 2.70
N ASP D 286 8.51 18.69 2.27
CA ASP D 286 7.82 17.76 3.15
C ASP D 286 8.78 16.91 3.96
N ASN D 287 10.08 16.97 3.69
CA ASN D 287 11.04 16.12 4.42
C ASN D 287 12.25 16.85 4.97
N GLY D 288 12.36 18.13 4.62
CA GLY D 288 13.27 19.06 5.26
C GLY D 288 14.62 18.92 4.65
N LEU D 289 14.66 18.65 3.35
CA LEU D 289 15.90 18.57 2.59
C LEU D 289 16.17 19.85 1.85
N LEU D 290 17.41 20.34 1.87
CA LEU D 290 17.72 21.52 1.09
C LEU D 290 17.86 21.15 -0.38
N LEU D 291 17.44 22.04 -1.26
CA LEU D 291 17.43 21.73 -2.69
C LEU D 291 18.29 22.69 -3.48
N HIS D 292 19.39 22.18 -4.03
CA HIS D 292 20.30 22.98 -4.83
C HIS D 292 19.99 22.81 -6.31
N ILE D 293 19.70 23.90 -7.00
CA ILE D 293 19.30 23.80 -8.41
C ILE D 293 20.41 24.18 -9.38
N HIS D 294 20.85 23.25 -10.22
CA HIS D 294 21.85 23.54 -11.23
C HIS D 294 21.10 23.90 -12.49
N ARG D 295 21.65 24.82 -13.29
CA ARG D 295 20.89 25.34 -14.44
C ARG D 295 21.41 24.82 -15.77
N ALA D 296 22.06 23.67 -15.74
CA ALA D 296 22.54 23.00 -16.93
C ALA D 296 21.53 23.19 -18.05
N MET D 297 22.05 23.52 -19.22
CA MET D 297 21.27 23.80 -20.42
C MET D 297 20.70 25.22 -20.58
N HIS D 298 20.82 26.09 -19.57
CA HIS D 298 20.22 27.43 -19.69
C HIS D 298 20.78 28.22 -20.87
N ALA D 299 22.09 28.10 -21.09
CA ALA D 299 22.78 28.87 -22.13
C ALA D 299 22.29 28.59 -23.54
N VAL D 300 21.80 27.39 -23.81
CA VAL D 300 21.15 27.07 -25.07
C VAL D 300 19.99 28.03 -25.35
N ILE D 301 19.35 28.47 -24.27
CA ILE D 301 18.13 29.26 -24.32
C ILE D 301 18.36 30.78 -24.10
N ASP D 302 19.34 31.15 -23.28
CA ASP D 302 19.41 32.51 -22.74
C ASP D 302 20.63 33.32 -23.19
N ARG D 303 21.53 32.67 -23.92
CA ARG D 303 22.79 33.29 -24.35
C ARG D 303 22.58 34.45 -25.31
N GLN D 304 21.86 34.25 -26.41
CA GLN D 304 21.76 35.28 -27.46
C GLN D 304 20.76 36.41 -27.13
N ARG D 305 21.02 37.61 -27.66
CA ARG D 305 20.20 38.76 -27.36
C ARG D 305 18.98 38.86 -28.27
N ASN D 306 19.10 38.41 -29.51
CA ASN D 306 17.98 38.51 -30.46
C ASN D 306 16.85 37.50 -30.25
N HIS D 307 17.16 36.34 -29.65
CA HIS D 307 16.25 35.18 -29.62
C HIS D 307 16.46 34.25 -28.44
N GLY D 308 15.34 33.85 -27.83
CA GLY D 308 15.32 32.94 -26.70
C GLY D 308 14.52 33.47 -25.52
N ILE D 309 14.90 33.02 -24.32
CA ILE D 309 14.32 33.50 -23.07
C ILE D 309 15.47 33.92 -22.17
N HIS D 310 15.37 35.12 -21.63
CA HIS D 310 16.45 35.63 -20.83
C HIS D 310 16.52 34.86 -19.52
N PHE D 311 17.73 34.70 -19.00
CA PHE D 311 17.87 34.03 -17.70
C PHE D 311 17.08 34.58 -16.51
N ARG D 312 16.77 35.88 -16.48
CA ARG D 312 15.99 36.38 -15.36
C ARG D 312 14.64 35.66 -15.32
N VAL D 313 14.07 35.38 -16.50
CA VAL D 313 12.81 34.66 -16.58
C VAL D 313 12.98 33.21 -16.08
N LEU D 314 14.03 32.53 -16.54
CA LEU D 314 14.31 31.18 -16.08
C LEU D 314 14.53 31.12 -14.57
N ALA D 315 14.95 32.22 -13.97
CA ALA D 315 15.16 32.27 -12.52
C ALA D 315 13.83 32.52 -11.78
N LYS D 316 12.99 33.39 -12.32
CA LYS D 316 11.72 33.64 -11.69
C LYS D 316 10.99 32.32 -11.64
N ALA D 317 10.95 31.66 -12.81
CA ALA D 317 10.42 30.32 -13.00
C ALA D 317 10.91 29.34 -11.93
N LEU D 318 12.22 29.22 -11.81
CA LEU D 318 12.77 28.33 -10.84
C LEU D 318 12.33 28.67 -9.42
N ARG D 319 12.15 29.94 -9.13
CA ARG D 319 11.83 30.31 -7.79
C ARG D 319 10.44 29.87 -7.51
N MET D 320 9.61 29.87 -8.54
CA MET D 320 8.21 29.44 -8.43
C MET D 320 8.08 27.91 -8.32
N SER D 321 8.82 27.20 -9.20
CA SER D 321 8.87 25.76 -9.16
C SER D 321 9.40 25.22 -7.84
N GLY D 322 10.49 25.83 -7.38
CA GLY D 322 11.06 25.48 -6.07
C GLY D 322 12.54 25.16 -6.14
N GLY D 323 13.32 25.91 -5.35
CA GLY D 323 14.74 25.66 -5.18
C GLY D 323 15.28 26.54 -4.05
N ASP D 324 16.25 26.00 -3.30
CA ASP D 324 16.88 26.73 -2.23
C ASP D 324 18.13 27.47 -2.72
N HIS D 325 18.82 26.87 -3.70
CA HIS D 325 20.00 27.45 -4.37
C HIS D 325 19.70 27.47 -5.85
N LEU D 326 20.12 28.54 -6.54
CA LEU D 326 20.17 28.55 -8.01
C LEU D 326 21.49 29.16 -8.49
N HIS D 327 22.04 28.58 -9.56
CA HIS D 327 23.28 29.11 -10.07
C HIS D 327 23.01 30.45 -10.76
N SER D 328 23.77 31.48 -10.38
CA SER D 328 23.56 32.85 -10.90
C SER D 328 24.58 33.27 -11.94
N GLY D 329 25.68 32.52 -12.06
CA GLY D 329 26.83 32.94 -12.88
C GLY D 329 27.85 33.67 -12.02
N THR D 330 29.03 33.93 -12.56
CA THR D 330 30.11 34.56 -11.81
C THR D 330 30.46 35.99 -12.23
N VAL D 331 30.05 36.38 -13.45
CA VAL D 331 30.54 37.60 -14.13
C VAL D 331 32.02 37.50 -14.54
N VAL D 332 32.88 37.17 -13.58
CA VAL D 332 34.32 37.19 -13.76
C VAL D 332 34.96 35.84 -14.09
N GLY D 333 34.16 34.77 -14.03
CA GLY D 333 34.67 33.40 -14.19
C GLY D 333 34.60 32.96 -15.64
N LYS D 334 34.63 31.64 -15.88
CA LYS D 334 34.77 31.08 -17.25
C LYS D 334 33.52 31.12 -18.10
N LEU D 335 32.38 31.45 -17.51
CA LEU D 335 31.13 31.48 -18.28
C LEU D 335 30.52 32.87 -18.30
N GLU D 336 29.87 33.23 -19.41
CA GLU D 336 29.41 34.59 -19.64
C GLU D 336 28.44 35.07 -18.56
N GLY D 337 28.45 36.38 -18.30
CA GLY D 337 27.60 37.00 -17.29
C GLY D 337 27.96 38.48 -17.17
N GLU D 338 27.12 39.33 -17.74
CA GLU D 338 27.30 40.78 -17.64
C GLU D 338 26.90 41.26 -16.23
N ARG D 339 27.66 42.19 -15.67
CA ARG D 339 27.51 42.58 -14.26
C ARG D 339 26.14 43.18 -13.88
N GLU D 340 25.65 44.12 -14.69
CA GLU D 340 24.45 44.89 -14.33
C GLU D 340 23.21 44.01 -14.30
N VAL D 341 23.08 43.20 -15.35
CA VAL D 341 21.94 42.29 -15.49
C VAL D 341 21.93 41.20 -14.38
N THR D 342 23.13 40.72 -14.04
CA THR D 342 23.28 39.77 -12.96
C THR D 342 22.79 40.35 -11.63
N LEU D 343 23.29 41.53 -11.24
CA LEU D 343 22.83 42.19 -9.99
C LEU D 343 21.30 42.34 -9.95
N GLY D 344 20.72 42.52 -11.12
CA GLY D 344 19.28 42.57 -11.31
C GLY D 344 18.61 41.27 -10.95
N PHE D 345 18.94 40.20 -11.69
CA PHE D 345 18.26 38.91 -11.45
C PHE D 345 18.61 38.26 -10.10
N VAL D 346 19.79 38.56 -9.55
CA VAL D 346 20.06 38.17 -8.18
C VAL D 346 19.02 38.77 -7.25
N ASP D 347 18.73 40.06 -7.38
CA ASP D 347 17.66 40.66 -6.56
C ASP D 347 16.33 39.94 -6.74
N LEU D 348 16.01 39.64 -8.01
CA LEU D 348 14.81 38.91 -8.36
C LEU D 348 14.73 37.55 -7.67
N MET D 349 15.89 36.88 -7.58
CA MET D 349 16.04 35.65 -6.81
C MET D 349 15.89 35.86 -5.30
N ARG D 350 16.56 36.86 -4.73
CA ARG D 350 16.62 36.98 -3.27
C ARG D 350 15.51 37.77 -2.56
N ASP D 351 15.02 38.81 -3.21
CA ASP D 351 14.26 39.85 -2.51
C ASP D 351 12.76 39.71 -2.59
N ASP D 352 12.08 40.34 -1.64
CA ASP D 352 10.64 40.27 -1.60
C ASP D 352 9.98 41.23 -2.59
N TYR D 353 10.67 42.33 -2.90
CA TYR D 353 10.12 43.40 -3.77
C TYR D 353 11.19 43.99 -4.67
N VAL D 354 10.98 44.01 -5.98
CA VAL D 354 12.01 44.49 -6.88
C VAL D 354 11.38 45.51 -7.85
N GLU D 355 11.79 46.77 -7.71
CA GLU D 355 11.27 47.88 -8.53
C GLU D 355 11.81 47.78 -9.95
N LYS D 356 10.94 48.08 -10.92
CA LYS D 356 11.33 48.18 -12.33
C LYS D 356 12.62 48.98 -12.44
N ASP D 357 13.56 48.49 -13.24
CA ASP D 357 14.83 49.19 -13.43
C ASP D 357 15.42 48.72 -14.74
N ARG D 358 15.10 49.44 -15.81
CA ARG D 358 15.57 49.07 -17.16
C ARG D 358 17.07 48.99 -17.31
N SER D 359 17.82 49.81 -16.56
CA SER D 359 19.29 49.81 -16.66
C SER D 359 19.81 48.43 -16.29
N ARG D 360 18.99 47.71 -15.52
CA ARG D 360 19.30 46.35 -15.07
C ARG D 360 18.49 45.24 -15.79
N GLY D 361 17.77 45.63 -16.84
CA GLY D 361 16.99 44.68 -17.64
C GLY D 361 15.75 44.17 -16.93
N ILE D 362 15.39 44.77 -15.79
CA ILE D 362 14.17 44.46 -15.06
C ILE D 362 13.06 45.32 -15.64
N TYR D 363 12.17 44.69 -16.41
CA TYR D 363 11.13 45.41 -17.16
C TYR D 363 9.86 45.66 -16.33
N PHE D 364 9.72 44.93 -15.24
CA PHE D 364 8.48 44.96 -14.45
C PHE D 364 8.81 44.95 -12.99
N THR D 365 7.99 45.63 -12.23
CA THR D 365 8.02 45.55 -10.79
C THR D 365 7.49 44.17 -10.40
N GLN D 366 8.35 43.41 -9.73
CA GLN D 366 8.05 42.09 -9.25
C GLN D 366 7.85 42.11 -7.74
N ASP D 367 6.67 41.68 -7.30
CA ASP D 367 6.34 41.55 -5.89
C ASP D 367 6.20 40.06 -5.60
N TRP D 368 7.10 39.49 -4.81
CA TRP D 368 7.09 38.03 -4.55
C TRP D 368 6.13 37.63 -3.41
N SMC D 369 5.43 38.63 -2.87
CA SMC D 369 4.47 38.41 -1.79
CB SMC D 369 3.20 38.08 -2.57
SG SMC D 369 1.67 38.34 -1.61
CS SMC D 369 1.59 40.16 -1.59
C SMC D 369 4.85 37.35 -0.77
O SMC D 369 4.05 36.44 -0.51
N SER D 370 6.06 37.45 -0.18
CA SER D 370 6.60 36.55 0.87
C SER D 370 7.16 35.21 0.46
N MET D 371 7.04 34.86 -0.82
CA MET D 371 7.72 33.67 -1.26
C MET D 371 9.20 33.77 -0.90
N PRO D 372 9.76 32.70 -0.32
CA PRO D 372 11.13 32.76 0.16
C PRO D 372 12.07 33.09 -0.97
N GLY D 373 13.27 33.53 -0.63
CA GLY D 373 14.26 33.79 -1.64
C GLY D 373 15.20 32.64 -1.88
N VAL D 374 15.69 32.56 -3.11
CA VAL D 374 16.64 31.54 -3.51
C VAL D 374 18.06 32.08 -3.34
N MET D 375 18.98 31.25 -2.90
CA MET D 375 20.34 31.68 -2.77
C MET D 375 21.06 31.57 -4.09
N PRO D 376 21.67 32.69 -4.56
CA PRO D 376 22.52 32.63 -5.75
C PRO D 376 23.80 31.85 -5.48
N VAL D 377 24.16 30.97 -6.42
CA VAL D 377 25.41 30.24 -6.34
C VAL D 377 26.27 30.70 -7.50
N ALA D 378 27.51 31.08 -7.16
CA ALA D 378 28.42 31.60 -8.17
C ALA D 378 29.49 30.58 -8.33
N SER D 379 29.58 30.04 -9.54
CA SER D 379 30.46 28.92 -9.77
C SER D 379 31.05 28.96 -11.16
N GLY D 380 32.27 28.46 -11.32
CA GLY D 380 32.79 28.12 -12.65
C GLY D 380 33.95 28.96 -13.14
N GLY D 381 35.15 28.41 -13.02
CA GLY D 381 36.34 29.14 -13.42
C GLY D 381 36.72 30.28 -12.49
N ILE D 382 36.41 30.15 -11.21
CA ILE D 382 36.83 31.16 -10.23
C ILE D 382 37.88 30.61 -9.28
N HIS D 383 38.72 31.51 -8.75
CA HIS D 383 39.76 31.19 -7.81
C HIS D 383 39.95 32.35 -6.83
N VAL D 384 40.88 32.16 -5.89
CA VAL D 384 41.11 33.10 -4.78
C VAL D 384 41.22 34.59 -5.17
N TRP D 385 41.83 34.90 -6.31
CA TRP D 385 41.94 36.30 -6.75
C TRP D 385 40.60 36.94 -7.05
N HIS D 386 39.60 36.12 -7.37
CA HIS D 386 38.25 36.61 -7.67
C HIS D 386 37.46 36.91 -6.37
N MET D 387 37.99 36.46 -5.23
CA MET D 387 37.22 36.43 -3.98
C MET D 387 36.58 37.78 -3.65
N PRO D 388 37.38 38.87 -3.70
CA PRO D 388 36.85 40.17 -3.33
C PRO D 388 35.81 40.64 -4.32
N ALA D 389 36.02 40.42 -5.61
CA ALA D 389 35.02 40.84 -6.62
C ALA D 389 33.70 40.10 -6.39
N LEU D 390 33.82 38.84 -5.98
CA LEU D 390 32.67 38.02 -5.70
C LEU D 390 31.95 38.57 -4.47
N VAL D 391 32.69 38.75 -3.38
CA VAL D 391 32.11 39.25 -2.14
C VAL D 391 31.43 40.62 -2.38
N GLU D 392 32.01 41.38 -3.28
CA GLU D 392 31.51 42.69 -3.59
C GLU D 392 30.19 42.57 -4.34
N ILE D 393 30.14 41.67 -5.32
CA ILE D 393 28.94 41.51 -6.17
C ILE D 393 27.75 40.95 -5.40
N PHE D 394 28.00 39.90 -4.61
CA PHE D 394 26.88 39.12 -4.06
C PHE D 394 26.52 39.41 -2.61
N GLY D 395 27.48 39.87 -1.83
CA GLY D 395 27.23 40.06 -0.42
C GLY D 395 27.32 38.75 0.32
N ASP D 396 26.70 38.70 1.49
CA ASP D 396 26.76 37.49 2.31
C ASP D 396 25.91 36.34 1.75
N ASP D 397 24.74 36.70 1.25
CA ASP D 397 23.72 35.74 0.85
C ASP D 397 24.02 35.22 -0.53
N ALA D 398 25.08 34.43 -0.62
CA ALA D 398 25.39 33.69 -1.82
C ALA D 398 26.23 32.50 -1.43
N CYS D 399 26.45 31.58 -2.38
CA CYS D 399 27.35 30.46 -2.20
C CYS D 399 28.35 30.49 -3.34
N LEU D 400 29.63 30.41 -2.99
CA LEU D 400 30.68 30.55 -3.98
C LEU D 400 31.35 29.23 -4.08
N GLN D 401 31.55 28.80 -5.32
CA GLN D 401 31.99 27.44 -5.59
C GLN D 401 33.30 27.31 -6.34
N PHE D 402 34.18 26.48 -5.79
CA PHE D 402 35.49 26.33 -6.37
C PHE D 402 35.80 24.88 -6.70
N GLY D 403 35.57 24.51 -7.95
CA GLY D 403 35.87 23.17 -8.37
C GLY D 403 37.35 22.99 -8.63
N GLY D 404 37.75 23.38 -9.82
CA GLY D 404 39.18 23.47 -10.17
C GLY D 404 39.87 24.26 -9.09
N GLY D 405 39.23 25.37 -8.71
CA GLY D 405 39.69 26.24 -7.65
C GLY D 405 40.09 25.59 -6.34
N THR D 406 39.76 24.30 -6.18
CA THR D 406 40.07 23.57 -4.96
C THR D 406 40.87 22.31 -5.27
N LEU D 407 40.37 21.51 -6.19
CA LEU D 407 41.07 20.27 -6.52
C LEU D 407 42.22 20.57 -7.46
N GLY D 408 42.31 21.84 -7.87
CA GLY D 408 43.46 22.34 -8.65
C GLY D 408 44.66 22.80 -7.83
N HIS D 409 44.43 23.11 -6.55
CA HIS D 409 45.46 23.55 -5.64
C HIS D 409 46.59 22.53 -5.55
N PRO D 410 47.87 23.00 -5.58
CA PRO D 410 49.06 22.14 -5.63
C PRO D 410 49.29 21.20 -4.45
N TRP D 411 48.67 21.49 -3.30
CA TRP D 411 48.85 20.68 -2.09
C TRP D 411 47.67 19.75 -1.78
N GLY D 412 46.68 19.72 -2.69
CA GLY D 412 45.49 18.87 -2.54
C GLY D 412 44.27 19.61 -2.01
N ASN D 413 43.24 18.82 -1.70
CA ASN D 413 41.91 19.36 -1.41
C ASN D 413 41.81 20.11 -0.08
N ALA D 414 42.32 19.50 0.99
CA ALA D 414 42.23 20.14 2.31
C ALA D 414 42.86 21.54 2.32
N PRO D 415 44.14 21.64 1.87
CA PRO D 415 44.76 22.94 1.64
C PRO D 415 43.96 23.84 0.70
N GLY D 416 43.54 23.32 -0.45
CA GLY D 416 42.74 24.10 -1.39
C GLY D 416 41.53 24.73 -0.72
N ALA D 417 40.87 23.93 0.12
CA ALA D 417 39.67 24.37 0.80
C ALA D 417 40.06 25.49 1.76
N ALA D 418 41.07 25.20 2.59
CA ALA D 418 41.62 26.14 3.57
C ALA D 418 41.93 27.50 2.94
N ALA D 419 42.59 27.46 1.77
CA ALA D 419 42.93 28.67 1.04
C ALA D 419 41.70 29.50 0.75
N ASN D 420 40.69 28.87 0.14
CA ASN D 420 39.50 29.59 -0.24
C ASN D 420 38.77 30.07 1.00
N ARG D 421 38.81 29.28 2.06
CA ARG D 421 38.04 29.65 3.24
C ARG D 421 38.62 30.92 3.86
N VAL D 422 39.94 30.93 3.97
CA VAL D 422 40.71 32.10 4.42
C VAL D 422 40.47 33.35 3.53
N ALA D 423 40.58 33.17 2.21
CA ALA D 423 40.37 34.25 1.28
C ALA D 423 39.00 34.89 1.51
N LEU D 424 37.99 34.04 1.67
CA LEU D 424 36.63 34.50 1.89
C LEU D 424 36.48 35.19 3.26
N GLU D 425 37.01 34.57 4.30
CA GLU D 425 36.93 35.16 5.62
C GLU D 425 37.65 36.53 5.68
N ALA D 426 38.86 36.59 5.10
CA ALA D 426 39.60 37.84 4.95
C ALA D 426 38.76 38.97 4.31
N CYS D 427 38.18 38.73 3.12
CA CYS D 427 37.39 39.75 2.46
C CYS D 427 36.19 40.18 3.30
N THR D 428 35.58 39.22 4.00
CA THR D 428 34.43 39.51 4.86
C THR D 428 34.82 40.45 6.00
N GLN D 429 35.92 40.12 6.68
CA GLN D 429 36.46 40.99 7.74
C GLN D 429 36.71 42.40 7.18
N ALA D 430 37.52 42.47 6.11
CA ALA D 430 37.82 43.72 5.42
C ALA D 430 36.55 44.53 5.14
N ARG D 431 35.61 43.93 4.42
CA ARG D 431 34.33 44.57 4.13
C ARG D 431 33.75 45.18 5.41
N ASN D 432 33.70 44.35 6.46
CA ASN D 432 33.09 44.70 7.74
C ASN D 432 33.80 45.85 8.45
N GLU D 433 35.13 45.82 8.36
CA GLU D 433 36.04 46.85 8.93
C GLU D 433 36.01 48.20 8.20
N GLY D 434 35.28 48.28 7.09
CA GLY D 434 35.06 49.54 6.38
C GLY D 434 35.77 49.66 5.03
N ARG D 435 36.74 48.78 4.79
CA ARG D 435 37.49 48.80 3.54
C ARG D 435 36.56 48.60 2.35
N ASP D 436 36.82 49.33 1.28
CA ASP D 436 36.06 49.22 0.02
C ASP D 436 36.67 48.08 -0.81
N LEU D 437 35.89 47.01 -1.02
CA LEU D 437 36.38 45.83 -1.73
C LEU D 437 36.59 46.01 -3.25
N ALA D 438 35.87 46.97 -3.83
CA ALA D 438 35.98 47.27 -5.26
C ALA D 438 37.36 47.82 -5.63
N ARG D 439 38.01 48.49 -4.67
CA ARG D 439 39.31 49.14 -4.87
C ARG D 439 40.45 48.41 -4.15
N GLU D 440 40.33 48.26 -2.83
CA GLU D 440 41.39 47.61 -2.06
C GLU D 440 41.42 46.08 -2.23
N GLY D 441 40.69 45.58 -3.23
CA GLY D 441 40.55 44.15 -3.48
C GLY D 441 41.87 43.38 -3.43
N GLY D 442 42.71 43.63 -4.43
CA GLY D 442 44.02 42.97 -4.54
C GLY D 442 44.85 43.09 -3.27
N ASP D 443 44.64 44.17 -2.50
CA ASP D 443 45.38 44.39 -1.26
C ASP D 443 45.04 43.39 -0.18
N VAL D 444 43.74 43.21 0.04
CA VAL D 444 43.22 42.27 1.04
C VAL D 444 43.73 40.86 0.76
N ILE D 445 43.62 40.45 -0.51
CA ILE D 445 44.11 39.15 -0.91
C ILE D 445 45.59 39.06 -0.59
N ARG D 446 46.37 40.01 -1.10
CA ARG D 446 47.82 40.01 -0.90
C ARG D 446 48.25 39.92 0.58
N SER D 447 47.69 40.75 1.44
CA SER D 447 47.96 40.67 2.88
C SER D 447 47.78 39.24 3.38
N ALA D 448 46.72 38.59 2.90
CA ALA D 448 46.35 37.26 3.36
C ALA D 448 47.27 36.14 2.83
N CYS D 449 47.88 36.32 1.67
CA CYS D 449 48.85 35.33 1.17
C CYS D 449 50.11 35.33 2.00
N LYS D 450 50.58 36.54 2.32
CA LYS D 450 51.80 36.71 3.10
C LYS D 450 51.57 36.12 4.49
N TRP D 451 50.30 36.00 4.85
CA TRP D 451 49.92 35.47 6.16
C TRP D 451 49.66 33.93 6.19
N SER D 452 48.95 33.41 5.18
CA SER D 452 48.57 32.00 5.11
C SER D 452 49.34 31.24 4.03
N PRO D 453 50.20 30.27 4.44
CA PRO D 453 50.99 29.46 3.50
C PRO D 453 50.13 28.82 2.40
N GLU D 454 48.94 28.32 2.77
CA GLU D 454 48.05 27.60 1.85
C GLU D 454 47.47 28.54 0.84
N LEU D 455 46.97 29.69 1.31
CA LEU D 455 46.47 30.73 0.41
C LEU D 455 47.57 31.24 -0.54
N ALA D 456 48.81 31.27 -0.03
CA ALA D 456 49.94 31.76 -0.79
C ALA D 456 50.20 30.84 -1.97
N ALA D 457 50.31 29.54 -1.71
CA ALA D 457 50.50 28.57 -2.79
C ALA D 457 49.39 28.66 -3.85
N ALA D 458 48.17 28.99 -3.41
CA ALA D 458 47.03 29.16 -4.31
C ALA D 458 47.21 30.41 -5.19
N CYS D 459 47.45 31.57 -4.55
CA CYS D 459 47.69 32.85 -5.23
C CYS D 459 48.79 32.77 -6.28
N GLU D 460 49.84 32.04 -5.94
CA GLU D 460 50.97 31.81 -6.81
C GLU D 460 50.54 31.17 -8.13
N VAL D 461 49.71 30.13 -8.06
CA VAL D 461 49.39 29.32 -9.24
C VAL D 461 48.42 30.00 -10.22
N TRP D 462 47.43 30.71 -9.70
CA TRP D 462 46.40 31.33 -10.55
C TRP D 462 46.50 32.86 -10.65
N LYS D 463 47.68 33.41 -10.30
CA LYS D 463 47.94 34.87 -10.35
C LYS D 463 47.62 35.47 -11.72
N GLU D 464 48.15 34.88 -12.78
CA GLU D 464 47.98 35.39 -14.14
C GLU D 464 46.64 35.11 -14.82
N ILE D 465 45.77 34.33 -14.16
CA ILE D 465 44.60 33.74 -14.83
C ILE D 465 43.34 34.60 -14.76
N LYS D 466 42.90 35.03 -15.94
CA LYS D 466 41.75 35.92 -16.09
C LYS D 466 40.84 35.48 -17.24
N PHE D 467 39.59 35.91 -17.18
CA PHE D 467 38.61 35.59 -18.21
C PHE D 467 37.99 36.87 -18.76
N GLU D 468 38.71 37.46 -19.73
CA GLU D 468 38.28 38.67 -20.40
C GLU D 468 38.39 38.48 -21.90
N PHE D 469 37.34 38.92 -22.59
CA PHE D 469 37.24 38.73 -24.02
C PHE D 469 36.87 40.00 -24.78
N ASP D 470 37.84 40.90 -24.84
CA ASP D 470 38.12 41.74 -26.02
C ASP D 470 37.25 42.97 -26.27
N THR D 471 36.60 43.01 -27.44
CA THR D 471 36.24 44.25 -28.20
C THR D 471 37.53 44.87 -28.74
N ILE D 472 37.67 44.80 -30.06
CA ILE D 472 38.87 45.22 -30.79
C ILE D 472 38.56 46.40 -31.75
N GLU D 473 37.27 46.79 -31.85
CA GLU D 473 36.75 47.78 -32.83
C GLU D 473 36.97 49.30 -32.49
N LYS D 474 36.66 50.17 -33.45
CA LYS D 474 36.63 51.62 -33.26
C LYS D 474 35.38 52.06 -32.48
N ALA E 11 34.12 -42.48 20.93
CA ALA E 11 34.00 -41.63 19.70
C ALA E 11 34.09 -40.15 20.08
N GLY E 12 35.32 -39.63 20.02
CA GLY E 12 35.61 -38.19 20.18
C GLY E 12 36.06 -37.58 18.87
N PHE E 13 36.60 -36.36 18.92
CA PHE E 13 36.94 -35.67 17.71
C PHE E 13 38.32 -36.06 17.20
N LYS E 14 38.35 -36.68 16.04
CA LYS E 14 39.60 -37.10 15.45
C LYS E 14 39.83 -36.34 14.15
N ALA E 15 40.61 -35.26 14.20
CA ALA E 15 40.95 -34.49 12.99
C ALA E 15 41.51 -35.36 11.86
N GLY E 16 41.38 -34.88 10.63
CA GLY E 16 41.90 -35.60 9.46
C GLY E 16 40.88 -36.29 8.57
N VAL E 17 41.34 -36.62 7.37
CA VAL E 17 40.55 -37.31 6.36
C VAL E 17 40.35 -38.79 6.67
N LYS E 18 39.18 -39.30 6.33
CA LYS E 18 38.90 -40.71 6.41
C LYS E 18 37.88 -41.05 5.32
N ASP E 19 37.66 -42.34 5.09
CA ASP E 19 36.75 -42.76 4.04
C ASP E 19 35.31 -42.40 4.35
N TYR E 20 34.58 -41.98 3.33
CA TYR E 20 33.17 -41.69 3.46
C TYR E 20 32.42 -42.97 3.85
N ARG E 21 32.87 -44.10 3.34
CA ARG E 21 32.14 -45.35 3.53
C ARG E 21 31.95 -45.71 4.99
N LEU E 22 32.88 -45.29 5.84
CA LEU E 22 32.78 -45.51 7.30
C LEU E 22 31.49 -44.94 7.90
N THR E 23 31.08 -43.75 7.45
CA THR E 23 29.92 -43.10 8.03
C THR E 23 28.73 -43.17 7.09
N TYR E 24 28.96 -43.11 5.78
CA TYR E 24 27.86 -42.91 4.86
C TYR E 24 27.44 -44.10 3.98
N TYR E 25 28.11 -45.24 4.13
CA TYR E 25 27.64 -46.46 3.51
C TYR E 25 26.98 -47.31 4.58
N THR E 26 25.68 -47.55 4.45
CA THR E 26 24.95 -48.34 5.45
C THR E 26 24.00 -49.32 4.77
N PRO E 27 24.56 -50.44 4.27
CA PRO E 27 23.75 -51.36 3.46
C PRO E 27 22.69 -52.08 4.29
N ASP E 28 22.81 -52.03 5.60
CA ASP E 28 21.87 -52.70 6.50
C ASP E 28 20.68 -51.84 6.97
N TYR E 29 20.67 -50.56 6.52
CA TYR E 29 19.65 -49.58 6.88
C TYR E 29 18.26 -49.91 6.31
N VAL E 30 17.23 -49.80 7.16
CA VAL E 30 15.83 -49.98 6.76
C VAL E 30 15.23 -48.60 6.47
N VAL E 31 14.92 -48.33 5.19
CA VAL E 31 14.39 -47.02 4.77
C VAL E 31 13.08 -46.74 5.50
N ARG E 32 12.88 -45.48 5.91
CA ARG E 32 11.68 -45.07 6.64
C ARG E 32 10.66 -44.52 5.67
N ASP E 33 9.40 -44.52 6.06
CA ASP E 33 8.31 -44.20 5.14
C ASP E 33 8.32 -42.74 4.66
N THR E 34 9.12 -41.94 5.32
CA THR E 34 9.19 -40.50 5.12
C THR E 34 10.54 -40.09 4.51
N ASP E 35 11.46 -41.02 4.33
CA ASP E 35 12.73 -40.70 3.68
C ASP E 35 12.53 -40.34 2.20
N ILE E 36 13.31 -39.39 1.71
CA ILE E 36 13.37 -39.16 0.27
C ILE E 36 14.43 -40.15 -0.20
N LEU E 37 14.13 -40.83 -1.31
CA LEU E 37 15.07 -41.80 -1.88
C LEU E 37 15.52 -41.39 -3.28
N ALA E 38 16.81 -41.54 -3.54
CA ALA E 38 17.38 -41.21 -4.83
C ALA E 38 18.04 -42.43 -5.46
N ALA E 39 17.79 -42.62 -6.74
CA ALA E 39 18.45 -43.64 -7.54
C ALA E 39 19.45 -43.00 -8.51
N PHE E 40 20.73 -43.02 -8.14
CA PHE E 40 21.81 -42.49 -8.97
C PHE E 40 22.47 -43.55 -9.86
N ARG E 41 22.73 -43.17 -11.12
CA ARG E 41 23.51 -44.00 -12.02
C ARG E 41 24.95 -43.55 -11.92
N MET E 42 25.67 -44.21 -11.03
CA MET E 42 27.05 -43.92 -10.69
C MET E 42 28.10 -44.59 -11.60
N THR E 43 29.14 -43.84 -11.98
CA THR E 43 30.26 -44.29 -12.81
C THR E 43 31.55 -43.78 -12.19
N PRO E 44 32.13 -44.54 -11.22
CA PRO E 44 33.30 -44.07 -10.47
C PRO E 44 34.55 -44.01 -11.33
N GLN E 45 35.55 -43.30 -10.86
CA GLN E 45 36.86 -43.34 -11.48
C GLN E 45 37.46 -44.73 -11.23
N PRO E 46 38.34 -45.19 -12.15
CA PRO E 46 39.04 -46.48 -11.97
C PRO E 46 39.76 -46.57 -10.60
N GLY E 47 39.50 -47.65 -9.87
CA GLY E 47 40.13 -47.88 -8.57
C GLY E 47 39.46 -47.20 -7.39
N VAL E 48 38.32 -46.54 -7.63
CA VAL E 48 37.46 -46.02 -6.56
C VAL E 48 36.35 -47.06 -6.27
N PRO E 49 36.42 -47.73 -5.11
CA PRO E 49 35.41 -48.74 -4.82
C PRO E 49 34.01 -48.15 -4.82
N PRO E 50 33.08 -48.76 -5.58
CA PRO E 50 31.66 -48.38 -5.62
C PRO E 50 31.06 -48.02 -4.26
N GLU E 51 31.36 -48.79 -3.21
CA GLU E 51 30.84 -48.47 -1.86
C GLU E 51 31.27 -47.07 -1.43
N GLU E 52 32.55 -46.76 -1.59
CA GLU E 52 33.10 -45.43 -1.25
C GLU E 52 32.57 -44.28 -2.13
N CYS E 53 32.39 -44.54 -3.43
CA CYS E 53 31.80 -43.57 -4.34
C CYS E 53 30.35 -43.23 -3.95
N GLY E 54 29.55 -44.26 -3.65
CA GLY E 54 28.16 -44.07 -3.25
C GLY E 54 28.03 -43.34 -1.92
N ALA E 55 28.99 -43.58 -1.03
CA ALA E 55 28.99 -42.92 0.27
C ALA E 55 29.42 -41.46 0.13
N ALA E 56 30.28 -41.20 -0.86
CA ALA E 56 30.69 -39.83 -1.20
C ALA E 56 29.48 -39.00 -1.64
N VAL E 57 28.73 -39.54 -2.59
CA VAL E 57 27.47 -38.98 -3.04
C VAL E 57 26.49 -38.72 -1.88
N ALA E 58 26.17 -39.77 -1.13
CA ALA E 58 25.30 -39.60 0.02
C ALA E 58 25.84 -38.51 0.98
N ALA E 59 27.15 -38.53 1.21
CA ALA E 59 27.75 -37.65 2.17
C ALA E 59 27.59 -36.20 1.76
N GLU E 60 28.02 -35.90 0.52
CA GLU E 60 28.24 -34.54 0.10
C GLU E 60 26.94 -33.94 -0.43
N SER E 61 25.87 -34.74 -0.34
CA SER E 61 24.53 -34.26 -0.64
C SER E 61 23.67 -34.21 0.63
N SER E 62 24.29 -34.21 1.79
CA SER E 62 23.52 -34.25 3.01
C SER E 62 24.23 -33.51 4.13
N THR E 63 25.12 -34.19 4.85
CA THR E 63 25.77 -33.61 6.02
C THR E 63 27.29 -33.57 5.98
N GLY E 64 27.90 -34.26 5.02
CA GLY E 64 29.38 -34.45 5.01
C GLY E 64 30.27 -33.60 4.11
N THR E 65 31.47 -33.31 4.61
CA THR E 65 32.55 -32.73 3.79
C THR E 65 33.78 -33.68 3.71
N TRP E 66 34.88 -33.17 3.18
CA TRP E 66 36.05 -33.98 2.79
C TRP E 66 36.99 -34.40 3.92
N THR E 67 36.99 -33.64 5.01
CA THR E 67 37.73 -34.00 6.23
C THR E 67 36.78 -33.95 7.43
N THR E 68 37.18 -34.52 8.57
CA THR E 68 36.28 -34.67 9.73
C THR E 68 36.12 -33.36 10.49
N VAL E 69 34.89 -32.94 10.71
CA VAL E 69 34.66 -31.68 11.43
C VAL E 69 34.16 -31.93 12.83
N TRP E 70 34.56 -31.07 13.75
CA TRP E 70 34.28 -31.31 15.15
C TRP E 70 32.85 -31.06 15.53
N THR E 71 32.17 -30.24 14.75
CA THR E 71 30.82 -29.81 15.03
C THR E 71 29.83 -30.96 14.90
N ASP E 72 30.26 -32.04 14.26
CA ASP E 72 29.43 -33.25 14.22
C ASP E 72 28.94 -33.67 15.59
N GLY E 73 29.78 -33.48 16.62
CA GLY E 73 29.42 -33.87 17.97
C GLY E 73 28.22 -33.13 18.56
N LEU E 74 28.03 -31.87 18.14
CA LEU E 74 26.99 -31.00 18.70
C LEU E 74 25.60 -31.42 18.29
N THR E 75 25.52 -32.26 17.27
CA THR E 75 24.25 -32.72 16.71
C THR E 75 24.31 -34.25 16.60
N SER E 76 23.27 -34.87 16.06
CA SER E 76 23.24 -36.31 15.88
C SER E 76 23.34 -36.68 14.40
N LEU E 77 24.56 -36.96 13.94
CA LEU E 77 24.77 -37.34 12.56
C LEU E 77 23.91 -38.53 12.14
N ASP E 78 23.58 -39.41 13.09
CA ASP E 78 22.69 -40.55 12.83
C ASP E 78 21.32 -40.09 12.32
N ARG E 79 20.77 -39.05 12.97
CA ARG E 79 19.47 -38.50 12.61
C ARG E 79 19.42 -37.83 11.22
N TYR E 80 20.52 -37.21 10.83
CA TYR E 80 20.49 -36.30 9.69
C TYR E 80 21.24 -36.77 8.47
N LYS E 81 22.12 -37.76 8.60
CA LYS E 81 23.03 -38.09 7.49
C LYS E 81 22.30 -38.76 6.35
N GLY E 82 22.71 -38.43 5.13
CA GLY E 82 22.31 -39.19 3.93
C GLY E 82 22.95 -40.57 3.99
N ARG E 83 22.23 -41.57 3.49
CA ARG E 83 22.69 -42.94 3.60
C ARG E 83 22.62 -43.70 2.28
N CYS E 84 23.79 -44.09 1.75
CA CYS E 84 23.86 -45.06 0.67
C CYS E 84 23.59 -46.44 1.22
N TYR E 85 22.49 -47.05 0.81
CA TYR E 85 21.99 -48.22 1.50
C TYR E 85 21.84 -49.45 0.58
N ASP E 86 22.33 -49.34 -0.66
CA ASP E 86 22.17 -50.42 -1.65
C ASP E 86 22.86 -50.04 -2.94
N ILE E 87 23.60 -50.99 -3.51
CA ILE E 87 24.21 -50.78 -4.81
C ILE E 87 23.92 -51.99 -5.71
N GLU E 88 23.29 -51.76 -6.85
CA GLU E 88 23.19 -52.77 -7.92
C GLU E 88 24.32 -52.54 -8.92
N PRO E 89 24.90 -53.63 -9.46
CA PRO E 89 25.70 -53.44 -10.68
C PRO E 89 24.75 -53.36 -11.89
N VAL E 90 25.19 -52.65 -12.94
CA VAL E 90 24.36 -52.52 -14.15
C VAL E 90 24.74 -53.60 -15.17
N PRO E 91 23.76 -54.45 -15.53
CA PRO E 91 23.99 -55.47 -16.53
C PRO E 91 24.48 -54.86 -17.86
N GLY E 92 25.49 -55.50 -18.45
CA GLY E 92 26.10 -55.05 -19.70
C GLY E 92 27.02 -53.85 -19.50
N GLU E 93 27.49 -53.65 -18.27
CA GLU E 93 28.31 -52.48 -17.93
C GLU E 93 29.43 -52.79 -16.96
N ASP E 94 30.65 -52.51 -17.41
CA ASP E 94 31.86 -52.75 -16.61
C ASP E 94 31.90 -51.87 -15.35
N ASN E 95 31.83 -50.55 -15.57
CA ASN E 95 32.02 -49.57 -14.50
C ASN E 95 30.83 -48.68 -14.24
N GLN E 96 29.66 -49.29 -14.03
CA GLN E 96 28.45 -48.52 -13.81
C GLN E 96 27.54 -49.17 -12.82
N TYR E 97 27.13 -48.40 -11.82
CA TYR E 97 26.30 -48.90 -10.73
C TYR E 97 25.10 -48.02 -10.48
N ILE E 98 24.02 -48.63 -9.96
CA ILE E 98 22.92 -47.86 -9.40
C ILE E 98 23.15 -47.72 -7.90
N ALA E 99 23.46 -46.50 -7.44
CA ALA E 99 23.54 -46.24 -5.99
C ALA E 99 22.21 -45.70 -5.47
N TYR E 100 21.75 -46.24 -4.35
CA TYR E 100 20.52 -45.81 -3.72
C TYR E 100 20.83 -45.03 -2.46
N VAL E 101 20.19 -43.87 -2.34
CA VAL E 101 20.46 -43.00 -1.21
C VAL E 101 19.14 -42.65 -0.54
N ALA E 102 19.15 -42.68 0.78
CA ALA E 102 18.01 -42.23 1.55
C ALA E 102 18.42 -40.98 2.33
N TYR E 103 17.55 -39.98 2.28
CA TYR E 103 17.72 -38.72 2.97
C TYR E 103 16.54 -38.60 3.90
N HYP E 104 16.79 -38.32 5.19
CA HYP E 104 15.71 -38.00 6.12
C HYP E 104 14.91 -36.78 5.73
O HYP E 104 15.47 -35.82 5.17
CB HYP E 104 16.35 -37.69 7.47
CG HYP E 104 17.71 -38.35 7.34
CD HYP E 104 18.07 -38.31 5.85
OD1 HYP E 104 17.51 -39.69 7.75
N ILE E 105 13.62 -36.80 6.05
CA ILE E 105 12.73 -35.71 5.67
C ILE E 105 13.19 -34.36 6.26
N ASP E 106 13.76 -34.41 7.46
CA ASP E 106 14.30 -33.25 8.14
C ASP E 106 15.26 -32.44 7.31
N LEU E 107 15.75 -33.02 6.22
CA LEU E 107 16.79 -32.35 5.45
C LEU E 107 16.24 -31.28 4.55
N PHE E 108 14.94 -31.28 4.36
CA PHE E 108 14.35 -30.52 3.29
C PHE E 108 13.40 -29.44 3.76
N GLU E 109 13.49 -28.28 3.11
CA GLU E 109 12.52 -27.22 3.32
C GLU E 109 11.19 -27.69 2.79
N GLU E 110 10.16 -27.40 3.54
CA GLU E 110 8.82 -27.68 3.08
C GLU E 110 8.48 -26.82 1.85
N GLY E 111 7.71 -27.38 0.92
CA GLY E 111 7.30 -26.68 -0.28
C GLY E 111 8.39 -26.23 -1.23
N SER E 112 9.64 -26.62 -1.00
CA SER E 112 10.74 -26.09 -1.84
C SER E 112 11.45 -27.10 -2.74
N VAL E 113 10.94 -27.29 -3.96
CA VAL E 113 11.66 -28.07 -4.95
C VAL E 113 13.08 -27.56 -5.09
N THR E 114 13.25 -26.24 -5.09
CA THR E 114 14.58 -25.63 -5.16
C THR E 114 15.53 -26.21 -4.10
N ASN E 115 15.03 -26.35 -2.88
CA ASN E 115 15.88 -26.87 -1.83
C ASN E 115 16.21 -28.32 -2.06
N MET E 116 15.20 -29.14 -2.37
CA MET E 116 15.40 -30.53 -2.67
C MET E 116 16.50 -30.76 -3.74
N PHE E 117 16.44 -30.04 -4.85
CA PHE E 117 17.44 -30.18 -5.87
C PHE E 117 18.79 -29.67 -5.37
N THR E 118 18.77 -28.65 -4.52
CA THR E 118 20.05 -28.12 -4.07
C THR E 118 20.86 -29.21 -3.37
N SER E 119 20.23 -29.92 -2.44
CA SER E 119 20.87 -31.04 -1.77
C SER E 119 21.18 -32.16 -2.75
N ILE E 120 20.16 -32.71 -3.39
CA ILE E 120 20.35 -33.97 -4.09
C ILE E 120 21.23 -33.84 -5.33
N VAL E 121 21.07 -32.77 -6.08
CA VAL E 121 21.90 -32.61 -7.28
C VAL E 121 22.83 -31.41 -7.21
N GLY E 122 23.16 -30.94 -6.00
CA GLY E 122 23.86 -29.67 -5.86
C GLY E 122 25.31 -29.71 -6.27
N ASN E 123 26.09 -30.55 -5.62
CA ASN E 123 27.53 -30.55 -5.79
C ASN E 123 28.12 -31.85 -6.37
N VAL E 124 27.48 -32.99 -6.01
CA VAL E 124 28.02 -34.33 -6.24
C VAL E 124 28.37 -34.69 -7.69
N PHE E 125 27.61 -34.19 -8.66
CA PHE E 125 27.89 -34.49 -10.06
C PHE E 125 29.24 -33.98 -10.54
N GLY E 126 29.89 -33.14 -9.74
CA GLY E 126 31.13 -32.50 -10.15
C GLY E 126 32.35 -33.07 -9.49
N PHE E 127 32.17 -34.13 -8.70
CA PHE E 127 33.26 -34.73 -7.94
C PHE E 127 34.29 -35.33 -8.85
N LYS E 128 35.56 -35.08 -8.51
CA LYS E 128 36.67 -35.68 -9.22
C LYS E 128 36.58 -37.21 -9.15
N ALA E 129 36.18 -37.74 -7.99
CA ALA E 129 36.15 -39.19 -7.75
C ALA E 129 35.15 -40.00 -8.60
N LEU E 130 34.46 -39.35 -9.53
CA LEU E 130 33.57 -40.12 -10.41
C LEU E 130 33.62 -39.57 -11.82
N ARG E 131 33.31 -40.42 -12.78
CA ARG E 131 33.40 -40.06 -14.20
C ARG E 131 32.09 -39.46 -14.67
N ALA E 132 30.99 -40.05 -14.21
CA ALA E 132 29.64 -39.64 -14.62
C ALA E 132 28.58 -39.96 -13.55
N LEU E 133 27.54 -39.15 -13.49
CA LEU E 133 26.46 -39.36 -12.55
C LEU E 133 25.12 -38.99 -13.18
N ARG E 134 24.13 -39.85 -12.97
CA ARG E 134 22.82 -39.55 -13.48
C ARG E 134 21.81 -39.88 -12.41
N LEU E 135 20.98 -38.91 -12.03
CA LEU E 135 19.88 -39.23 -11.14
C LEU E 135 18.73 -39.70 -11.99
N GLU E 136 18.29 -40.92 -11.70
CA GLU E 136 17.31 -41.61 -12.54
C GLU E 136 15.91 -41.48 -12.01
N ASP E 137 15.76 -41.51 -10.68
CA ASP E 137 14.46 -41.38 -10.04
C ASP E 137 14.61 -40.90 -8.59
N LEU E 138 13.54 -40.28 -8.08
CA LEU E 138 13.41 -39.94 -6.67
C LEU E 138 12.12 -40.52 -6.12
N ARG E 139 12.14 -40.90 -4.85
CA ARG E 139 10.93 -41.30 -4.18
C ARG E 139 10.52 -40.15 -3.30
N ILE E 140 9.49 -39.42 -3.71
CA ILE E 140 8.99 -38.34 -2.89
C ILE E 140 7.91 -38.88 -1.98
N PRO E 141 8.19 -38.94 -0.67
CA PRO E 141 7.25 -39.53 0.28
C PRO E 141 6.04 -38.65 0.49
N PRO E 142 4.87 -39.24 0.71
CA PRO E 142 3.65 -38.46 1.04
C PRO E 142 3.86 -37.33 2.07
N ALA E 143 4.63 -37.60 3.12
CA ALA E 143 4.80 -36.58 4.14
C ALA E 143 5.52 -35.34 3.58
N TYR E 144 6.38 -35.52 2.57
CA TYR E 144 6.96 -34.38 1.86
C TYR E 144 6.01 -33.74 0.84
N VAL E 145 5.36 -34.60 0.04
CA VAL E 145 4.37 -34.18 -0.95
C VAL E 145 3.30 -33.25 -0.37
N LYS E 146 2.82 -33.54 0.82
CA LYS E 146 1.76 -32.73 1.43
C LYS E 146 2.23 -31.31 1.76
N THR E 147 3.54 -31.07 1.80
CA THR E 147 4.02 -29.71 2.06
C THR E 147 3.97 -28.76 0.84
N PHE E 148 3.48 -29.27 -0.30
CA PHE E 148 3.55 -28.55 -1.55
C PHE E 148 2.16 -28.15 -1.97
N VAL E 149 2.02 -26.93 -2.48
CA VAL E 149 0.76 -26.46 -3.02
C VAL E 149 0.48 -27.30 -4.24
N GLY E 150 1.52 -27.55 -5.04
CA GLY E 150 1.40 -28.36 -6.24
C GLY E 150 0.62 -27.67 -7.34
N HYP E 151 0.11 -28.45 -8.31
CA HYP E 151 -0.50 -27.86 -9.47
C HYP E 151 -1.66 -26.97 -9.15
O HYP E 151 -2.41 -27.27 -8.22
CB HYP E 151 -0.97 -29.04 -10.28
CG HYP E 151 0.04 -30.09 -9.91
CD HYP E 151 0.10 -29.87 -8.40
OD1 HYP E 151 1.29 -29.72 -10.48
N PRO E 152 -1.80 -25.86 -9.87
CA PRO E 152 -2.84 -24.93 -9.54
C PRO E 152 -4.20 -25.57 -9.66
N HIS E 153 -4.36 -26.49 -10.63
CA HIS E 153 -5.66 -27.07 -10.93
C HIS E 153 -5.64 -28.55 -11.18
N GLY E 154 -4.80 -29.04 -12.09
CA GLY E 154 -4.73 -30.48 -12.33
C GLY E 154 -5.78 -30.89 -13.35
N ILE E 155 -5.67 -32.12 -13.85
CA ILE E 155 -6.45 -32.54 -15.04
C ILE E 155 -7.96 -32.36 -14.87
N GLN E 156 -8.49 -32.91 -13.79
CA GLN E 156 -9.92 -32.97 -13.58
C GLN E 156 -10.52 -31.58 -13.54
N VAL E 157 -9.88 -30.71 -12.77
CA VAL E 157 -10.41 -29.37 -12.56
C VAL E 157 -10.32 -28.63 -13.87
N GLU E 158 -9.18 -28.75 -14.55
CA GLU E 158 -9.02 -28.13 -15.86
C GLU E 158 -10.13 -28.54 -16.83
N ARG E 159 -10.39 -29.84 -16.97
CA ARG E 159 -11.47 -30.29 -17.84
C ARG E 159 -12.79 -29.71 -17.40
N ASP E 160 -13.05 -29.72 -16.10
CA ASP E 160 -14.24 -29.08 -15.61
C ASP E 160 -14.35 -27.61 -15.95
N LYS E 161 -13.24 -26.88 -15.78
CA LYS E 161 -13.23 -25.43 -16.02
C LYS E 161 -13.50 -25.13 -17.49
N LEU E 162 -12.84 -25.89 -18.36
CA LEU E 162 -12.90 -25.68 -19.80
C LEU E 162 -14.17 -26.23 -20.45
N ASN E 163 -14.82 -27.14 -19.72
CA ASN E 163 -15.99 -27.88 -20.17
C ASN E 163 -15.67 -28.74 -21.35
N LYS E 164 -14.58 -29.49 -21.28
CA LYS E 164 -14.13 -30.35 -22.37
C LYS E 164 -13.86 -31.76 -21.93
N TYR E 165 -14.60 -32.70 -22.51
CA TYR E 165 -14.57 -34.11 -22.05
C TYR E 165 -14.52 -35.13 -23.16
N GLY E 166 -13.85 -36.23 -22.90
CA GLY E 166 -13.89 -37.39 -23.78
C GLY E 166 -13.03 -37.34 -25.04
N ARG E 167 -11.94 -36.59 -24.99
CA ARG E 167 -10.94 -36.58 -26.07
C ARG E 167 -9.69 -35.84 -25.67
N GLY E 168 -8.63 -36.04 -26.42
CA GLY E 168 -7.45 -35.20 -26.25
C GLY E 168 -7.79 -33.72 -26.51
N LEU E 169 -6.93 -32.84 -26.02
CA LEU E 169 -7.09 -31.43 -26.31
C LEU E 169 -6.13 -31.08 -27.43
N LEU E 170 -6.52 -30.12 -28.26
CA LEU E 170 -5.71 -29.74 -29.41
C LEU E 170 -5.16 -28.33 -29.32
N GLY E 171 -3.84 -28.25 -29.42
CA GLY E 171 -3.15 -26.98 -29.38
C GLY E 171 -2.30 -26.75 -30.62
N CYS E 172 -1.58 -25.64 -30.61
CA CYS E 172 -0.85 -25.18 -31.78
C CYS E 172 0.12 -24.04 -31.40
N THR E 173 1.40 -24.20 -31.66
CA THR E 173 2.34 -23.12 -31.44
C THR E 173 2.34 -22.24 -32.68
N ILE E 174 2.12 -20.94 -32.53
CA ILE E 174 2.20 -20.05 -33.66
C ILE E 174 3.64 -20.07 -34.17
N LYS E 175 3.80 -19.90 -35.50
CA LYS E 175 5.10 -19.88 -36.16
C LYS E 175 5.06 -18.78 -37.21
N PRO E 176 6.22 -18.20 -37.58
CA PRO E 176 7.59 -18.48 -37.10
C PRO E 176 7.72 -18.21 -35.59
N LYS E 177 8.65 -18.92 -34.95
CA LYS E 177 8.83 -18.80 -33.49
C LYS E 177 8.90 -17.32 -33.16
N LEU E 178 9.87 -16.63 -33.74
CA LEU E 178 10.01 -15.20 -33.55
C LEU E 178 9.78 -14.45 -34.87
N GLY E 179 9.52 -13.15 -34.80
CA GLY E 179 9.40 -12.33 -35.98
C GLY E 179 8.03 -11.78 -36.31
N LEU E 180 6.99 -12.39 -35.76
CA LEU E 180 5.63 -11.90 -36.00
C LEU E 180 5.26 -10.72 -35.11
N SER E 181 4.55 -9.75 -35.69
CA SER E 181 4.04 -8.62 -34.92
C SER E 181 2.84 -9.05 -34.07
N ALA E 182 2.51 -8.24 -33.06
CA ALA E 182 1.36 -8.54 -32.22
C ALA E 182 0.07 -8.76 -33.02
N LYS E 183 -0.19 -7.86 -33.97
CA LYS E 183 -1.40 -7.91 -34.78
C LYS E 183 -1.45 -9.20 -35.60
N ASN E 184 -0.32 -9.55 -36.20
CA ASN E 184 -0.24 -10.76 -37.02
C ASN E 184 -0.34 -12.01 -36.16
N TYR E 185 0.24 -11.95 -34.96
CA TYR E 185 0.12 -13.03 -33.99
C TYR E 185 -1.34 -13.32 -33.71
N GLY E 186 -2.11 -12.29 -33.35
CA GLY E 186 -3.53 -12.48 -33.08
C GLY E 186 -4.32 -13.01 -34.25
N ARG E 187 -3.96 -12.57 -35.45
CA ARG E 187 -4.59 -13.01 -36.68
C ARG E 187 -4.38 -14.49 -36.89
N ALA E 188 -3.16 -14.95 -36.61
CA ALA E 188 -2.86 -16.34 -36.81
C ALA E 188 -3.63 -17.13 -35.76
N VAL E 189 -3.68 -16.58 -34.56
CA VAL E 189 -4.35 -17.22 -33.43
C VAL E 189 -5.83 -17.46 -33.75
N TYR E 190 -6.50 -16.41 -34.18
CA TYR E 190 -7.91 -16.50 -34.50
C TYR E 190 -8.21 -17.58 -35.55
N GLU E 191 -7.39 -17.61 -36.62
CA GLU E 191 -7.60 -18.56 -37.68
C GLU E 191 -7.40 -20.01 -37.17
N CYS E 192 -6.32 -20.29 -36.45
CA CYS E 192 -6.13 -21.60 -35.84
C CYS E 192 -7.27 -21.98 -34.90
N LEU E 193 -7.66 -21.05 -34.03
CA LEU E 193 -8.63 -21.39 -33.01
C LEU E 193 -9.99 -21.70 -33.61
N ARG E 194 -10.43 -20.88 -34.57
CA ARG E 194 -11.74 -21.03 -35.21
C ARG E 194 -11.91 -22.32 -36.06
N GLY E 195 -10.79 -22.90 -36.49
CA GLY E 195 -10.79 -24.15 -37.23
C GLY E 195 -11.07 -25.39 -36.38
N GLY E 196 -11.01 -25.25 -35.05
CA GLY E 196 -11.36 -26.36 -34.17
C GLY E 196 -10.31 -26.83 -33.18
N LEU E 197 -9.20 -26.12 -33.12
CA LEU E 197 -8.21 -26.28 -32.06
C LEU E 197 -8.74 -25.67 -30.78
N ASP E 198 -8.33 -26.26 -29.67
CA ASP E 198 -8.72 -25.80 -28.35
C ASP E 198 -7.84 -24.65 -27.94
N PHE E 199 -6.55 -24.83 -28.15
CA PHE E 199 -5.53 -23.92 -27.71
C PHE E 199 -4.55 -23.48 -28.79
N THR E 200 -4.03 -22.27 -28.63
CA THR E 200 -2.80 -21.90 -29.31
C THR E 200 -1.86 -21.39 -28.27
N KCX E 201 -0.60 -21.22 -28.64
CA KCX E 201 0.37 -20.79 -27.67
CB KCX E 201 0.97 -22.01 -26.96
CG KCX E 201 1.82 -22.91 -27.83
CD KCX E 201 2.28 -24.11 -27.04
CE KCX E 201 3.39 -23.80 -26.08
NZ KCX E 201 4.59 -23.35 -26.82
C KCX E 201 1.46 -19.91 -28.22
O KCX E 201 1.78 -19.95 -29.41
CX KCX E 201 5.48 -24.18 -27.34
OQ1 KCX E 201 6.44 -23.72 -27.95
OQ2 KCX E 201 5.37 -25.41 -27.22
N ASP E 202 2.04 -19.10 -27.35
CA ASP E 202 3.24 -18.35 -27.67
C ASP E 202 4.32 -19.39 -27.75
N ASP E 203 5.30 -19.18 -28.62
CA ASP E 203 6.43 -20.11 -28.64
C ASP E 203 7.19 -19.90 -27.33
N GLU E 204 7.93 -20.92 -26.90
CA GLU E 204 8.66 -20.85 -25.64
C GLU E 204 9.53 -19.61 -25.52
N ASN E 205 10.11 -19.15 -26.64
CA ASN E 205 10.97 -17.96 -26.63
C ASN E 205 10.26 -16.64 -26.99
N VAL E 206 8.96 -16.70 -27.22
CA VAL E 206 8.14 -15.50 -27.37
C VAL E 206 7.84 -14.89 -26.00
N ASN E 207 8.51 -13.79 -25.68
CA ASN E 207 8.35 -13.16 -24.38
C ASN E 207 7.95 -11.73 -24.63
N SER E 208 8.93 -10.85 -24.61
CA SER E 208 8.72 -9.49 -25.05
C SER E 208 9.95 -9.07 -25.83
N GLN E 209 9.79 -8.73 -27.09
CA GLN E 209 10.93 -8.42 -27.94
C GLN E 209 10.65 -7.16 -28.81
N PRO E 210 11.71 -6.61 -29.42
CA PRO E 210 11.53 -5.47 -30.31
C PRO E 210 10.48 -5.67 -31.41
N PHE E 211 10.35 -6.87 -31.97
CA PHE E 211 9.37 -7.05 -33.05
C PHE E 211 7.93 -7.19 -32.53
N MET E 212 7.78 -7.51 -31.24
CA MET E 212 6.46 -7.69 -30.61
C MET E 212 6.54 -7.60 -29.08
N ARG E 213 6.10 -6.48 -28.52
CA ARG E 213 6.08 -6.30 -27.06
C ARG E 213 4.91 -7.06 -26.45
N TRP E 214 5.17 -7.72 -25.33
CA TRP E 214 4.19 -8.65 -24.73
C TRP E 214 2.78 -8.11 -24.54
N ARG E 215 2.61 -6.88 -24.03
CA ARG E 215 1.27 -6.40 -23.74
C ARG E 215 0.46 -6.25 -25.01
N ASP E 216 1.10 -5.71 -26.04
CA ASP E 216 0.47 -5.66 -27.34
C ASP E 216 -0.02 -7.03 -27.78
N ARG E 217 0.83 -8.06 -27.66
CA ARG E 217 0.41 -9.42 -27.97
C ARG E 217 -0.80 -9.85 -27.15
N PHE E 218 -0.72 -9.66 -25.83
CA PHE E 218 -1.74 -10.16 -24.94
C PHE E 218 -3.07 -9.63 -25.40
N LEU E 219 -3.13 -8.31 -25.67
CA LEU E 219 -4.40 -7.68 -26.06
C LEU E 219 -5.01 -8.25 -27.33
N PHE E 220 -4.18 -8.35 -28.37
CA PHE E 220 -4.64 -8.87 -29.64
C PHE E 220 -5.00 -10.33 -29.51
N VAL E 221 -4.24 -11.12 -28.76
CA VAL E 221 -4.56 -12.53 -28.59
C VAL E 221 -5.88 -12.66 -27.82
N ALA E 222 -6.12 -11.74 -26.90
CA ALA E 222 -7.35 -11.80 -26.13
C ALA E 222 -8.49 -11.64 -27.07
N GLU E 223 -8.37 -10.67 -27.96
CA GLU E 223 -9.42 -10.42 -28.96
C GLU E 223 -9.64 -11.62 -29.87
N ALA E 224 -8.55 -12.23 -30.33
CA ALA E 224 -8.65 -13.43 -31.13
C ALA E 224 -9.39 -14.53 -30.36
N ILE E 225 -8.98 -14.78 -29.11
CA ILE E 225 -9.63 -15.79 -28.29
C ILE E 225 -11.13 -15.58 -28.25
N TYR E 226 -11.60 -14.35 -28.08
CA TYR E 226 -13.05 -14.10 -27.92
C TYR E 226 -13.85 -14.18 -29.22
N LYS E 227 -13.24 -13.71 -30.31
CA LYS E 227 -13.82 -13.88 -31.63
C LYS E 227 -14.00 -15.36 -31.96
N ALA E 228 -12.96 -16.18 -31.78
CA ALA E 228 -13.02 -17.61 -32.08
C ALA E 228 -14.02 -18.33 -31.19
N GLN E 229 -14.06 -17.94 -29.93
CA GLN E 229 -14.97 -18.56 -29.03
C GLN E 229 -16.42 -18.27 -29.44
N ALA E 230 -16.74 -17.03 -29.79
CA ALA E 230 -18.11 -16.66 -30.19
C ALA E 230 -18.54 -17.33 -31.51
N GLU E 231 -17.59 -17.44 -32.42
CA GLU E 231 -17.81 -18.02 -33.72
C GLU E 231 -18.04 -19.55 -33.61
N THR E 232 -17.20 -20.24 -32.86
CA THR E 232 -17.37 -21.69 -32.72
C THR E 232 -18.35 -22.09 -31.64
N GLY E 233 -18.52 -21.26 -30.62
CA GLY E 233 -19.34 -21.63 -29.47
C GLY E 233 -18.67 -22.66 -28.56
N GLU E 234 -17.42 -22.99 -28.82
CA GLU E 234 -16.63 -23.81 -27.88
C GLU E 234 -15.64 -22.92 -27.12
N VAL E 235 -15.32 -23.27 -25.88
CA VAL E 235 -14.34 -22.53 -25.09
C VAL E 235 -12.96 -22.61 -25.77
N LYS E 236 -12.30 -21.46 -25.92
CA LYS E 236 -10.98 -21.37 -26.54
C LYS E 236 -9.97 -20.74 -25.61
N GLY E 237 -8.70 -21.06 -25.84
CA GLY E 237 -7.61 -20.52 -25.02
C GLY E 237 -6.35 -20.35 -25.83
N HIS E 238 -5.43 -19.53 -25.34
CA HIS E 238 -4.11 -19.34 -25.90
C HIS E 238 -3.15 -19.18 -24.74
N TYR E 239 -2.10 -19.99 -24.69
CA TYR E 239 -1.19 -19.86 -23.57
C TYR E 239 -0.31 -18.62 -23.72
N LEU E 240 -0.71 -17.51 -23.11
CA LEU E 240 0.13 -16.32 -23.09
C LEU E 240 1.33 -16.50 -22.19
N ASN E 241 2.51 -16.17 -22.69
CA ASN E 241 3.74 -16.53 -21.97
C ASN E 241 4.10 -15.53 -20.88
N ALA E 242 4.26 -16.02 -19.65
CA ALA E 242 4.65 -15.13 -18.59
C ALA E 242 6.13 -15.21 -18.26
N THR E 243 6.88 -16.07 -18.94
CA THR E 243 8.32 -16.24 -18.69
C THR E 243 8.90 -14.88 -18.90
N ALA E 244 9.81 -14.48 -18.02
CA ALA E 244 10.40 -13.15 -18.06
C ALA E 244 11.73 -13.10 -17.31
N GLY E 245 12.39 -11.94 -17.35
CA GLY E 245 13.71 -11.78 -16.76
C GLY E 245 13.70 -11.75 -15.25
N THR E 246 12.66 -11.21 -14.66
CA THR E 246 12.57 -11.00 -13.19
C THR E 246 11.19 -11.45 -12.70
N CYS E 247 11.06 -11.82 -11.42
CA CYS E 247 9.74 -12.23 -10.92
C CYS E 247 8.75 -11.12 -11.09
N GLU E 248 9.17 -9.88 -10.93
CA GLU E 248 8.25 -8.77 -10.97
C GLU E 248 7.63 -8.72 -12.34
N GLU E 249 8.44 -8.90 -13.39
CA GLU E 249 7.94 -8.90 -14.77
C GLU E 249 7.02 -10.08 -15.06
N MET E 250 7.39 -11.25 -14.56
CA MET E 250 6.60 -12.44 -14.73
C MET E 250 5.22 -12.27 -14.11
N MET E 251 5.16 -11.75 -12.90
CA MET E 251 3.91 -11.42 -12.25
C MET E 251 3.09 -10.34 -12.96
N LYS E 252 3.76 -9.37 -13.58
CA LYS E 252 3.08 -8.26 -14.25
C LYS E 252 2.28 -8.83 -15.40
N ARG E 253 2.91 -9.74 -16.12
CA ARG E 253 2.29 -10.45 -17.23
C ARG E 253 1.15 -11.39 -16.82
N ALA E 254 1.32 -12.11 -15.70
CA ALA E 254 0.26 -12.97 -15.22
C ALA E 254 -0.96 -12.16 -14.83
N VAL E 255 -0.74 -11.06 -14.11
CA VAL E 255 -1.80 -10.12 -13.73
C VAL E 255 -2.62 -9.61 -14.92
N SMC E 256 -1.94 -9.27 -16.01
CA SMC E 256 -2.60 -8.69 -17.16
CB SMC E 256 -1.50 -8.15 -18.05
SG SMC E 256 -2.13 -7.72 -19.69
CS SMC E 256 -3.33 -6.37 -19.45
C SMC E 256 -3.40 -9.73 -17.88
O SMC E 256 -4.49 -9.43 -18.37
N ALA E 257 -2.88 -10.95 -17.97
CA ALA E 257 -3.67 -12.07 -18.48
C ALA E 257 -4.92 -12.25 -17.64
N LYS E 258 -4.77 -12.27 -16.31
CA LYS E 258 -5.94 -12.33 -15.41
C LYS E 258 -6.95 -11.20 -15.70
N GLU E 259 -6.44 -9.99 -15.77
CA GLU E 259 -7.25 -8.81 -15.99
C GLU E 259 -7.99 -8.88 -17.30
N LEU E 260 -7.44 -9.58 -18.28
CA LEU E 260 -8.09 -9.74 -19.58
C LEU E 260 -9.09 -10.89 -19.57
N GLY E 261 -9.14 -11.63 -18.48
CA GLY E 261 -10.10 -12.72 -18.39
C GLY E 261 -9.74 -13.98 -19.15
N VAL E 262 -8.57 -14.02 -19.77
CA VAL E 262 -8.16 -15.23 -20.50
C VAL E 262 -7.90 -16.45 -19.60
N PRO E 263 -8.23 -17.64 -20.08
CA PRO E 263 -8.14 -18.84 -19.24
C PRO E 263 -6.78 -19.39 -18.89
N ILE E 264 -5.75 -19.07 -19.65
CA ILE E 264 -4.52 -19.86 -19.49
C ILE E 264 -3.23 -19.12 -19.81
N ILE E 265 -2.21 -19.30 -18.98
CA ILE E 265 -0.88 -18.80 -19.30
C ILE E 265 0.17 -19.93 -19.29
N MET E 266 1.37 -19.63 -19.81
CA MET E 266 2.50 -20.59 -19.79
C MET E 266 3.78 -20.04 -19.15
N HIS E 267 4.68 -20.94 -18.77
CA HIS E 267 5.93 -20.58 -18.15
C HIS E 267 6.95 -21.61 -18.55
N ASP E 268 8.19 -21.20 -18.78
CA ASP E 268 9.30 -22.12 -19.01
C ASP E 268 9.95 -22.41 -17.67
N TYR E 269 9.60 -23.52 -17.06
CA TYR E 269 9.98 -23.67 -15.68
C TYR E 269 11.45 -23.84 -15.42
N LEU E 270 12.19 -24.36 -16.39
CA LEU E 270 13.62 -24.54 -16.21
C LEU E 270 14.42 -23.32 -16.54
N THR E 271 14.12 -22.65 -17.64
CA THR E 271 14.85 -21.40 -17.94
C THR E 271 14.44 -20.22 -16.98
N GLY E 272 13.16 -20.12 -16.66
CA GLY E 272 12.69 -19.24 -15.57
C GLY E 272 13.17 -19.67 -14.18
N GLY E 273 13.04 -20.96 -13.88
CA GLY E 273 13.59 -21.55 -12.64
C GLY E 273 12.52 -21.90 -11.63
N PHE E 274 12.84 -22.84 -10.75
CA PHE E 274 11.83 -23.42 -9.89
C PHE E 274 11.24 -22.39 -8.96
N THR E 275 12.09 -21.52 -8.44
CA THR E 275 11.60 -20.50 -7.50
C THR E 275 10.56 -19.60 -8.17
N ALA E 276 10.88 -19.10 -9.36
CA ALA E 276 9.94 -18.27 -10.09
C ALA E 276 8.68 -19.09 -10.37
N ASN E 277 8.87 -20.35 -10.73
CA ASN E 277 7.75 -21.15 -11.17
C ASN E 277 6.77 -21.44 -10.07
N THR E 278 7.26 -21.67 -8.86
CA THR E 278 6.42 -21.96 -7.73
C THR E 278 5.60 -20.74 -7.39
N SER E 279 6.21 -19.57 -7.44
CA SER E 279 5.51 -18.31 -7.23
C SER E 279 4.38 -18.19 -8.20
N LEU E 280 4.61 -18.55 -9.44
CA LEU E 280 3.57 -18.38 -10.47
C LEU E 280 2.46 -19.39 -10.29
N ALA E 281 2.85 -20.64 -9.96
CA ALA E 281 1.88 -21.69 -9.70
C ALA E 281 0.90 -21.24 -8.61
N ILE E 282 1.44 -20.63 -7.56
CA ILE E 282 0.64 -20.16 -6.45
C ILE E 282 -0.28 -19.01 -6.90
N TYR E 283 0.24 -18.13 -7.76
CA TYR E 283 -0.55 -17.01 -8.26
C TYR E 283 -1.72 -17.54 -9.08
N CYS E 284 -1.46 -18.56 -9.90
CA CYS E 284 -2.51 -19.17 -10.71
C CYS E 284 -3.58 -19.81 -9.85
N ARG E 285 -3.19 -20.55 -8.81
CA ARG E 285 -4.15 -21.13 -7.85
C ARG E 285 -5.06 -20.05 -7.22
N ASP E 286 -4.45 -18.95 -6.84
CA ASP E 286 -5.16 -17.88 -6.15
C ASP E 286 -6.09 -17.05 -7.04
N ASN E 287 -6.00 -17.26 -8.36
CA ASN E 287 -6.71 -16.44 -9.34
C ASN E 287 -7.32 -17.28 -10.45
N GLY E 288 -7.24 -18.58 -10.30
CA GLY E 288 -7.90 -19.52 -11.20
C GLY E 288 -7.43 -19.38 -12.64
N LEU E 289 -6.12 -19.28 -12.84
CA LEU E 289 -5.52 -19.36 -14.16
C LEU E 289 -4.93 -20.75 -14.43
N LEU E 290 -5.18 -21.27 -15.62
CA LEU E 290 -4.55 -22.52 -15.94
C LEU E 290 -3.08 -22.27 -16.27
N LEU E 291 -2.21 -23.20 -15.90
CA LEU E 291 -0.79 -22.94 -16.08
C LEU E 291 -0.16 -23.99 -16.96
N HIS E 292 0.24 -23.59 -18.15
CA HIS E 292 0.89 -24.49 -19.10
C HIS E 292 2.39 -24.46 -18.95
N ILE E 293 3.01 -25.56 -18.57
CA ILE E 293 4.47 -25.54 -18.36
C ILE E 293 5.28 -26.05 -19.55
N HIS E 294 6.20 -25.24 -20.07
CA HIS E 294 7.08 -25.64 -21.15
C HIS E 294 8.40 -26.06 -20.56
N ARG E 295 8.99 -27.13 -21.09
CA ARG E 295 10.21 -27.71 -20.50
C ARG E 295 11.47 -27.31 -21.23
N ALA E 296 11.41 -26.22 -21.98
CA ALA E 296 12.62 -25.62 -22.54
C ALA E 296 13.86 -25.88 -21.67
N MET E 297 14.91 -26.42 -22.30
CA MET E 297 16.22 -26.66 -21.71
C MET E 297 16.37 -28.03 -21.05
N HIS E 298 15.30 -28.82 -20.97
CA HIS E 298 15.38 -30.13 -20.32
C HIS E 298 16.44 -31.04 -20.94
N ALA E 299 16.51 -31.04 -22.27
CA ALA E 299 17.42 -31.91 -23.03
C ALA E 299 18.91 -31.66 -22.73
N VAL E 300 19.22 -30.45 -22.26
CA VAL E 300 20.58 -30.15 -21.81
C VAL E 300 20.94 -31.06 -20.63
N ILE E 301 19.92 -31.47 -19.88
CA ILE E 301 20.06 -32.18 -18.59
C ILE E 301 19.73 -33.69 -18.66
N ASP E 302 18.81 -34.07 -19.54
CA ASP E 302 18.15 -35.37 -19.47
C ASP E 302 18.34 -36.29 -20.68
N ARG E 303 19.05 -35.81 -21.69
CA ARG E 303 19.24 -36.51 -22.95
C ARG E 303 20.18 -37.71 -22.83
N GLN E 304 21.35 -37.54 -22.23
CA GLN E 304 22.34 -38.61 -22.16
C GLN E 304 22.04 -39.62 -21.06
N ARG E 305 22.43 -40.87 -21.27
CA ARG E 305 22.14 -41.98 -20.35
C ARG E 305 23.13 -42.01 -19.19
N ASN E 306 24.35 -41.56 -19.44
CA ASN E 306 25.45 -41.71 -18.48
C ASN E 306 25.52 -40.61 -17.44
N HIS E 307 25.03 -39.42 -17.79
CA HIS E 307 25.17 -38.22 -16.94
C HIS E 307 23.94 -37.36 -17.02
N GLY E 308 23.53 -36.81 -15.89
CA GLY E 308 22.48 -35.82 -15.88
C GLY E 308 21.39 -36.12 -14.90
N ILE E 309 20.20 -35.63 -15.21
CA ILE E 309 19.02 -35.98 -14.46
C ILE E 309 18.00 -36.44 -15.49
N HIS E 310 17.41 -37.61 -15.28
CA HIS E 310 16.42 -38.13 -16.20
C HIS E 310 15.18 -37.28 -16.13
N PHE E 311 14.43 -37.23 -17.22
CA PHE E 311 13.23 -36.41 -17.27
C PHE E 311 12.17 -36.76 -16.23
N ARG E 312 12.05 -38.02 -15.86
CA ARG E 312 10.95 -38.39 -14.93
C ARG E 312 11.15 -37.65 -13.61
N VAL E 313 12.41 -37.46 -13.22
CA VAL E 313 12.71 -36.65 -12.05
C VAL E 313 12.33 -35.17 -12.25
N LEU E 314 12.66 -34.61 -13.42
CA LEU E 314 12.27 -33.25 -13.74
C LEU E 314 10.75 -33.13 -13.80
N ALA E 315 10.04 -34.23 -14.01
CA ALA E 315 8.59 -34.13 -14.12
C ALA E 315 7.96 -34.20 -12.73
N LYS E 316 8.48 -35.07 -11.89
CA LYS E 316 8.00 -35.13 -10.53
C LYS E 316 8.17 -33.73 -9.95
N ALA E 317 9.38 -33.17 -10.11
CA ALA E 317 9.77 -31.83 -9.66
C ALA E 317 8.80 -30.75 -10.09
N LEU E 318 8.45 -30.75 -11.37
CA LEU E 318 7.48 -29.80 -11.86
C LEU E 318 6.13 -30.04 -11.24
N ARG E 319 5.76 -31.30 -11.03
CA ARG E 319 4.44 -31.60 -10.47
C ARG E 319 4.29 -31.00 -9.06
N MET E 320 5.38 -31.00 -8.32
CA MET E 320 5.42 -30.45 -6.97
C MET E 320 5.47 -28.93 -6.99
N SER E 321 6.30 -28.38 -7.87
CA SER E 321 6.38 -26.94 -7.98
C SER E 321 5.04 -26.34 -8.41
N GLY E 322 4.38 -27.00 -9.36
CA GLY E 322 3.11 -26.52 -9.83
C GLY E 322 3.05 -26.35 -11.33
N GLY E 323 2.13 -27.10 -11.94
CA GLY E 323 1.74 -26.90 -13.34
C GLY E 323 0.56 -27.78 -13.72
N ASP E 324 -0.32 -27.24 -14.56
CA ASP E 324 -1.47 -27.94 -15.05
C ASP E 324 -1.16 -28.81 -16.27
N HIS E 325 -0.21 -28.37 -17.10
CA HIS E 325 0.21 -29.08 -18.30
C HIS E 325 1.72 -29.17 -18.22
N LEU E 326 2.28 -30.27 -18.70
CA LEU E 326 3.71 -30.35 -18.91
C LEU E 326 4.01 -31.13 -20.19
N HIS E 327 4.93 -30.59 -20.98
CA HIS E 327 5.32 -31.24 -22.22
C HIS E 327 5.95 -32.60 -21.93
N SER E 328 5.42 -33.64 -22.57
CA SER E 328 5.91 -35.01 -22.31
C SER E 328 6.77 -35.59 -23.40
N GLY E 329 6.80 -34.93 -24.55
CA GLY E 329 7.44 -35.48 -25.73
C GLY E 329 6.42 -36.23 -26.54
N THR E 330 6.81 -36.70 -27.72
CA THR E 330 5.88 -37.29 -28.66
C THR E 330 6.17 -38.74 -28.94
N VAL E 331 7.42 -39.15 -28.70
CA VAL E 331 7.94 -40.45 -29.16
C VAL E 331 8.20 -40.45 -30.68
N VAL E 332 7.16 -40.14 -31.46
CA VAL E 332 7.16 -40.27 -32.92
C VAL E 332 7.53 -39.01 -33.73
N GLY E 333 7.63 -37.86 -33.05
CA GLY E 333 7.87 -36.56 -33.71
C GLY E 333 9.34 -36.24 -33.85
N LYS E 334 9.67 -34.96 -33.91
CA LYS E 334 11.04 -34.49 -34.21
C LYS E 334 12.06 -34.53 -33.06
N LEU E 335 11.56 -34.66 -31.83
CA LEU E 335 12.43 -34.71 -30.64
C LEU E 335 12.42 -36.07 -29.93
N GLU E 336 13.57 -36.48 -29.41
CA GLU E 336 13.75 -37.85 -28.88
C GLU E 336 12.76 -38.22 -27.76
N GLY E 337 12.57 -39.51 -27.55
CA GLY E 337 11.64 -39.98 -26.55
C GLY E 337 11.27 -41.43 -26.79
N GLU E 338 11.92 -42.32 -26.04
CA GLU E 338 11.65 -43.75 -26.11
C GLU E 338 10.28 -44.09 -25.52
N ARG E 339 9.57 -45.02 -26.17
CA ARG E 339 8.15 -45.32 -25.86
C ARG E 339 7.83 -45.79 -24.42
N GLU E 340 8.60 -46.75 -23.93
CA GLU E 340 8.32 -47.37 -22.62
C GLU E 340 8.55 -46.40 -21.47
N VAL E 341 9.72 -45.76 -21.48
CA VAL E 341 10.10 -44.73 -20.49
C VAL E 341 9.06 -43.58 -20.42
N THR E 342 8.63 -43.09 -21.60
CA THR E 342 7.60 -42.07 -21.71
C THR E 342 6.27 -42.51 -21.09
N LEU E 343 5.85 -43.76 -21.33
CA LEU E 343 4.56 -44.23 -20.79
C LEU E 343 4.63 -44.23 -19.28
N GLY E 344 5.86 -44.39 -18.78
CA GLY E 344 6.10 -44.45 -17.37
C GLY E 344 5.94 -43.08 -16.76
N PHE E 345 6.69 -42.13 -17.28
CA PHE E 345 6.67 -40.80 -16.67
C PHE E 345 5.35 -40.05 -16.87
N VAL E 346 4.63 -40.40 -17.95
CA VAL E 346 3.26 -39.95 -18.11
C VAL E 346 2.44 -40.43 -16.93
N ASP E 347 2.68 -41.66 -16.48
CA ASP E 347 1.90 -42.21 -15.38
C ASP E 347 2.24 -41.46 -14.09
N LEU E 348 3.53 -41.29 -13.89
CA LEU E 348 4.06 -40.43 -12.81
C LEU E 348 3.48 -38.98 -12.78
N MET E 349 3.18 -38.42 -13.96
CA MET E 349 2.61 -37.09 -14.07
C MET E 349 1.14 -37.08 -13.71
N ARG E 350 0.38 -38.08 -14.17
CA ARG E 350 -1.08 -38.09 -14.10
C ARG E 350 -1.69 -38.83 -12.90
N ASP E 351 -1.03 -39.90 -12.47
CA ASP E 351 -1.71 -40.83 -11.60
C ASP E 351 -1.50 -40.57 -10.14
N ASP E 352 -2.42 -41.03 -9.32
CA ASP E 352 -2.27 -40.90 -7.91
C ASP E 352 -1.26 -41.87 -7.28
N TYR E 353 -1.07 -43.04 -7.91
CA TYR E 353 -0.22 -44.10 -7.34
C TYR E 353 0.43 -44.90 -8.47
N VAL E 354 1.75 -44.96 -8.44
CA VAL E 354 2.49 -45.61 -9.52
C VAL E 354 3.47 -46.65 -8.93
N GLU E 355 3.23 -47.93 -9.27
CA GLU E 355 3.99 -49.05 -8.73
C GLU E 355 5.35 -49.09 -9.41
N LYS E 356 6.36 -49.46 -8.64
CA LYS E 356 7.72 -49.70 -9.15
C LYS E 356 7.66 -50.61 -10.37
N ASP E 357 8.36 -50.23 -11.43
CA ASP E 357 8.40 -51.01 -12.67
C ASP E 357 9.68 -50.65 -13.41
N ARG E 358 10.73 -51.43 -13.19
CA ARG E 358 12.02 -51.18 -13.84
C ARG E 358 12.00 -51.26 -15.37
N SER E 359 10.98 -51.91 -15.94
CA SER E 359 10.85 -52.03 -17.42
C SER E 359 10.50 -50.69 -18.06
N ARG E 360 9.99 -49.79 -17.22
CA ARG E 360 9.64 -48.44 -17.63
C ARG E 360 10.53 -47.37 -16.98
N GLY E 361 11.59 -47.81 -16.29
CA GLY E 361 12.56 -46.90 -15.67
C GLY E 361 12.06 -46.32 -14.36
N ILE E 362 10.94 -46.82 -13.87
CA ILE E 362 10.40 -46.42 -12.57
C ILE E 362 11.08 -47.23 -11.43
N TYR E 363 12.01 -46.58 -10.74
CA TYR E 363 12.79 -47.24 -9.70
C TYR E 363 12.13 -47.32 -8.34
N PHE E 364 11.07 -46.53 -8.12
CA PHE E 364 10.39 -46.48 -6.82
C PHE E 364 8.90 -46.39 -6.97
N THR E 365 8.19 -46.92 -5.99
CA THR E 365 6.76 -46.73 -5.92
C THR E 365 6.51 -45.30 -5.45
N GLN E 366 5.75 -44.57 -6.25
CA GLN E 366 5.45 -43.18 -6.00
C GLN E 366 3.97 -43.00 -5.67
N ASP E 367 3.72 -42.52 -4.45
CA ASP E 367 2.38 -42.26 -3.96
C ASP E 367 2.20 -40.74 -3.92
N TRP E 368 1.31 -40.19 -4.73
CA TRP E 368 1.17 -38.74 -4.81
C TRP E 368 0.16 -38.19 -3.81
N SMC E 369 -0.45 -39.08 -3.04
CA SMC E 369 -1.34 -38.68 -1.95
CB SMC E 369 -0.44 -38.30 -0.77
SG SMC E 369 -1.27 -38.40 0.85
CS SMC E 369 -1.02 -40.19 1.04
C SMC E 369 -2.26 -37.54 -2.31
O SMC E 369 -2.35 -36.54 -1.61
N SER E 370 -2.93 -37.69 -3.44
CA SER E 370 -4.00 -36.79 -3.87
C SER E 370 -3.55 -35.46 -4.48
N MET E 371 -2.25 -35.25 -4.59
CA MET E 371 -1.78 -34.14 -5.38
C MET E 371 -2.42 -34.30 -6.78
N PRO E 372 -3.01 -33.23 -7.33
CA PRO E 372 -3.64 -33.36 -8.63
C PRO E 372 -2.62 -33.85 -9.64
N GLY E 373 -3.09 -34.33 -10.78
CA GLY E 373 -2.21 -34.80 -11.84
C GLY E 373 -2.02 -33.77 -12.94
N VAL E 374 -0.85 -33.82 -13.58
CA VAL E 374 -0.45 -32.87 -14.60
C VAL E 374 -0.74 -33.44 -15.99
N MET E 375 -1.43 -32.68 -16.83
CA MET E 375 -1.71 -33.10 -18.19
C MET E 375 -0.48 -33.08 -19.08
N PRO E 376 -0.12 -34.25 -19.67
CA PRO E 376 1.01 -34.34 -20.57
C PRO E 376 0.67 -33.71 -21.87
N VAL E 377 1.65 -33.00 -22.42
CA VAL E 377 1.49 -32.34 -23.70
C VAL E 377 2.49 -32.95 -24.69
N ALA E 378 1.94 -33.44 -25.81
CA ALA E 378 2.75 -34.02 -26.88
C ALA E 378 2.83 -33.02 -28.01
N SER E 379 4.05 -32.56 -28.28
CA SER E 379 4.28 -31.48 -29.22
C SER E 379 5.63 -31.66 -29.92
N GLY E 380 5.73 -31.16 -31.15
CA GLY E 380 7.00 -31.10 -31.87
C GLY E 380 7.16 -32.06 -33.06
N GLY E 381 6.91 -31.55 -34.25
CA GLY E 381 7.10 -32.36 -35.42
C GLY E 381 6.02 -33.41 -35.68
N ILE E 382 4.84 -33.23 -35.12
CA ILE E 382 3.76 -34.17 -35.37
C ILE E 382 2.73 -33.63 -36.35
N HIS E 383 2.09 -34.52 -37.10
CA HIS E 383 1.03 -34.18 -38.06
C HIS E 383 -0.05 -35.26 -38.02
N VAL E 384 -1.03 -35.15 -38.92
CA VAL E 384 -2.22 -36.00 -38.90
C VAL E 384 -1.99 -37.53 -38.96
N TRP E 385 -0.97 -37.98 -39.68
CA TRP E 385 -0.63 -39.41 -39.73
C TRP E 385 -0.23 -39.95 -38.37
N HIS E 386 0.17 -39.05 -37.47
CA HIS E 386 0.64 -39.48 -36.15
C HIS E 386 -0.54 -39.62 -35.22
N MET E 387 -1.69 -39.09 -35.62
CA MET E 387 -2.80 -39.01 -34.70
C MET E 387 -3.06 -40.34 -34.00
N PRO E 388 -3.22 -41.44 -34.77
CA PRO E 388 -3.59 -42.72 -34.11
C PRO E 388 -2.53 -43.20 -33.11
N ALA E 389 -1.26 -43.13 -33.49
CA ALA E 389 -0.21 -43.49 -32.56
C ALA E 389 -0.33 -42.69 -31.25
N LEU E 390 -0.65 -41.40 -31.40
CA LEU E 390 -0.70 -40.45 -30.29
C LEU E 390 -1.89 -40.72 -29.37
N VAL E 391 -3.07 -40.91 -29.97
CA VAL E 391 -4.26 -41.26 -29.19
C VAL E 391 -4.06 -42.60 -28.47
N GLU E 392 -3.32 -43.49 -29.11
CA GLU E 392 -2.99 -44.79 -28.53
C GLU E 392 -2.07 -44.61 -27.36
N ILE E 393 -0.98 -43.86 -27.51
CA ILE E 393 -0.03 -43.70 -26.42
C ILE E 393 -0.56 -42.96 -25.19
N PHE E 394 -1.32 -41.87 -25.42
CA PHE E 394 -1.66 -40.96 -24.33
C PHE E 394 -3.06 -41.13 -23.79
N GLY E 395 -3.96 -41.65 -24.61
CA GLY E 395 -5.38 -41.65 -24.24
C GLY E 395 -6.00 -40.27 -24.29
N ASP E 396 -7.16 -40.12 -23.64
CA ASP E 396 -7.90 -38.86 -23.66
C ASP E 396 -7.21 -37.75 -22.90
N ASP E 397 -6.57 -38.10 -21.79
CA ASP E 397 -6.00 -37.11 -20.90
C ASP E 397 -4.66 -36.65 -21.36
N ALA E 398 -4.64 -36.01 -22.54
CA ALA E 398 -3.43 -35.40 -23.05
C ALA E 398 -3.84 -34.19 -23.82
N CYS E 399 -2.85 -33.37 -24.16
CA CYS E 399 -3.03 -32.30 -25.10
C CYS E 399 -2.03 -32.47 -26.24
N LEU E 400 -2.55 -32.49 -27.47
CA LEU E 400 -1.72 -32.71 -28.65
C LEU E 400 -1.58 -31.41 -29.44
N GLN E 401 -0.34 -31.12 -29.86
CA GLN E 401 0.00 -29.82 -30.44
C GLN E 401 0.66 -29.83 -31.81
N PHE E 402 0.02 -29.13 -32.72
CA PHE E 402 0.48 -29.06 -34.09
C PHE E 402 0.81 -27.60 -34.46
N GLY E 403 2.08 -27.23 -34.33
CA GLY E 403 2.54 -25.93 -34.83
C GLY E 403 2.68 -25.94 -36.35
N GLY E 404 3.73 -26.61 -36.81
CA GLY E 404 3.93 -26.84 -38.23
C GLY E 404 2.72 -27.55 -38.78
N GLY E 405 2.21 -28.51 -38.01
CA GLY E 405 1.05 -29.29 -38.41
C GLY E 405 -0.21 -28.47 -38.66
N THR E 406 -0.16 -27.19 -38.37
CA THR E 406 -1.34 -26.37 -38.56
C THR E 406 -1.07 -25.21 -39.48
N LEU E 407 -0.06 -24.42 -39.17
CA LEU E 407 0.29 -23.27 -40.02
C LEU E 407 1.00 -23.73 -41.29
N GLY E 408 1.37 -25.01 -41.33
CA GLY E 408 2.01 -25.62 -42.50
C GLY E 408 1.05 -26.17 -43.54
N HIS E 409 -0.21 -26.34 -43.15
CA HIS E 409 -1.26 -26.78 -44.03
C HIS E 409 -1.41 -25.84 -45.23
N PRO E 410 -1.53 -26.41 -46.45
CA PRO E 410 -1.60 -25.63 -47.71
C PRO E 410 -2.75 -24.64 -47.84
N TRP E 411 -3.82 -24.82 -47.07
CA TRP E 411 -4.99 -23.92 -47.18
C TRP E 411 -5.06 -22.94 -46.01
N GLY E 412 -4.02 -22.92 -45.17
CA GLY E 412 -3.93 -21.99 -44.06
C GLY E 412 -4.40 -22.57 -42.75
N ASN E 413 -4.52 -21.69 -41.75
CA ASN E 413 -4.76 -22.08 -40.36
C ASN E 413 -6.08 -22.76 -40.07
N ALA E 414 -7.19 -22.08 -40.37
CA ALA E 414 -8.53 -22.66 -40.13
C ALA E 414 -8.73 -24.06 -40.74
N PRO E 415 -8.44 -24.24 -42.04
CA PRO E 415 -8.35 -25.59 -42.58
C PRO E 415 -7.34 -26.52 -41.87
N GLY E 416 -6.12 -26.06 -41.64
CA GLY E 416 -5.15 -26.85 -40.87
C GLY E 416 -5.67 -27.33 -39.52
N ALA E 417 -6.42 -26.46 -38.85
CA ALA E 417 -6.98 -26.77 -37.56
C ALA E 417 -8.07 -27.84 -37.73
N ALA E 418 -9.06 -27.54 -38.58
CA ALA E 418 -10.15 -28.46 -38.92
C ALA E 418 -9.64 -29.86 -39.27
N ALA E 419 -8.56 -29.93 -40.04
CA ALA E 419 -7.91 -31.18 -40.35
C ALA E 419 -7.62 -31.96 -39.07
N ASN E 420 -6.78 -31.38 -38.21
CA ASN E 420 -6.31 -32.07 -37.01
C ASN E 420 -7.46 -32.43 -36.08
N ARG E 421 -8.47 -31.57 -36.04
CA ARG E 421 -9.59 -31.80 -35.15
C ARG E 421 -10.32 -33.06 -35.61
N VAL E 422 -10.64 -33.11 -36.91
CA VAL E 422 -11.23 -34.29 -37.53
C VAL E 422 -10.36 -35.57 -37.31
N ALA E 423 -9.07 -35.48 -37.62
CA ALA E 423 -8.16 -36.58 -37.40
C ALA E 423 -8.27 -37.12 -35.95
N LEU E 424 -8.34 -36.21 -34.98
CA LEU E 424 -8.43 -36.63 -33.58
C LEU E 424 -9.81 -37.19 -33.26
N GLU E 425 -10.85 -36.61 -33.81
CA GLU E 425 -12.20 -37.08 -33.46
C GLU E 425 -12.43 -38.46 -34.06
N ALA E 426 -11.97 -38.64 -35.29
CA ALA E 426 -12.01 -39.93 -35.96
C ALA E 426 -11.33 -41.01 -35.11
N CYS E 427 -10.09 -40.76 -34.68
CA CYS E 427 -9.38 -41.77 -33.92
C CYS E 427 -10.14 -42.12 -32.64
N THR E 428 -10.76 -41.12 -32.02
CA THR E 428 -11.45 -41.30 -30.74
C THR E 428 -12.71 -42.14 -30.95
N GLN E 429 -13.51 -41.77 -31.95
CA GLN E 429 -14.64 -42.59 -32.34
C GLN E 429 -14.22 -44.04 -32.61
N ALA E 430 -13.20 -44.22 -33.44
CA ALA E 430 -12.67 -45.54 -33.74
C ALA E 430 -12.31 -46.31 -32.46
N ARG E 431 -11.46 -45.70 -31.65
CA ARG E 431 -11.05 -46.29 -30.37
C ARG E 431 -12.26 -46.74 -29.56
N ASN E 432 -13.23 -45.84 -29.43
CA ASN E 432 -14.45 -46.11 -28.69
C ASN E 432 -15.24 -47.29 -29.27
N GLU E 433 -15.29 -47.35 -30.60
CA GLU E 433 -16.09 -48.32 -31.33
C GLU E 433 -15.49 -49.73 -31.26
N GLY E 434 -14.30 -49.84 -30.67
CA GLY E 434 -13.64 -51.14 -30.48
C GLY E 434 -12.37 -51.32 -31.29
N ARG E 435 -12.22 -50.52 -32.35
CA ARG E 435 -11.08 -50.63 -33.27
C ARG E 435 -9.76 -50.43 -32.55
N ASP E 436 -8.81 -51.33 -32.82
CA ASP E 436 -7.49 -51.29 -32.22
C ASP E 436 -6.65 -50.27 -32.99
N LEU E 437 -6.22 -49.20 -32.31
CA LEU E 437 -5.53 -48.10 -32.98
C LEU E 437 -4.09 -48.37 -33.34
N ALA E 438 -3.47 -49.31 -32.60
CA ALA E 438 -2.11 -49.75 -32.89
C ALA E 438 -1.99 -50.50 -34.24
N ARG E 439 -3.09 -51.11 -34.70
CA ARG E 439 -3.07 -51.85 -35.96
C ARG E 439 -3.87 -51.20 -37.06
N GLU E 440 -5.13 -50.92 -36.80
CA GLU E 440 -5.95 -50.28 -37.83
C GLU E 440 -5.65 -48.78 -37.99
N GLY E 441 -4.52 -48.32 -37.43
CA GLY E 441 -4.14 -46.90 -37.41
C GLY E 441 -4.32 -46.20 -38.75
N GLY E 442 -3.47 -46.59 -39.70
CA GLY E 442 -3.51 -46.07 -41.07
C GLY E 442 -4.87 -46.16 -41.73
N ASP E 443 -5.65 -47.18 -41.35
CA ASP E 443 -6.98 -47.34 -41.92
C ASP E 443 -7.91 -46.22 -41.53
N VAL E 444 -7.95 -45.90 -40.23
CA VAL E 444 -8.83 -44.86 -39.69
C VAL E 444 -8.53 -43.50 -40.33
N ILE E 445 -7.24 -43.18 -40.41
CA ILE E 445 -6.87 -41.93 -41.01
C ILE E 445 -7.35 -41.89 -42.44
N ARG E 446 -7.02 -42.94 -43.21
CA ARG E 446 -7.34 -43.00 -44.64
C ARG E 446 -8.81 -42.81 -44.94
N SER E 447 -9.69 -43.45 -44.16
CA SER E 447 -11.15 -43.32 -44.31
C SER E 447 -11.56 -41.87 -44.16
N ALA E 448 -10.91 -41.20 -43.22
CA ALA E 448 -11.21 -39.83 -42.86
C ALA E 448 -10.76 -38.82 -43.93
N CYS E 449 -9.67 -39.11 -44.63
CA CYS E 449 -9.19 -38.24 -45.72
C CYS E 449 -10.09 -38.29 -46.92
N LYS E 450 -10.59 -39.49 -47.22
CA LYS E 450 -11.49 -39.68 -48.35
C LYS E 450 -12.83 -39.00 -48.01
N TRP E 451 -13.04 -38.79 -46.72
CA TRP E 451 -14.24 -38.10 -46.21
C TRP E 451 -14.10 -36.56 -46.08
N SER E 452 -12.96 -36.08 -45.59
CA SER E 452 -12.77 -34.63 -45.34
C SER E 452 -11.74 -33.97 -46.26
N PRO E 453 -12.17 -32.98 -47.07
CA PRO E 453 -11.28 -32.33 -48.02
C PRO E 453 -10.06 -31.71 -47.33
N GLU E 454 -10.27 -31.05 -46.21
CA GLU E 454 -9.22 -30.39 -45.42
C GLU E 454 -8.21 -31.38 -44.88
N LEU E 455 -8.69 -32.44 -44.23
CA LEU E 455 -7.82 -33.53 -43.86
C LEU E 455 -7.06 -34.14 -45.07
N ALA E 456 -7.75 -34.30 -46.20
CA ALA E 456 -7.12 -34.91 -47.39
C ALA E 456 -5.89 -34.13 -47.79
N ALA E 457 -6.06 -32.81 -47.92
CA ALA E 457 -4.98 -31.90 -48.26
C ALA E 457 -3.79 -32.04 -47.28
N ALA E 458 -4.09 -32.26 -46.01
CA ALA E 458 -3.03 -32.44 -45.01
C ALA E 458 -2.26 -33.77 -45.18
N CYS E 459 -3.01 -34.86 -45.30
CA CYS E 459 -2.43 -36.19 -45.49
C CYS E 459 -1.56 -36.25 -46.72
N GLU E 460 -2.00 -35.56 -47.77
CA GLU E 460 -1.28 -35.50 -49.03
C GLU E 460 0.11 -34.91 -48.82
N VAL E 461 0.20 -33.81 -48.09
CA VAL E 461 1.45 -33.07 -47.94
C VAL E 461 2.49 -33.78 -47.05
N TRP E 462 2.02 -34.43 -45.98
CA TRP E 462 2.93 -35.01 -45.00
C TRP E 462 2.97 -36.55 -45.00
N LYS E 463 2.47 -37.17 -46.09
CA LYS E 463 2.37 -38.63 -46.21
C LYS E 463 3.70 -39.36 -46.02
N GLU E 464 4.74 -38.82 -46.64
CA GLU E 464 6.08 -39.44 -46.60
C GLU E 464 6.90 -39.09 -45.38
N ILE E 465 6.37 -38.22 -44.52
CA ILE E 465 7.19 -37.60 -43.45
C ILE E 465 7.22 -38.42 -42.14
N LYS E 466 8.42 -38.86 -41.77
CA LYS E 466 8.62 -39.69 -40.58
C LYS E 466 9.93 -39.32 -39.87
N PHE E 467 10.01 -39.65 -38.59
CA PHE E 467 11.20 -39.36 -37.80
C PHE E 467 11.75 -40.64 -37.14
N GLU E 468 12.63 -41.32 -37.88
CA GLU E 468 13.28 -42.57 -37.44
C GLU E 468 14.74 -42.46 -37.85
N PHE E 469 15.66 -43.00 -37.04
CA PHE E 469 17.09 -42.70 -37.21
C PHE E 469 18.09 -43.86 -36.98
N ALA F 9 4.41 -14.82 -59.51
CA ALA F 9 4.30 -15.55 -58.21
C ALA F 9 5.55 -16.41 -57.87
N GLY F 10 6.75 -15.79 -58.02
CA GLY F 10 8.05 -16.41 -57.65
C GLY F 10 8.15 -17.01 -56.24
N ALA F 11 8.72 -16.27 -55.29
CA ALA F 11 8.77 -16.71 -53.87
C ALA F 11 7.39 -16.55 -53.17
N GLY F 12 6.54 -17.58 -53.32
CA GLY F 12 5.22 -17.67 -52.68
C GLY F 12 5.21 -18.83 -51.69
N PHE F 13 4.02 -19.24 -51.25
CA PHE F 13 3.92 -20.27 -50.19
C PHE F 13 3.85 -21.69 -50.75
N LYS F 14 4.85 -22.50 -50.42
CA LYS F 14 4.90 -23.90 -50.82
C LYS F 14 4.84 -24.82 -49.60
N ALA F 15 3.66 -25.39 -49.35
CA ALA F 15 3.49 -26.31 -48.25
C ALA F 15 4.44 -27.51 -48.36
N GLY F 16 4.78 -28.10 -47.22
CA GLY F 16 5.63 -29.29 -47.19
C GLY F 16 6.96 -29.11 -46.53
N VAL F 17 7.55 -30.20 -46.07
CA VAL F 17 8.92 -30.25 -45.52
C VAL F 17 10.00 -30.01 -46.58
N LYS F 18 11.04 -29.29 -46.19
CA LYS F 18 12.24 -29.19 -47.00
C LYS F 18 13.45 -29.15 -46.05
N ASP F 19 14.65 -29.07 -46.60
CA ASP F 19 15.84 -29.08 -45.78
C ASP F 19 16.03 -27.75 -45.08
N TYR F 20 16.55 -27.80 -43.86
CA TYR F 20 16.78 -26.58 -43.12
C TYR F 20 17.89 -25.79 -43.78
N ARG F 21 18.88 -26.50 -44.30
CA ARG F 21 20.07 -25.89 -44.89
C ARG F 21 19.74 -24.85 -45.95
N LEU F 22 18.66 -25.09 -46.69
CA LEU F 22 18.19 -24.18 -47.73
C LEU F 22 17.94 -22.77 -47.21
N THR F 23 17.48 -22.66 -45.95
CA THR F 23 17.16 -21.35 -45.37
C THR F 23 18.15 -20.92 -44.27
N TYR F 24 18.65 -21.89 -43.51
CA TYR F 24 19.36 -21.62 -42.27
C TYR F 24 20.84 -21.96 -42.27
N TYR F 25 21.35 -22.42 -43.40
CA TYR F 25 22.80 -22.54 -43.57
C TYR F 25 23.27 -21.43 -44.49
N THR F 26 24.04 -20.49 -43.95
CA THR F 26 24.49 -19.33 -44.73
C THR F 26 25.98 -19.04 -44.51
N PRO F 27 26.86 -19.85 -45.14
CA PRO F 27 28.29 -19.74 -44.82
C PRO F 27 28.92 -18.44 -45.32
N ASP F 28 28.16 -17.67 -46.09
CA ASP F 28 28.70 -16.46 -46.70
C ASP F 28 28.34 -15.23 -45.91
N TYR F 29 27.64 -15.43 -44.79
CA TYR F 29 27.16 -14.36 -43.94
C TYR F 29 28.27 -13.65 -43.18
N VAL F 30 28.24 -12.33 -43.26
CA VAL F 30 29.11 -11.47 -42.46
C VAL F 30 28.41 -11.12 -41.14
N VAL F 31 28.93 -11.63 -40.02
CA VAL F 31 28.31 -11.39 -38.72
C VAL F 31 28.31 -9.91 -38.37
N ARG F 32 27.22 -9.44 -37.75
CA ARG F 32 27.08 -8.04 -37.39
C ARG F 32 27.56 -7.86 -35.96
N ASP F 33 28.07 -6.66 -35.68
CA ASP F 33 28.58 -6.33 -34.36
C ASP F 33 27.59 -6.52 -33.19
N THR F 34 26.31 -6.68 -33.51
CA THR F 34 25.24 -6.73 -32.52
C THR F 34 24.60 -8.11 -32.44
N ASP F 35 25.04 -9.03 -33.29
CA ASP F 35 24.57 -10.41 -33.24
C ASP F 35 25.06 -11.11 -31.99
N ILE F 36 24.21 -11.96 -31.43
CA ILE F 36 24.62 -12.90 -30.39
C ILE F 36 25.14 -14.12 -31.12
N LEU F 37 26.34 -14.57 -30.78
CA LEU F 37 26.92 -15.74 -31.45
C LEU F 37 27.04 -16.93 -30.54
N ALA F 38 26.69 -18.10 -31.06
CA ALA F 38 26.80 -19.33 -30.30
C ALA F 38 27.77 -20.28 -30.97
N ALA F 39 28.58 -20.94 -30.16
CA ALA F 39 29.46 -22.00 -30.62
C ALA F 39 28.98 -23.35 -30.07
N PHE F 40 28.34 -24.16 -30.91
CA PHE F 40 27.86 -25.51 -30.51
C PHE F 40 28.79 -26.61 -30.94
N ARG F 41 29.12 -27.50 -30.00
CA ARG F 41 29.77 -28.77 -30.29
C ARG F 41 28.74 -29.80 -30.66
N MET F 42 28.48 -29.87 -31.96
CA MET F 42 27.48 -30.71 -32.57
C MET F 42 27.97 -32.14 -32.90
N THR F 43 27.14 -33.15 -32.65
CA THR F 43 27.48 -34.53 -33.02
C THR F 43 26.25 -35.14 -33.70
N PRO F 44 26.17 -35.03 -35.04
CA PRO F 44 25.01 -35.45 -35.79
C PRO F 44 24.82 -36.95 -35.77
N GLN F 45 23.59 -37.38 -35.98
CA GLN F 45 23.31 -38.78 -36.28
C GLN F 45 24.09 -39.20 -37.57
N PRO F 46 24.53 -40.48 -37.64
CA PRO F 46 25.11 -41.02 -38.86
C PRO F 46 24.25 -40.75 -40.10
N GLY F 47 24.84 -40.16 -41.14
CA GLY F 47 24.09 -39.87 -42.36
C GLY F 47 23.33 -38.54 -42.39
N VAL F 48 23.41 -37.76 -41.31
CA VAL F 48 22.90 -36.40 -41.32
C VAL F 48 24.06 -35.46 -41.61
N PRO F 49 24.05 -34.81 -42.79
CA PRO F 49 25.16 -33.94 -43.16
C PRO F 49 25.30 -32.75 -42.21
N PRO F 50 26.51 -32.52 -41.67
CA PRO F 50 26.85 -31.39 -40.81
C PRO F 50 26.18 -30.05 -41.17
N GLU F 51 26.16 -29.69 -42.45
CA GLU F 51 25.48 -28.47 -42.89
C GLU F 51 24.00 -28.45 -42.50
N GLU F 52 23.34 -29.61 -42.63
CA GLU F 52 21.91 -29.71 -42.34
C GLU F 52 21.67 -29.70 -40.85
N CYS F 53 22.48 -30.45 -40.11
CA CYS F 53 22.41 -30.45 -38.67
C CYS F 53 22.58 -29.03 -38.08
N GLY F 54 23.62 -28.32 -38.49
CA GLY F 54 23.83 -26.95 -38.04
C GLY F 54 22.70 -26.01 -38.38
N ALA F 55 22.08 -26.23 -39.54
CA ALA F 55 20.96 -25.41 -39.96
C ALA F 55 19.73 -25.71 -39.11
N ALA F 56 19.61 -26.95 -38.66
CA ALA F 56 18.50 -27.36 -37.83
C ALA F 56 18.59 -26.69 -36.46
N VAL F 57 19.77 -26.79 -35.85
CA VAL F 57 20.07 -26.05 -34.62
C VAL F 57 19.75 -24.57 -34.80
N ALA F 58 20.29 -23.91 -35.82
CA ALA F 58 19.99 -22.50 -36.07
C ALA F 58 18.48 -22.22 -36.19
N ALA F 59 17.78 -23.12 -36.87
CA ALA F 59 16.39 -22.89 -37.23
C ALA F 59 15.49 -22.94 -36.01
N GLU F 60 15.65 -24.01 -35.24
CA GLU F 60 14.69 -24.40 -34.22
C GLU F 60 15.08 -23.77 -32.91
N SER F 61 16.09 -22.91 -32.98
CA SER F 61 16.44 -22.07 -31.87
C SER F 61 16.18 -20.61 -32.23
N SER F 62 15.47 -20.34 -33.33
CA SER F 62 15.19 -18.97 -33.74
C SER F 62 13.81 -18.76 -34.36
N THR F 63 13.66 -19.10 -35.64
CA THR F 63 12.39 -18.78 -36.31
C THR F 63 11.72 -19.98 -36.97
N GLY F 64 12.43 -21.08 -37.14
CA GLY F 64 11.93 -22.15 -37.96
C GLY F 64 11.37 -23.36 -37.25
N THR F 65 10.39 -23.98 -37.90
CA THR F 65 9.87 -25.29 -37.50
C THR F 65 10.14 -26.33 -38.62
N TRP F 66 9.55 -27.51 -38.46
CA TRP F 66 9.87 -28.72 -39.21
C TRP F 66 9.30 -28.79 -40.63
N THR F 67 8.22 -28.05 -40.89
CA THR F 67 7.59 -27.98 -42.21
C THR F 67 7.40 -26.51 -42.53
N THR F 68 7.21 -26.14 -43.80
CA THR F 68 7.09 -24.74 -44.17
C THR F 68 5.77 -24.11 -43.73
N VAL F 69 5.85 -22.95 -43.09
CA VAL F 69 4.65 -22.25 -42.69
C VAL F 69 4.45 -21.00 -43.55
N TRP F 70 3.20 -20.67 -43.81
CA TRP F 70 2.86 -19.54 -44.67
C TRP F 70 3.07 -18.17 -44.03
N THR F 71 3.07 -18.11 -42.71
CA THR F 71 3.11 -16.82 -42.04
C THR F 71 4.49 -16.13 -42.21
N ASP F 72 5.49 -16.91 -42.60
CA ASP F 72 6.81 -16.39 -42.93
C ASP F 72 6.73 -15.18 -43.84
N GLY F 73 5.86 -15.24 -44.84
CA GLY F 73 5.75 -14.17 -45.80
C GLY F 73 5.27 -12.86 -45.23
N LEU F 74 4.64 -12.89 -44.05
CA LEU F 74 4.08 -11.70 -43.42
C LEU F 74 5.17 -10.87 -42.79
N THR F 75 6.29 -11.53 -42.50
CA THR F 75 7.44 -10.88 -41.91
C THR F 75 8.67 -11.01 -42.83
N SER F 76 9.85 -10.58 -42.36
CA SER F 76 11.08 -10.77 -43.12
C SER F 76 12.03 -11.79 -42.46
N LEU F 77 11.91 -13.04 -42.86
CA LEU F 77 12.75 -14.12 -42.32
C LEU F 77 14.23 -13.82 -42.37
N ASP F 78 14.64 -13.04 -43.38
CA ASP F 78 16.01 -12.54 -43.51
C ASP F 78 16.45 -11.69 -42.31
N ARG F 79 15.57 -10.83 -41.84
CA ARG F 79 15.88 -9.99 -40.69
C ARG F 79 16.01 -10.78 -39.36
N TYR F 80 15.19 -11.81 -39.19
CA TYR F 80 15.04 -12.49 -37.90
C TYR F 80 15.71 -13.86 -37.77
N LYS F 81 16.01 -14.53 -38.88
CA LYS F 81 16.48 -15.90 -38.77
C LYS F 81 17.84 -16.09 -38.08
N GLY F 82 17.94 -17.16 -37.30
CA GLY F 82 19.21 -17.68 -36.84
C GLY F 82 19.94 -18.21 -38.06
N ARG F 83 21.26 -18.06 -38.08
CA ARG F 83 22.07 -18.41 -39.23
C ARG F 83 23.25 -19.23 -38.80
N CYS F 84 23.34 -20.47 -39.28
CA CYS F 84 24.57 -21.23 -39.18
C CYS F 84 25.52 -20.72 -40.23
N TYR F 85 26.64 -20.17 -39.82
CA TYR F 85 27.49 -19.43 -40.74
C TYR F 85 28.91 -20.01 -40.86
N ASP F 86 29.17 -21.12 -40.17
CA ASP F 86 30.50 -21.71 -40.19
C ASP F 86 30.49 -23.01 -39.46
N ILE F 87 31.25 -23.98 -39.97
CA ILE F 87 31.40 -25.29 -39.32
C ILE F 87 32.86 -25.79 -39.36
N GLU F 88 33.50 -25.92 -38.20
CA GLU F 88 34.82 -26.51 -38.08
C GLU F 88 34.67 -27.98 -37.77
N PRO F 89 35.50 -28.83 -38.37
CA PRO F 89 35.51 -30.19 -37.86
C PRO F 89 36.39 -30.23 -36.63
N VAL F 90 36.17 -31.21 -35.76
CA VAL F 90 36.99 -31.31 -34.56
C VAL F 90 38.14 -32.30 -34.74
N PRO F 91 39.39 -31.82 -34.54
CA PRO F 91 40.56 -32.68 -34.65
C PRO F 91 40.53 -33.84 -33.65
N GLY F 92 40.75 -35.05 -34.14
CA GLY F 92 40.75 -36.23 -33.31
C GLY F 92 39.34 -36.75 -33.11
N GLU F 93 38.43 -36.35 -33.99
CA GLU F 93 37.03 -36.73 -33.87
C GLU F 93 36.40 -37.09 -35.20
N ASP F 94 35.74 -38.24 -35.24
CA ASP F 94 35.14 -38.72 -36.48
C ASP F 94 33.87 -37.94 -36.77
N ASN F 95 32.96 -37.92 -35.80
CA ASN F 95 31.63 -37.33 -36.02
C ASN F 95 31.29 -36.17 -35.08
N GLN F 96 32.17 -35.18 -35.03
CA GLN F 96 31.99 -34.03 -34.16
C GLN F 96 32.46 -32.74 -34.83
N TYR F 97 31.60 -31.72 -34.77
CA TYR F 97 31.85 -30.42 -35.39
C TYR F 97 31.58 -29.28 -34.40
N ILE F 98 32.18 -28.12 -34.66
CA ILE F 98 31.77 -26.88 -34.01
C ILE F 98 30.89 -26.11 -34.99
N ALA F 99 29.61 -25.95 -34.68
CA ALA F 99 28.73 -25.18 -35.56
C ALA F 99 28.57 -23.79 -34.98
N TYR F 100 28.71 -22.79 -35.83
CA TYR F 100 28.60 -21.43 -35.35
C TYR F 100 27.27 -20.84 -35.76
N VAL F 101 26.52 -20.32 -34.78
CA VAL F 101 25.23 -19.68 -35.08
C VAL F 101 25.22 -18.18 -34.77
N ALA F 102 24.55 -17.42 -35.62
CA ALA F 102 24.40 -15.99 -35.40
C ALA F 102 22.93 -15.66 -35.23
N TYR F 103 22.58 -15.08 -34.09
CA TYR F 103 21.25 -14.65 -33.80
C TYR F 103 21.23 -13.13 -33.81
N HYP F 104 20.31 -12.52 -34.57
CA HYP F 104 20.10 -11.08 -34.47
C HYP F 104 19.69 -10.61 -33.11
O HYP F 104 18.96 -11.33 -32.39
CB HYP F 104 18.97 -10.75 -35.43
CG HYP F 104 18.94 -11.92 -36.38
CD HYP F 104 19.44 -13.10 -35.56
OD1 HYP F 104 19.91 -11.61 -37.36
N ILE F 105 20.09 -9.38 -32.77
CA ILE F 105 19.73 -8.79 -31.46
C ILE F 105 18.20 -8.74 -31.19
N ASP F 106 17.42 -8.50 -32.23
CA ASP F 106 15.98 -8.40 -32.14
C ASP F 106 15.31 -9.63 -31.58
N LEU F 107 16.00 -10.76 -31.58
CA LEU F 107 15.36 -11.99 -31.12
C LEU F 107 15.19 -12.06 -29.60
N PHE F 108 15.89 -11.19 -28.89
CA PHE F 108 16.06 -11.33 -27.44
C PHE F 108 15.37 -10.25 -26.63
N GLU F 109 14.75 -10.67 -25.53
CA GLU F 109 14.25 -9.76 -24.56
C GLU F 109 15.41 -9.05 -23.84
N GLU F 110 15.35 -7.74 -23.85
CA GLU F 110 16.27 -6.95 -23.09
C GLU F 110 16.31 -7.37 -21.63
N GLY F 111 17.53 -7.61 -21.12
CA GLY F 111 17.72 -7.82 -19.71
C GLY F 111 17.29 -9.21 -19.22
N SER F 112 16.97 -10.11 -20.14
CA SER F 112 16.50 -11.42 -19.72
C SER F 112 17.40 -12.60 -20.08
N VAL F 113 18.23 -13.05 -19.15
CA VAL F 113 19.07 -14.23 -19.36
C VAL F 113 18.19 -15.48 -19.62
N THR F 114 17.07 -15.53 -18.90
CA THR F 114 16.02 -16.50 -19.10
C THR F 114 15.62 -16.58 -20.58
N ASN F 115 15.32 -15.45 -21.20
CA ASN F 115 14.87 -15.46 -22.58
C ASN F 115 15.98 -15.88 -23.53
N MET F 116 17.21 -15.48 -23.20
CA MET F 116 18.35 -15.80 -24.03
C MET F 116 18.58 -17.33 -24.06
N PHE F 117 18.56 -17.97 -22.88
CA PHE F 117 18.72 -19.41 -22.80
C PHE F 117 17.55 -20.12 -23.42
N THR F 118 16.38 -19.52 -23.35
CA THR F 118 15.22 -20.21 -23.86
C THR F 118 15.32 -20.41 -25.38
N SER F 119 15.82 -19.41 -26.10
CA SER F 119 16.07 -19.57 -27.52
C SER F 119 17.27 -20.46 -27.73
N ILE F 120 18.42 -20.08 -27.23
CA ILE F 120 19.64 -20.75 -27.64
C ILE F 120 19.74 -22.20 -27.17
N VAL F 121 19.20 -22.51 -26.00
CA VAL F 121 19.31 -23.85 -25.46
C VAL F 121 17.97 -24.45 -25.11
N GLY F 122 16.92 -24.02 -25.81
CA GLY F 122 15.55 -24.39 -25.44
C GLY F 122 15.14 -25.77 -25.91
N ASN F 123 15.18 -25.99 -27.21
CA ASN F 123 14.68 -27.23 -27.74
C ASN F 123 15.74 -28.13 -28.36
N VAL F 124 16.65 -27.51 -29.10
CA VAL F 124 17.59 -28.17 -30.00
C VAL F 124 18.36 -29.37 -29.43
N PHE F 125 18.77 -29.31 -28.17
CA PHE F 125 19.55 -30.39 -27.60
C PHE F 125 18.79 -31.71 -27.57
N GLY F 126 17.52 -31.72 -27.92
CA GLY F 126 16.72 -32.93 -27.78
C GLY F 126 16.32 -33.52 -29.11
N PHE F 127 16.82 -32.92 -30.19
CA PHE F 127 16.51 -33.34 -31.54
C PHE F 127 16.96 -34.76 -31.85
N LYS F 128 16.11 -35.49 -32.59
CA LYS F 128 16.42 -36.86 -33.00
C LYS F 128 17.61 -36.84 -33.95
N ALA F 129 17.65 -35.80 -34.79
CA ALA F 129 18.69 -35.64 -35.81
C ALA F 129 20.11 -35.41 -35.26
N LEU F 130 20.28 -35.44 -33.93
CA LEU F 130 21.62 -35.35 -33.38
C LEU F 130 21.84 -36.25 -32.18
N ARG F 131 23.09 -36.66 -31.97
CA ARG F 131 23.46 -37.58 -30.90
C ARG F 131 23.74 -36.83 -29.62
N ALA F 132 24.42 -35.69 -29.75
CA ALA F 132 24.81 -34.88 -28.62
C ALA F 132 25.04 -33.47 -29.10
N LEU F 133 24.77 -32.52 -28.22
CA LEU F 133 25.04 -31.12 -28.46
C LEU F 133 25.60 -30.47 -27.20
N ARG F 134 26.55 -29.56 -27.39
CA ARG F 134 27.09 -28.84 -26.27
C ARG F 134 27.26 -27.37 -26.62
N LEU F 135 26.79 -26.48 -25.76
CA LEU F 135 27.08 -25.09 -26.00
C LEU F 135 28.41 -24.75 -25.35
N GLU F 136 29.38 -24.31 -26.15
CA GLU F 136 30.70 -24.09 -25.61
C GLU F 136 30.94 -22.63 -25.29
N ASP F 137 30.38 -21.73 -26.06
CA ASP F 137 30.56 -20.32 -25.76
C ASP F 137 29.50 -19.46 -26.42
N LEU F 138 29.39 -18.24 -25.95
CA LEU F 138 28.48 -17.27 -26.54
C LEU F 138 29.19 -15.94 -26.65
N ARG F 139 28.90 -15.23 -27.72
CA ARG F 139 29.37 -13.88 -27.81
C ARG F 139 28.20 -12.96 -27.46
N ILE F 140 28.22 -12.41 -26.25
CA ILE F 140 27.24 -11.40 -25.86
C ILE F 140 27.72 -10.02 -26.35
N PRO F 141 27.06 -9.43 -27.36
CA PRO F 141 27.52 -8.13 -27.90
C PRO F 141 27.24 -6.97 -26.95
N PRO F 142 28.10 -5.95 -26.92
CA PRO F 142 27.88 -4.79 -26.06
C PRO F 142 26.44 -4.24 -26.09
N ALA F 143 25.83 -4.20 -27.26
CA ALA F 143 24.47 -3.70 -27.36
C ALA F 143 23.47 -4.54 -26.59
N TYR F 144 23.76 -5.81 -26.36
CA TYR F 144 22.88 -6.61 -25.53
C TYR F 144 23.27 -6.49 -24.09
N VAL F 145 24.58 -6.47 -23.84
CA VAL F 145 25.11 -6.33 -22.49
C VAL F 145 24.57 -5.09 -21.82
N LYS F 146 24.48 -3.99 -22.56
CA LYS F 146 23.93 -2.77 -22.00
C LYS F 146 22.47 -2.82 -21.50
N THR F 147 21.75 -3.87 -21.83
CA THR F 147 20.36 -3.93 -21.39
C THR F 147 20.21 -4.61 -20.03
N PHE F 148 21.29 -4.94 -19.37
CA PHE F 148 21.25 -5.73 -18.16
C PHE F 148 21.77 -4.85 -17.03
N VAL F 149 21.09 -4.92 -15.89
CA VAL F 149 21.60 -4.30 -14.65
C VAL F 149 22.93 -4.92 -14.26
N GLY F 150 23.06 -6.23 -14.44
CA GLY F 150 24.30 -6.92 -14.15
C GLY F 150 24.55 -7.06 -12.66
N HYP F 151 25.80 -7.24 -12.28
CA HYP F 151 26.12 -7.45 -10.88
C HYP F 151 25.81 -6.27 -10.00
O HYP F 151 26.00 -5.14 -10.41
CB HYP F 151 27.61 -7.76 -10.85
CG HYP F 151 27.85 -8.30 -12.27
CD HYP F 151 26.99 -7.38 -13.11
OD1 HYP F 151 27.32 -9.63 -12.37
N PRO F 152 25.30 -6.53 -8.78
CA PRO F 152 24.87 -5.43 -7.95
C PRO F 152 26.04 -4.51 -7.65
N HIS F 153 27.24 -5.07 -7.45
CA HIS F 153 28.40 -4.24 -7.10
C HIS F 153 29.63 -4.44 -7.95
N GLY F 154 30.16 -5.67 -7.99
CA GLY F 154 31.34 -5.95 -8.82
C GLY F 154 32.55 -5.88 -7.94
N ILE F 155 33.69 -6.31 -8.44
CA ILE F 155 34.89 -6.49 -7.57
C ILE F 155 35.38 -5.20 -6.90
N GLN F 156 35.51 -4.12 -7.67
CA GLN F 156 36.03 -2.87 -7.14
C GLN F 156 35.16 -2.30 -6.06
N VAL F 157 33.85 -2.27 -6.30
CA VAL F 157 32.94 -1.69 -5.34
C VAL F 157 32.85 -2.56 -4.07
N GLU F 158 32.92 -3.86 -4.25
CA GLU F 158 32.95 -4.76 -3.10
C GLU F 158 34.14 -4.46 -2.20
N ARG F 159 35.33 -4.41 -2.79
CA ARG F 159 36.51 -4.14 -2.02
C ARG F 159 36.41 -2.80 -1.32
N ASP F 160 35.94 -1.79 -2.04
CA ASP F 160 35.73 -0.51 -1.41
C ASP F 160 34.76 -0.57 -0.20
N LYS F 161 33.60 -1.20 -0.39
CA LYS F 161 32.63 -1.36 0.67
C LYS F 161 33.22 -2.08 1.90
N LEU F 162 33.91 -3.20 1.68
CA LEU F 162 34.45 -4.01 2.78
C LEU F 162 35.71 -3.43 3.38
N ASN F 163 36.36 -2.54 2.64
CA ASN F 163 37.65 -1.97 3.03
C ASN F 163 38.75 -3.04 3.09
N LYS F 164 38.84 -3.85 2.04
CA LYS F 164 39.79 -4.96 1.98
C LYS F 164 40.61 -4.98 0.67
N TYR F 165 41.91 -4.79 0.79
CA TYR F 165 42.72 -4.58 -0.38
C TYR F 165 43.97 -5.42 -0.36
N GLY F 166 44.45 -5.78 -1.55
CA GLY F 166 45.78 -6.36 -1.69
C GLY F 166 46.00 -7.76 -1.18
N ARG F 167 44.93 -8.55 -1.13
CA ARG F 167 45.00 -10.03 -0.91
C ARG F 167 43.68 -10.72 -1.25
N GLY F 168 43.73 -12.04 -1.40
CA GLY F 168 42.53 -12.81 -1.62
C GLY F 168 41.67 -12.67 -0.38
N LEU F 169 40.38 -12.96 -0.51
CA LEU F 169 39.50 -12.97 0.65
C LEU F 169 39.32 -14.41 1.10
N LEU F 170 39.10 -14.57 2.40
CA LEU F 170 38.98 -15.90 2.99
C LEU F 170 37.61 -16.18 3.50
N GLY F 171 37.11 -17.34 3.09
CA GLY F 171 35.77 -17.80 3.40
C GLY F 171 35.79 -19.19 4.00
N CYS F 172 34.60 -19.70 4.29
CA CYS F 172 34.45 -20.89 5.08
C CYS F 172 32.99 -21.28 5.14
N THR F 173 32.65 -22.42 4.57
CA THR F 173 31.33 -23.00 4.71
C THR F 173 31.23 -23.72 6.05
N ILE F 174 30.25 -23.34 6.88
CA ILE F 174 29.95 -24.07 8.12
C ILE F 174 29.53 -25.54 7.83
N LYS F 175 30.04 -26.45 8.66
CA LYS F 175 29.81 -27.88 8.52
C LYS F 175 29.42 -28.39 9.91
N PRO F 176 28.63 -29.49 10.00
CA PRO F 176 28.06 -30.29 8.92
C PRO F 176 27.08 -29.48 8.05
N LYS F 177 26.90 -29.90 6.80
CA LYS F 177 26.09 -29.15 5.87
C LYS F 177 24.74 -28.89 6.54
N LEU F 178 24.04 -29.97 6.86
CA LEU F 178 22.76 -29.92 7.55
C LEU F 178 22.87 -30.56 8.93
N GLY F 179 21.99 -30.16 9.84
CA GLY F 179 21.94 -30.79 11.16
C GLY F 179 22.22 -29.87 12.32
N LEU F 180 22.91 -28.76 12.10
CA LEU F 180 23.17 -27.77 13.17
C LEU F 180 21.98 -26.83 13.48
N SER F 181 21.75 -26.62 14.77
CA SER F 181 20.82 -25.58 15.25
C SER F 181 21.29 -24.16 14.94
N ALA F 182 20.34 -23.23 14.83
CA ALA F 182 20.63 -21.80 14.71
C ALA F 182 21.72 -21.27 15.71
N LYS F 183 21.55 -21.52 17.00
CA LYS F 183 22.53 -21.12 18.02
C LYS F 183 23.95 -21.68 17.79
N ASN F 184 24.03 -22.97 17.50
CA ASN F 184 25.29 -23.63 17.15
C ASN F 184 25.88 -23.02 15.88
N TYR F 185 25.01 -22.71 14.92
CA TYR F 185 25.48 -22.13 13.66
C TYR F 185 26.19 -20.84 13.96
N GLY F 186 25.57 -19.99 14.75
CA GLY F 186 26.14 -18.71 15.08
C GLY F 186 27.44 -18.90 15.84
N ARG F 187 27.50 -19.94 16.65
CA ARG F 187 28.65 -20.21 17.49
C ARG F 187 29.83 -20.53 16.58
N ALA F 188 29.61 -21.47 15.67
CA ALA F 188 30.64 -21.83 14.74
C ALA F 188 31.07 -20.59 13.98
N VAL F 189 30.11 -19.79 13.55
CA VAL F 189 30.40 -18.62 12.75
C VAL F 189 31.34 -17.68 13.51
N TYR F 190 30.98 -17.31 14.73
CA TYR F 190 31.79 -16.43 15.55
C TYR F 190 33.23 -16.92 15.71
N GLU F 191 33.40 -18.21 16.00
CA GLU F 191 34.74 -18.80 16.13
C GLU F 191 35.55 -18.70 14.82
N CYS F 192 34.96 -19.06 13.69
CA CYS F 192 35.66 -18.94 12.42
C CYS F 192 36.03 -17.50 12.16
N LEU F 193 35.07 -16.61 12.27
CA LEU F 193 35.33 -15.24 11.87
C LEU F 193 36.42 -14.58 12.70
N ARG F 194 36.54 -14.96 13.96
CA ARG F 194 37.43 -14.24 14.88
C ARG F 194 38.88 -14.65 14.71
N GLY F 195 39.06 -15.86 14.20
CA GLY F 195 40.38 -16.38 13.91
C GLY F 195 41.04 -15.73 12.72
N GLY F 196 40.29 -15.01 11.90
CA GLY F 196 40.87 -14.21 10.81
C GLY F 196 40.30 -14.44 9.43
N LEU F 197 39.25 -15.25 9.32
CA LEU F 197 38.49 -15.35 8.06
C LEU F 197 37.66 -14.09 7.84
N ASP F 198 37.50 -13.70 6.57
CA ASP F 198 36.69 -12.55 6.20
C ASP F 198 35.20 -12.89 6.19
N PHE F 199 34.89 -14.10 5.72
CA PHE F 199 33.55 -14.52 5.47
C PHE F 199 33.33 -15.93 5.97
N THR F 200 32.12 -16.24 6.39
CA THR F 200 31.66 -17.61 6.47
C THR F 200 30.42 -17.67 5.62
N KCX F 201 29.79 -18.83 5.53
CA KCX F 201 28.59 -18.93 4.72
CB KCX F 201 28.94 -18.99 3.23
CG KCX F 201 29.70 -20.23 2.81
CD KCX F 201 30.11 -20.13 1.34
CE KCX F 201 28.99 -20.48 0.36
NZ KCX F 201 28.39 -21.83 0.57
C KCX F 201 27.70 -20.10 5.11
O KCX F 201 28.18 -21.10 5.60
CX KCX F 201 28.91 -22.90 0.00
OQ1 KCX F 201 28.36 -24.00 0.19
OQ2 KCX F 201 29.92 -22.82 -0.70
N ASP F 202 26.40 -19.93 4.89
CA ASP F 202 25.47 -21.05 4.90
C ASP F 202 25.90 -22.03 3.81
N ASP F 203 25.76 -23.33 4.06
CA ASP F 203 25.96 -24.29 2.97
C ASP F 203 24.86 -24.07 1.95
N GLU F 204 25.14 -24.38 0.69
CA GLU F 204 24.17 -24.11 -0.39
C GLU F 204 22.80 -24.68 -0.10
N ASN F 205 22.74 -25.81 0.59
CA ASN F 205 21.45 -26.43 0.92
C ASN F 205 20.90 -26.07 2.31
N VAL F 206 21.61 -25.23 3.04
CA VAL F 206 21.06 -24.64 4.24
C VAL F 206 20.11 -23.50 3.84
N ASN F 207 18.81 -23.74 3.97
CA ASN F 207 17.82 -22.69 3.63
C ASN F 207 16.97 -22.38 4.87
N SER F 208 15.83 -23.07 5.00
CA SER F 208 15.10 -23.13 6.24
C SER F 208 14.55 -24.56 6.36
N GLN F 209 14.80 -25.23 7.48
CA GLN F 209 14.43 -26.63 7.65
C GLN F 209 14.03 -26.87 9.10
N PRO F 210 13.42 -28.05 9.38
CA PRO F 210 13.03 -28.42 10.74
C PRO F 210 14.11 -28.29 11.80
N PHE F 211 15.38 -28.47 11.48
CA PHE F 211 16.40 -28.43 12.53
C PHE F 211 16.92 -27.02 12.75
N MET F 212 16.63 -26.12 11.81
CA MET F 212 17.08 -24.76 11.90
C MET F 212 16.27 -23.89 10.97
N ARG F 213 15.47 -22.99 11.53
CA ARG F 213 14.65 -22.09 10.72
C ARG F 213 15.43 -20.84 10.39
N TRP F 214 15.23 -20.32 9.18
CA TRP F 214 16.09 -19.29 8.61
C TRP F 214 16.16 -18.05 9.48
N ARG F 215 15.05 -17.60 10.07
CA ARG F 215 15.11 -16.32 10.78
C ARG F 215 15.92 -16.44 12.06
N ASP F 216 15.76 -17.58 12.72
CA ASP F 216 16.58 -17.91 13.86
C ASP F 216 18.07 -17.81 13.50
N ARG F 217 18.46 -18.52 12.43
CA ARG F 217 19.84 -18.42 11.95
C ARG F 217 20.29 -16.98 11.64
N PHE F 218 19.45 -16.19 11.00
CA PHE F 218 19.88 -14.89 10.55
C PHE F 218 20.25 -14.10 11.78
N LEU F 219 19.40 -14.21 12.79
CA LEU F 219 19.58 -13.39 13.98
C LEU F 219 20.83 -13.75 14.75
N PHE F 220 21.09 -15.05 14.89
CA PHE F 220 22.29 -15.53 15.59
C PHE F 220 23.55 -15.23 14.80
N VAL F 221 23.49 -15.42 13.49
CA VAL F 221 24.62 -15.12 12.65
C VAL F 221 24.94 -13.64 12.71
N ALA F 222 23.91 -12.79 12.70
CA ALA F 222 24.14 -11.36 12.77
C ALA F 222 24.95 -11.04 14.01
N GLU F 223 24.58 -11.68 15.12
CA GLU F 223 25.25 -11.48 16.38
C GLU F 223 26.70 -11.94 16.31
N ALA F 224 26.92 -13.12 15.73
CA ALA F 224 28.28 -13.62 15.50
C ALA F 224 29.09 -12.63 14.71
N ILE F 225 28.57 -12.19 13.57
CA ILE F 225 29.25 -11.21 12.72
C ILE F 225 29.67 -10.01 13.53
N TYR F 226 28.80 -9.52 14.39
CA TYR F 226 29.13 -8.28 15.08
C TYR F 226 30.18 -8.47 16.17
N LYS F 227 30.12 -9.62 16.84
CA LYS F 227 31.06 -9.96 17.89
C LYS F 227 32.46 -10.10 17.27
N ALA F 228 32.57 -10.92 16.22
CA ALA F 228 33.84 -11.10 15.56
C ALA F 228 34.34 -9.75 15.04
N GLN F 229 33.44 -8.93 14.54
CA GLN F 229 33.87 -7.63 14.04
C GLN F 229 34.43 -6.75 15.12
N ALA F 230 33.79 -6.71 16.29
CA ALA F 230 34.25 -5.81 17.35
C ALA F 230 35.59 -6.30 17.93
N GLU F 231 35.72 -7.62 17.97
CA GLU F 231 36.89 -8.27 18.54
C GLU F 231 38.14 -8.08 17.66
N THR F 232 38.00 -8.26 16.35
CA THR F 232 39.14 -8.24 15.44
C THR F 232 39.41 -6.86 14.92
N GLY F 233 38.39 -6.00 14.87
CA GLY F 233 38.49 -4.67 14.26
C GLY F 233 38.51 -4.71 12.75
N GLU F 234 38.31 -5.90 12.18
CA GLU F 234 38.20 -6.07 10.75
C GLU F 234 36.74 -6.31 10.33
N VAL F 235 36.30 -5.68 9.23
CA VAL F 235 34.96 -5.89 8.71
C VAL F 235 34.75 -7.37 8.47
N LYS F 236 33.62 -7.90 8.91
CA LYS F 236 33.31 -9.33 8.78
C LYS F 236 31.98 -9.54 8.09
N GLY F 237 31.74 -10.73 7.57
CA GLY F 237 30.51 -11.02 6.87
C GLY F 237 30.17 -12.49 6.87
N HIS F 238 28.90 -12.80 6.58
CA HIS F 238 28.46 -14.19 6.49
C HIS F 238 27.42 -14.26 5.39
N TYR F 239 27.59 -15.17 4.43
CA TYR F 239 26.62 -15.23 3.34
C TYR F 239 25.37 -15.92 3.79
N LEU F 240 24.39 -15.13 4.24
CA LEU F 240 23.11 -15.68 4.65
C LEU F 240 22.26 -16.09 3.43
N ASN F 241 21.85 -17.35 3.37
CA ASN F 241 21.16 -17.86 2.19
C ASN F 241 19.73 -17.34 1.95
N ALA F 242 19.49 -16.68 0.84
CA ALA F 242 18.15 -16.28 0.53
C ALA F 242 17.45 -17.27 -0.38
N THR F 243 18.13 -18.35 -0.76
CA THR F 243 17.55 -19.34 -1.69
C THR F 243 16.32 -19.87 -1.01
N ALA F 244 15.25 -20.06 -1.78
CA ALA F 244 13.97 -20.42 -1.22
C ALA F 244 13.02 -21.03 -2.30
N GLY F 245 11.84 -21.44 -1.84
CA GLY F 245 10.91 -22.14 -2.71
C GLY F 245 10.11 -21.26 -3.64
N THR F 246 9.90 -20.00 -3.26
CA THR F 246 9.12 -19.03 -4.04
C THR F 246 9.88 -17.73 -4.00
N CYS F 247 9.58 -16.76 -4.89
CA CYS F 247 10.28 -15.43 -4.86
C CYS F 247 9.93 -14.65 -3.61
N GLU F 248 8.67 -14.73 -3.19
CA GLU F 248 8.22 -14.00 -2.03
C GLU F 248 9.03 -14.42 -0.79
N GLU F 249 9.30 -15.72 -0.63
CA GLU F 249 10.19 -16.16 0.43
C GLU F 249 11.61 -15.67 0.24
N MET F 250 12.13 -15.80 -0.97
CA MET F 250 13.47 -15.29 -1.23
C MET F 250 13.59 -13.84 -0.77
N MET F 251 12.63 -13.01 -1.18
CA MET F 251 12.66 -11.60 -0.85
C MET F 251 12.50 -11.34 0.65
N LYS F 252 11.70 -12.17 1.30
CA LYS F 252 11.45 -12.02 2.72
C LYS F 252 12.80 -12.10 3.44
N ARG F 253 13.58 -13.13 3.09
CA ARG F 253 14.90 -13.35 3.65
C ARG F 253 15.88 -12.25 3.32
N ALA F 254 15.95 -11.85 2.07
CA ALA F 254 16.83 -10.72 1.71
C ALA F 254 16.50 -9.50 2.56
N VAL F 255 15.23 -9.10 2.59
CA VAL F 255 14.76 -7.98 3.41
C VAL F 255 15.22 -8.05 4.89
N SMC F 256 15.18 -9.24 5.48
CA SMC F 256 15.57 -9.42 6.86
CB SMC F 256 15.19 -10.84 7.20
SG SMC F 256 15.82 -11.36 8.80
CS SMC F 256 14.89 -10.32 9.94
C SMC F 256 17.03 -9.23 6.99
O SMC F 256 17.50 -8.61 7.95
N ALA F 257 17.80 -9.75 6.03
CA ALA F 257 19.26 -9.56 6.04
C ALA F 257 19.57 -8.09 6.01
N LYS F 258 18.95 -7.35 5.08
CA LYS F 258 19.10 -5.90 5.05
C LYS F 258 18.74 -5.30 6.39
N GLU F 259 17.56 -5.65 6.90
CA GLU F 259 17.09 -5.04 8.11
C GLU F 259 18.10 -5.24 9.25
N LEU F 260 18.81 -6.37 9.24
CA LEU F 260 19.80 -6.68 10.26
C LEU F 260 21.11 -6.01 9.99
N GLY F 261 21.28 -5.32 8.86
CA GLY F 261 22.50 -4.53 8.61
C GLY F 261 23.70 -5.33 8.13
N VAL F 262 23.52 -6.63 7.94
CA VAL F 262 24.61 -7.50 7.50
C VAL F 262 25.02 -7.16 6.07
N PRO F 263 26.30 -7.36 5.73
CA PRO F 263 26.78 -6.93 4.42
C PRO F 263 26.50 -7.83 3.22
N ILE F 264 26.13 -9.08 3.41
CA ILE F 264 26.13 -9.98 2.25
C ILE F 264 25.18 -11.13 2.34
N ILE F 265 24.55 -11.47 1.23
CA ILE F 265 23.72 -12.66 1.18
C ILE F 265 24.22 -13.55 0.07
N MET F 266 23.65 -14.74 -0.02
CA MET F 266 23.96 -15.66 -1.10
C MET F 266 22.71 -16.23 -1.77
N HIS F 267 22.86 -16.65 -3.02
CA HIS F 267 21.78 -17.28 -3.76
C HIS F 267 22.32 -18.46 -4.58
N ASP F 268 21.56 -19.54 -4.70
CA ASP F 268 21.88 -20.59 -5.64
C ASP F 268 21.14 -20.28 -6.96
N TYR F 269 21.82 -19.63 -7.90
CA TYR F 269 21.16 -19.20 -9.11
C TYR F 269 20.63 -20.26 -10.05
N LEU F 270 21.15 -21.48 -10.01
CA LEU F 270 20.71 -22.46 -10.96
C LEU F 270 19.55 -23.26 -10.42
N THR F 271 19.58 -23.60 -9.12
CA THR F 271 18.44 -24.29 -8.53
C THR F 271 17.33 -23.28 -8.21
N GLY F 272 17.72 -22.08 -7.77
CA GLY F 272 16.78 -20.99 -7.63
C GLY F 272 16.18 -20.58 -8.97
N GLY F 273 17.06 -20.41 -9.96
CA GLY F 273 16.63 -20.03 -11.29
C GLY F 273 16.93 -18.58 -11.63
N PHE F 274 17.17 -18.35 -12.92
CA PHE F 274 17.59 -17.07 -13.42
C PHE F 274 16.60 -15.93 -13.10
N THR F 275 15.31 -16.21 -13.25
CA THR F 275 14.29 -15.19 -13.05
C THR F 275 14.35 -14.72 -11.62
N ALA F 276 14.47 -15.66 -10.70
CA ALA F 276 14.54 -15.33 -9.31
C ALA F 276 15.83 -14.62 -9.04
N ASN F 277 16.89 -15.05 -9.71
CA ASN F 277 18.18 -14.53 -9.40
C ASN F 277 18.34 -13.07 -9.77
N THR F 278 17.96 -12.74 -11.01
CA THR F 278 17.96 -11.35 -11.47
C THR F 278 17.12 -10.47 -10.54
N SER F 279 16.02 -11.00 -10.02
CA SER F 279 15.16 -10.21 -9.13
C SER F 279 15.94 -9.87 -7.90
N LEU F 280 16.69 -10.86 -7.42
CA LEU F 280 17.43 -10.71 -6.19
C LEU F 280 18.59 -9.76 -6.38
N ALA F 281 19.25 -9.86 -7.54
CA ALA F 281 20.39 -9.00 -7.83
C ALA F 281 19.93 -7.58 -7.85
N ILE F 282 18.84 -7.29 -8.55
CA ILE F 282 18.28 -5.95 -8.58
C ILE F 282 17.93 -5.47 -7.15
N TYR F 283 17.47 -6.38 -6.28
CA TYR F 283 17.19 -5.96 -4.91
C TYR F 283 18.49 -5.57 -4.23
N CYS F 284 19.56 -6.31 -4.53
CA CYS F 284 20.83 -6.09 -3.90
C CYS F 284 21.44 -4.77 -4.37
N ARG F 285 21.32 -4.49 -5.67
CA ARG F 285 21.74 -3.19 -6.18
C ARG F 285 21.06 -2.06 -5.42
N ASP F 286 19.75 -2.18 -5.25
CA ASP F 286 18.92 -1.14 -4.70
C ASP F 286 19.10 -0.95 -3.20
N ASN F 287 19.76 -1.90 -2.52
CA ASN F 287 19.84 -1.84 -1.07
C ASN F 287 21.23 -2.01 -0.55
N GLY F 288 22.16 -2.20 -1.47
CA GLY F 288 23.57 -2.14 -1.18
C GLY F 288 23.99 -3.37 -0.43
N LEU F 289 23.41 -4.50 -0.79
CA LEU F 289 23.80 -5.80 -0.26
C LEU F 289 24.74 -6.53 -1.22
N LEU F 290 25.81 -7.11 -0.72
CA LEU F 290 26.65 -7.95 -1.59
C LEU F 290 25.93 -9.25 -1.90
N LEU F 291 26.12 -9.75 -3.11
CA LEU F 291 25.47 -10.99 -3.51
C LEU F 291 26.45 -12.12 -3.90
N HIS F 292 26.53 -13.13 -3.06
CA HIS F 292 27.37 -14.28 -3.37
C HIS F 292 26.57 -15.36 -4.09
N ILE F 293 27.08 -15.84 -5.21
CA ILE F 293 26.32 -16.79 -6.00
C ILE F 293 26.94 -18.16 -5.91
N HIS F 294 26.12 -19.15 -5.62
CA HIS F 294 26.57 -20.52 -5.55
C HIS F 294 26.06 -21.25 -6.76
N ARG F 295 26.91 -22.05 -7.40
CA ARG F 295 26.56 -22.67 -8.68
C ARG F 295 26.01 -24.09 -8.53
N ALA F 296 25.45 -24.40 -7.36
CA ALA F 296 24.78 -25.66 -7.14
C ALA F 296 24.08 -26.12 -8.41
N MET F 297 24.35 -27.36 -8.81
CA MET F 297 23.72 -28.04 -9.97
C MET F 297 24.44 -27.86 -11.32
N HIS F 298 25.41 -26.95 -11.39
CA HIS F 298 26.14 -26.67 -12.63
C HIS F 298 26.73 -27.91 -13.25
N ALA F 299 27.24 -28.81 -12.41
CA ALA F 299 27.91 -30.01 -12.92
C ALA F 299 26.96 -30.97 -13.61
N VAL F 300 25.67 -30.91 -13.33
CA VAL F 300 24.68 -31.69 -14.08
C VAL F 300 24.72 -31.35 -15.58
N ILE F 301 25.06 -30.09 -15.85
CA ILE F 301 24.96 -29.45 -17.16
C ILE F 301 26.33 -29.38 -17.85
N ASP F 302 27.38 -29.06 -17.08
CA ASP F 302 28.65 -28.66 -17.68
C ASP F 302 29.80 -29.66 -17.59
N ARG F 303 29.54 -30.83 -17.00
CA ARG F 303 30.60 -31.80 -16.71
C ARG F 303 31.11 -32.51 -17.97
N GLN F 304 30.21 -33.10 -18.75
CA GLN F 304 30.60 -33.85 -19.94
C GLN F 304 30.98 -32.98 -21.15
N ARG F 305 31.95 -33.46 -21.92
CA ARG F 305 32.50 -32.74 -23.06
C ARG F 305 31.58 -32.82 -24.28
N ASN F 306 30.81 -33.90 -24.40
CA ASN F 306 30.02 -34.13 -25.62
C ASN F 306 28.64 -33.50 -25.55
N HIS F 307 28.18 -33.20 -24.35
CA HIS F 307 26.79 -32.76 -24.17
C HIS F 307 26.59 -31.83 -22.99
N GLY F 308 25.82 -30.78 -23.23
CA GLY F 308 25.41 -29.85 -22.19
C GLY F 308 25.72 -28.42 -22.51
N ILE F 309 25.98 -27.64 -21.47
CA ILE F 309 26.45 -26.28 -21.63
C ILE F 309 27.71 -26.19 -20.80
N HIS F 310 28.76 -25.65 -21.38
CA HIS F 310 30.03 -25.48 -20.67
C HIS F 310 29.91 -24.38 -19.63
N PHE F 311 30.55 -24.57 -18.48
CA PHE F 311 30.50 -23.57 -17.43
C PHE F 311 30.79 -22.11 -17.84
N ARG F 312 31.67 -21.88 -18.81
CA ARG F 312 32.02 -20.50 -19.16
C ARG F 312 30.76 -19.76 -19.57
N VAL F 313 29.83 -20.49 -20.18
CA VAL F 313 28.56 -19.90 -20.64
C VAL F 313 27.65 -19.61 -19.44
N LEU F 314 27.62 -20.54 -18.49
CA LEU F 314 26.84 -20.38 -17.28
C LEU F 314 27.42 -19.26 -16.44
N ALA F 315 28.68 -18.94 -16.65
CA ALA F 315 29.31 -17.88 -15.90
C ALA F 315 29.06 -16.53 -16.57
N LYS F 316 29.07 -16.49 -17.89
CA LYS F 316 28.68 -15.25 -18.57
C LYS F 316 27.25 -14.90 -18.19
N ALA F 317 26.37 -15.91 -18.21
CA ALA F 317 24.95 -15.75 -17.89
C ALA F 317 24.80 -15.21 -16.48
N LEU F 318 25.50 -15.81 -15.54
CA LEU F 318 25.45 -15.29 -14.18
C LEU F 318 25.92 -13.81 -14.11
N ARG F 319 26.97 -13.47 -14.84
CA ARG F 319 27.48 -12.12 -14.81
C ARG F 319 26.41 -11.12 -15.28
N MET F 320 25.58 -11.55 -16.24
CA MET F 320 24.55 -10.71 -16.79
C MET F 320 23.34 -10.65 -15.83
N SER F 321 22.98 -11.81 -15.27
CA SER F 321 21.83 -11.87 -14.36
C SER F 321 22.11 -11.04 -13.12
N GLY F 322 23.32 -11.17 -12.58
CA GLY F 322 23.77 -10.41 -11.43
C GLY F 322 24.40 -11.30 -10.38
N GLY F 323 25.60 -10.93 -9.95
CA GLY F 323 26.26 -11.61 -8.84
C GLY F 323 27.57 -10.94 -8.56
N ASP F 324 27.91 -10.79 -7.29
CA ASP F 324 29.19 -10.18 -6.94
C ASP F 324 30.32 -11.19 -6.80
N HIS F 325 29.94 -12.46 -6.56
CA HIS F 325 30.84 -13.56 -6.34
C HIS F 325 30.26 -14.67 -7.15
N LEU F 326 31.09 -15.49 -7.76
CA LEU F 326 30.61 -16.75 -8.33
C LEU F 326 31.68 -17.81 -8.15
N HIS F 327 31.24 -18.96 -7.62
CA HIS F 327 32.09 -20.10 -7.51
C HIS F 327 32.69 -20.46 -8.85
N SER F 328 34.01 -20.61 -8.87
CA SER F 328 34.79 -20.82 -10.09
C SER F 328 35.47 -22.16 -10.16
N GLY F 329 35.44 -22.92 -9.06
CA GLY F 329 36.23 -24.15 -8.95
C GLY F 329 37.62 -23.88 -8.40
N THR F 330 38.31 -24.96 -8.02
CA THR F 330 39.63 -24.90 -7.36
C THR F 330 40.79 -25.38 -8.23
N VAL F 331 40.46 -26.20 -9.23
CA VAL F 331 41.41 -26.99 -9.99
C VAL F 331 41.96 -28.13 -9.13
N VAL F 332 42.57 -27.79 -8.00
CA VAL F 332 43.28 -28.73 -7.12
C VAL F 332 42.43 -29.45 -6.04
N GLY F 333 41.26 -28.91 -5.73
CA GLY F 333 40.39 -29.46 -4.67
C GLY F 333 39.59 -30.70 -5.05
N LYS F 334 38.44 -30.92 -4.39
CA LYS F 334 37.73 -32.21 -4.51
C LYS F 334 36.82 -32.28 -5.72
N LEU F 335 36.63 -31.16 -6.40
CA LEU F 335 35.73 -31.12 -7.55
C LEU F 335 36.45 -30.73 -8.85
N GLU F 336 36.00 -31.30 -9.97
CA GLU F 336 36.72 -31.25 -11.24
C GLU F 336 36.88 -29.81 -11.70
N GLY F 337 37.96 -29.55 -12.46
CA GLY F 337 38.27 -28.22 -12.96
C GLY F 337 39.65 -28.18 -13.58
N GLU F 338 39.70 -28.28 -14.90
CA GLU F 338 40.96 -28.16 -15.65
C GLU F 338 41.51 -26.71 -15.62
N ARG F 339 42.85 -26.61 -15.49
CA ARG F 339 43.55 -25.34 -15.22
C ARG F 339 43.43 -24.27 -16.28
N GLU F 340 43.64 -24.64 -17.55
CA GLU F 340 43.68 -23.66 -18.65
C GLU F 340 42.31 -23.03 -18.90
N VAL F 341 41.30 -23.90 -18.98
CA VAL F 341 39.91 -23.52 -19.10
C VAL F 341 39.46 -22.60 -17.94
N THR F 342 39.87 -22.94 -16.74
CA THR F 342 39.48 -22.18 -15.58
C THR F 342 40.09 -20.80 -15.64
N LEU F 343 41.34 -20.70 -16.06
CA LEU F 343 41.99 -19.38 -16.16
C LEU F 343 41.21 -18.47 -17.11
N GLY F 344 40.61 -19.13 -18.11
CA GLY F 344 39.88 -18.47 -19.18
C GLY F 344 38.57 -17.89 -18.71
N PHE F 345 37.74 -18.73 -18.11
CA PHE F 345 36.47 -18.23 -17.61
C PHE F 345 36.61 -17.30 -16.40
N VAL F 346 37.62 -17.49 -15.55
CA VAL F 346 37.93 -16.47 -14.59
C VAL F 346 38.17 -15.11 -15.26
N ASP F 347 38.91 -15.07 -16.35
CA ASP F 347 39.09 -13.82 -17.07
C ASP F 347 37.74 -13.31 -17.59
N LEU F 348 36.89 -14.25 -18.03
CA LEU F 348 35.56 -13.90 -18.52
C LEU F 348 34.69 -13.29 -17.42
N MET F 349 34.91 -13.75 -16.20
CA MET F 349 34.19 -13.29 -15.02
C MET F 349 34.62 -11.89 -14.63
N ARG F 350 35.92 -11.64 -14.66
CA ARG F 350 36.51 -10.48 -14.00
C ARG F 350 36.78 -9.29 -14.90
N ASP F 351 37.22 -9.55 -16.13
CA ASP F 351 37.84 -8.50 -16.94
C ASP F 351 36.86 -7.79 -17.85
N ASP F 352 37.28 -6.66 -18.42
CA ASP F 352 36.42 -5.87 -19.28
C ASP F 352 36.42 -6.35 -20.71
N TYR F 353 37.55 -6.92 -21.12
CA TYR F 353 37.77 -7.30 -22.52
C TYR F 353 38.60 -8.56 -22.53
N VAL F 354 38.08 -9.60 -23.18
CA VAL F 354 38.74 -10.89 -23.23
C VAL F 354 38.84 -11.37 -24.69
N GLU F 355 40.07 -11.33 -25.23
CA GLU F 355 40.34 -11.72 -26.64
C GLU F 355 40.11 -13.21 -26.82
N LYS F 356 39.64 -13.59 -28.01
CA LYS F 356 39.51 -14.99 -28.40
C LYS F 356 40.80 -15.75 -28.05
N ASP F 357 40.67 -16.96 -27.51
CA ASP F 357 41.84 -17.80 -27.20
C ASP F 357 41.43 -19.25 -27.05
N ARG F 358 41.44 -19.98 -28.18
CA ARG F 358 41.02 -21.38 -28.21
C ARG F 358 41.78 -22.32 -27.26
N SER F 359 43.04 -22.00 -26.95
CA SER F 359 43.84 -22.83 -26.02
C SER F 359 43.20 -22.85 -24.66
N ARG F 360 42.38 -21.83 -24.41
CA ARG F 360 41.66 -21.67 -23.16
C ARG F 360 40.16 -21.83 -23.35
N GLY F 361 39.76 -22.31 -24.52
CA GLY F 361 38.36 -22.60 -24.81
C GLY F 361 37.45 -21.38 -24.95
N ILE F 362 38.05 -20.22 -25.12
CA ILE F 362 37.35 -18.98 -25.42
C ILE F 362 37.19 -18.84 -26.94
N TYR F 363 36.00 -19.14 -27.44
CA TYR F 363 35.73 -19.12 -28.89
C TYR F 363 35.41 -17.76 -29.46
N PHE F 364 35.16 -16.77 -28.59
CA PHE F 364 34.77 -15.42 -29.03
C PHE F 364 35.46 -14.37 -28.20
N THR F 365 35.82 -13.27 -28.85
CA THR F 365 36.20 -12.06 -28.14
C THR F 365 34.95 -11.54 -27.46
N GLN F 366 35.05 -11.36 -26.14
CA GLN F 366 33.94 -10.89 -25.33
C GLN F 366 34.23 -9.50 -24.79
N ASP F 367 33.43 -8.53 -25.18
CA ASP F 367 33.56 -7.17 -24.66
C ASP F 367 32.44 -6.99 -23.64
N TRP F 368 32.77 -6.72 -22.39
CA TRP F 368 31.74 -6.57 -21.36
C TRP F 368 31.24 -5.13 -21.22
N SMC F 369 31.84 -4.23 -22.01
CA SMC F 369 31.46 -2.81 -22.07
CB SMC F 369 30.28 -2.77 -23.04
SG SMC F 369 29.98 -1.16 -23.85
CS SMC F 369 31.42 -1.00 -24.92
C SMC F 369 31.14 -2.21 -20.72
O SMC F 369 30.09 -1.61 -20.56
N SER F 370 32.06 -2.40 -19.76
CA SER F 370 32.02 -1.78 -18.42
C SER F 370 31.09 -2.41 -17.39
N MET F 371 30.36 -3.45 -17.76
CA MET F 371 29.72 -4.29 -16.76
C MET F 371 30.75 -4.72 -15.72
N PRO F 372 30.43 -4.52 -14.43
CA PRO F 372 31.34 -4.85 -13.36
C PRO F 372 31.74 -6.31 -13.41
N GLY F 373 32.84 -6.61 -12.74
CA GLY F 373 33.36 -7.97 -12.73
C GLY F 373 32.86 -8.78 -11.56
N VAL F 374 32.72 -10.07 -11.77
CA VAL F 374 32.36 -11.01 -10.71
C VAL F 374 33.63 -11.59 -10.06
N MET F 375 33.62 -11.69 -8.72
CA MET F 375 34.71 -12.29 -8.02
C MET F 375 34.64 -13.82 -8.01
N PRO F 376 35.67 -14.48 -8.55
CA PRO F 376 35.70 -15.93 -8.47
C PRO F 376 35.87 -16.40 -7.05
N VAL F 377 35.15 -17.46 -6.71
CA VAL F 377 35.29 -18.05 -5.41
C VAL F 377 35.77 -19.47 -5.62
N ALA F 378 36.89 -19.78 -4.99
CA ALA F 378 37.48 -21.11 -5.08
C ALA F 378 37.23 -21.78 -3.77
N SER F 379 36.57 -22.94 -3.85
CA SER F 379 36.05 -23.61 -2.69
C SER F 379 35.87 -25.06 -2.97
N GLY F 380 36.04 -25.89 -1.94
CA GLY F 380 35.72 -27.33 -2.00
C GLY F 380 36.92 -28.26 -2.01
N GLY F 381 37.20 -28.84 -0.84
CA GLY F 381 38.32 -29.77 -0.69
C GLY F 381 39.72 -29.18 -0.57
N ILE F 382 39.84 -27.88 -0.36
CA ILE F 382 41.16 -27.27 -0.24
C ILE F 382 41.61 -27.07 1.21
N HIS F 383 42.94 -27.09 1.43
CA HIS F 383 43.55 -26.80 2.72
C HIS F 383 44.84 -26.00 2.53
N VAL F 384 45.52 -25.72 3.63
CA VAL F 384 46.70 -24.85 3.63
C VAL F 384 47.80 -25.15 2.61
N TRP F 385 48.04 -26.43 2.30
CA TRP F 385 49.08 -26.79 1.32
C TRP F 385 48.76 -26.29 -0.08
N HIS F 386 47.47 -26.13 -0.38
CA HIS F 386 47.01 -25.61 -1.66
C HIS F 386 47.20 -24.11 -1.79
N MET F 387 47.39 -23.44 -0.67
CA MET F 387 47.37 -21.98 -0.68
C MET F 387 48.21 -21.35 -1.82
N PRO F 388 49.48 -21.77 -1.97
CA PRO F 388 50.33 -21.14 -2.99
C PRO F 388 49.83 -21.39 -4.41
N ALA F 389 49.39 -22.62 -4.68
CA ALA F 389 48.80 -22.93 -5.97
C ALA F 389 47.58 -22.02 -6.26
N LEU F 390 46.73 -21.85 -5.24
CA LEU F 390 45.56 -20.96 -5.31
C LEU F 390 45.93 -19.49 -5.52
N VAL F 391 46.87 -18.96 -4.74
CA VAL F 391 47.30 -17.57 -4.95
C VAL F 391 47.91 -17.35 -6.34
N GLU F 392 48.49 -18.42 -6.87
CA GLU F 392 49.14 -18.39 -8.18
C GLU F 392 48.09 -18.33 -9.26
N ILE F 393 47.09 -19.19 -9.16
CA ILE F 393 46.04 -19.25 -10.17
C ILE F 393 45.18 -17.97 -10.25
N PHE F 394 44.73 -17.45 -9.11
CA PHE F 394 43.67 -16.43 -9.07
C PHE F 394 44.16 -14.99 -8.84
N GLY F 395 45.34 -14.86 -8.22
CA GLY F 395 45.80 -13.55 -7.77
C GLY F 395 44.97 -13.05 -6.60
N ASP F 396 45.01 -11.74 -6.36
CA ASP F 396 44.29 -11.12 -5.23
C ASP F 396 42.77 -11.14 -5.40
N ASP F 397 42.29 -10.92 -6.60
CA ASP F 397 40.87 -10.81 -6.83
C ASP F 397 40.21 -12.17 -6.89
N ALA F 398 40.18 -12.83 -5.76
CA ALA F 398 39.43 -14.05 -5.62
C ALA F 398 39.04 -14.19 -4.16
N CYS F 399 38.13 -15.10 -3.89
CA CYS F 399 37.85 -15.45 -2.50
C CYS F 399 38.08 -16.94 -2.36
N LEU F 400 38.87 -17.31 -1.35
CA LEU F 400 39.24 -18.70 -1.15
C LEU F 400 38.50 -19.24 0.07
N GLN F 401 37.93 -20.44 -0.05
CA GLN F 401 37.04 -20.97 0.97
C GLN F 401 37.38 -22.33 1.55
N PHE F 402 37.41 -22.37 2.88
CA PHE F 402 37.88 -23.54 3.62
C PHE F 402 36.83 -23.95 4.63
N GLY F 403 35.90 -24.80 4.19
CA GLY F 403 34.94 -25.40 5.09
C GLY F 403 35.64 -26.39 5.99
N GLY F 404 35.80 -27.61 5.47
CA GLY F 404 36.54 -28.65 6.15
C GLY F 404 37.87 -28.08 6.59
N GLY F 405 38.51 -27.33 5.70
CA GLY F 405 39.81 -26.76 5.99
C GLY F 405 39.88 -25.81 7.17
N THR F 406 38.74 -25.55 7.81
CA THR F 406 38.71 -24.68 8.98
C THR F 406 38.12 -25.42 10.15
N LEU F 407 36.92 -25.96 9.94
CA LEU F 407 36.21 -26.69 11.00
C LEU F 407 36.80 -28.11 11.20
N GLY F 408 37.79 -28.44 10.38
CA GLY F 408 38.47 -29.72 10.47
C GLY F 408 39.83 -29.64 11.13
N HIS F 409 40.26 -28.41 11.41
CA HIS F 409 41.47 -28.14 12.20
C HIS F 409 41.33 -28.75 13.59
N PRO F 410 42.38 -29.46 14.07
CA PRO F 410 42.33 -30.19 15.34
C PRO F 410 42.14 -29.33 16.58
N TRP F 411 42.41 -28.02 16.48
CA TRP F 411 42.22 -27.10 17.61
C TRP F 411 40.94 -26.26 17.51
N GLY F 412 40.13 -26.49 16.47
CA GLY F 412 38.86 -25.80 16.28
C GLY F 412 38.91 -24.62 15.34
N ASN F 413 37.80 -23.88 15.30
CA ASN F 413 37.55 -22.89 14.26
C ASN F 413 38.46 -21.68 14.30
N ALA F 414 38.64 -21.07 15.46
CA ALA F 414 39.43 -19.84 15.50
C ALA F 414 40.85 -20.17 15.05
N PRO F 415 41.49 -21.20 15.67
CA PRO F 415 42.81 -21.63 15.16
C PRO F 415 42.78 -22.01 13.70
N GLY F 416 41.80 -22.81 13.28
CA GLY F 416 41.60 -23.13 11.86
C GLY F 416 41.63 -21.89 10.99
N ALA F 417 40.91 -20.86 11.41
CA ALA F 417 40.85 -19.62 10.67
C ALA F 417 42.20 -18.92 10.67
N ALA F 418 42.85 -18.90 11.84
CA ALA F 418 44.18 -18.31 11.98
C ALA F 418 45.16 -18.92 11.01
N ALA F 419 45.19 -20.25 10.95
CA ALA F 419 46.12 -20.99 10.12
C ALA F 419 45.98 -20.51 8.70
N ASN F 420 44.76 -20.62 8.16
CA ASN F 420 44.50 -20.26 6.78
C ASN F 420 44.84 -18.81 6.52
N ARG F 421 44.52 -17.92 7.46
CA ARG F 421 44.82 -16.51 7.25
C ARG F 421 46.33 -16.30 7.12
N VAL F 422 47.10 -16.92 8.01
CA VAL F 422 48.56 -16.82 7.94
C VAL F 422 49.11 -17.44 6.62
N ALA F 423 48.66 -18.66 6.28
CA ALA F 423 49.04 -19.28 5.03
C ALA F 423 48.84 -18.31 3.86
N LEU F 424 47.69 -17.65 3.78
CA LEU F 424 47.43 -16.75 2.65
C LEU F 424 48.25 -15.47 2.68
N GLU F 425 48.46 -14.91 3.86
CA GLU F 425 49.23 -13.68 3.98
C GLU F 425 50.70 -13.93 3.64
N ALA F 426 51.20 -15.10 4.04
CA ALA F 426 52.57 -15.51 3.73
C ALA F 426 52.78 -15.61 2.22
N CYS F 427 51.89 -16.32 1.54
CA CYS F 427 51.99 -16.47 0.10
C CYS F 427 51.91 -15.13 -0.59
N THR F 428 51.07 -14.25 -0.09
CA THR F 428 50.95 -12.91 -0.66
C THR F 428 52.25 -12.13 -0.52
N GLN F 429 52.82 -12.12 0.69
CA GLN F 429 54.10 -11.49 0.95
C GLN F 429 55.20 -12.05 0.04
N ALA F 430 55.30 -13.38 0.01
CA ALA F 430 56.27 -14.04 -0.85
C ALA F 430 56.13 -13.57 -2.29
N ARG F 431 54.94 -13.72 -2.86
CA ARG F 431 54.61 -13.22 -4.19
C ARG F 431 55.10 -11.77 -4.37
N ASN F 432 54.75 -10.90 -3.44
CA ASN F 432 55.10 -9.50 -3.53
C ASN F 432 56.60 -9.27 -3.50
N GLU F 433 57.30 -10.08 -2.71
CA GLU F 433 58.75 -9.98 -2.53
C GLU F 433 59.55 -10.46 -3.76
N GLY F 434 58.86 -11.06 -4.72
CA GLY F 434 59.49 -11.53 -5.96
C GLY F 434 59.50 -13.04 -6.11
N ARG F 435 59.24 -13.76 -5.01
CA ARG F 435 59.29 -15.22 -5.08
C ARG F 435 58.24 -15.77 -6.07
N ASP F 436 58.63 -16.80 -6.82
CA ASP F 436 57.76 -17.46 -7.79
C ASP F 436 56.96 -18.57 -7.10
N LEU F 437 55.65 -18.37 -7.00
CA LEU F 437 54.82 -19.26 -6.20
C LEU F 437 54.63 -20.63 -6.81
N ALA F 438 54.82 -20.73 -8.12
CA ALA F 438 54.67 -21.99 -8.85
C ALA F 438 55.76 -22.99 -8.49
N ARG F 439 56.94 -22.47 -8.11
CA ARG F 439 58.10 -23.29 -7.73
C ARG F 439 58.37 -23.32 -6.23
N GLU F 440 58.61 -22.17 -5.65
CA GLU F 440 58.93 -22.11 -4.23
C GLU F 440 57.68 -22.28 -3.33
N GLY F 441 56.63 -22.90 -3.88
CA GLY F 441 55.35 -23.03 -3.19
C GLY F 441 55.44 -23.70 -1.85
N GLY F 442 55.83 -24.99 -1.88
CA GLY F 442 56.02 -25.80 -0.68
C GLY F 442 56.95 -25.16 0.33
N ASP F 443 57.94 -24.41 -0.16
CA ASP F 443 58.90 -23.70 0.70
C ASP F 443 58.26 -22.62 1.55
N VAL F 444 57.49 -21.73 0.91
CA VAL F 444 56.80 -20.64 1.59
C VAL F 444 55.88 -21.17 2.69
N ILE F 445 55.13 -22.23 2.39
CA ILE F 445 54.27 -22.87 3.37
C ILE F 445 55.10 -23.40 4.54
N ARG F 446 56.14 -24.17 4.22
CA ARG F 446 56.98 -24.80 5.23
C ARG F 446 57.60 -23.79 6.20
N SER F 447 58.15 -22.69 5.67
CA SER F 447 58.71 -21.65 6.52
C SER F 447 57.69 -21.18 7.55
N ALA F 448 56.43 -21.08 7.10
CA ALA F 448 55.36 -20.50 7.89
C ALA F 448 54.84 -21.47 8.96
N CYS F 449 54.86 -22.78 8.70
CA CYS F 449 54.52 -23.76 9.73
C CYS F 449 55.48 -23.77 10.89
N LYS F 450 56.77 -23.61 10.59
CA LYS F 450 57.82 -23.62 11.59
C LYS F 450 57.74 -22.33 12.41
N TRP F 451 57.01 -21.35 11.87
CA TRP F 451 56.82 -20.06 12.51
C TRP F 451 55.49 -19.94 13.30
N SER F 452 54.40 -20.51 12.74
CA SER F 452 53.04 -20.42 13.35
C SER F 452 52.52 -21.77 13.85
N PRO F 453 52.34 -21.89 15.18
CA PRO F 453 51.88 -23.12 15.83
C PRO F 453 50.58 -23.63 15.26
N GLU F 454 49.66 -22.69 14.98
CA GLU F 454 48.34 -22.99 14.44
C GLU F 454 48.43 -23.56 13.05
N LEU F 455 49.19 -22.87 12.20
CA LEU F 455 49.46 -23.35 10.85
C LEU F 455 50.13 -24.72 10.87
N ALA F 456 51.07 -24.91 11.82
CA ALA F 456 51.81 -26.17 11.93
C ALA F 456 50.89 -27.35 12.17
N ALA F 457 49.97 -27.17 13.12
CA ALA F 457 48.97 -28.19 13.43
C ALA F 457 48.12 -28.52 12.18
N ALA F 458 47.84 -27.49 11.36
CA ALA F 458 47.10 -27.66 10.12
C ALA F 458 47.88 -28.49 9.09
N CYS F 459 49.09 -28.03 8.76
CA CYS F 459 49.98 -28.70 7.81
C CYS F 459 50.17 -30.18 8.11
N GLU F 460 50.35 -30.46 9.40
CA GLU F 460 50.52 -31.80 9.93
C GLU F 460 49.39 -32.72 9.51
N VAL F 461 48.16 -32.26 9.67
CA VAL F 461 46.97 -33.11 9.51
C VAL F 461 46.60 -33.38 8.07
N TRP F 462 46.86 -32.41 7.18
CA TRP F 462 46.50 -32.54 5.76
C TRP F 462 47.66 -32.64 4.79
N LYS F 463 48.87 -32.85 5.30
CA LYS F 463 50.09 -33.02 4.50
C LYS F 463 49.99 -34.04 3.35
N GLU F 464 49.49 -35.25 3.64
CA GLU F 464 49.41 -36.30 2.60
C GLU F 464 48.23 -36.14 1.63
N ILE F 465 47.39 -35.14 1.86
CA ILE F 465 46.08 -35.05 1.21
C ILE F 465 46.11 -34.33 -0.14
N LYS F 466 45.76 -35.09 -1.18
CA LYS F 466 45.76 -34.60 -2.56
C LYS F 466 44.58 -35.14 -3.37
N PHE F 467 44.22 -34.41 -4.42
CA PHE F 467 43.15 -34.83 -5.31
C PHE F 467 43.65 -34.94 -6.76
N GLU F 468 44.19 -36.12 -7.08
CA GLU F 468 44.62 -36.47 -8.44
C GLU F 468 44.07 -37.86 -8.75
N PHE F 469 43.51 -38.06 -9.96
CA PHE F 469 42.85 -39.34 -10.31
C PHE F 469 43.27 -39.92 -11.68
N ALA G 9 -7.86 0.07 64.31
CA ALA G 9 -7.74 1.21 63.33
C ALA G 9 -7.11 0.83 61.96
N GLY G 10 -7.95 0.83 60.90
CA GLY G 10 -7.51 0.77 59.49
C GLY G 10 -7.94 -0.41 58.61
N ALA G 11 -7.07 -0.74 57.65
CA ALA G 11 -7.15 -1.92 56.77
C ALA G 11 -5.86 -1.91 55.94
N GLY G 12 -4.86 -2.70 56.38
CA GLY G 12 -3.55 -2.72 55.75
C GLY G 12 -3.28 -4.05 55.08
N PHE G 13 -2.01 -4.31 54.75
CA PHE G 13 -1.65 -5.56 54.07
C PHE G 13 -1.35 -6.68 55.05
N LYS G 14 -2.13 -7.75 54.95
CA LYS G 14 -1.93 -8.94 55.76
C LYS G 14 -1.64 -10.17 54.88
N ALA G 15 -0.37 -10.53 54.77
CA ALA G 15 0.02 -11.68 53.95
C ALA G 15 -0.70 -12.95 54.35
N GLY G 16 -0.85 -13.88 53.43
CA GLY G 16 -1.45 -15.17 53.76
C GLY G 16 -2.84 -15.39 53.20
N VAL G 17 -3.23 -16.66 53.14
CA VAL G 17 -4.53 -17.08 52.65
C VAL G 17 -5.66 -16.70 53.61
N LYS G 18 -6.80 -16.35 53.05
CA LYS G 18 -8.03 -16.27 53.83
C LYS G 18 -9.21 -16.81 52.97
N ASP G 19 -10.41 -16.83 53.51
CA ASP G 19 -11.54 -17.26 52.72
C ASP G 19 -11.92 -16.23 51.67
N TYR G 20 -12.42 -16.70 50.53
CA TYR G 20 -12.89 -15.81 49.46
C TYR G 20 -14.15 -15.07 49.90
N ARG G 21 -15.03 -15.80 50.58
CA ARG G 21 -16.31 -15.27 51.05
C ARG G 21 -16.19 -13.96 51.84
N LEU G 22 -15.03 -13.70 52.43
CA LEU G 22 -14.82 -12.46 53.17
C LEU G 22 -14.87 -11.26 52.25
N THR G 23 -14.36 -11.40 51.03
CA THR G 23 -14.32 -10.27 50.09
C THR G 23 -15.32 -10.39 48.92
N TYR G 24 -15.59 -11.62 48.49
CA TYR G 24 -16.30 -11.82 47.23
C TYR G 24 -17.73 -12.33 47.35
N TYR G 25 -18.18 -12.60 48.57
CA TYR G 25 -19.57 -12.95 48.81
C TYR G 25 -20.24 -11.75 49.42
N THR G 26 -21.13 -11.13 48.66
CA THR G 26 -21.83 -9.96 49.15
C THR G 26 -23.32 -10.05 48.86
N PRO G 27 -24.07 -10.83 49.68
CA PRO G 27 -25.49 -11.02 49.43
C PRO G 27 -26.35 -9.75 49.60
N ASP G 28 -25.78 -8.70 50.17
CA ASP G 28 -26.54 -7.45 50.37
C ASP G 28 -26.36 -6.42 49.24
N TYR G 29 -25.62 -6.82 48.20
CA TYR G 29 -25.29 -5.97 47.05
C TYR G 29 -26.49 -5.69 46.14
N VAL G 30 -26.70 -4.43 45.83
CA VAL G 30 -27.71 -4.01 44.85
C VAL G 30 -27.02 -3.95 43.48
N VAL G 31 -27.41 -4.85 42.57
CA VAL G 31 -26.86 -4.87 41.21
C VAL G 31 -27.13 -3.56 40.49
N ARG G 32 -26.13 -3.10 39.75
CA ARG G 32 -26.28 -1.87 39.00
C ARG G 32 -26.76 -2.19 37.56
N ASP G 33 -27.40 -1.20 36.95
CA ASP G 33 -27.93 -1.34 35.61
C ASP G 33 -26.92 -1.70 34.53
N THR G 34 -25.65 -1.45 34.80
CA THR G 34 -24.55 -1.64 33.86
C THR G 34 -23.69 -2.89 34.14
N ASP G 35 -23.97 -3.62 35.22
CA ASP G 35 -23.22 -4.80 35.58
C ASP G 35 -23.52 -5.94 34.63
N ILE G 36 -22.54 -6.76 34.32
CA ILE G 36 -22.79 -8.00 33.58
C ILE G 36 -23.11 -9.00 34.66
N LEU G 37 -24.21 -9.73 34.51
CA LEU G 37 -24.59 -10.75 35.49
C LEU G 37 -24.42 -12.17 34.97
N ALA G 38 -23.91 -13.06 35.80
CA ALA G 38 -23.76 -14.42 35.38
C ALA G 38 -24.57 -15.32 36.28
N ALA G 39 -25.04 -16.42 35.71
CA ALA G 39 -25.80 -17.40 36.46
C ALA G 39 -25.11 -18.75 36.32
N PHE G 40 -24.39 -19.14 37.37
CA PHE G 40 -23.65 -20.38 37.36
C PHE G 40 -24.41 -21.52 38.04
N ARG G 41 -24.34 -22.71 37.47
CA ARG G 41 -24.85 -23.92 38.09
C ARG G 41 -23.70 -24.65 38.75
N MET G 42 -23.48 -24.29 39.99
CA MET G 42 -22.33 -24.66 40.79
C MET G 42 -22.58 -26.00 41.47
N THR G 43 -21.55 -26.84 41.57
CA THR G 43 -21.63 -28.11 42.28
C THR G 43 -20.36 -28.27 43.11
N PRO G 44 -20.36 -27.76 44.35
CA PRO G 44 -19.14 -27.76 45.17
C PRO G 44 -18.64 -29.18 45.50
N GLN G 45 -17.37 -29.28 45.89
CA GLN G 45 -16.89 -30.49 46.54
C GLN G 45 -17.58 -30.64 47.90
N PRO G 46 -17.79 -31.89 48.36
CA PRO G 46 -18.29 -32.14 49.72
C PRO G 46 -17.54 -31.34 50.80
N GLY G 47 -18.30 -30.62 51.61
CA GLY G 47 -17.70 -29.88 52.71
C GLY G 47 -17.21 -28.50 52.35
N VAL G 48 -17.40 -28.08 51.09
CA VAL G 48 -17.11 -26.69 50.68
C VAL G 48 -18.41 -25.89 50.72
N PRO G 49 -18.50 -24.95 51.68
CA PRO G 49 -19.74 -24.18 51.79
C PRO G 49 -20.06 -23.41 50.52
N PRO G 50 -21.29 -23.59 49.99
CA PRO G 50 -21.82 -22.83 48.87
C PRO G 50 -21.38 -21.37 48.82
N GLU G 51 -21.51 -20.65 49.93
CA GLU G 51 -21.07 -19.25 49.99
C GLU G 51 -19.60 -19.07 49.62
N GLU G 52 -18.75 -20.02 50.01
CA GLU G 52 -17.31 -19.92 49.76
C GLU G 52 -17.02 -20.24 48.30
N CYS G 53 -17.69 -21.27 47.80
CA CYS G 53 -17.53 -21.73 46.45
C CYS G 53 -17.96 -20.66 45.43
N GLY G 54 -19.10 -20.03 45.68
CA GLY G 54 -19.57 -18.95 44.84
C GLY G 54 -18.64 -17.77 44.86
N ALA G 55 -18.07 -17.46 46.01
CA ALA G 55 -17.17 -16.31 46.12
C ALA G 55 -15.86 -16.58 45.40
N ALA G 56 -15.43 -17.84 45.40
CA ALA G 56 -14.26 -18.27 44.66
C ALA G 56 -14.46 -18.00 43.17
N VAL G 57 -15.56 -18.50 42.64
CA VAL G 57 -15.92 -18.23 41.26
C VAL G 57 -15.92 -16.73 40.99
N ALA G 58 -16.53 -15.92 41.84
CA ALA G 58 -16.58 -14.49 41.57
C ALA G 58 -15.19 -13.88 41.57
N ALA G 59 -14.32 -14.45 42.40
CA ALA G 59 -13.04 -13.84 42.69
C ALA G 59 -12.11 -14.11 41.53
N GLU G 60 -12.02 -15.38 41.16
CA GLU G 60 -11.04 -15.83 40.22
C GLU G 60 -11.48 -15.60 38.80
N SER G 61 -12.64 -14.96 38.65
CA SER G 61 -13.11 -14.56 37.34
C SER G 61 -13.12 -13.04 37.28
N SER G 62 -12.51 -12.39 38.25
CA SER G 62 -12.51 -10.94 38.27
C SER G 62 -11.21 -10.32 38.74
N THR G 63 -10.99 -10.31 40.04
CA THR G 63 -9.84 -9.59 40.59
C THR G 63 -9.00 -10.41 41.54
N GLY G 64 -9.49 -11.55 42.00
CA GLY G 64 -8.84 -12.28 43.06
C GLY G 64 -7.98 -13.48 42.71
N THR G 65 -6.96 -13.72 43.52
CA THR G 65 -6.20 -14.96 43.49
C THR G 65 -6.30 -15.70 44.85
N TRP G 66 -5.47 -16.72 45.03
CA TRP G 66 -5.59 -17.70 46.11
C TRP G 66 -5.04 -17.27 47.47
N THR G 67 -4.11 -16.31 47.46
CA THR G 67 -3.59 -15.65 48.67
C THR G 67 -3.65 -14.13 48.51
N THR G 68 -3.48 -13.40 49.61
CA THR G 68 -3.72 -11.97 49.61
C THR G 68 -2.52 -11.25 49.04
N VAL G 69 -2.77 -10.37 48.09
CA VAL G 69 -1.71 -9.63 47.44
C VAL G 69 -1.77 -8.18 47.87
N TRP G 70 -0.62 -7.53 47.95
CA TRP G 70 -0.51 -6.20 48.54
C TRP G 70 -0.97 -5.09 47.63
N THR G 71 -0.89 -5.37 46.34
CA THR G 71 -1.19 -4.43 45.26
C THR G 71 -2.66 -4.02 45.27
N ASP G 72 -3.50 -4.82 45.95
CA ASP G 72 -4.90 -4.49 46.17
C ASP G 72 -5.08 -3.09 46.67
N GLY G 73 -4.26 -2.66 47.63
CA GLY G 73 -4.34 -1.33 48.22
C GLY G 73 -4.08 -0.16 47.30
N LEU G 74 -3.39 -0.40 46.18
CA LEU G 74 -3.09 0.62 45.18
C LEU G 74 -4.31 1.04 44.40
N THR G 75 -5.26 0.09 44.31
CA THR G 75 -6.53 0.27 43.63
C THR G 75 -7.74 0.10 44.56
N SER G 76 -8.96 0.28 44.04
CA SER G 76 -10.16 0.14 44.83
C SER G 76 -10.87 -1.18 44.51
N LEU G 77 -10.54 -2.21 45.27
CA LEU G 77 -11.17 -3.52 45.12
C LEU G 77 -12.68 -3.45 45.10
N ASP G 78 -13.25 -2.51 45.85
CA ASP G 78 -14.70 -2.27 45.87
C ASP G 78 -15.26 -2.01 44.49
N ARG G 79 -14.62 -1.09 43.77
CA ARG G 79 -15.01 -0.68 42.43
C ARG G 79 -14.98 -1.82 41.39
N TYR G 80 -13.97 -2.70 41.50
CA TYR G 80 -13.67 -3.64 40.43
C TYR G 80 -14.03 -5.11 40.70
N LYS G 81 -14.26 -5.50 41.95
CA LYS G 81 -14.44 -6.93 42.26
C LYS G 81 -15.69 -7.57 41.68
N GLY G 82 -15.56 -8.83 41.29
CA GLY G 82 -16.72 -9.63 40.97
C GLY G 82 -17.37 -9.98 42.28
N ARG G 83 -18.69 -10.06 42.28
CA ARG G 83 -19.47 -10.21 43.52
C ARG G 83 -20.52 -11.30 43.38
N CYS G 84 -20.36 -12.42 44.08
CA CYS G 84 -21.46 -13.38 44.29
C CYS G 84 -22.50 -12.77 45.21
N TYR G 85 -23.69 -12.52 44.70
CA TYR G 85 -24.69 -11.72 45.41
C TYR G 85 -26.00 -12.46 45.74
N ASP G 86 -26.06 -13.75 45.44
CA ASP G 86 -27.28 -14.53 45.68
C ASP G 86 -27.01 -15.98 45.37
N ILE G 87 -27.57 -16.87 46.16
CA ILE G 87 -27.44 -18.31 45.88
C ILE G 87 -28.78 -18.99 46.08
N GLU G 88 -29.30 -19.60 45.02
CA GLU G 88 -30.49 -20.47 45.07
C GLU G 88 -30.07 -21.92 45.15
N PRO G 89 -30.70 -22.70 46.03
CA PRO G 89 -30.51 -24.15 45.94
C PRO G 89 -31.32 -24.70 44.77
N VAL G 90 -30.87 -25.80 44.18
CA VAL G 90 -31.61 -26.38 43.06
C VAL G 90 -32.56 -27.49 43.57
N PRO G 91 -33.88 -27.34 43.28
CA PRO G 91 -34.89 -28.31 43.70
C PRO G 91 -34.58 -29.67 43.09
N GLY G 92 -34.72 -30.72 43.89
CA GLY G 92 -34.44 -32.06 43.42
C GLY G 92 -32.95 -32.31 43.29
N GLU G 93 -32.15 -31.55 44.03
CA GLU G 93 -30.68 -31.68 43.97
C GLU G 93 -30.01 -31.47 45.31
N ASP G 94 -29.25 -32.48 45.72
CA ASP G 94 -28.56 -32.42 47.00
C ASP G 94 -27.52 -31.32 46.97
N ASN G 95 -26.55 -31.47 46.06
CA ASN G 95 -25.37 -30.63 46.04
C ASN G 95 -25.26 -29.79 44.76
N GLN G 96 -26.26 -28.95 44.52
CA GLN G 96 -26.25 -28.12 43.33
C GLN G 96 -26.94 -26.81 43.60
N TYR G 97 -26.28 -25.72 43.21
CA TYR G 97 -26.75 -24.37 43.52
C TYR G 97 -26.68 -23.53 42.27
N ILE G 98 -27.48 -22.46 42.21
CA ILE G 98 -27.27 -21.43 41.21
C ILE G 98 -26.61 -20.24 41.91
N ALA G 99 -25.37 -19.93 41.51
CA ALA G 99 -24.66 -18.79 42.07
C ALA G 99 -24.74 -17.59 41.15
N TYR G 100 -25.07 -16.43 41.70
CA TYR G 100 -25.23 -15.24 40.89
C TYR G 100 -24.05 -14.32 41.10
N VAL G 101 -23.35 -14.01 40.03
CA VAL G 101 -22.21 -13.12 40.11
C VAL G 101 -22.45 -11.86 39.32
N ALA G 102 -22.04 -10.74 39.88
CA ALA G 102 -22.12 -9.48 39.19
C ALA G 102 -20.72 -8.96 38.94
N TYR G 103 -20.45 -8.59 37.68
CA TYR G 103 -19.19 -8.03 37.26
C TYR G 103 -19.42 -6.60 36.80
N HYP G 104 -18.66 -5.63 37.34
CA HYP G 104 -18.71 -4.26 36.85
C HYP G 104 -18.38 -4.15 35.40
O HYP G 104 -17.57 -4.93 34.87
CB HYP G 104 -17.64 -3.50 37.62
CG HYP G 104 -17.51 -4.31 38.89
CD HYP G 104 -17.76 -5.73 38.46
OD1 HYP G 104 -18.55 -3.86 39.77
N ILE G 105 -18.98 -3.17 34.73
CA ILE G 105 -18.72 -2.96 33.30
C ILE G 105 -17.24 -2.72 32.95
N ASP G 106 -16.53 -1.96 33.82
CA ASP G 106 -15.10 -1.65 33.67
C ASP G 106 -14.22 -2.87 33.50
N LEU G 107 -14.71 -4.04 33.87
CA LEU G 107 -13.86 -5.22 33.82
C LEU G 107 -13.59 -5.68 32.39
N PHE G 108 -14.34 -5.10 31.44
CA PHE G 108 -14.46 -5.68 30.09
C PHE G 108 -14.02 -4.76 28.96
N GLU G 109 -13.40 -5.38 27.98
CA GLU G 109 -13.02 -4.67 26.81
C GLU G 109 -14.26 -4.44 25.96
N GLU G 110 -14.44 -3.19 25.56
CA GLU G 110 -15.51 -2.83 24.65
C GLU G 110 -15.44 -3.68 23.37
N GLY G 111 -16.58 -4.20 22.93
CA GLY G 111 -16.68 -4.88 21.64
C GLY G 111 -16.03 -6.23 21.58
N SER G 112 -15.64 -6.79 22.73
CA SER G 112 -14.83 -8.03 22.71
C SER G 112 -15.45 -9.22 23.41
N VAL G 113 -16.15 -10.05 22.66
CA VAL G 113 -16.75 -11.25 23.22
C VAL G 113 -15.64 -12.09 23.84
N THR G 114 -14.52 -12.18 23.13
CA THR G 114 -13.35 -12.91 23.56
C THR G 114 -12.94 -12.50 24.98
N ASN G 115 -13.01 -11.22 25.30
CA ASN G 115 -12.54 -10.77 26.58
C ASN G 115 -13.58 -11.10 27.63
N MET G 116 -14.83 -10.94 27.29
CA MET G 116 -15.89 -11.30 28.22
C MET G 116 -15.82 -12.78 28.59
N PHE G 117 -15.61 -13.66 27.62
CA PHE G 117 -15.52 -15.08 27.92
C PHE G 117 -14.28 -15.43 28.73
N THR G 118 -13.24 -14.64 28.56
CA THR G 118 -11.97 -14.95 29.16
C THR G 118 -12.10 -14.71 30.65
N SER G 119 -12.73 -13.61 31.03
CA SER G 119 -12.98 -13.37 32.43
C SER G 119 -13.96 -14.38 32.99
N ILE G 120 -15.16 -14.41 32.45
CA ILE G 120 -16.24 -15.20 33.04
C ILE G 120 -16.08 -16.72 32.95
N VAL G 121 -15.49 -17.26 31.90
CA VAL G 121 -15.37 -18.73 31.82
C VAL G 121 -13.93 -19.19 31.64
N GLY G 122 -12.99 -18.32 32.03
CA GLY G 122 -11.57 -18.55 31.80
C GLY G 122 -10.97 -19.68 32.62
N ASN G 123 -11.06 -19.58 33.93
CA ASN G 123 -10.30 -20.46 34.81
C ASN G 123 -11.18 -21.26 35.74
N VAL G 124 -12.21 -20.61 36.26
CA VAL G 124 -13.08 -21.15 37.32
C VAL G 124 -13.56 -22.58 37.09
N PHE G 125 -13.87 -22.95 35.87
CA PHE G 125 -14.41 -24.27 35.62
C PHE G 125 -13.46 -25.40 36.04
N GLY G 126 -12.22 -25.06 36.32
CA GLY G 126 -11.22 -26.08 36.51
C GLY G 126 -10.80 -26.15 37.94
N PHE G 127 -11.47 -25.39 38.78
CA PHE G 127 -11.17 -25.37 40.20
C PHE G 127 -11.32 -26.70 40.90
N LYS G 128 -10.33 -27.07 41.71
CA LYS G 128 -10.39 -28.26 42.55
C LYS G 128 -11.60 -28.17 43.51
N ALA G 129 -11.87 -26.98 44.03
CA ALA G 129 -12.92 -26.78 45.02
C ALA G 129 -14.34 -27.02 44.51
N LEU G 130 -14.49 -27.37 43.24
CA LEU G 130 -15.81 -27.74 42.74
C LEU G 130 -15.81 -28.96 41.85
N ARG G 131 -16.96 -29.62 41.78
CA ARG G 131 -17.09 -30.85 41.02
C ARG G 131 -17.49 -30.56 39.59
N ALA G 132 -18.32 -29.54 39.42
CA ALA G 132 -18.85 -29.20 38.12
C ALA G 132 -19.30 -27.75 38.12
N LEU G 133 -19.31 -27.12 36.96
CA LEU G 133 -19.80 -25.76 36.86
C LEU G 133 -20.43 -25.63 35.50
N ARG G 134 -21.53 -24.88 35.42
CA ARG G 134 -22.17 -24.67 34.15
C ARG G 134 -22.69 -23.25 34.08
N LEU G 135 -22.33 -22.51 33.03
CA LEU G 135 -22.83 -21.14 32.92
C LEU G 135 -24.15 -21.21 32.18
N GLU G 136 -25.23 -20.75 32.82
CA GLU G 136 -26.56 -20.93 32.28
C GLU G 136 -27.05 -19.68 31.58
N ASP G 137 -26.66 -18.52 32.06
CA ASP G 137 -27.11 -17.31 31.39
C ASP G 137 -26.24 -16.15 31.80
N LEU G 138 -26.22 -15.12 30.96
CA LEU G 138 -25.54 -13.86 31.25
C LEU G 138 -26.50 -12.74 30.99
N ARG G 139 -26.39 -11.69 31.75
CA ARG G 139 -27.19 -10.52 31.50
C ARG G 139 -26.25 -9.47 30.89
N ILE G 140 -26.34 -9.25 29.58
CA ILE G 140 -25.50 -8.26 28.95
C ILE G 140 -26.24 -6.93 28.98
N PRO G 141 -25.78 -5.98 29.80
CA PRO G 141 -26.48 -4.72 29.94
C PRO G 141 -26.43 -3.91 28.66
N PRO G 142 -27.41 -3.02 28.43
CA PRO G 142 -27.32 -2.12 27.27
C PRO G 142 -25.96 -1.44 27.08
N ALA G 143 -25.43 -0.84 28.15
CA ALA G 143 -24.19 -0.09 28.02
C ALA G 143 -23.01 -0.94 27.55
N TYR G 144 -23.05 -2.24 27.72
CA TYR G 144 -22.00 -3.07 27.15
C TYR G 144 -22.44 -3.45 25.73
N VAL G 145 -23.74 -3.66 25.55
CA VAL G 145 -24.23 -4.10 24.26
C VAL G 145 -23.84 -3.07 23.25
N LYS G 146 -24.01 -1.79 23.59
CA LYS G 146 -23.79 -0.71 22.63
C LYS G 146 -22.33 -0.61 22.17
N THR G 147 -21.44 -1.42 22.72
CA THR G 147 -20.02 -1.32 22.32
C THR G 147 -19.70 -2.25 21.18
N PHE G 148 -20.66 -3.10 20.81
CA PHE G 148 -20.42 -4.10 19.79
C PHE G 148 -21.02 -3.65 18.46
N VAL G 149 -20.33 -3.93 17.37
CA VAL G 149 -20.91 -3.74 16.06
C VAL G 149 -22.13 -4.67 15.90
N GLY G 150 -22.04 -5.88 16.46
CA GLY G 150 -23.13 -6.85 16.41
C GLY G 150 -23.37 -7.36 15.00
N HYP G 151 -24.54 -7.97 14.76
CA HYP G 151 -24.77 -8.60 13.45
C HYP G 151 -24.59 -7.68 12.24
O HYP G 151 -25.00 -6.49 12.29
CB HYP G 151 -26.20 -9.11 13.52
CG HYP G 151 -26.36 -9.36 15.02
CD HYP G 151 -25.67 -8.16 15.64
OD1 HYP G 151 -25.61 -10.52 15.33
N PRO G 152 -24.01 -8.22 11.13
CA PRO G 152 -23.80 -7.37 9.96
C PRO G 152 -25.09 -6.76 9.45
N HIS G 153 -26.17 -7.54 9.46
CA HIS G 153 -27.45 -7.07 8.88
C HIS G 153 -28.67 -7.27 9.79
N GLY G 154 -28.90 -8.49 10.25
CA GLY G 154 -30.06 -8.76 11.07
C GLY G 154 -31.24 -9.17 10.20
N ILE G 155 -32.30 -9.68 10.82
CA ILE G 155 -33.42 -10.28 10.11
C ILE G 155 -34.12 -9.35 9.15
N GLN G 156 -34.53 -8.16 9.61
CA GLN G 156 -35.23 -7.21 8.75
C GLN G 156 -34.42 -6.85 7.50
N VAL G 157 -33.15 -6.49 7.70
CA VAL G 157 -32.35 -6.04 6.59
C VAL G 157 -32.10 -7.21 5.65
N GLU G 158 -31.81 -8.38 6.19
CA GLU G 158 -31.70 -9.56 5.34
C GLU G 158 -32.90 -9.82 4.40
N ARG G 159 -34.09 -9.73 4.96
CA ARG G 159 -35.30 -9.94 4.24
C ARG G 159 -35.45 -8.87 3.17
N ASP G 160 -35.14 -7.64 3.53
CA ASP G 160 -35.14 -6.53 2.56
C ASP G 160 -34.16 -6.71 1.40
N LYS G 161 -32.93 -7.08 1.71
CA LYS G 161 -31.91 -7.33 0.69
C LYS G 161 -32.34 -8.48 -0.24
N LEU G 162 -32.84 -9.56 0.32
CA LEU G 162 -33.15 -10.74 -0.44
C LEU G 162 -34.49 -10.64 -1.13
N ASN G 163 -35.27 -9.63 -0.74
CA ASN G 163 -36.66 -9.45 -1.19
C ASN G 163 -37.54 -10.69 -0.94
N LYS G 164 -37.50 -11.23 0.28
CA LYS G 164 -38.29 -12.40 0.64
C LYS G 164 -39.12 -12.13 1.90
N TYR G 165 -40.43 -12.28 1.79
CA TYR G 165 -41.30 -11.95 2.91
C TYR G 165 -42.33 -13.04 3.17
N GLY G 166 -42.89 -13.06 4.38
CA GLY G 166 -44.09 -13.85 4.68
C GLY G 166 -43.96 -15.37 4.74
N ARG G 167 -42.73 -15.84 4.90
CA ARG G 167 -42.50 -17.28 5.09
C ARG G 167 -41.08 -17.58 5.53
N GLY G 168 -40.88 -18.80 5.97
CA GLY G 168 -39.55 -19.25 6.37
C GLY G 168 -38.71 -19.33 5.13
N LEU G 169 -37.40 -19.36 5.30
CA LEU G 169 -36.49 -19.52 4.20
C LEU G 169 -36.00 -20.97 4.11
N LEU G 170 -35.75 -21.44 2.90
CA LEU G 170 -35.41 -22.85 2.74
C LEU G 170 -34.00 -23.07 2.29
N GLY G 171 -33.28 -23.88 3.05
CA GLY G 171 -31.88 -24.11 2.79
C GLY G 171 -31.58 -25.59 2.73
N CYS G 172 -30.30 -25.94 2.60
CA CYS G 172 -29.95 -27.27 2.18
C CYS G 172 -28.45 -27.48 2.13
N THR G 173 -27.94 -28.34 2.97
CA THR G 173 -26.53 -28.65 2.97
C THR G 173 -26.26 -29.70 1.91
N ILE G 174 -25.38 -29.41 0.96
CA ILE G 174 -24.96 -30.39 -0.03
C ILE G 174 -24.33 -31.58 0.66
N LYS G 175 -24.60 -32.78 0.13
CA LYS G 175 -24.03 -34.05 0.66
C LYS G 175 -23.51 -34.86 -0.51
N PRO G 176 -22.56 -35.79 -0.28
CA PRO G 176 -21.93 -36.14 0.98
C PRO G 176 -21.19 -34.94 1.53
N LYS G 177 -20.96 -34.91 2.85
CA LYS G 177 -20.22 -33.80 3.49
C LYS G 177 -18.95 -33.51 2.68
N LEU G 178 -18.04 -34.46 2.67
CA LEU G 178 -16.81 -34.31 1.95
C LEU G 178 -16.78 -35.30 0.79
N GLY G 179 -15.92 -35.05 -0.19
CA GLY G 179 -15.73 -36.01 -1.28
C GLY G 179 -16.16 -35.52 -2.65
N LEU G 180 -17.09 -34.58 -2.69
CA LEU G 180 -17.51 -34.04 -3.98
C LEU G 180 -16.53 -33.03 -4.60
N SER G 181 -16.29 -33.16 -5.90
CA SER G 181 -15.49 -32.21 -6.64
C SER G 181 -16.24 -30.85 -6.73
N ALA G 182 -15.49 -29.79 -7.09
CA ALA G 182 -16.07 -28.46 -7.24
C ALA G 182 -17.18 -28.43 -8.30
N LYS G 183 -16.91 -29.04 -9.47
CA LYS G 183 -17.89 -29.10 -10.56
C LYS G 183 -19.17 -29.81 -10.11
N ASN G 184 -19.04 -30.98 -9.46
CA ASN G 184 -20.21 -31.68 -8.93
C ASN G 184 -20.94 -30.88 -7.86
N TYR G 185 -20.18 -30.22 -7.00
CA TYR G 185 -20.75 -29.37 -5.96
C TYR G 185 -21.69 -28.35 -6.58
N GLY G 186 -21.21 -27.63 -7.60
CA GLY G 186 -22.03 -26.63 -8.25
C GLY G 186 -23.21 -27.27 -8.94
N ARG G 187 -23.01 -28.49 -9.42
CA ARG G 187 -24.05 -29.21 -10.14
C ARG G 187 -25.20 -29.42 -9.18
N ALA G 188 -24.93 -30.09 -8.06
CA ALA G 188 -25.92 -30.28 -7.02
C ALA G 188 -26.55 -28.97 -6.66
N VAL G 189 -25.73 -27.94 -6.41
CA VAL G 189 -26.24 -26.63 -5.98
C VAL G 189 -27.28 -26.07 -6.96
N TYR G 190 -26.96 -26.08 -8.25
CA TYR G 190 -27.88 -25.61 -9.27
C TYR G 190 -29.22 -26.33 -9.25
N GLU G 191 -29.17 -27.67 -9.16
CA GLU G 191 -30.38 -28.50 -9.11
C GLU G 191 -31.22 -28.23 -7.83
N CYS G 192 -30.61 -28.17 -6.65
CA CYS G 192 -31.38 -27.83 -5.46
C CYS G 192 -32.01 -26.44 -5.61
N LEU G 193 -31.25 -25.48 -6.11
CA LEU G 193 -31.73 -24.10 -6.06
C LEU G 193 -32.91 -23.84 -7.02
N ARG G 194 -32.87 -24.51 -8.17
CA ARG G 194 -33.93 -24.35 -9.19
C ARG G 194 -35.26 -24.99 -8.79
N GLY G 195 -35.20 -26.04 -7.97
CA GLY G 195 -36.40 -26.66 -7.43
C GLY G 195 -37.20 -25.81 -6.43
N GLY G 196 -36.66 -24.69 -5.96
CA GLY G 196 -37.41 -23.82 -5.05
C GLY G 196 -36.81 -23.52 -3.69
N LEU G 197 -35.66 -24.12 -3.38
CA LEU G 197 -34.91 -23.71 -2.19
C LEU G 197 -34.34 -22.28 -2.35
N ASP G 198 -34.28 -21.55 -1.25
CA ASP G 198 -33.70 -20.22 -1.25
C ASP G 198 -32.18 -20.26 -1.18
N PHE G 199 -31.67 -21.20 -0.40
CA PHE G 199 -30.27 -21.29 -0.13
C PHE G 199 -29.81 -22.70 -0.23
N THR G 200 -28.54 -22.88 -0.60
CA THR G 200 -27.79 -24.11 -0.24
C THR G 200 -26.52 -23.69 0.54
N KCX G 201 -25.77 -24.66 1.03
CA KCX G 201 -24.62 -24.30 1.82
CB KCX G 201 -25.02 -24.07 3.27
CG KCX G 201 -25.41 -25.33 4.03
CD KCX G 201 -25.90 -24.99 5.43
CE KCX G 201 -24.74 -24.69 6.40
NZ KCX G 201 -23.89 -25.88 6.58
C KCX G 201 -23.49 -25.32 1.73
O KCX G 201 -23.71 -26.49 1.43
CX KCX G 201 -24.26 -26.83 7.44
OQ1 KCX G 201 -23.56 -27.86 7.61
OQ2 KCX G 201 -25.31 -26.68 8.09
N ASP G 202 -22.26 -24.86 1.98
CA ASP G 202 -21.15 -25.75 2.14
C ASP G 202 -21.45 -26.48 3.45
N ASP G 203 -21.05 -27.75 3.55
CA ASP G 203 -21.07 -28.40 4.85
C ASP G 203 -20.05 -27.69 5.74
N GLU G 204 -20.32 -27.62 7.04
CA GLU G 204 -19.44 -26.90 7.97
C GLU G 204 -17.99 -27.28 7.83
N ASN G 205 -17.69 -28.53 7.47
CA ASN G 205 -16.31 -28.99 7.32
C ASN G 205 -15.78 -28.92 5.88
N VAL G 206 -16.61 -28.46 4.96
CA VAL G 206 -16.17 -28.19 3.61
C VAL G 206 -15.45 -26.85 3.61
N ASN G 207 -14.13 -26.88 3.52
CA ASN G 207 -13.31 -25.65 3.55
C ASN G 207 -12.47 -25.57 2.28
N SER G 208 -11.21 -25.99 2.38
CA SER G 208 -10.45 -26.22 1.18
C SER G 208 -9.68 -27.53 1.35
N GLN G 209 -9.89 -28.48 0.44
CA GLN G 209 -9.33 -29.82 0.63
C GLN G 209 -8.80 -30.41 -0.68
N PRO G 210 -7.97 -31.47 -0.62
CA PRO G 210 -7.44 -32.08 -1.83
C PRO G 210 -8.51 -32.47 -2.88
N PHE G 211 -9.67 -32.93 -2.43
CA PHE G 211 -10.70 -33.30 -3.38
C PHE G 211 -11.44 -32.09 -3.98
N MET G 212 -11.39 -30.95 -3.31
CA MET G 212 -12.07 -29.75 -3.76
C MET G 212 -11.42 -28.49 -3.16
N ARG G 213 -10.74 -27.71 -3.99
CA ARG G 213 -10.13 -26.49 -3.51
C ARG G 213 -11.12 -25.33 -3.48
N TRP G 214 -11.10 -24.53 -2.43
CA TRP G 214 -12.15 -23.54 -2.22
C TRP G 214 -12.40 -22.60 -3.38
N ARG G 215 -11.37 -22.18 -4.11
CA ARG G 215 -11.67 -21.20 -5.16
C ARG G 215 -12.38 -21.83 -6.35
N ASP G 216 -12.12 -23.10 -6.59
CA ASP G 216 -12.81 -23.82 -7.61
C ASP G 216 -14.26 -23.87 -7.25
N ARG G 217 -14.53 -24.19 -5.99
CA ARG G 217 -15.90 -24.32 -5.54
C ARG G 217 -16.61 -22.96 -5.68
N PHE G 218 -15.99 -21.90 -5.19
CA PHE G 218 -16.64 -20.63 -5.18
C PHE G 218 -17.07 -20.25 -6.58
N LEU G 219 -16.19 -20.47 -7.56
CA LEU G 219 -16.51 -20.15 -8.96
C LEU G 219 -17.69 -20.95 -9.51
N PHE G 220 -17.67 -22.27 -9.32
CA PHE G 220 -18.74 -23.11 -9.84
C PHE G 220 -20.03 -22.83 -9.11
N VAL G 221 -19.97 -22.61 -7.80
CA VAL G 221 -21.19 -22.32 -7.06
C VAL G 221 -21.77 -20.98 -7.53
N ALA G 222 -20.91 -20.04 -7.88
CA ALA G 222 -21.41 -18.74 -8.29
C ALA G 222 -22.22 -18.93 -9.54
N GLU G 223 -21.69 -19.73 -10.45
CA GLU G 223 -22.37 -19.99 -11.70
C GLU G 223 -23.73 -20.68 -11.48
N ALA G 224 -23.74 -21.70 -10.60
CA ALA G 224 -24.98 -22.35 -10.19
C ALA G 224 -25.97 -21.34 -9.64
N ILE G 225 -25.55 -20.46 -8.73
CA ILE G 225 -26.44 -19.45 -8.15
C ILE G 225 -27.07 -18.63 -9.26
N TYR G 226 -26.30 -18.26 -10.28
CA TYR G 226 -26.82 -17.29 -11.25
C TYR G 226 -27.72 -17.95 -12.25
N LYS G 227 -27.43 -19.21 -12.58
CA LYS G 227 -28.28 -20.00 -13.45
C LYS G 227 -29.61 -20.24 -12.80
N ALA G 228 -29.59 -20.69 -11.56
CA ALA G 228 -30.82 -20.95 -10.84
C ALA G 228 -31.65 -19.68 -10.67
N GLN G 229 -30.99 -18.55 -10.48
CA GLN G 229 -31.72 -17.34 -10.21
C GLN G 229 -32.37 -16.86 -11.48
N ALA G 230 -31.73 -17.11 -12.63
CA ALA G 230 -32.26 -16.61 -13.89
C ALA G 230 -33.45 -17.47 -14.36
N GLU G 231 -33.34 -18.76 -14.07
CA GLU G 231 -34.36 -19.78 -14.34
C GLU G 231 -35.63 -19.60 -13.53
N THR G 232 -35.51 -19.38 -12.22
CA THR G 232 -36.67 -19.26 -11.32
C THR G 232 -37.19 -17.84 -11.20
N GLY G 233 -36.32 -16.87 -11.46
CA GLY G 233 -36.67 -15.46 -11.26
C GLY G 233 -36.76 -15.08 -9.81
N GLU G 234 -36.38 -15.98 -8.91
CA GLU G 234 -36.26 -15.66 -7.46
C GLU G 234 -34.81 -15.56 -7.02
N VAL G 235 -34.52 -14.59 -6.12
CA VAL G 235 -33.15 -14.40 -5.57
C VAL G 235 -32.64 -15.68 -4.93
N LYS G 236 -31.43 -16.07 -5.28
CA LYS G 236 -30.83 -17.30 -4.73
C LYS G 236 -29.50 -17.03 -4.00
N GLY G 237 -29.14 -17.89 -3.07
CA GLY G 237 -27.88 -17.78 -2.34
C GLY G 237 -27.24 -19.12 -2.07
N HIS G 238 -25.94 -19.15 -1.81
CA HIS G 238 -25.29 -20.35 -1.30
C HIS G 238 -24.19 -19.93 -0.34
N TYR G 239 -24.27 -20.38 0.92
CA TYR G 239 -23.30 -19.97 1.93
C TYR G 239 -21.99 -20.64 1.62
N LEU G 240 -21.11 -19.89 0.95
CA LEU G 240 -19.74 -20.35 0.73
C LEU G 240 -19.01 -20.20 2.04
N ASN G 241 -18.20 -21.19 2.39
CA ASN G 241 -17.57 -21.21 3.68
C ASN G 241 -16.29 -20.36 3.75
N ALA G 242 -16.23 -19.42 4.68
CA ALA G 242 -14.96 -18.72 4.83
C ALA G 242 -14.11 -19.21 5.99
N THR G 243 -14.55 -20.25 6.70
CA THR G 243 -13.81 -20.84 7.80
C THR G 243 -12.52 -21.32 7.21
N ALA G 244 -11.42 -21.04 7.92
CA ALA G 244 -10.06 -21.27 7.42
C ALA G 244 -9.13 -21.41 8.60
N GLY G 245 -7.91 -21.84 8.33
CA GLY G 245 -6.92 -21.96 9.40
C GLY G 245 -6.36 -20.65 9.93
N THR G 246 -6.32 -19.60 9.10
CA THR G 246 -5.70 -18.32 9.50
C THR G 246 -6.66 -17.19 9.17
N CYS G 247 -6.55 -16.03 9.83
CA CYS G 247 -7.47 -14.91 9.47
C CYS G 247 -7.20 -14.48 8.03
N GLU G 248 -5.94 -14.53 7.62
CA GLU G 248 -5.59 -14.04 6.33
C GLU G 248 -6.30 -14.85 5.28
N GLU G 249 -6.29 -16.19 5.43
CA GLU G 249 -7.05 -17.09 4.52
C GLU G 249 -8.53 -16.80 4.60
N MET G 250 -9.07 -16.69 5.82
CA MET G 250 -10.48 -16.45 6.00
C MET G 250 -10.89 -15.19 5.24
N MET G 251 -10.07 -14.14 5.31
CA MET G 251 -10.39 -12.91 4.59
C MET G 251 -10.30 -13.07 3.09
N LYS G 252 -9.34 -13.85 2.62
CA LYS G 252 -9.09 -14.03 1.20
C LYS G 252 -10.38 -14.54 0.59
N ARG G 253 -11.02 -15.47 1.29
CA ARG G 253 -12.18 -16.19 0.82
C ARG G 253 -13.39 -15.29 0.88
N ALA G 254 -13.49 -14.49 1.93
CA ALA G 254 -14.60 -13.54 1.98
C ALA G 254 -14.50 -12.57 0.80
N VAL G 255 -13.29 -12.07 0.56
CA VAL G 255 -13.05 -11.12 -0.52
C VAL G 255 -13.44 -11.72 -1.85
N SMC G 256 -13.05 -12.96 -2.08
CA SMC G 256 -13.43 -13.60 -3.33
CB SMC G 256 -12.82 -14.99 -3.27
SG SMC G 256 -13.40 -15.97 -4.64
CS SMC G 256 -12.77 -15.06 -6.09
C SMC G 256 -14.93 -13.70 -3.51
O SMC G 256 -15.43 -13.44 -4.63
N ALA G 257 -15.63 -14.08 -2.45
CA ALA G 257 -17.10 -14.12 -2.43
C ALA G 257 -17.65 -12.76 -2.81
N LYS G 258 -17.23 -11.70 -2.10
CA LYS G 258 -17.65 -10.37 -2.49
C LYS G 258 -17.41 -10.11 -3.96
N GLU G 259 -16.18 -10.40 -4.42
CA GLU G 259 -15.77 -10.14 -5.79
C GLU G 259 -16.68 -10.85 -6.79
N LEU G 260 -17.20 -12.04 -6.44
CA LEU G 260 -18.17 -12.75 -7.28
C LEU G 260 -19.59 -12.16 -7.28
N GLY G 261 -19.85 -11.19 -6.40
CA GLY G 261 -21.19 -10.66 -6.21
C GLY G 261 -22.21 -11.56 -5.48
N VAL G 262 -21.79 -12.71 -4.95
CA VAL G 262 -22.73 -13.64 -4.30
C VAL G 262 -23.24 -13.07 -3.00
N PRO G 263 -24.46 -13.41 -2.59
CA PRO G 263 -25.01 -12.64 -1.49
C PRO G 263 -24.56 -13.03 -0.08
N ILE G 264 -23.92 -14.18 0.10
CA ILE G 264 -23.87 -14.75 1.44
C ILE G 264 -22.72 -15.75 1.68
N ILE G 265 -22.04 -15.61 2.81
CA ILE G 265 -20.98 -16.56 3.21
C ILE G 265 -21.31 -17.14 4.59
N MET G 266 -20.53 -18.12 5.04
CA MET G 266 -20.78 -18.73 6.33
C MET G 266 -19.50 -18.90 7.16
N HIS G 267 -19.60 -18.90 8.47
CA HIS G 267 -18.42 -19.08 9.31
C HIS G 267 -18.72 -20.03 10.45
N ASP G 268 -17.79 -20.92 10.78
CA ASP G 268 -17.97 -21.77 11.97
C ASP G 268 -17.40 -21.07 13.19
N TYR G 269 -18.24 -20.31 13.89
CA TYR G 269 -17.72 -19.34 14.85
C TYR G 269 -16.97 -19.89 16.03
N LEU G 270 -17.25 -21.12 16.43
CA LEU G 270 -16.60 -21.67 17.59
C LEU G 270 -15.34 -22.38 17.20
N THR G 271 -15.30 -23.06 16.07
CA THR G 271 -14.03 -23.70 15.67
C THR G 271 -13.08 -22.71 15.05
N GLY G 272 -13.60 -21.73 14.32
CA GLY G 272 -12.79 -20.60 13.87
C GLY G 272 -12.42 -19.70 15.04
N GLY G 273 -13.40 -19.32 15.84
CA GLY G 273 -13.14 -18.55 17.06
C GLY G 273 -13.73 -17.16 17.02
N PHE G 274 -13.92 -16.59 18.20
CA PHE G 274 -14.63 -15.33 18.33
C PHE G 274 -13.87 -14.13 17.70
N THR G 275 -12.54 -14.17 17.83
CA THR G 275 -11.72 -13.10 17.30
C THR G 275 -11.87 -13.07 15.77
N ALA G 276 -11.65 -14.22 15.16
CA ALA G 276 -11.78 -14.37 13.75
C ALA G 276 -13.21 -14.03 13.38
N ASN G 277 -14.17 -14.54 14.12
CA ASN G 277 -15.54 -14.25 13.77
C ASN G 277 -15.95 -12.74 13.78
N THR G 278 -15.61 -12.03 14.83
CA THR G 278 -15.94 -10.61 14.91
C THR G 278 -15.31 -9.88 13.73
N SER G 279 -14.16 -10.39 13.26
CA SER G 279 -13.44 -9.74 12.16
C SER G 279 -14.25 -9.87 10.90
N LEU G 280 -14.77 -11.06 10.70
CA LEU G 280 -15.53 -11.38 9.52
C LEU G 280 -16.85 -10.62 9.53
N ALA G 281 -17.51 -10.56 10.68
CA ALA G 281 -18.75 -9.85 10.74
C ALA G 281 -18.52 -8.38 10.36
N ILE G 282 -17.40 -7.83 10.82
CA ILE G 282 -17.11 -6.44 10.48
C ILE G 282 -16.86 -6.33 8.98
N TYR G 283 -16.22 -7.33 8.40
CA TYR G 283 -15.99 -7.28 6.97
C TYR G 283 -17.30 -7.38 6.19
N CYS G 284 -18.19 -8.24 6.67
CA CYS G 284 -19.49 -8.41 6.06
C CYS G 284 -20.32 -7.15 6.17
N ARG G 285 -20.27 -6.48 7.31
CA ARG G 285 -20.97 -5.19 7.46
C ARG G 285 -20.44 -4.18 6.48
N ASP G 286 -19.14 -4.19 6.32
CA ASP G 286 -18.50 -3.18 5.48
C ASP G 286 -18.69 -3.39 3.99
N ASN G 287 -19.14 -4.58 3.58
CA ASN G 287 -19.25 -4.95 2.17
C ASN G 287 -20.58 -5.48 1.74
N GLY G 288 -21.52 -5.55 2.67
CA GLY G 288 -22.87 -5.97 2.38
C GLY G 288 -22.97 -7.46 2.12
N LEU G 289 -22.21 -8.28 2.82
CA LEU G 289 -22.38 -9.71 2.72
C LEU G 289 -23.23 -10.24 3.83
N LEU G 290 -24.11 -11.19 3.55
CA LEU G 290 -24.83 -11.84 4.62
C LEU G 290 -23.93 -12.91 5.23
N LEU G 291 -24.01 -13.06 6.55
CA LEU G 291 -23.16 -14.00 7.23
C LEU G 291 -23.94 -15.08 7.96
N HIS G 292 -23.83 -16.30 7.49
CA HIS G 292 -24.49 -17.41 8.11
C HIS G 292 -23.58 -18.09 9.12
N ILE G 293 -24.01 -18.23 10.37
CA ILE G 293 -23.13 -18.84 11.37
C ILE G 293 -23.47 -20.30 11.66
N HIS G 294 -22.48 -21.16 11.51
CA HIS G 294 -22.63 -22.54 11.91
C HIS G 294 -22.01 -22.76 13.28
N ARG G 295 -22.68 -23.55 14.11
CA ARG G 295 -22.28 -23.66 15.50
C ARG G 295 -21.52 -24.92 15.76
N ALA G 296 -20.84 -25.41 14.74
CA ALA G 296 -19.97 -26.58 14.91
C ALA G 296 -19.25 -26.52 16.24
N MET G 297 -19.27 -27.65 16.95
CA MET G 297 -18.57 -27.84 18.23
C MET G 297 -19.34 -27.33 19.48
N HIS G 298 -20.51 -26.71 19.33
CA HIS G 298 -21.29 -26.25 20.50
C HIS G 298 -21.61 -27.39 21.50
N ALA G 299 -21.91 -28.57 20.98
CA ALA G 299 -22.36 -29.68 21.81
C ALA G 299 -21.26 -30.19 22.73
N VAL G 300 -20.00 -29.97 22.37
CA VAL G 300 -18.88 -30.27 23.27
C VAL G 300 -18.99 -29.44 24.56
N ILE G 301 -19.64 -28.29 24.47
CA ILE G 301 -19.68 -27.31 25.55
C ILE G 301 -21.05 -27.28 26.24
N ASP G 302 -22.12 -27.46 25.48
CA ASP G 302 -23.47 -27.15 25.97
C ASP G 302 -24.44 -28.34 26.17
N ARG G 303 -23.97 -29.56 25.87
CA ARG G 303 -24.80 -30.76 25.95
C ARG G 303 -25.20 -31.14 27.37
N GLN G 304 -24.25 -31.23 28.29
CA GLN G 304 -24.54 -31.74 29.65
C GLN G 304 -25.12 -30.69 30.59
N ARG G 305 -25.98 -31.12 31.52
CA ARG G 305 -26.69 -30.19 32.41
C ARG G 305 -25.83 -29.76 33.59
N ASN G 306 -24.91 -30.62 34.00
CA ASN G 306 -24.10 -30.35 35.18
C ASN G 306 -22.90 -29.43 34.90
N HIS G 307 -22.33 -29.52 33.70
CA HIS G 307 -21.07 -28.83 33.34
C HIS G 307 -21.09 -28.20 31.95
N GLY G 308 -20.48 -27.01 31.84
CA GLY G 308 -20.22 -26.38 30.55
C GLY G 308 -20.78 -24.99 30.44
N ILE G 309 -21.19 -24.61 29.23
CA ILE G 309 -21.91 -23.35 28.98
C ILE G 309 -23.15 -23.73 28.22
N HIS G 310 -24.30 -23.26 28.66
CA HIS G 310 -25.55 -23.51 27.96
C HIS G 310 -25.58 -22.72 26.67
N PHE G 311 -26.14 -23.33 25.61
CA PHE G 311 -26.21 -22.67 24.31
C PHE G 311 -26.81 -21.26 24.30
N ARG G 312 -27.71 -20.96 25.22
CA ARG G 312 -28.32 -19.65 25.16
C ARG G 312 -27.23 -18.61 25.41
N VAL G 313 -26.19 -19.01 26.14
CA VAL G 313 -25.07 -18.09 26.36
C VAL G 313 -24.22 -17.97 25.09
N LEU G 314 -23.91 -19.11 24.46
CA LEU G 314 -23.18 -19.13 23.20
C LEU G 314 -23.93 -18.40 22.08
N ALA G 315 -25.26 -18.30 22.21
CA ALA G 315 -26.06 -17.57 21.25
C ALA G 315 -26.05 -16.07 21.53
N LYS G 316 -26.14 -15.66 22.78
CA LYS G 316 -26.01 -14.22 23.05
C LYS G 316 -24.65 -13.75 22.53
N ALA G 317 -23.65 -14.62 22.72
CA ALA G 317 -22.29 -14.34 22.35
C ALA G 317 -22.18 -14.11 20.85
N LEU G 318 -22.75 -15.01 20.06
CA LEU G 318 -22.70 -14.88 18.63
C LEU G 318 -23.45 -13.65 18.17
N ARG G 319 -24.53 -13.32 18.86
CA ARG G 319 -25.27 -12.15 18.47
C ARG G 319 -24.41 -10.92 18.65
N MET G 320 -23.57 -10.89 19.69
CA MET G 320 -22.71 -9.74 19.95
C MET G 320 -21.50 -9.68 19.00
N SER G 321 -20.89 -10.85 18.79
CA SER G 321 -19.76 -11.01 17.90
C SER G 321 -20.16 -10.67 16.47
N GLY G 322 -21.27 -11.25 16.02
CA GLY G 322 -21.88 -10.87 14.75
C GLY G 322 -22.28 -12.08 13.92
N GLY G 323 -23.51 -12.08 13.47
CA GLY G 323 -24.00 -13.10 12.56
C GLY G 323 -25.38 -12.70 12.10
N ASP G 324 -25.74 -13.13 10.90
CA ASP G 324 -27.07 -12.91 10.37
C ASP G 324 -27.99 -14.11 10.60
N HIS G 325 -27.39 -15.30 10.62
CA HIS G 325 -28.12 -16.55 10.87
C HIS G 325 -27.34 -17.22 11.94
N LEU G 326 -28.02 -17.96 12.82
CA LEU G 326 -27.35 -18.90 13.71
C LEU G 326 -28.15 -20.19 13.83
N HIS G 327 -27.47 -21.32 13.78
CA HIS G 327 -28.15 -22.60 13.94
C HIS G 327 -28.77 -22.71 15.33
N SER G 328 -30.04 -23.07 15.40
CA SER G 328 -30.79 -23.06 16.66
C SER G 328 -31.21 -24.43 17.11
N GLY G 329 -30.95 -25.43 16.26
CA GLY G 329 -31.44 -26.78 16.49
C GLY G 329 -32.86 -26.91 16.00
N THR G 330 -33.31 -28.16 15.86
CA THR G 330 -34.60 -28.53 15.29
C THR G 330 -35.67 -28.96 16.29
N VAL G 331 -35.27 -29.34 17.51
CA VAL G 331 -36.14 -30.09 18.46
C VAL G 331 -36.50 -31.50 17.97
N VAL G 332 -37.05 -31.60 16.76
CA VAL G 332 -37.59 -32.84 16.22
C VAL G 332 -36.63 -33.65 15.34
N GLY G 333 -35.51 -33.03 14.95
CA GLY G 333 -34.53 -33.67 14.07
C GLY G 333 -33.56 -34.61 14.76
N LYS G 334 -32.42 -34.88 14.11
CA LYS G 334 -31.44 -35.88 14.60
C LYS G 334 -30.56 -35.46 15.79
N LEU G 335 -30.58 -34.17 16.13
CA LEU G 335 -29.72 -33.65 17.20
C LEU G 335 -30.55 -33.01 18.33
N GLU G 336 -30.01 -33.13 19.55
CA GLU G 336 -30.80 -32.84 20.75
C GLU G 336 -31.28 -31.41 20.81
N GLY G 337 -32.42 -31.18 21.43
CA GLY G 337 -32.98 -29.84 21.53
C GLY G 337 -34.32 -29.95 22.19
N GLU G 338 -34.40 -29.54 23.44
CA GLU G 338 -35.66 -29.54 24.16
C GLU G 338 -36.45 -28.28 23.71
N ARG G 339 -37.77 -28.42 23.63
CA ARG G 339 -38.66 -27.45 23.01
C ARG G 339 -38.76 -26.11 23.75
N GLU G 340 -38.92 -26.15 25.08
CA GLU G 340 -39.18 -24.95 25.86
C GLU G 340 -37.95 -24.03 25.93
N VAL G 341 -36.80 -24.65 26.16
CA VAL G 341 -35.52 -23.94 26.18
C VAL G 341 -35.22 -23.34 24.79
N THR G 342 -35.52 -24.10 23.74
CA THR G 342 -35.30 -23.64 22.39
C THR G 342 -36.14 -22.42 22.07
N LEU G 343 -37.41 -22.44 22.47
CA LEU G 343 -38.27 -21.27 22.26
C LEU G 343 -37.72 -20.04 22.95
N GLY G 344 -37.01 -20.27 24.04
CA GLY G 344 -36.44 -19.21 24.85
C GLY G 344 -35.26 -18.56 24.16
N PHE G 345 -34.25 -19.37 23.82
CA PHE G 345 -33.08 -18.81 23.18
C PHE G 345 -33.30 -18.28 21.76
N VAL G 346 -34.30 -18.82 21.05
CA VAL G 346 -34.77 -18.19 19.82
C VAL G 346 -35.29 -16.79 20.11
N ASP G 347 -36.04 -16.59 21.18
CA ASP G 347 -36.45 -15.22 21.50
C ASP G 347 -35.21 -14.34 21.77
N LEU G 348 -34.22 -14.92 22.44
CA LEU G 348 -32.98 -14.24 22.79
C LEU G 348 -32.22 -13.79 21.55
N MET G 349 -32.25 -14.65 20.52
CA MET G 349 -31.65 -14.38 19.23
C MET G 349 -32.39 -13.31 18.47
N ARG G 350 -33.71 -13.37 18.46
CA ARG G 350 -34.50 -12.55 17.53
C ARG G 350 -34.99 -11.19 18.05
N ASP G 351 -35.34 -11.13 19.33
CA ASP G 351 -36.17 -10.05 19.82
C ASP G 351 -35.33 -8.92 20.41
N ASP G 352 -35.93 -7.75 20.56
CA ASP G 352 -35.28 -6.62 21.20
C ASP G 352 -35.22 -6.69 22.73
N TYR G 353 -36.24 -7.32 23.34
CA TYR G 353 -36.42 -7.33 24.81
C TYR G 353 -37.06 -8.65 25.19
N VAL G 354 -36.44 -9.35 26.13
CA VAL G 354 -36.86 -10.67 26.52
C VAL G 354 -36.92 -10.66 28.06
N GLU G 355 -38.13 -10.73 28.63
CA GLU G 355 -38.33 -10.78 30.08
C GLU G 355 -37.81 -12.10 30.66
N LYS G 356 -37.26 -12.04 31.86
CA LYS G 356 -36.93 -13.24 32.63
C LYS G 356 -38.08 -14.24 32.56
N ASP G 357 -37.74 -15.51 32.36
CA ASP G 357 -38.71 -16.59 32.35
C ASP G 357 -38.01 -17.92 32.62
N ARG G 358 -38.05 -18.35 33.88
CA ARG G 358 -37.34 -19.54 34.32
C ARG G 358 -37.86 -20.84 33.71
N SER G 359 -39.14 -20.88 33.32
CA SER G 359 -39.69 -22.10 32.75
C SER G 359 -38.98 -22.38 31.44
N ARG G 360 -38.39 -21.30 30.90
CA ARG G 360 -37.68 -21.35 29.61
C ARG G 360 -36.16 -21.22 29.73
N GLY G 361 -35.64 -21.26 30.95
CA GLY G 361 -34.20 -21.19 31.16
C GLY G 361 -33.64 -19.78 31.05
N ILE G 362 -34.50 -18.78 30.94
CA ILE G 362 -34.03 -17.41 30.87
C ILE G 362 -33.92 -16.86 32.29
N TYR G 363 -32.71 -16.79 32.80
CA TYR G 363 -32.46 -16.29 34.16
C TYR G 363 -32.49 -14.77 34.29
N PHE G 364 -32.42 -14.05 33.18
CA PHE G 364 -32.26 -12.60 33.24
C PHE G 364 -33.06 -11.90 32.18
N THR G 365 -33.56 -10.73 32.51
CA THR G 365 -34.18 -9.90 31.52
C THR G 365 -33.07 -9.37 30.63
N GLN G 366 -33.17 -9.64 29.32
CA GLN G 366 -32.15 -9.20 28.37
C GLN G 366 -32.68 -8.11 27.44
N ASP G 367 -32.14 -6.91 27.57
CA ASP G 367 -32.50 -5.79 26.72
C ASP G 367 -31.39 -5.55 25.69
N TRP G 368 -31.64 -5.89 24.42
CA TRP G 368 -30.63 -5.82 23.38
C TRP G 368 -30.47 -4.43 22.77
N SMC G 369 -31.17 -3.45 23.31
CA SMC G 369 -31.02 -2.03 22.94
CB SMC G 369 -29.86 -1.51 23.79
SG SMC G 369 -29.88 0.30 24.05
CS SMC G 369 -31.39 0.57 25.05
C SMC G 369 -30.82 -1.74 21.47
O SMC G 369 -29.96 -0.94 21.11
N SER G 370 -31.61 -2.40 20.62
CA SER G 370 -31.66 -2.19 19.14
C SER G 370 -30.65 -2.95 18.29
N MET G 371 -29.76 -3.69 18.93
CA MET G 371 -28.93 -4.63 18.19
C MET G 371 -29.83 -5.53 17.34
N PRO G 372 -29.55 -5.64 16.04
CA PRO G 372 -30.39 -6.39 15.12
C PRO G 372 -30.56 -7.83 15.58
N GLY G 373 -31.63 -8.48 15.13
CA GLY G 373 -31.84 -9.88 15.46
C GLY G 373 -31.15 -10.86 14.54
N VAL G 374 -30.78 -12.01 15.07
CA VAL G 374 -30.16 -13.10 14.32
C VAL G 374 -31.25 -14.09 13.92
N MET G 375 -31.21 -14.57 12.68
CA MET G 375 -32.19 -15.55 12.24
C MET G 375 -31.85 -16.97 12.66
N PRO G 376 -32.75 -17.62 13.41
CA PRO G 376 -32.50 -19.01 13.75
C PRO G 376 -32.51 -19.89 12.54
N VAL G 377 -31.61 -20.87 12.51
CA VAL G 377 -31.60 -21.83 11.42
C VAL G 377 -31.79 -23.20 12.01
N ALA G 378 -32.85 -23.88 11.56
CA ALA G 378 -33.20 -25.20 12.05
C ALA G 378 -32.80 -26.19 11.01
N SER G 379 -31.89 -27.08 11.35
CA SER G 379 -31.30 -27.98 10.39
C SER G 379 -30.82 -29.26 11.04
N GLY G 380 -30.94 -30.38 10.31
CA GLY G 380 -30.32 -31.63 10.73
C GLY G 380 -31.34 -32.71 11.00
N GLY G 381 -31.43 -33.64 10.07
CA GLY G 381 -32.37 -34.78 10.15
C GLY G 381 -33.83 -34.39 10.06
N ILE G 382 -34.16 -33.25 9.48
CA ILE G 382 -35.57 -32.94 9.23
C ILE G 382 -36.00 -33.26 7.78
N HIS G 383 -37.30 -33.58 7.61
CA HIS G 383 -37.92 -33.82 6.30
C HIS G 383 -39.33 -33.29 6.30
N VAL G 384 -40.04 -33.54 5.21
CA VAL G 384 -41.33 -32.88 4.94
C VAL G 384 -42.37 -33.05 6.05
N TRP G 385 -42.35 -34.20 6.72
CA TRP G 385 -43.30 -34.50 7.77
C TRP G 385 -43.15 -33.53 8.95
N HIS G 386 -41.90 -33.16 9.22
CA HIS G 386 -41.58 -32.21 10.27
C HIS G 386 -42.03 -30.81 9.96
N MET G 387 -42.35 -30.53 8.70
CA MET G 387 -42.65 -29.14 8.27
C MET G 387 -43.61 -28.38 9.21
N PRO G 388 -44.80 -28.95 9.49
CA PRO G 388 -45.77 -28.17 10.29
C PRO G 388 -45.27 -27.88 11.72
N ALA G 389 -44.59 -28.86 12.32
CA ALA G 389 -43.99 -28.67 13.64
C ALA G 389 -43.01 -27.48 13.60
N LEU G 390 -42.22 -27.43 12.52
CA LEU G 390 -41.19 -26.43 12.38
C LEU G 390 -41.82 -25.06 12.20
N VAL G 391 -42.79 -24.96 11.29
CA VAL G 391 -43.45 -23.67 11.10
C VAL G 391 -44.12 -23.21 12.39
N GLU G 392 -44.48 -24.18 13.24
CA GLU G 392 -45.26 -23.90 14.47
C GLU G 392 -44.32 -23.39 15.54
N ILE G 393 -43.16 -24.02 15.64
CA ILE G 393 -42.13 -23.60 16.59
C ILE G 393 -41.56 -22.21 16.29
N PHE G 394 -41.16 -21.99 15.04
CA PHE G 394 -40.30 -20.87 14.66
C PHE G 394 -41.00 -19.65 14.07
N GLY G 395 -42.15 -19.85 13.44
CA GLY G 395 -42.79 -18.76 12.71
C GLY G 395 -42.11 -18.51 11.37
N ASP G 396 -42.33 -17.31 10.84
CA ASP G 396 -41.75 -16.95 9.54
C ASP G 396 -40.25 -16.70 9.62
N ASP G 397 -39.81 -15.98 10.65
CA ASP G 397 -38.42 -15.60 10.80
C ASP G 397 -37.52 -16.76 11.23
N ALA G 398 -37.31 -17.71 10.34
CA ALA G 398 -36.36 -18.76 10.57
C ALA G 398 -35.97 -19.23 9.21
N CYS G 399 -35.01 -20.13 9.15
CA CYS G 399 -34.61 -20.73 7.90
C CYS G 399 -34.53 -22.22 8.15
N LEU G 400 -35.22 -23.00 7.33
CA LEU G 400 -35.28 -24.44 7.54
C LEU G 400 -34.44 -25.15 6.48
N GLN G 401 -33.67 -26.14 6.90
CA GLN G 401 -32.69 -26.76 6.04
C GLN G 401 -32.76 -28.27 5.95
N PHE G 402 -32.71 -28.74 4.71
CA PHE G 402 -32.95 -30.11 4.41
C PHE G 402 -31.80 -30.60 3.55
N GLY G 403 -30.83 -31.22 4.19
CA GLY G 403 -29.71 -31.73 3.44
C GLY G 403 -30.11 -33.06 2.87
N GLY G 404 -30.04 -34.09 3.70
CA GLY G 404 -30.58 -35.42 3.36
C GLY G 404 -31.99 -35.27 2.80
N GLY G 405 -32.80 -34.45 3.47
CA GLY G 405 -34.19 -34.18 3.08
C GLY G 405 -34.37 -33.57 1.71
N THR G 406 -33.26 -33.34 1.01
CA THR G 406 -33.33 -32.87 -0.37
C THR G 406 -32.55 -33.76 -1.30
N LEU G 407 -31.29 -34.00 -1.00
CA LEU G 407 -30.47 -34.85 -1.85
C LEU G 407 -30.77 -36.33 -1.63
N GLY G 408 -31.66 -36.58 -0.68
CA GLY G 408 -32.14 -37.94 -0.39
C GLY G 408 -33.44 -38.30 -1.08
N HIS G 409 -34.09 -37.32 -1.67
CA HIS G 409 -35.31 -37.52 -2.43
C HIS G 409 -35.08 -38.50 -3.60
N PRO G 410 -36.02 -39.43 -3.83
CA PRO G 410 -35.82 -40.46 -4.88
C PRO G 410 -35.67 -39.92 -6.31
N TRP G 411 -36.17 -38.71 -6.58
CA TRP G 411 -36.14 -38.14 -7.94
C TRP G 411 -34.99 -37.16 -8.21
N GLY G 412 -34.15 -36.94 -7.20
CA GLY G 412 -33.07 -35.95 -7.23
C GLY G 412 -33.39 -34.60 -6.60
N ASN G 413 -32.48 -33.64 -6.80
CA ASN G 413 -32.46 -32.39 -6.06
C ASN G 413 -33.55 -31.42 -6.41
N ALA G 414 -33.77 -31.18 -7.70
CA ALA G 414 -34.84 -30.26 -8.09
C ALA G 414 -36.21 -30.70 -7.52
N PRO G 415 -36.62 -32.00 -7.78
CA PRO G 415 -37.82 -32.55 -7.14
C PRO G 415 -37.78 -32.47 -5.59
N GLY G 416 -36.66 -32.88 -4.98
CA GLY G 416 -36.43 -32.71 -3.54
C GLY G 416 -36.74 -31.30 -3.04
N ALA G 417 -36.21 -30.30 -3.74
CA ALA G 417 -36.36 -28.91 -3.38
C ALA G 417 -37.81 -28.51 -3.48
N ALA G 418 -38.42 -28.94 -4.59
CA ALA G 418 -39.79 -28.62 -4.90
C ALA G 418 -40.70 -29.15 -3.83
N ALA G 419 -40.47 -30.40 -3.43
CA ALA G 419 -41.23 -31.02 -2.37
C ALA G 419 -41.23 -30.07 -1.16
N ASN G 420 -40.06 -29.85 -0.57
CA ASN G 420 -39.90 -29.05 0.62
C ASN G 420 -40.56 -27.68 0.49
N ARG G 421 -40.41 -27.05 -0.66
CA ARG G 421 -40.97 -25.71 -0.87
C ARG G 421 -42.49 -25.72 -0.82
N VAL G 422 -43.10 -26.75 -1.42
CA VAL G 422 -44.55 -26.94 -1.38
C VAL G 422 -45.00 -27.19 0.07
N ALA G 423 -44.34 -28.16 0.73
CA ALA G 423 -44.60 -28.48 2.13
C ALA G 423 -44.64 -27.23 2.97
N LEU G 424 -43.60 -26.39 2.87
CA LEU G 424 -43.56 -25.14 3.64
C LEU G 424 -44.66 -24.15 3.23
N GLU G 425 -44.93 -24.05 1.94
CA GLU G 425 -45.86 -23.05 1.48
C GLU G 425 -47.26 -23.44 1.91
N ALA G 426 -47.52 -24.75 1.91
CA ALA G 426 -48.81 -25.30 2.37
C ALA G 426 -49.11 -24.96 3.86
N CYS G 427 -48.16 -25.29 4.74
CA CYS G 427 -48.30 -25.00 6.16
C CYS G 427 -48.49 -23.51 6.38
N THR G 428 -47.77 -22.69 5.62
CA THR G 428 -47.86 -21.23 5.79
C THR G 428 -49.26 -20.74 5.45
N GLN G 429 -49.79 -21.26 4.33
CA GLN G 429 -51.14 -20.92 3.93
C GLN G 429 -52.14 -21.38 5.00
N ALA G 430 -52.04 -22.65 5.36
CA ALA G 430 -52.88 -23.20 6.41
C ALA G 430 -52.84 -22.29 7.62
N ARG G 431 -51.64 -22.08 8.17
CA ARG G 431 -51.44 -21.22 9.35
C ARG G 431 -52.20 -19.93 9.17
N ASN G 432 -52.02 -19.31 8.01
CA ASN G 432 -52.63 -18.03 7.71
C ASN G 432 -54.14 -18.11 7.65
N GLU G 433 -54.64 -19.24 7.15
CA GLU G 433 -56.09 -19.48 7.01
C GLU G 433 -56.80 -19.68 8.34
N GLY G 434 -56.03 -19.89 9.41
CA GLY G 434 -56.59 -20.09 10.74
C GLY G 434 -56.33 -21.47 11.32
N ARG G 435 -56.00 -22.42 10.44
CA ARG G 435 -55.75 -23.80 10.85
C ARG G 435 -54.62 -23.89 11.87
N ASP G 436 -54.86 -24.65 12.94
CA ASP G 436 -53.89 -24.79 14.02
C ASP G 436 -52.92 -25.89 13.64
N LEU G 437 -51.66 -25.52 13.49
CA LEU G 437 -50.66 -26.46 12.97
C LEU G 437 -50.24 -27.53 13.97
N ALA G 438 -50.42 -27.24 15.26
CA ALA G 438 -50.07 -28.18 16.31
C ALA G 438 -50.94 -29.44 16.29
N ARG G 439 -52.19 -29.29 15.79
CA ARG G 439 -53.16 -30.39 15.70
C ARG G 439 -53.33 -30.90 14.27
N GLU G 440 -53.84 -30.03 13.40
CA GLU G 440 -54.07 -30.39 11.99
C GLU G 440 -52.78 -30.54 11.14
N GLY G 441 -51.62 -30.68 11.81
CA GLY G 441 -50.34 -30.74 11.11
C GLY G 441 -50.29 -31.79 10.03
N GLY G 442 -50.42 -33.05 10.44
CA GLY G 442 -50.44 -34.20 9.53
C GLY G 442 -51.46 -34.08 8.41
N ASP G 443 -52.57 -33.40 8.69
CA ASP G 443 -53.63 -33.23 7.70
C ASP G 443 -53.17 -32.35 6.56
N VAL G 444 -52.56 -31.22 6.90
CA VAL G 444 -52.08 -30.25 5.90
C VAL G 444 -51.07 -30.91 4.98
N ILE G 445 -50.12 -31.64 5.56
CA ILE G 445 -49.15 -32.39 4.77
C ILE G 445 -49.83 -33.40 3.84
N ARG G 446 -50.72 -34.22 4.41
CA ARG G 446 -51.43 -35.24 3.64
C ARG G 446 -52.22 -34.66 2.46
N SER G 447 -52.95 -33.55 2.67
CA SER G 447 -53.67 -32.86 1.59
C SER G 447 -52.72 -32.52 0.44
N ALA G 448 -51.54 -32.04 0.83
CA ALA G 448 -50.53 -31.58 -0.11
C ALA G 448 -49.79 -32.72 -0.82
N CYS G 449 -49.72 -33.90 -0.21
CA CYS G 449 -49.14 -35.05 -0.92
C CYS G 449 -50.03 -35.60 -2.02
N LYS G 450 -51.32 -35.67 -1.74
CA LYS G 450 -52.28 -36.14 -2.72
C LYS G 450 -52.40 -35.11 -3.84
N TRP G 451 -51.96 -33.88 -3.59
CA TRP G 451 -51.97 -32.81 -4.58
C TRP G 451 -50.69 -32.70 -5.44
N SER G 452 -49.50 -32.85 -4.83
CA SER G 452 -48.19 -32.67 -5.51
C SER G 452 -47.38 -33.96 -5.62
N PRO G 453 -47.13 -34.43 -6.85
CA PRO G 453 -46.44 -35.73 -7.08
C PRO G 453 -45.06 -35.81 -6.42
N GLU G 454 -44.34 -34.68 -6.40
CA GLU G 454 -42.98 -34.60 -5.88
C GLU G 454 -42.99 -34.70 -4.37
N LEU G 455 -43.87 -33.93 -3.73
CA LEU G 455 -44.09 -34.02 -2.30
C LEU G 455 -44.49 -35.43 -1.86
N ALA G 456 -45.37 -36.04 -2.66
CA ALA G 456 -45.85 -37.40 -2.45
C ALA G 456 -44.71 -38.41 -2.43
N ALA G 457 -43.84 -38.35 -3.42
CA ALA G 457 -42.70 -39.27 -3.45
C ALA G 457 -41.83 -39.08 -2.20
N ALA G 458 -41.81 -37.85 -1.68
CA ALA G 458 -41.04 -37.51 -0.49
C ALA G 458 -41.69 -38.08 0.77
N CYS G 459 -42.98 -37.78 0.96
CA CYS G 459 -43.75 -38.31 2.07
C CYS G 459 -43.65 -39.83 2.21
N GLU G 460 -43.69 -40.50 1.07
CA GLU G 460 -43.66 -41.95 0.98
C GLU G 460 -42.38 -42.51 1.60
N VAL G 461 -41.25 -41.85 1.34
CA VAL G 461 -39.92 -42.38 1.70
C VAL G 461 -39.54 -42.15 3.19
N TRP G 462 -40.05 -41.06 3.76
CA TRP G 462 -39.69 -40.70 5.12
C TRP G 462 -40.87 -40.72 6.07
N LYS G 463 -41.96 -41.41 5.68
CA LYS G 463 -43.19 -41.54 6.52
C LYS G 463 -42.95 -42.17 7.90
N GLU G 464 -42.15 -43.23 7.96
CA GLU G 464 -41.88 -43.94 9.22
C GLU G 464 -40.82 -43.29 10.13
N ILE G 465 -40.15 -42.26 9.61
CA ILE G 465 -38.89 -41.78 10.20
C ILE G 465 -39.10 -40.69 11.24
N LYS G 466 -38.67 -40.99 12.47
CA LYS G 466 -38.80 -40.08 13.61
C LYS G 466 -37.56 -40.15 14.50
N PHE G 467 -37.37 -39.11 15.31
CA PHE G 467 -36.25 -39.08 16.24
C PHE G 467 -36.75 -38.88 17.67
N GLU G 468 -37.00 -40.01 18.34
CA GLU G 468 -37.48 -40.08 19.73
C GLU G 468 -36.79 -41.27 20.40
N PHE G 469 -36.48 -41.15 21.68
CA PHE G 469 -35.59 -42.12 22.36
C PHE G 469 -36.00 -42.45 23.81
N GLY H 12 -26.57 -49.12 -7.44
CA GLY H 12 -27.66 -48.13 -7.72
C GLY H 12 -28.05 -47.28 -6.51
N PHE H 13 -28.85 -46.26 -6.77
CA PHE H 13 -29.34 -45.35 -5.73
C PHE H 13 -30.65 -45.84 -5.12
N LYS H 14 -30.62 -46.16 -3.82
CA LYS H 14 -31.82 -46.56 -3.09
C LYS H 14 -32.22 -45.49 -2.04
N ALA H 15 -33.20 -44.66 -2.37
CA ALA H 15 -33.70 -43.64 -1.45
C ALA H 15 -34.09 -44.22 -0.07
N GLY H 16 -34.09 -43.36 0.94
CA GLY H 16 -34.52 -43.74 2.29
C GLY H 16 -33.42 -44.01 3.30
N VAL H 17 -33.82 -44.04 4.57
CA VAL H 17 -32.93 -44.29 5.69
C VAL H 17 -32.45 -45.74 5.76
N LYS H 18 -31.22 -45.92 6.19
CA LYS H 18 -30.72 -47.25 6.50
C LYS H 18 -29.69 -47.10 7.63
N ASP H 19 -29.17 -48.22 8.13
CA ASP H 19 -28.28 -48.15 9.29
C ASP H 19 -26.91 -47.58 8.90
N TYR H 20 -26.34 -46.75 9.75
CA TYR H 20 -24.98 -46.27 9.52
C TYR H 20 -23.99 -47.43 9.47
N ARG H 21 -24.21 -48.44 10.31
CA ARG H 21 -23.25 -49.53 10.46
C ARG H 21 -22.97 -50.25 9.17
N LEU H 22 -23.95 -50.28 8.28
CA LEU H 22 -23.79 -50.89 6.96
C LEU H 22 -22.59 -50.32 6.22
N THR H 23 -22.47 -48.99 6.25
CA THR H 23 -21.42 -48.30 5.50
C THR H 23 -20.23 -47.86 6.37
N TYR H 24 -20.50 -47.42 7.60
CA TYR H 24 -19.45 -46.77 8.39
C TYR H 24 -18.81 -47.57 9.53
N TYR H 25 -19.34 -48.77 9.80
CA TYR H 25 -18.67 -49.71 10.70
C TYR H 25 -17.88 -50.69 9.84
N THR H 26 -16.56 -50.67 10.00
CA THR H 26 -15.67 -51.57 9.26
C THR H 26 -14.57 -52.11 10.15
N PRO H 27 -14.87 -53.15 10.96
CA PRO H 27 -13.93 -53.63 11.98
C PRO H 27 -12.72 -54.34 11.41
N ASP H 28 -12.81 -54.71 10.14
CA ASP H 28 -11.73 -55.44 9.43
C ASP H 28 -10.76 -54.50 8.70
N TYR H 29 -11.02 -53.20 8.79
CA TYR H 29 -10.17 -52.16 8.15
C TYR H 29 -8.74 -52.10 8.74
N VAL H 30 -7.74 -52.08 7.86
CA VAL H 30 -6.36 -51.82 8.26
C VAL H 30 -6.10 -50.31 8.17
N VAL H 31 -5.78 -49.68 9.30
CA VAL H 31 -5.50 -48.22 9.29
C VAL H 31 -4.26 -47.97 8.45
N ARG H 32 -4.29 -46.85 7.72
CA ARG H 32 -3.17 -46.44 6.88
C ARG H 32 -2.28 -45.50 7.67
N ASP H 33 -1.01 -45.44 7.30
CA ASP H 33 -0.02 -44.60 8.01
C ASP H 33 -0.35 -43.10 7.98
N THR H 34 -1.26 -42.71 7.11
CA THR H 34 -1.62 -41.30 6.91
C THR H 34 -3.00 -40.95 7.46
N ASP H 35 -3.74 -41.94 7.94
CA ASP H 35 -5.06 -41.68 8.53
C ASP H 35 -4.92 -40.88 9.83
N ILE H 36 -5.84 -39.96 10.08
CA ILE H 36 -6.02 -39.34 11.39
C ILE H 36 -6.95 -40.28 12.15
N LEU H 37 -6.58 -40.62 13.39
CA LEU H 37 -7.36 -41.56 14.22
C LEU H 37 -7.91 -40.88 15.46
N ALA H 38 -9.20 -41.05 15.70
CA ALA H 38 -9.84 -40.50 16.89
C ALA H 38 -10.28 -41.58 17.84
N ALA H 39 -10.10 -41.33 19.14
CA ALA H 39 -10.54 -42.21 20.22
C ALA H 39 -11.66 -41.55 21.01
N PHE H 40 -12.89 -41.95 20.70
CA PHE H 40 -14.07 -41.43 21.38
C PHE H 40 -14.51 -42.28 22.56
N ARG H 41 -14.87 -41.62 23.66
CA ARG H 41 -15.47 -42.30 24.78
C ARG H 41 -16.96 -42.18 24.64
N MET H 42 -17.54 -43.20 24.04
CA MET H 42 -18.94 -43.20 23.64
C MET H 42 -19.89 -43.69 24.75
N THR H 43 -21.05 -43.05 24.86
CA THR H 43 -22.10 -43.47 25.79
C THR H 43 -23.46 -43.45 25.08
N PRO H 44 -23.82 -44.57 24.42
CA PRO H 44 -25.06 -44.62 23.62
C PRO H 44 -26.31 -44.48 24.45
N GLN H 45 -27.41 -44.07 23.83
CA GLN H 45 -28.72 -44.21 24.43
C GLN H 45 -29.03 -45.70 24.61
N PRO H 46 -29.81 -46.03 25.65
CA PRO H 46 -30.26 -47.41 25.88
C PRO H 46 -30.86 -48.00 24.59
N GLY H 47 -30.41 -49.19 24.22
CA GLY H 47 -30.98 -49.86 23.04
C GLY H 47 -30.43 -49.45 21.68
N VAL H 48 -29.44 -48.56 21.67
CA VAL H 48 -28.69 -48.27 20.45
C VAL H 48 -27.41 -49.11 20.48
N PRO H 49 -27.32 -50.11 19.59
CA PRO H 49 -26.13 -50.96 19.58
C PRO H 49 -24.82 -50.16 19.36
N PRO H 50 -23.83 -50.38 20.23
CA PRO H 50 -22.49 -49.80 20.13
C PRO H 50 -21.96 -49.65 18.70
N GLU H 51 -21.99 -50.73 17.91
CA GLU H 51 -21.59 -50.69 16.50
C GLU H 51 -22.31 -49.58 15.71
N GLU H 52 -23.60 -49.36 15.99
CA GLU H 52 -24.36 -48.39 15.21
C GLU H 52 -24.00 -46.98 15.65
N CYS H 53 -23.75 -46.83 16.95
CA CYS H 53 -23.42 -45.53 17.49
C CYS H 53 -22.06 -45.08 16.98
N GLY H 54 -21.08 -45.98 17.10
CA GLY H 54 -19.74 -45.77 16.57
C GLY H 54 -19.73 -45.40 15.11
N ALA H 55 -20.62 -46.02 14.34
CA ALA H 55 -20.73 -45.77 12.89
C ALA H 55 -21.45 -44.46 12.59
N ALA H 56 -22.32 -44.01 13.49
CA ALA H 56 -22.99 -42.73 13.35
C ALA H 56 -21.97 -41.64 13.53
N VAL H 57 -21.17 -41.77 14.57
CA VAL H 57 -20.08 -40.84 14.84
C VAL H 57 -19.13 -40.80 13.63
N ALA H 58 -18.67 -41.96 13.17
CA ALA H 58 -17.79 -42.00 12.02
C ALA H 58 -18.41 -41.33 10.79
N ALA H 59 -19.72 -41.47 10.65
CA ALA H 59 -20.39 -41.04 9.47
C ALA H 59 -20.50 -39.54 9.49
N GLU H 60 -21.12 -39.04 10.56
CA GLU H 60 -21.57 -37.67 10.61
C GLU H 60 -20.44 -36.70 10.98
N SER H 61 -19.22 -37.25 11.09
CA SER H 61 -18.01 -36.45 11.18
C SER H 61 -17.14 -36.60 9.90
N SER H 62 -17.72 -37.18 8.85
CA SER H 62 -16.97 -37.40 7.62
C SER H 62 -17.79 -37.20 6.35
N THR H 63 -18.59 -38.18 5.96
CA THR H 63 -19.21 -38.10 4.65
C THR H 63 -20.70 -38.26 4.69
N GLY H 64 -21.21 -38.73 5.81
CA GLY H 64 -22.59 -39.21 5.85
C GLY H 64 -23.59 -38.29 6.48
N THR H 65 -24.82 -38.39 5.99
CA THR H 65 -25.98 -37.77 6.63
C THR H 65 -27.04 -38.85 6.92
N TRP H 66 -28.23 -38.42 7.31
CA TRP H 66 -29.16 -39.30 7.97
C TRP H 66 -29.93 -40.23 7.07
N THR H 67 -30.15 -39.81 5.83
CA THR H 67 -30.82 -40.63 4.83
C THR H 67 -29.89 -40.79 3.63
N THR H 68 -30.19 -41.73 2.74
CA THR H 68 -29.27 -42.01 1.63
C THR H 68 -29.38 -40.96 0.54
N VAL H 69 -28.21 -40.42 0.16
CA VAL H 69 -28.11 -39.43 -0.93
C VAL H 69 -27.50 -40.04 -2.22
N TRP H 70 -28.00 -39.57 -3.35
CA TRP H 70 -27.63 -40.14 -4.64
C TRP H 70 -26.25 -39.74 -5.08
N THR H 71 -25.81 -38.56 -4.63
CA THR H 71 -24.57 -37.92 -5.05
C THR H 71 -23.39 -38.75 -4.64
N ASP H 72 -23.59 -39.63 -3.65
CA ASP H 72 -22.58 -40.64 -3.27
C ASP H 72 -21.97 -41.36 -4.44
N GLY H 73 -22.77 -41.66 -5.46
CA GLY H 73 -22.27 -42.43 -6.60
C GLY H 73 -21.28 -41.68 -7.44
N LEU H 74 -21.40 -40.33 -7.43
CA LEU H 74 -20.53 -39.43 -8.21
C LEU H 74 -19.10 -39.51 -7.72
N THR H 75 -18.93 -39.83 -6.45
CA THR H 75 -17.60 -39.90 -5.85
C THR H 75 -17.32 -41.31 -5.33
N SER H 76 -16.13 -41.57 -4.79
CA SER H 76 -15.86 -42.87 -4.20
C SER H 76 -15.91 -42.81 -2.67
N LEU H 77 -17.10 -43.02 -2.11
CA LEU H 77 -17.27 -43.15 -0.67
C LEU H 77 -16.18 -44.03 0.01
N ASP H 78 -15.76 -45.11 -0.64
CA ASP H 78 -14.67 -45.92 -0.10
C ASP H 78 -13.41 -45.11 0.23
N ARG H 79 -13.10 -44.17 -0.65
CA ARG H 79 -11.90 -43.33 -0.49
C ARG H 79 -12.02 -42.32 0.66
N TYR H 80 -13.22 -41.78 0.83
CA TYR H 80 -13.42 -40.60 1.66
C TYR H 80 -14.13 -40.83 2.99
N LYS H 81 -14.73 -41.99 3.17
CA LYS H 81 -15.53 -42.19 4.38
C LYS H 81 -14.67 -42.34 5.64
N GLY H 82 -15.17 -41.76 6.72
CA GLY H 82 -14.69 -42.07 8.06
C GLY H 82 -15.11 -43.49 8.38
N ARG H 83 -14.30 -44.19 9.18
CA ARG H 83 -14.50 -45.59 9.43
C ARG H 83 -14.37 -45.90 10.90
N CYS H 84 -15.45 -46.34 11.53
CA CYS H 84 -15.33 -46.95 12.87
C CYS H 84 -14.78 -48.35 12.75
N TYR H 85 -13.61 -48.58 13.33
CA TYR H 85 -12.87 -49.80 13.03
C TYR H 85 -12.52 -50.65 14.25
N ASP H 86 -12.98 -50.25 15.43
CA ASP H 86 -12.72 -51.02 16.62
C ASP H 86 -13.51 -50.43 17.76
N ILE H 87 -14.04 -51.30 18.61
CA ILE H 87 -14.77 -50.88 19.81
C ILE H 87 -14.35 -51.71 21.02
N GLU H 88 -13.77 -51.04 22.01
CA GLU H 88 -13.49 -51.62 23.31
C GLU H 88 -14.63 -51.26 24.24
N PRO H 89 -15.05 -52.21 25.10
CA PRO H 89 -15.91 -51.83 26.24
C PRO H 89 -15.06 -51.27 27.39
N VAL H 90 -15.66 -50.41 28.20
CA VAL H 90 -14.90 -49.80 29.28
C VAL H 90 -15.08 -50.60 30.58
N PRO H 91 -13.97 -51.15 31.11
CA PRO H 91 -14.01 -51.90 32.37
C PRO H 91 -14.59 -51.07 33.53
N GLY H 92 -15.50 -51.66 34.30
CA GLY H 92 -16.20 -50.95 35.37
C GLY H 92 -17.27 -50.01 34.86
N GLU H 93 -17.80 -50.30 33.66
CA GLU H 93 -18.83 -49.45 33.04
C GLU H 93 -19.86 -50.24 32.21
N ASP H 94 -21.14 -50.00 32.50
CA ASP H 94 -22.24 -50.72 31.87
C ASP H 94 -22.45 -50.30 30.41
N ASN H 95 -22.52 -48.98 30.19
CA ASN H 95 -22.91 -48.39 28.91
C ASN H 95 -21.88 -47.37 28.40
N GLN H 96 -20.62 -47.77 28.38
CA GLN H 96 -19.56 -46.87 27.90
C GLN H 96 -18.53 -47.65 27.08
N TYR H 97 -18.23 -47.11 25.91
CA TYR H 97 -17.31 -47.75 24.99
C TYR H 97 -16.27 -46.76 24.49
N ILE H 98 -15.14 -47.29 24.04
CA ILE H 98 -14.18 -46.49 23.32
C ILE H 98 -14.35 -46.84 21.85
N ALA H 99 -14.88 -45.92 21.07
CA ALA H 99 -14.98 -46.11 19.63
C ALA H 99 -13.75 -45.56 18.88
N TYR H 100 -13.23 -46.34 17.94
CA TYR H 100 -12.08 -45.93 17.16
C TYR H 100 -12.44 -45.58 15.73
N VAL H 101 -12.23 -44.31 15.37
CA VAL H 101 -12.51 -43.83 14.03
C VAL H 101 -11.24 -43.49 13.28
N ALA H 102 -11.17 -43.92 12.03
CA ALA H 102 -10.08 -43.51 11.13
C ALA H 102 -10.60 -42.57 10.04
N TYR H 103 -9.96 -41.40 9.89
CA TYR H 103 -10.30 -40.42 8.85
C TYR H 103 -9.19 -40.33 7.81
N HYP H 104 -9.50 -40.54 6.52
CA HYP H 104 -8.48 -40.32 5.50
C HYP H 104 -7.88 -38.94 5.57
O HYP H 104 -8.56 -37.99 5.92
CB HYP H 104 -9.19 -40.44 4.15
CG HYP H 104 -10.33 -41.36 4.46
CD HYP H 104 -10.72 -40.99 5.89
OD1 HYP H 104 -9.73 -42.64 4.42
N ILE H 105 -6.61 -38.81 5.20
CA ILE H 105 -5.96 -37.50 5.20
C ILE H 105 -6.66 -36.47 4.27
N ASP H 106 -7.18 -36.94 3.12
CA ASP H 106 -7.84 -36.06 2.15
C ASP H 106 -8.99 -35.34 2.75
N LEU H 107 -9.41 -35.71 3.95
CA LEU H 107 -10.60 -35.07 4.50
C LEU H 107 -10.34 -33.68 5.03
N PHE H 108 -9.06 -33.35 5.21
CA PHE H 108 -8.66 -32.22 6.02
C PHE H 108 -7.93 -31.17 5.24
N GLU H 109 -8.19 -29.91 5.58
CA GLU H 109 -7.43 -28.81 5.05
C GLU H 109 -6.02 -28.80 5.64
N GLU H 110 -5.02 -28.73 4.77
CA GLU H 110 -3.66 -28.63 5.21
C GLU H 110 -3.47 -27.42 6.13
N GLY H 111 -2.76 -27.61 7.23
CA GLY H 111 -2.41 -26.49 8.10
C GLY H 111 -3.52 -25.88 8.94
N SER H 112 -4.73 -26.47 8.91
CA SER H 112 -5.87 -25.89 9.60
C SER H 112 -6.44 -26.73 10.74
N VAL H 113 -6.07 -26.40 11.99
CA VAL H 113 -6.59 -27.06 13.19
C VAL H 113 -8.10 -26.89 13.19
N THR H 114 -8.52 -25.68 12.85
CA THR H 114 -9.92 -25.33 12.79
C THR H 114 -10.72 -26.30 11.94
N ASN H 115 -10.13 -26.78 10.85
CA ASN H 115 -10.86 -27.64 9.97
C ASN H 115 -10.91 -28.97 10.63
N MET H 116 -9.81 -29.41 11.20
CA MET H 116 -9.77 -30.73 11.79
C MET H 116 -10.83 -30.86 12.87
N PHE H 117 -10.94 -29.85 13.73
CA PHE H 117 -11.94 -29.87 14.78
C PHE H 117 -13.35 -29.79 14.24
N THR H 118 -13.50 -29.09 13.15
CA THR H 118 -14.82 -28.95 12.59
C THR H 118 -15.34 -30.31 12.19
N SER H 119 -14.48 -31.11 11.58
CA SER H 119 -14.91 -32.43 11.18
C SER H 119 -15.07 -33.29 12.40
N ILE H 120 -14.03 -33.41 13.21
CA ILE H 120 -14.02 -34.43 14.26
C ILE H 120 -14.94 -34.18 15.45
N VAL H 121 -15.21 -32.93 15.78
CA VAL H 121 -16.01 -32.64 16.96
C VAL H 121 -17.13 -31.69 16.59
N GLY H 122 -17.44 -31.63 15.31
CA GLY H 122 -18.33 -30.58 14.82
C GLY H 122 -19.78 -30.73 15.22
N ASN H 123 -20.33 -31.91 14.98
CA ASN H 123 -21.76 -32.16 15.16
C ASN H 123 -22.10 -33.35 16.06
N VAL H 124 -21.25 -34.38 16.00
CA VAL H 124 -21.51 -35.66 16.61
C VAL H 124 -21.90 -35.57 18.08
N PHE H 125 -21.19 -34.76 18.85
CA PHE H 125 -21.49 -34.58 20.29
C PHE H 125 -22.94 -34.22 20.60
N GLY H 126 -23.73 -33.88 19.60
CA GLY H 126 -25.07 -33.37 19.86
C GLY H 126 -26.15 -34.34 19.48
N PHE H 127 -25.73 -35.51 19.01
CA PHE H 127 -26.66 -36.50 18.53
C PHE H 127 -27.59 -37.03 19.59
N LYS H 128 -28.88 -37.03 19.27
CA LYS H 128 -29.92 -37.67 20.10
C LYS H 128 -29.57 -39.14 20.44
N ALA H 129 -28.99 -39.87 19.48
CA ALA H 129 -28.69 -41.31 19.64
C ALA H 129 -27.62 -41.63 20.68
N LEU H 130 -27.06 -40.62 21.33
CA LEU H 130 -26.08 -40.87 22.38
C LEU H 130 -26.31 -39.97 23.60
N ARG H 131 -25.84 -40.46 24.75
CA ARG H 131 -26.01 -39.74 26.01
C ARG H 131 -24.88 -38.76 26.19
N ALA H 132 -23.67 -39.21 25.89
CA ALA H 132 -22.48 -38.40 26.10
C ALA H 132 -21.38 -38.90 25.17
N LEU H 133 -20.51 -37.98 24.76
CA LEU H 133 -19.33 -38.32 23.97
C LEU H 133 -18.10 -37.58 24.48
N ARG H 134 -16.95 -38.23 24.43
CA ARG H 134 -15.72 -37.56 24.82
C ARG H 134 -14.57 -37.91 23.90
N LEU H 135 -13.87 -36.90 23.40
CA LEU H 135 -12.72 -37.19 22.56
C LEU H 135 -11.51 -37.34 23.45
N GLU H 136 -10.92 -38.53 23.46
CA GLU H 136 -9.84 -38.78 24.39
C GLU H 136 -8.47 -38.58 23.76
N ASP H 137 -8.33 -38.88 22.47
CA ASP H 137 -7.03 -38.72 21.83
C ASP H 137 -7.23 -38.71 20.36
N LEU H 138 -6.26 -38.13 19.67
CA LEU H 138 -6.18 -38.16 18.22
C LEU H 138 -4.80 -38.64 17.88
N ARG H 139 -4.70 -39.37 16.79
CA ARG H 139 -3.39 -39.66 16.25
C ARG H 139 -3.23 -38.75 15.02
N ILE H 140 -2.34 -37.77 15.12
CA ILE H 140 -2.04 -36.92 13.99
C ILE H 140 -0.85 -37.51 13.27
N PRO H 141 -1.07 -38.04 12.05
CA PRO H 141 0.01 -38.70 11.34
C PRO H 141 1.05 -37.70 10.82
N PRO H 142 2.31 -38.12 10.73
CA PRO H 142 3.38 -37.26 10.20
C PRO H 142 3.04 -36.44 8.93
N ALA H 143 2.49 -37.08 7.90
CA ALA H 143 2.13 -36.39 6.67
C ALA H 143 1.07 -35.27 6.87
N TYR H 144 0.26 -35.33 7.93
CA TYR H 144 -0.60 -34.18 8.26
C TYR H 144 0.13 -33.16 9.12
N VAL H 145 1.01 -33.61 10.00
CA VAL H 145 1.79 -32.74 10.86
C VAL H 145 2.69 -31.84 10.05
N LYS H 146 3.20 -32.37 8.94
CA LYS H 146 4.12 -31.61 8.07
C LYS H 146 3.42 -30.45 7.37
N THR H 147 2.09 -30.41 7.40
CA THR H 147 1.38 -29.33 6.76
C THR H 147 1.19 -28.10 7.64
N PHE H 148 1.72 -28.13 8.86
CA PHE H 148 1.54 -27.04 9.83
C PHE H 148 2.82 -26.28 10.07
N VAL H 149 2.72 -24.95 10.14
CA VAL H 149 3.90 -24.16 10.54
C VAL H 149 4.32 -24.57 11.94
N GLY H 150 3.35 -24.86 12.78
CA GLY H 150 3.64 -25.24 14.14
C GLY H 150 4.17 -24.12 14.99
N HYP H 151 4.74 -24.45 16.15
CA HYP H 151 5.18 -23.41 17.07
C HYP H 151 6.16 -22.46 16.47
O HYP H 151 7.00 -22.88 15.68
CB HYP H 151 5.79 -24.16 18.25
CG HYP H 151 5.02 -25.46 18.22
CD HYP H 151 4.96 -25.77 16.72
OD1 HYP H 151 3.72 -25.17 18.70
N PRO H 152 6.08 -21.18 16.86
CA PRO H 152 7.00 -20.19 16.32
C PRO H 152 8.44 -20.54 16.57
N HIS H 153 8.76 -21.03 17.76
CA HIS H 153 10.13 -21.35 18.14
C HIS H 153 10.37 -22.74 18.71
N GLY H 154 9.71 -23.09 19.82
CA GLY H 154 9.91 -24.39 20.41
C GLY H 154 10.92 -24.25 21.52
N ILE H 155 11.02 -25.26 22.38
CA ILE H 155 11.81 -25.12 23.61
C ILE H 155 13.29 -24.78 23.38
N GLN H 156 13.97 -25.57 22.55
CA GLN H 156 15.38 -25.35 22.30
C GLN H 156 15.65 -23.91 21.85
N VAL H 157 14.94 -23.48 20.83
CA VAL H 157 15.20 -22.19 20.24
C VAL H 157 14.88 -21.09 21.27
N GLU H 158 13.86 -21.33 22.08
CA GLU H 158 13.47 -20.33 23.05
C GLU H 158 14.58 -20.20 24.07
N ARG H 159 15.11 -21.35 24.49
CA ARG H 159 16.18 -21.38 25.46
C ARG H 159 17.41 -20.70 24.93
N ASP H 160 17.67 -20.93 23.64
CA ASP H 160 18.78 -20.31 22.93
C ASP H 160 18.58 -18.81 22.77
N LYS H 161 17.35 -18.37 22.51
CA LYS H 161 17.10 -16.96 22.38
C LYS H 161 17.25 -16.25 23.72
N LEU H 162 16.76 -16.87 24.77
CA LEU H 162 16.77 -16.22 26.07
C LEU H 162 18.10 -16.35 26.81
N ASN H 163 18.94 -17.27 26.34
CA ASN H 163 20.21 -17.61 26.97
C ASN H 163 20.03 -18.19 28.37
N LYS H 164 19.08 -19.10 28.51
CA LYS H 164 18.75 -19.67 29.81
C LYS H 164 18.78 -21.19 29.73
N TYR H 165 19.63 -21.79 30.57
CA TYR H 165 19.78 -23.24 30.55
C TYR H 165 19.90 -23.88 31.91
N GLY H 166 19.59 -25.18 31.97
CA GLY H 166 19.80 -26.01 33.15
C GLY H 166 18.92 -25.78 34.36
N ARG H 167 17.69 -25.28 34.16
CA ARG H 167 16.68 -25.11 35.24
C ARG H 167 15.34 -24.70 34.68
N GLY H 168 14.29 -24.84 35.48
CA GLY H 168 12.98 -24.36 35.06
C GLY H 168 13.00 -22.85 34.95
N LEU H 169 12.00 -22.29 34.27
CA LEU H 169 11.94 -20.86 34.17
C LEU H 169 10.91 -20.39 35.15
N LEU H 170 11.05 -19.16 35.60
CA LEU H 170 10.15 -18.66 36.60
C LEU H 170 9.35 -17.46 36.15
N GLY H 171 8.03 -17.61 36.28
CA GLY H 171 7.10 -16.58 35.89
C GLY H 171 6.20 -16.16 37.03
N CYS H 172 5.27 -15.26 36.72
CA CYS H 172 4.49 -14.60 37.73
C CYS H 172 3.36 -13.79 37.10
N THR H 173 2.12 -14.14 37.39
CA THR H 173 1.00 -13.33 36.92
C THR H 173 0.80 -12.10 37.82
N ILE H 174 0.73 -10.90 37.26
CA ILE H 174 0.46 -9.73 38.06
C ILE H 174 -0.95 -9.79 38.63
N LYS H 175 -1.09 -9.42 39.90
CA LYS H 175 -2.38 -9.40 40.58
C LYS H 175 -2.55 -8.01 41.21
N PRO H 176 -3.80 -7.56 41.46
CA PRO H 176 -5.10 -8.20 41.16
C PRO H 176 -5.31 -8.38 39.66
N LYS H 177 -6.13 -9.36 39.27
CA LYS H 177 -6.28 -9.71 37.84
C LYS H 177 -6.62 -8.45 37.11
N LEU H 178 -7.73 -7.81 37.46
CA LEU H 178 -8.09 -6.58 36.84
C LEU H 178 -8.01 -5.50 37.89
N GLY H 179 -8.01 -4.23 37.50
CA GLY H 179 -8.05 -3.14 38.48
C GLY H 179 -6.85 -2.23 38.52
N LEU H 180 -5.68 -2.73 38.10
CA LEU H 180 -4.43 -1.94 38.18
C LEU H 180 -4.31 -0.96 37.01
N SER H 181 -3.69 0.19 37.23
CA SER H 181 -3.40 1.10 36.14
C SER H 181 -2.16 0.61 35.41
N ALA H 182 -1.92 1.14 34.22
CA ALA H 182 -0.73 0.79 33.48
C ALA H 182 0.52 1.05 34.32
N LYS H 183 0.63 2.29 34.84
CA LYS H 183 1.78 2.67 35.67
C LYS H 183 2.05 1.68 36.81
N ASN H 184 1.00 1.24 37.51
CA ASN H 184 1.20 0.33 38.64
C ASN H 184 1.55 -1.04 38.13
N TYR H 185 0.99 -1.37 36.96
CA TYR H 185 1.24 -2.65 36.32
C TYR H 185 2.74 -2.77 36.09
N GLY H 186 3.31 -1.76 35.43
CA GLY H 186 4.75 -1.75 35.20
C GLY H 186 5.57 -1.77 36.50
N ARG H 187 5.13 -1.02 37.50
CA ARG H 187 5.77 -0.98 38.81
C ARG H 187 5.83 -2.39 39.42
N ALA H 188 4.70 -3.06 39.51
CA ALA H 188 4.70 -4.42 40.00
C ALA H 188 5.62 -5.31 39.17
N VAL H 189 5.70 -5.03 37.87
CA VAL H 189 6.47 -5.88 36.96
C VAL H 189 7.95 -5.75 37.26
N TYR H 190 8.40 -4.50 37.36
CA TYR H 190 9.79 -4.22 37.65
C TYR H 190 10.23 -4.90 38.93
N GLU H 191 9.45 -4.73 40.01
CA GLU H 191 9.78 -5.35 41.30
C GLU H 191 9.87 -6.86 41.22
N CYS H 192 8.92 -7.53 40.57
CA CYS H 192 8.98 -8.98 40.39
C CYS H 192 10.17 -9.44 39.58
N LEU H 193 10.43 -8.74 38.49
CA LEU H 193 11.48 -9.15 37.60
C LEU H 193 12.86 -9.03 38.22
N ARG H 194 13.10 -7.91 38.92
CA ARG H 194 14.40 -7.64 39.54
C ARG H 194 14.72 -8.54 40.73
N GLY H 195 13.74 -9.26 41.24
CA GLY H 195 14.00 -10.16 42.34
C GLY H 195 14.51 -11.50 41.88
N GLY H 196 14.41 -11.79 40.59
CA GLY H 196 14.95 -13.03 40.04
C GLY H 196 14.02 -13.90 39.22
N LEU H 197 12.80 -13.43 39.03
CA LEU H 197 11.90 -14.08 38.10
C LEU H 197 12.37 -13.78 36.69
N ASP H 198 12.23 -14.77 35.81
CA ASP H 198 12.49 -14.59 34.40
C ASP H 198 11.38 -13.82 33.72
N PHE H 199 10.14 -14.21 34.02
CA PHE H 199 8.98 -13.64 33.36
C PHE H 199 7.95 -13.06 34.29
N THR H 200 7.25 -12.04 33.82
CA THR H 200 5.93 -11.72 34.38
C THR H 200 4.92 -11.73 33.25
N KCX H 201 3.63 -11.78 33.58
CA KCX H 201 2.58 -11.81 32.55
CB KCX H 201 2.18 -13.24 32.19
CG KCX H 201 1.47 -13.96 33.28
CD KCX H 201 1.38 -15.48 32.98
CE KCX H 201 0.24 -15.79 32.02
NZ KCX H 201 -1.04 -15.21 32.54
C KCX H 201 1.36 -10.96 32.86
O KCX H 201 1.05 -10.66 34.01
CX KCX H 201 -1.82 -15.95 33.33
OQ1 KCX H 201 -2.88 -15.46 33.78
OQ2 KCX H 201 -1.51 -17.13 33.60
N ASP H 202 0.70 -10.53 31.79
CA ASP H 202 -0.65 -10.04 31.87
C ASP H 202 -1.50 -11.23 32.32
N ASP H 203 -2.55 -10.96 33.11
CA ASP H 203 -3.46 -12.00 33.45
C ASP H 203 -4.22 -12.26 32.17
N GLU H 204 -4.70 -13.48 32.01
CA GLU H 204 -5.39 -13.87 30.81
C GLU H 204 -6.48 -12.87 30.41
N ASN H 205 -7.21 -12.31 31.35
CA ASN H 205 -8.27 -11.39 31.02
C ASN H 205 -7.85 -9.92 31.01
N VAL H 206 -6.56 -9.68 31.23
CA VAL H 206 -6.00 -8.35 31.02
C VAL H 206 -5.78 -8.12 29.53
N ASN H 207 -6.63 -7.29 28.93
CA ASN H 207 -6.57 -7.05 27.48
C ASN H 207 -6.44 -5.55 27.29
N SER H 208 -7.52 -4.87 27.00
CA SER H 208 -7.53 -3.43 27.11
C SER H 208 -8.86 -2.99 27.68
N GLN H 209 -8.84 -2.26 28.79
CA GLN H 209 -10.09 -1.97 29.50
C GLN H 209 -10.07 -0.52 29.95
N PRO H 210 -11.21 -0.01 30.43
CA PRO H 210 -11.23 1.40 30.88
C PRO H 210 -10.18 1.77 31.94
N PHE H 211 -9.90 0.88 32.89
CA PHE H 211 -8.93 1.16 33.97
C PHE H 211 -7.47 1.15 33.51
N MET H 212 -7.19 0.47 32.41
CA MET H 212 -5.83 0.38 31.86
C MET H 212 -5.91 -0.02 30.38
N ARG H 213 -5.62 0.94 29.52
CA ARG H 213 -5.61 0.70 28.06
C ARG H 213 -4.32 -0.05 27.66
N TRP H 214 -4.41 -0.95 26.68
CA TRP H 214 -3.27 -1.82 26.37
C TRP H 214 -1.99 -1.11 25.99
N ARG H 215 -2.06 -0.05 25.19
CA ARG H 215 -0.81 0.53 24.72
C ARG H 215 -0.05 1.18 25.88
N ASP H 216 -0.79 1.81 26.78
CA ASP H 216 -0.22 2.35 28.00
C ASP H 216 0.47 1.28 28.81
N ARG H 217 -0.19 0.15 29.02
CA ARG H 217 0.45 -0.98 29.66
C ARG H 217 1.70 -1.44 28.92
N PHE H 218 1.66 -1.54 27.58
CA PHE H 218 2.79 -2.11 26.85
C PHE H 218 4.00 -1.24 27.02
N LEU H 219 3.81 0.06 26.97
CA LEU H 219 4.93 0.99 27.13
C LEU H 219 5.59 0.86 28.49
N PHE H 220 4.79 0.94 29.55
CA PHE H 220 5.32 0.88 30.90
C PHE H 220 5.94 -0.47 31.14
N VAL H 221 5.26 -1.55 30.75
CA VAL H 221 5.88 -2.84 30.88
C VAL H 221 7.24 -2.91 30.19
N ALA H 222 7.37 -2.31 29.00
CA ALA H 222 8.64 -2.38 28.29
C ALA H 222 9.67 -1.77 29.19
N GLU H 223 9.30 -0.63 29.77
CA GLU H 223 10.23 0.09 30.61
C GLU H 223 10.71 -0.75 31.81
N ALA H 224 9.78 -1.48 32.41
CA ALA H 224 10.09 -2.30 33.56
C ALA H 224 11.05 -3.35 33.11
N ILE H 225 10.73 -4.04 32.02
CA ILE H 225 11.56 -5.12 31.51
C ILE H 225 12.99 -4.64 31.34
N TYR H 226 13.16 -3.43 30.83
CA TYR H 226 14.51 -2.96 30.55
C TYR H 226 15.28 -2.57 31.81
N LYS H 227 14.57 -2.04 32.79
CA LYS H 227 15.18 -1.66 34.07
C LYS H 227 15.65 -2.90 34.81
N ALA H 228 14.74 -3.85 34.99
CA ALA H 228 15.08 -5.13 35.61
C ALA H 228 16.24 -5.85 34.88
N GLN H 229 16.22 -5.82 33.55
CA GLN H 229 17.29 -6.47 32.80
C GLN H 229 18.63 -5.80 33.05
N ALA H 230 18.68 -4.47 33.02
CA ALA H 230 19.91 -3.73 33.27
C ALA H 230 20.44 -3.95 34.71
N GLU H 231 19.50 -4.05 35.65
CA GLU H 231 19.81 -4.21 37.06
C GLU H 231 20.29 -5.62 37.36
N THR H 232 19.61 -6.63 36.89
CA THR H 232 20.02 -7.98 37.24
C THR H 232 21.11 -8.53 36.31
N GLY H 233 21.23 -7.93 35.12
CA GLY H 233 22.11 -8.48 34.11
C GLY H 233 21.68 -9.82 33.53
N GLU H 234 20.47 -10.26 33.88
CA GLU H 234 19.81 -11.43 33.26
C GLU H 234 18.74 -11.00 32.27
N VAL H 235 18.49 -11.83 31.26
CA VAL H 235 17.46 -11.53 30.26
C VAL H 235 16.08 -11.65 30.90
N LYS H 236 15.26 -10.63 30.67
CA LYS H 236 13.94 -10.55 31.26
C LYS H 236 12.84 -10.48 30.19
N GLY H 237 11.63 -10.90 30.58
CA GLY H 237 10.47 -10.87 29.71
C GLY H 237 9.16 -10.66 30.45
N HIS H 238 8.20 -10.06 29.77
CA HIS H 238 6.83 -10.01 30.27
C HIS H 238 5.87 -10.40 29.16
N TYR H 239 5.00 -11.40 29.38
CA TYR H 239 4.07 -11.78 28.33
C TYR H 239 2.97 -10.73 28.17
N LEU H 240 3.15 -9.81 27.22
CA LEU H 240 2.09 -8.83 26.91
C LEU H 240 0.97 -9.53 26.15
N ASN H 241 -0.26 -9.26 26.56
CA ASN H 241 -1.42 -9.96 26.00
C ASN H 241 -1.87 -9.41 24.64
N ALA H 242 -1.86 -10.27 23.62
CA ALA H 242 -2.34 -9.82 22.34
C ALA H 242 -3.79 -10.21 22.10
N THR H 243 -4.37 -11.02 23.02
CA THR H 243 -5.78 -11.46 22.89
C THR H 243 -6.61 -10.21 22.69
N ALA H 244 -7.58 -10.28 21.80
CA ALA H 244 -8.38 -9.12 21.40
C ALA H 244 -9.72 -9.50 20.72
N GLY H 245 -10.55 -8.48 20.50
CA GLY H 245 -11.87 -8.65 19.88
C GLY H 245 -11.84 -9.15 18.45
N THR H 246 -10.89 -8.63 17.67
CA THR H 246 -10.82 -8.85 16.22
C THR H 246 -9.36 -9.17 15.87
N CYS H 247 -9.10 -9.87 14.76
CA CYS H 247 -7.73 -10.14 14.30
C CYS H 247 -6.94 -8.84 14.08
N GLU H 248 -7.59 -7.83 13.57
CA GLU H 248 -6.89 -6.58 13.34
C GLU H 248 -6.38 -6.02 14.67
N GLU H 249 -7.16 -6.10 15.73
CA GLU H 249 -6.69 -5.63 17.07
C GLU H 249 -5.61 -6.53 17.62
N MET H 250 -5.82 -7.84 17.54
CA MET H 250 -4.78 -8.74 17.96
C MET H 250 -3.45 -8.39 17.28
N MET H 251 -3.46 -8.14 15.97
CA MET H 251 -2.23 -7.90 15.25
C MET H 251 -1.61 -6.58 15.63
N LYS H 252 -2.43 -5.56 15.80
CA LYS H 252 -1.93 -4.23 16.14
C LYS H 252 -1.06 -4.38 17.38
N ARG H 253 -1.59 -5.08 18.38
CA ARG H 253 -0.91 -5.29 19.65
C ARG H 253 0.38 -6.05 19.54
N ALA H 254 0.39 -7.15 18.76
CA ALA H 254 1.62 -7.89 18.47
C ALA H 254 2.66 -7.00 17.84
N VAL H 255 2.26 -6.19 16.87
CA VAL H 255 3.18 -5.31 16.16
C VAL H 255 3.83 -4.32 17.09
N SMC H 256 3.06 -3.84 18.06
CA SMC H 256 3.56 -2.87 19.01
CB SMC H 256 2.37 -2.37 19.80
SG SMC H 256 3.00 -1.39 21.18
CS SMC H 256 3.65 0.10 20.38
C SMC H 256 4.54 -3.53 19.93
O SMC H 256 5.61 -2.99 20.19
N ALA H 257 4.21 -4.72 20.41
CA ALA H 257 5.18 -5.49 21.18
C ALA H 257 6.51 -5.63 20.41
N LYS H 258 6.44 -6.03 19.14
CA LYS H 258 7.64 -6.14 18.30
C LYS H 258 8.41 -4.81 18.26
N GLU H 259 7.68 -3.74 18.03
CA GLU H 259 8.26 -2.43 17.82
C GLU H 259 8.99 -1.99 19.07
N LEU H 260 8.54 -2.52 20.21
CA LEU H 260 9.13 -2.21 21.50
C LEU H 260 10.29 -3.11 21.82
N GLY H 261 10.63 -4.01 20.92
CA GLY H 261 11.78 -4.88 21.16
C GLY H 261 11.59 -5.96 22.20
N VAL H 262 10.42 -6.01 22.84
CA VAL H 262 10.16 -6.99 23.91
C VAL H 262 10.12 -8.44 23.36
N PRO H 263 10.60 -9.40 24.14
CA PRO H 263 10.82 -10.76 23.62
C PRO H 263 9.60 -11.67 23.52
N ILE H 264 8.48 -11.33 24.16
CA ILE H 264 7.44 -12.33 24.30
C ILE H 264 6.04 -11.77 24.48
N ILE H 265 5.09 -12.35 23.77
CA ILE H 265 3.67 -12.01 23.93
C ILE H 265 2.91 -13.28 24.23
N MET H 266 1.72 -13.07 24.79
CA MET H 266 0.80 -14.16 25.08
C MET H 266 -0.54 -14.05 24.31
N HIS H 267 -1.25 -15.17 24.23
CA HIS H 267 -2.57 -15.24 23.57
C HIS H 267 -3.42 -16.32 24.28
N ASP H 268 -4.71 -16.04 24.46
CA ASP H 268 -5.71 -17.03 24.90
C ASP H 268 -6.26 -17.84 23.70
N TYR H 269 -5.60 -18.94 23.35
CA TYR H 269 -5.98 -19.56 22.11
C TYR H 269 -7.39 -20.04 22.00
N LEU H 270 -8.06 -20.32 23.12
CA LEU H 270 -9.40 -20.90 23.02
C LEU H 270 -10.45 -19.84 22.99
N THR H 271 -10.32 -18.81 23.81
CA THR H 271 -11.29 -17.72 23.76
C THR H 271 -10.99 -16.82 22.55
N GLY H 272 -9.73 -16.77 22.17
CA GLY H 272 -9.34 -16.14 20.89
C GLY H 272 -9.83 -16.97 19.72
N GLY H 273 -9.43 -18.22 19.68
CA GLY H 273 -9.86 -19.13 18.64
C GLY H 273 -8.69 -19.57 17.81
N PHE H 274 -8.80 -20.76 17.24
CA PHE H 274 -7.69 -21.34 16.52
C PHE H 274 -7.25 -20.51 15.32
N THR H 275 -8.20 -19.94 14.61
CA THR H 275 -7.90 -19.17 13.41
C THR H 275 -7.08 -17.90 13.79
N ALA H 276 -7.56 -17.13 14.77
CA ALA H 276 -6.75 -16.03 15.24
C ALA H 276 -5.41 -16.54 15.73
N ASN H 277 -5.42 -17.65 16.46
CA ASN H 277 -4.16 -18.13 17.04
C ASN H 277 -3.09 -18.53 16.05
N THR H 278 -3.47 -19.32 15.06
CA THR H 278 -2.57 -19.69 13.97
C THR H 278 -2.02 -18.44 13.27
N SER H 279 -2.87 -17.44 13.01
CA SER H 279 -2.41 -16.17 12.46
C SER H 279 -1.28 -15.53 13.26
N LEU H 280 -1.46 -15.50 14.58
CA LEU H 280 -0.50 -14.94 15.51
C LEU H 280 0.78 -15.79 15.59
N ALA H 281 0.65 -17.10 15.68
CA ALA H 281 1.84 -17.97 15.63
C ALA H 281 2.66 -17.64 14.41
N ILE H 282 2.01 -17.50 13.27
CA ILE H 282 2.75 -17.23 12.04
C ILE H 282 3.41 -15.84 12.12
N TYR H 283 2.72 -14.88 12.71
CA TYR H 283 3.34 -13.60 12.87
C TYR H 283 4.54 -13.72 13.77
N CYS H 284 4.43 -14.54 14.82
CA CYS H 284 5.54 -14.69 15.76
C CYS H 284 6.74 -15.37 15.10
N ARG H 285 6.50 -16.42 14.32
CA ARG H 285 7.59 -16.98 13.53
C ARG H 285 8.28 -15.91 12.68
N ASP H 286 7.51 -15.12 11.97
CA ASP H 286 8.03 -14.14 11.03
C ASP H 286 8.72 -12.93 11.66
N ASN H 287 8.56 -12.72 12.96
CA ASN H 287 9.18 -11.55 13.58
C ASN H 287 10.03 -11.84 14.83
N GLY H 288 10.18 -13.13 15.11
CA GLY H 288 11.00 -13.61 16.20
C GLY H 288 10.44 -13.31 17.57
N LEU H 289 9.13 -13.29 17.71
CA LEU H 289 8.50 -13.12 19.02
C LEU H 289 8.22 -14.47 19.69
N LEU H 290 8.46 -14.57 20.98
CA LEU H 290 8.07 -15.79 21.65
C LEU H 290 6.58 -15.74 21.93
N LEU H 291 5.91 -16.88 21.79
CA LEU H 291 4.46 -16.91 21.98
C LEU H 291 4.04 -17.74 23.20
N HIS H 292 3.53 -17.08 24.24
CA HIS H 292 2.99 -17.76 25.42
C HIS H 292 1.49 -18.03 25.28
N ILE H 293 1.10 -19.30 25.35
CA ILE H 293 -0.32 -19.62 25.19
C ILE H 293 -1.05 -19.89 26.51
N HIS H 294 -2.13 -19.16 26.76
CA HIS H 294 -2.91 -19.35 27.94
C HIS H 294 -4.12 -20.15 27.53
N ARG H 295 -4.45 -21.18 28.32
CA ARG H 295 -5.56 -22.10 27.97
C ARG H 295 -6.90 -21.75 28.57
N ALA H 296 -7.11 -20.49 28.93
CA ALA H 296 -8.42 -19.99 29.36
C ALA H 296 -9.57 -20.63 28.61
N MET H 297 -10.52 -21.15 29.39
CA MET H 297 -11.73 -21.83 28.89
C MET H 297 -11.61 -23.34 28.70
N HIS H 298 -10.41 -23.91 28.79
CA HIS H 298 -10.23 -25.37 28.57
C HIS H 298 -11.13 -26.24 29.45
N ALA H 299 -11.30 -25.82 30.70
CA ALA H 299 -11.99 -26.61 31.70
C ALA H 299 -13.50 -26.69 31.45
N VAL H 300 -14.02 -25.77 30.65
CA VAL H 300 -15.39 -25.91 30.13
C VAL H 300 -15.52 -27.19 29.28
N ILE H 301 -14.42 -27.56 28.62
CA ILE H 301 -14.43 -28.59 27.60
C ILE H 301 -13.81 -29.91 28.07
N ASP H 302 -12.84 -29.83 28.99
CA ASP H 302 -12.02 -30.99 29.30
C ASP H 302 -12.15 -31.58 30.73
N ARG H 303 -12.96 -30.95 31.58
CA ARG H 303 -13.04 -31.32 32.99
C ARG H 303 -13.70 -32.67 33.24
N GLN H 304 -14.85 -32.93 32.63
CA GLN H 304 -15.64 -34.14 32.92
C GLN H 304 -15.15 -35.35 32.17
N ARG H 305 -15.28 -36.52 32.79
CA ARG H 305 -14.79 -37.75 32.20
C ARG H 305 -15.73 -38.31 31.12
N ASN H 306 -17.02 -38.04 31.27
CA ASN H 306 -18.03 -38.61 30.39
C ASN H 306 -18.18 -37.91 29.05
N HIS H 307 -17.91 -36.60 29.04
CA HIS H 307 -18.26 -35.72 27.92
C HIS H 307 -17.30 -34.54 27.71
N GLY H 308 -16.84 -34.40 26.47
CA GLY H 308 -16.07 -33.24 26.07
C GLY H 308 -14.88 -33.68 25.26
N ILE H 309 -13.83 -32.88 25.30
CA ILE H 309 -12.56 -33.21 24.68
C ILE H 309 -11.53 -33.19 25.80
N HIS H 310 -10.69 -34.20 25.85
CA HIS H 310 -9.69 -34.26 26.89
C HIS H 310 -8.62 -33.22 26.61
N PHE H 311 -7.96 -32.71 27.64
CA PHE H 311 -6.91 -31.72 27.40
C PHE H 311 -5.74 -32.15 26.50
N ARG H 312 -5.39 -33.43 26.48
CA ARG H 312 -4.26 -33.85 25.65
C ARG H 312 -4.55 -33.53 24.18
N VAL H 313 -5.82 -33.60 23.80
CA VAL H 313 -6.22 -33.28 22.42
C VAL H 313 -6.17 -31.75 22.18
N LEU H 314 -6.63 -30.97 23.15
CA LEU H 314 -6.47 -29.55 23.07
C LEU H 314 -4.99 -29.15 23.07
N ALA H 315 -4.12 -30.01 23.61
CA ALA H 315 -2.70 -29.69 23.63
C ALA H 315 -2.06 -30.00 22.29
N LYS H 316 -2.37 -31.16 21.74
CA LYS H 316 -1.87 -31.51 20.43
C LYS H 316 -2.32 -30.41 19.49
N ALA H 317 -3.60 -30.06 19.57
CA ALA H 317 -4.13 -29.00 18.72
C ALA H 317 -3.35 -27.70 18.84
N LEU H 318 -2.99 -27.30 20.05
CA LEU H 318 -2.27 -26.07 20.15
C LEU H 318 -0.85 -26.23 19.60
N ARG H 319 -0.26 -27.40 19.75
CA ARG H 319 1.08 -27.59 19.25
C ARG H 319 1.07 -27.34 17.76
N MET H 320 0.04 -27.81 17.08
CA MET H 320 -0.09 -27.68 15.63
C MET H 320 -0.37 -26.24 15.19
N SER H 321 -1.36 -25.61 15.81
CA SER H 321 -1.69 -24.22 15.55
C SER H 321 -0.47 -23.35 15.80
N GLY H 322 0.18 -23.51 16.93
CA GLY H 322 1.39 -22.77 17.22
C GLY H 322 1.41 -22.08 18.58
N GLY H 323 2.42 -22.41 19.36
CA GLY H 323 2.70 -21.81 20.65
C GLY H 323 4.06 -22.29 21.18
N ASP H 324 4.75 -21.39 21.89
CA ASP H 324 6.03 -21.70 22.51
C ASP H 324 5.85 -22.23 23.93
N HIS H 325 4.87 -21.67 24.65
CA HIS H 325 4.46 -22.12 25.98
C HIS H 325 3.00 -22.52 25.92
N LEU H 326 2.61 -23.55 26.65
CA LEU H 326 1.20 -23.82 26.88
C LEU H 326 1.02 -24.22 28.32
N HIS H 327 0.06 -23.60 29.01
CA HIS H 327 -0.25 -24.03 30.39
C HIS H 327 -0.59 -25.51 30.50
N SER H 328 0.08 -26.21 31.41
CA SER H 328 -0.07 -27.66 31.55
C SER H 328 -0.83 -28.07 32.78
N GLY H 329 -1.04 -27.11 33.69
CA GLY H 329 -1.57 -27.41 35.01
C GLY H 329 -0.47 -27.73 36.01
N THR H 330 -0.84 -27.84 37.28
CA THR H 330 0.15 -27.94 38.36
C THR H 330 0.15 -29.29 39.07
N VAL H 331 -0.99 -29.97 38.99
CA VAL H 331 -1.31 -31.19 39.77
C VAL H 331 -1.60 -30.83 41.22
N VAL H 332 -0.64 -30.16 41.86
CA VAL H 332 -0.68 -29.86 43.29
C VAL H 332 -1.34 -28.53 43.67
N GLY H 333 -1.53 -27.63 42.70
CA GLY H 333 -2.04 -26.27 43.00
C GLY H 333 -3.55 -26.17 43.05
N LYS H 334 -4.09 -24.97 42.83
CA LYS H 334 -5.53 -24.71 43.01
C LYS H 334 -6.48 -25.24 41.94
N LEU H 335 -5.94 -25.72 40.82
CA LEU H 335 -6.79 -26.23 39.73
C LEU H 335 -6.53 -27.70 39.45
N GLU H 336 -7.57 -28.43 39.03
CA GLU H 336 -7.47 -29.88 38.91
C GLU H 336 -6.41 -30.34 37.90
N GLY H 337 -5.85 -31.51 38.13
CA GLY H 337 -4.86 -32.09 37.25
C GLY H 337 -4.28 -33.34 37.87
N GLU H 338 -4.75 -34.48 37.41
CA GLU H 338 -4.27 -35.78 37.88
C GLU H 338 -2.84 -36.07 37.34
N ARG H 339 -2.00 -36.68 38.17
CA ARG H 339 -0.55 -36.79 37.92
C ARG H 339 -0.13 -37.59 36.71
N GLU H 340 -0.73 -38.75 36.49
CA GLU H 340 -0.24 -39.66 35.44
C GLU H 340 -0.59 -39.14 34.06
N VAL H 341 -1.82 -38.64 33.96
CA VAL H 341 -2.35 -38.08 32.72
C VAL H 341 -1.56 -36.83 32.32
N THR H 342 -1.18 -36.03 33.32
CA THR H 342 -0.38 -34.85 33.11
C THR H 342 1.00 -35.15 32.56
N LEU H 343 1.68 -36.12 33.17
CA LEU H 343 3.00 -36.52 32.73
C LEU H 343 2.95 -36.97 31.28
N GLY H 344 1.82 -37.57 30.91
CA GLY H 344 1.58 -38.02 29.54
C GLY H 344 1.40 -36.90 28.52
N PHE H 345 0.50 -35.96 28.81
CA PHE H 345 0.32 -34.87 27.89
C PHE H 345 1.48 -33.88 27.85
N VAL H 346 2.20 -33.72 28.97
CA VAL H 346 3.50 -33.02 28.90
C VAL H 346 4.44 -33.71 27.91
N ASP H 347 4.48 -35.03 27.90
CA ASP H 347 5.35 -35.71 26.94
C ASP H 347 4.88 -35.43 25.51
N LEU H 348 3.56 -35.42 25.34
CA LEU H 348 2.96 -35.12 24.06
C LEU H 348 3.29 -33.68 23.59
N MET H 349 3.40 -32.75 24.54
CA MET H 349 3.76 -31.36 24.25
C MET H 349 5.22 -31.22 23.86
N ARG H 350 6.09 -31.98 24.52
CA ARG H 350 7.54 -31.72 24.44
C ARG H 350 8.32 -32.63 23.47
N ASP H 351 7.88 -33.87 23.37
CA ASP H 351 8.73 -34.88 22.78
C ASP H 351 8.46 -35.07 21.32
N ASP H 352 9.45 -35.65 20.65
CA ASP H 352 9.34 -35.89 19.24
C ASP H 352 8.56 -37.13 18.94
N TYR H 353 8.66 -38.12 19.83
CA TYR H 353 8.02 -39.43 19.65
C TYR H 353 7.51 -39.92 21.00
N VAL H 354 6.21 -40.25 21.05
CA VAL H 354 5.55 -40.65 22.28
C VAL H 354 4.77 -41.96 22.04
N GLU H 355 5.26 -43.04 22.65
CA GLU H 355 4.69 -44.39 22.50
C GLU H 355 3.34 -44.50 23.20
N LYS H 356 2.40 -45.21 22.57
CA LYS H 356 1.12 -45.58 23.18
C LYS H 356 1.33 -46.03 24.62
N ASP H 357 0.51 -45.52 25.54
CA ASP H 357 0.61 -45.90 26.95
C ASP H 357 -0.71 -45.58 27.65
N ARG H 358 -1.60 -46.58 27.67
CA ARG H 358 -2.94 -46.44 28.27
C ARG H 358 -2.96 -46.04 29.75
N SER H 359 -1.93 -46.40 30.49
CA SER H 359 -1.84 -46.05 31.91
C SER H 359 -1.72 -44.54 32.08
N ARG H 360 -1.34 -43.87 30.99
CA ARG H 360 -1.20 -42.42 31.00
C ARG H 360 -2.28 -41.67 30.20
N GLY H 361 -3.22 -42.42 29.63
CA GLY H 361 -4.30 -41.84 28.83
C GLY H 361 -3.90 -41.67 27.36
N ILE H 362 -2.73 -42.18 26.99
CA ILE H 362 -2.23 -42.04 25.63
C ILE H 362 -2.68 -43.23 24.78
N TYR H 363 -3.69 -42.98 23.95
CA TYR H 363 -4.30 -44.05 23.17
C TYR H 363 -3.58 -44.37 21.86
N PHE H 364 -2.66 -43.52 21.42
CA PHE H 364 -2.02 -43.69 20.11
C PHE H 364 -0.59 -43.28 20.20
N THR H 365 0.22 -43.97 19.43
CA THR H 365 1.58 -43.53 19.25
C THR H 365 1.59 -42.27 18.38
N GLN H 366 2.11 -41.18 18.95
CA GLN H 366 2.17 -39.89 18.28
C GLN H 366 3.61 -39.53 17.88
N ASP H 367 3.85 -39.45 16.57
CA ASP H 367 5.15 -39.10 15.99
C ASP H 367 5.05 -37.67 15.48
N TRP H 368 5.77 -36.74 16.10
CA TRP H 368 5.62 -35.34 15.73
C TRP H 368 6.57 -34.94 14.62
N SMC H 369 7.34 -35.92 14.13
CA SMC H 369 8.19 -35.73 12.95
CB SMC H 369 7.19 -35.89 11.79
SG SMC H 369 7.98 -36.26 10.20
CS SMC H 369 8.55 -37.96 10.51
C SMC H 369 8.88 -34.40 12.91
O SMC H 369 8.83 -33.70 11.89
N SER H 370 9.50 -34.03 14.04
CA SER H 370 10.43 -32.88 14.17
C SER H 370 9.79 -31.53 14.43
N MET H 371 8.46 -31.48 14.48
CA MET H 371 7.77 -30.29 14.95
C MET H 371 8.34 -29.90 16.33
N PRO H 372 8.79 -28.64 16.49
CA PRO H 372 9.37 -28.27 17.77
C PRO H 372 8.40 -28.59 18.91
N GLY H 373 8.94 -28.79 20.11
CA GLY H 373 8.12 -29.02 21.29
C GLY H 373 7.71 -27.70 21.93
N VAL H 374 6.60 -27.75 22.68
CA VAL H 374 6.02 -26.59 23.38
C VAL H 374 6.44 -26.70 24.84
N MET H 375 6.73 -25.58 25.48
CA MET H 375 7.09 -25.66 26.88
C MET H 375 5.87 -25.66 27.80
N PRO H 376 5.76 -26.66 28.71
CA PRO H 376 4.68 -26.64 29.69
C PRO H 376 4.85 -25.53 30.69
N VAL H 377 3.75 -24.88 31.02
CA VAL H 377 3.72 -23.86 32.07
C VAL H 377 2.84 -24.32 33.20
N ALA H 378 3.43 -24.45 34.38
CA ALA H 378 2.72 -24.86 35.58
C ALA H 378 2.43 -23.63 36.42
N SER H 379 1.15 -23.34 36.61
CA SER H 379 0.69 -22.11 37.21
C SER H 379 -0.59 -22.35 37.99
N GLY H 380 -0.78 -21.60 39.07
CA GLY H 380 -2.08 -21.55 39.73
C GLY H 380 -2.14 -22.13 41.13
N GLY H 381 -2.08 -21.23 42.10
CA GLY H 381 -2.07 -21.60 43.50
C GLY H 381 -0.90 -22.45 43.94
N ILE H 382 0.30 -22.14 43.44
CA ILE H 382 1.51 -22.82 43.87
C ILE H 382 2.46 -21.87 44.59
N HIS H 383 3.13 -22.39 45.61
CA HIS H 383 4.05 -21.58 46.40
C HIS H 383 5.30 -22.41 46.67
N VAL H 384 6.23 -21.79 47.38
CA VAL H 384 7.56 -22.37 47.60
C VAL H 384 7.60 -23.83 48.05
N TRP H 385 6.67 -24.23 48.91
CA TRP H 385 6.62 -25.63 49.39
C TRP H 385 6.39 -26.65 48.25
N HIS H 386 5.76 -26.21 47.17
CA HIS H 386 5.48 -27.08 46.04
C HIS H 386 6.71 -27.25 45.16
N MET H 387 7.71 -26.39 45.33
CA MET H 387 8.81 -26.35 44.40
C MET H 387 9.36 -27.75 44.06
N PRO H 388 9.73 -28.56 45.06
CA PRO H 388 10.38 -29.84 44.75
C PRO H 388 9.46 -30.74 43.98
N ALA H 389 8.17 -30.72 44.32
CA ALA H 389 7.19 -31.57 43.62
C ALA H 389 7.09 -31.17 42.15
N LEU H 390 7.09 -29.86 41.90
CA LEU H 390 7.08 -29.33 40.55
C LEU H 390 8.33 -29.69 39.75
N VAL H 391 9.51 -29.45 40.34
CA VAL H 391 10.78 -29.81 39.70
C VAL H 391 10.86 -31.31 39.41
N GLU H 392 10.19 -32.09 40.24
CA GLU H 392 10.16 -33.55 40.10
C GLU H 392 9.28 -34.01 38.91
N ILE H 393 8.11 -33.38 38.78
CA ILE H 393 7.16 -33.70 37.72
C ILE H 393 7.66 -33.29 36.35
N PHE H 394 8.18 -32.07 36.26
CA PHE H 394 8.36 -31.42 34.97
C PHE H 394 9.78 -31.40 34.48
N GLY H 395 10.74 -31.45 35.40
CA GLY H 395 12.14 -31.35 34.99
C GLY H 395 12.49 -29.92 34.62
N ASP H 396 13.62 -29.74 33.99
CA ASP H 396 14.11 -28.41 33.64
C ASP H 396 13.24 -27.69 32.61
N ASP H 397 12.71 -28.43 31.65
CA ASP H 397 11.99 -27.87 30.52
C ASP H 397 10.56 -27.61 30.86
N ALA H 398 10.36 -26.62 31.72
CA ALA H 398 9.05 -26.16 32.11
C ALA H 398 9.18 -24.73 32.60
N CYS H 399 8.04 -24.07 32.65
CA CYS H 399 7.98 -22.77 33.25
C CYS H 399 7.05 -22.86 34.45
N LEU H 400 7.49 -22.34 35.59
CA LEU H 400 6.71 -22.42 36.81
C LEU H 400 6.31 -21.03 37.18
N GLN H 401 5.05 -20.82 37.50
CA GLN H 401 4.54 -19.47 37.74
C GLN H 401 3.89 -19.23 39.08
N PHE H 402 4.25 -18.09 39.67
CA PHE H 402 3.83 -17.78 41.01
C PHE H 402 3.27 -16.40 40.98
N GLY H 403 1.94 -16.32 40.91
CA GLY H 403 1.24 -15.03 40.93
C GLY H 403 1.04 -14.52 42.35
N GLY H 404 0.10 -15.17 43.05
CA GLY H 404 -0.10 -14.93 44.48
C GLY H 404 1.18 -15.28 45.20
N GLY H 405 1.81 -16.38 44.76
CA GLY H 405 3.11 -16.82 45.27
C GLY H 405 4.23 -15.80 45.25
N THR H 406 4.01 -14.66 44.57
CA THR H 406 5.03 -13.64 44.52
C THR H 406 4.48 -12.36 45.10
N LEU H 407 3.31 -11.91 44.61
CA LEU H 407 2.72 -10.67 45.08
C LEU H 407 2.02 -10.86 46.43
N GLY H 408 1.98 -12.11 46.88
CA GLY H 408 1.48 -12.45 48.21
C GLY H 408 2.53 -12.59 49.32
N HIS H 409 3.81 -12.50 48.95
CA HIS H 409 4.91 -12.47 49.91
C HIS H 409 4.83 -11.21 50.78
N PRO H 410 5.03 -11.35 52.13
CA PRO H 410 4.90 -10.26 53.10
C PRO H 410 5.86 -9.10 52.93
N TRP H 411 6.98 -9.33 52.24
CA TRP H 411 7.94 -8.24 52.02
C TRP H 411 7.90 -7.59 50.64
N GLY H 412 6.92 -7.98 49.81
CA GLY H 412 6.77 -7.42 48.46
C GLY H 412 7.25 -8.33 47.33
N ASN H 413 7.28 -7.77 46.13
CA ASN H 413 7.56 -8.53 44.92
C ASN H 413 8.99 -8.98 44.76
N ALA H 414 9.92 -8.04 44.89
CA ALA H 414 11.34 -8.36 44.77
C ALA H 414 11.71 -9.51 45.69
N PRO H 415 11.47 -9.38 47.02
CA PRO H 415 11.68 -10.50 47.92
C PRO H 415 10.92 -11.75 47.51
N GLY H 416 9.65 -11.60 47.19
CA GLY H 416 8.84 -12.72 46.71
C GLY H 416 9.50 -13.50 45.59
N ALA H 417 10.06 -12.74 44.65
CA ALA H 417 10.70 -13.31 43.49
C ALA H 417 11.95 -14.08 43.94
N ALA H 418 12.78 -13.40 44.71
CA ALA H 418 14.01 -13.95 45.24
C ALA H 418 13.73 -15.26 45.93
N ALA H 419 12.77 -15.24 46.83
CA ALA H 419 12.34 -16.45 47.48
C ALA H 419 12.19 -17.59 46.47
N ASN H 420 11.34 -17.38 45.46
CA ASN H 420 11.00 -18.45 44.53
C ASN H 420 12.21 -18.89 43.73
N ARG H 421 13.04 -17.91 43.36
CA ARG H 421 14.24 -18.19 42.59
C ARG H 421 15.19 -19.09 43.38
N VAL H 422 15.44 -18.72 44.63
CA VAL H 422 16.23 -19.55 45.54
C VAL H 422 15.65 -20.95 45.72
N ALA H 423 14.36 -21.04 46.00
CA ALA H 423 13.69 -22.33 46.15
C ALA H 423 13.91 -23.20 44.92
N LEU H 424 13.75 -22.60 43.74
CA LEU H 424 13.93 -23.37 42.51
C LEU H 424 15.39 -23.77 42.28
N GLU H 425 16.30 -22.87 42.57
CA GLU H 425 17.70 -23.16 42.38
C GLU H 425 18.15 -24.26 43.35
N ALA H 426 17.71 -24.15 44.60
CA ALA H 426 18.03 -25.15 45.61
C ALA H 426 17.60 -26.55 45.16
N CYS H 427 16.38 -26.67 44.65
CA CYS H 427 15.89 -27.97 44.28
C CYS H 427 16.65 -28.51 43.08
N THR H 428 17.08 -27.61 42.19
CA THR H 428 17.81 -28.04 41.00
C THR H 428 19.17 -28.58 41.44
N GLN H 429 19.85 -27.84 42.33
CA GLN H 429 21.16 -28.28 42.82
C GLN H 429 21.02 -29.64 43.49
N ALA H 430 20.03 -29.76 44.36
CA ALA H 430 19.76 -31.01 45.05
C ALA H 430 19.52 -32.17 44.09
N ARG H 431 18.62 -31.98 43.14
CA ARG H 431 18.38 -32.96 42.10
C ARG H 431 19.71 -33.36 41.44
N ASN H 432 20.50 -32.36 41.10
CA ASN H 432 21.74 -32.57 40.36
C ASN H 432 22.76 -33.34 41.18
N GLU H 433 22.81 -33.02 42.48
CA GLU H 433 23.71 -33.65 43.44
C GLU H 433 23.34 -35.10 43.76
N GLY H 434 22.19 -35.56 43.28
CA GLY H 434 21.78 -36.95 43.43
C GLY H 434 20.58 -37.15 44.35
N ARG H 435 20.29 -36.17 45.19
CA ARG H 435 19.17 -36.24 46.12
C ARG H 435 17.87 -36.57 45.39
N ASP H 436 17.08 -37.48 45.96
CA ASP H 436 15.78 -37.84 45.41
C ASP H 436 14.73 -36.82 45.88
N LEU H 437 14.16 -36.08 44.92
CA LEU H 437 13.25 -34.97 45.23
C LEU H 437 11.87 -35.39 45.73
N ALA H 438 11.44 -36.58 45.33
CA ALA H 438 10.16 -37.14 45.75
C ALA H 438 10.13 -37.48 47.24
N ARG H 439 11.31 -37.67 47.84
CA ARG H 439 11.42 -38.03 49.24
C ARG H 439 12.03 -36.94 50.11
N GLU H 440 13.21 -36.48 49.75
CA GLU H 440 13.90 -35.45 50.53
C GLU H 440 13.39 -34.04 50.20
N GLY H 441 12.25 -33.98 49.50
CA GLY H 441 11.61 -32.73 49.12
C GLY H 441 11.56 -31.70 50.23
N GLY H 442 10.78 -31.99 51.27
CA GLY H 442 10.65 -31.11 52.42
C GLY H 442 11.99 -30.67 53.01
N ASP H 443 12.97 -31.59 52.99
CA ASP H 443 14.28 -31.32 53.57
C ASP H 443 15.02 -30.22 52.84
N VAL H 444 15.01 -30.30 51.51
CA VAL H 444 15.69 -29.33 50.68
C VAL H 444 15.12 -27.95 50.93
N ILE H 445 13.79 -27.85 50.94
CA ILE H 445 13.17 -26.58 51.17
C ILE H 445 13.57 -26.02 52.53
N ARG H 446 13.44 -26.84 53.57
CA ARG H 446 13.77 -26.45 54.95
C ARG H 446 15.20 -25.94 55.11
N SER H 447 16.16 -26.65 54.52
CA SER H 447 17.56 -26.21 54.57
C SER H 447 17.68 -24.82 54.01
N ALA H 448 17.02 -24.60 52.88
CA ALA H 448 17.05 -23.32 52.20
C ALA H 448 16.41 -22.16 52.97
N CYS H 449 15.37 -22.44 53.76
CA CYS H 449 14.72 -21.37 54.54
C CYS H 449 15.61 -20.89 55.66
N LYS H 450 16.30 -21.85 56.28
CA LYS H 450 17.19 -21.53 57.39
C LYS H 450 18.36 -20.72 56.85
N TRP H 451 18.59 -20.86 55.55
CA TRP H 451 19.67 -20.14 54.84
C TRP H 451 19.26 -18.76 54.25
N SER H 452 18.05 -18.65 53.72
CA SER H 452 17.59 -17.41 53.06
C SER H 452 16.44 -16.73 53.78
N PRO H 453 16.67 -15.51 54.27
CA PRO H 453 15.64 -14.75 54.99
C PRO H 453 14.34 -14.56 54.21
N GLU H 454 14.47 -14.28 52.92
CA GLU H 454 13.33 -14.03 52.03
C GLU H 454 12.52 -15.29 51.83
N LEU H 455 13.21 -16.38 51.58
CA LEU H 455 12.56 -17.67 51.47
C LEU H 455 11.87 -18.05 52.78
N ALA H 456 12.50 -17.71 53.89
CA ALA H 456 12.00 -18.07 55.22
C ALA H 456 10.67 -17.41 55.52
N ALA H 457 10.58 -16.11 55.21
CA ALA H 457 9.34 -15.37 55.30
C ALA H 457 8.23 -16.02 54.44
N ALA H 458 8.58 -16.53 53.26
CA ALA H 458 7.63 -17.20 52.37
C ALA H 458 7.13 -18.55 52.93
N CYS H 459 8.07 -19.39 53.36
CA CYS H 459 7.74 -20.69 53.95
C CYS H 459 6.83 -20.57 55.15
N GLU H 460 7.10 -19.56 55.97
CA GLU H 460 6.33 -19.24 57.16
C GLU H 460 4.85 -19.02 56.81
N VAL H 461 4.58 -18.22 55.78
CA VAL H 461 3.22 -17.79 55.47
C VAL H 461 2.37 -18.86 54.77
N TRP H 462 2.98 -19.70 53.97
CA TRP H 462 2.24 -20.71 53.22
C TRP H 462 2.47 -22.17 53.69
N LYS H 463 3.03 -22.33 54.89
CA LYS H 463 3.39 -23.65 55.42
C LYS H 463 2.22 -24.62 55.46
N GLU H 464 1.09 -24.15 56.00
CA GLU H 464 -0.10 -24.99 56.18
C GLU H 464 -0.95 -25.24 54.90
N ILE H 465 -0.69 -24.46 53.85
CA ILE H 465 -1.57 -24.35 52.68
C ILE H 465 -1.40 -25.48 51.66
N LYS H 466 -2.45 -26.25 51.47
CA LYS H 466 -2.42 -27.39 50.54
C LYS H 466 -3.74 -27.43 49.78
N PHE H 467 -3.74 -28.17 48.68
CA PHE H 467 -4.93 -28.35 47.85
C PHE H 467 -5.20 -29.82 47.63
N GLU H 468 -5.94 -30.40 48.56
CA GLU H 468 -6.38 -31.82 48.51
C GLU H 468 -7.87 -31.90 48.88
N PHE H 469 -8.63 -32.77 48.20
CA PHE H 469 -10.07 -32.89 48.47
C PHE H 469 -10.59 -34.33 48.72
N MME I 1 -58.08 9.60 -4.79
CA MME I 1 -56.59 9.38 -4.94
C MME I 1 -56.20 8.80 -6.29
O MME I 1 -56.54 7.65 -6.62
CB MME I 1 -56.26 8.36 -3.84
CG MME I 1 -55.35 8.86 -2.72
SD MME I 1 -54.93 7.49 -1.68
CE MME I 1 -55.01 8.23 -0.07
CM MME I 1 -58.65 10.70 -5.02
N MET I 2 -55.49 9.58 -7.10
CA MET I 2 -54.99 9.10 -8.40
C MET I 2 -53.54 8.60 -8.34
N VAL I 3 -53.22 7.59 -9.17
CA VAL I 3 -51.90 6.95 -9.18
C VAL I 3 -51.09 7.38 -10.40
N TRP I 4 -49.88 7.89 -10.16
CA TRP I 4 -49.00 8.34 -11.24
C TRP I 4 -48.37 7.14 -11.96
N THR I 5 -48.57 7.05 -13.28
CA THR I 5 -48.19 5.83 -14.00
C THR I 5 -46.69 5.69 -14.27
N PRO I 6 -46.13 4.48 -14.02
CA PRO I 6 -44.76 4.11 -14.38
C PRO I 6 -44.55 3.68 -15.84
N VAL I 7 -45.64 3.49 -16.58
CA VAL I 7 -45.63 2.97 -17.96
C VAL I 7 -46.37 3.91 -18.92
N ASN I 8 -45.82 4.22 -20.10
CA ASN I 8 -44.42 4.45 -20.32
C ASN I 8 -44.53 5.97 -20.29
N ASN I 9 -44.09 6.55 -19.20
CA ASN I 9 -44.33 7.95 -18.93
C ASN I 9 -43.04 8.78 -19.00
N LYS I 10 -42.29 8.61 -20.09
CA LYS I 10 -40.98 9.23 -20.22
C LYS I 10 -41.07 10.73 -20.48
N MET I 11 -40.34 11.50 -19.69
CA MET I 11 -40.39 12.96 -19.76
C MET I 11 -39.17 13.50 -20.49
N PHE I 12 -39.05 14.83 -20.54
CA PHE I 12 -38.02 15.46 -21.34
C PHE I 12 -37.47 16.76 -20.84
N GLU I 13 -37.22 16.81 -19.54
CA GLU I 13 -36.69 18.01 -18.90
C GLU I 13 -37.66 19.18 -18.98
N THR I 14 -37.12 20.37 -19.10
CA THR I 14 -37.89 21.59 -18.89
C THR I 14 -39.16 21.68 -19.75
N PHE I 15 -40.27 21.93 -19.06
CA PHE I 15 -41.60 22.12 -19.66
C PHE I 15 -42.35 20.85 -20.07
N SER I 16 -41.73 19.68 -19.93
CA SER I 16 -42.40 18.45 -20.35
C SER I 16 -43.45 17.97 -19.35
N TYR I 17 -43.60 18.70 -18.24
CA TYR I 17 -44.65 18.42 -17.27
C TYR I 17 -45.87 19.34 -17.45
N LEU I 18 -45.73 20.34 -18.32
CA LEU I 18 -46.83 21.21 -18.74
C LEU I 18 -47.52 20.62 -19.99
N PRO I 19 -48.64 21.23 -20.44
CA PRO I 19 -49.24 20.77 -21.71
C PRO I 19 -48.34 21.17 -22.88
N PRO I 20 -48.31 20.34 -23.96
CA PRO I 20 -47.37 20.58 -25.06
C PRO I 20 -47.47 22.01 -25.59
N LEU I 21 -46.36 22.58 -26.01
CA LEU I 21 -46.33 23.98 -26.36
C LEU I 21 -47.01 24.28 -27.71
N THR I 22 -47.89 25.29 -27.70
CA THR I 22 -48.55 25.77 -28.91
C THR I 22 -47.50 26.53 -29.72
N ASP I 23 -47.70 26.62 -31.04
CA ASP I 23 -46.76 27.34 -31.91
C ASP I 23 -46.48 28.75 -31.42
N GLU I 24 -47.40 29.27 -30.63
CA GLU I 24 -47.33 30.63 -30.11
C GLU I 24 -46.63 30.71 -28.74
N GLN I 25 -46.79 29.67 -27.94
CA GLN I 25 -46.05 29.52 -26.67
C GLN I 25 -44.57 29.32 -26.94
N ILE I 26 -44.26 28.55 -27.98
CA ILE I 26 -42.91 28.41 -28.50
C ILE I 26 -42.34 29.76 -28.91
N ALA I 27 -43.12 30.55 -29.66
CA ALA I 27 -42.70 31.88 -30.10
C ALA I 27 -42.46 32.82 -28.93
N ALA I 28 -43.23 32.66 -27.87
CA ALA I 28 -43.09 33.49 -26.68
C ALA I 28 -41.76 33.23 -25.99
N GLN I 29 -41.35 31.96 -25.98
CA GLN I 29 -40.03 31.57 -25.46
C GLN I 29 -38.93 32.19 -26.30
N VAL I 30 -39.05 32.09 -27.62
CA VAL I 30 -38.05 32.68 -28.51
C VAL I 30 -37.90 34.20 -28.31
N ASP I 31 -39.00 34.88 -27.97
CA ASP I 31 -38.94 36.31 -27.68
C ASP I 31 -38.07 36.53 -26.46
N TYR I 32 -38.31 35.71 -25.44
CA TYR I 32 -37.55 35.73 -24.20
C TYR I 32 -36.07 35.50 -24.46
N ILE I 33 -35.77 34.58 -25.36
CA ILE I 33 -34.39 34.30 -25.76
C ILE I 33 -33.73 35.55 -26.37
N VAL I 34 -34.36 36.12 -27.40
CA VAL I 34 -33.80 37.28 -28.09
C VAL I 34 -33.79 38.51 -27.19
N ALA I 35 -34.83 38.64 -26.36
CA ALA I 35 -34.94 39.75 -25.40
C ALA I 35 -33.72 39.85 -24.47
N ASN I 36 -33.15 38.69 -24.12
CA ASN I 36 -32.03 38.61 -23.18
C ASN I 36 -30.65 38.50 -23.81
N GLY I 37 -30.59 38.42 -25.13
CA GLY I 37 -29.30 38.43 -25.82
C GLY I 37 -28.65 37.07 -25.97
N TRP I 38 -29.39 36.03 -25.62
CA TRP I 38 -28.87 34.67 -25.64
C TRP I 38 -28.79 34.07 -27.03
N ILE I 39 -27.85 33.15 -27.22
CA ILE I 39 -27.61 32.50 -28.52
C ILE I 39 -28.55 31.29 -28.69
N PRO I 40 -29.43 31.33 -29.69
CA PRO I 40 -30.28 30.17 -29.95
C PRO I 40 -29.59 29.09 -30.77
N CYS I 41 -30.00 27.86 -30.56
CA CYS I 41 -29.44 26.74 -31.31
C CYS I 41 -30.41 25.59 -31.34
N LEU I 42 -30.30 24.76 -32.36
CA LEU I 42 -31.14 23.57 -32.44
C LEU I 42 -30.33 22.28 -32.39
N GLU I 43 -30.84 21.30 -31.65
CA GLU I 43 -30.19 20.00 -31.54
C GLU I 43 -31.20 18.93 -31.86
N PHE I 44 -30.73 17.81 -32.39
CA PHE I 44 -31.62 16.70 -32.72
C PHE I 44 -30.98 15.34 -32.50
N ALA I 45 -31.80 14.31 -32.33
CA ALA I 45 -31.34 12.96 -32.10
C ALA I 45 -32.34 11.96 -32.63
N GLU I 46 -31.87 10.84 -33.18
CA GLU I 46 -32.77 9.74 -33.57
C GLU I 46 -33.40 9.05 -32.34
N ALA I 47 -34.45 8.24 -32.58
CA ALA I 47 -35.21 7.59 -31.48
C ALA I 47 -34.37 6.94 -30.34
N ASP I 48 -33.26 6.29 -30.68
CA ASP I 48 -32.40 5.59 -29.69
C ASP I 48 -31.56 6.57 -28.87
N LYS I 49 -30.74 7.36 -29.57
CA LYS I 49 -29.77 8.31 -28.97
C LYS I 49 -30.40 9.51 -28.22
N ALA I 50 -31.68 9.38 -27.85
CA ALA I 50 -32.45 10.47 -27.25
C ALA I 50 -32.43 10.43 -25.72
N TYR I 51 -32.45 9.22 -25.18
CA TYR I 51 -32.48 9.04 -23.74
C TYR I 51 -31.14 8.70 -23.12
N VAL I 52 -30.95 9.19 -21.91
CA VAL I 52 -29.76 8.93 -21.11
C VAL I 52 -29.60 7.42 -20.78
N SER I 53 -28.45 6.87 -21.17
CA SER I 53 -28.06 5.48 -20.83
C SER I 53 -26.56 5.42 -20.48
N ASN I 54 -26.01 4.20 -20.42
CA ASN I 54 -24.62 4.01 -19.97
C ASN I 54 -23.96 2.71 -20.47
N GLU I 55 -23.99 2.48 -21.78
CA GLU I 55 -23.39 1.26 -22.37
C GLU I 55 -21.86 1.36 -22.60
N SER I 56 -21.33 2.58 -22.55
CA SER I 56 -19.89 2.84 -22.69
C SER I 56 -19.16 2.65 -21.37
N ALA I 57 -19.92 2.59 -20.27
CA ALA I 57 -19.40 2.31 -18.91
C ALA I 57 -18.91 0.86 -18.72
N ILE I 58 -19.13 0.00 -19.71
CA ILE I 58 -18.55 -1.36 -19.80
C ILE I 58 -17.01 -1.32 -19.97
N ARG I 59 -16.51 -0.16 -20.38
CA ARG I 59 -15.09 0.09 -20.66
C ARG I 59 -14.37 0.78 -19.49
N PHE I 60 -15.15 1.13 -18.46
CA PHE I 60 -14.69 1.93 -17.32
C PHE I 60 -14.22 1.09 -16.13
N GLY I 61 -13.35 1.69 -15.29
CA GLY I 61 -13.13 1.22 -13.92
C GLY I 61 -14.22 1.78 -13.00
N SER I 62 -13.82 2.20 -11.80
CA SER I 62 -14.77 2.76 -10.82
C SER I 62 -15.09 4.26 -11.05
N VAL I 63 -14.94 4.72 -12.30
CA VAL I 63 -15.03 6.17 -12.62
C VAL I 63 -16.28 6.60 -13.44
N SER I 64 -17.41 5.92 -13.23
CA SER I 64 -18.64 6.23 -13.98
C SER I 64 -19.61 7.17 -13.25
N CYS I 65 -19.10 7.90 -12.26
CA CYS I 65 -19.88 8.96 -11.59
C CYS I 65 -20.07 10.19 -12.48
N LEU I 66 -21.35 10.51 -12.72
CA LEU I 66 -21.75 11.61 -13.60
C LEU I 66 -21.25 11.44 -15.05
N TYR I 67 -21.26 10.17 -15.50
CA TYR I 67 -21.10 9.84 -16.90
C TYR I 67 -22.33 9.08 -17.39
N TYR I 68 -22.99 9.65 -18.41
CA TYR I 68 -24.15 9.04 -19.07
C TYR I 68 -24.01 9.31 -20.56
N ASP I 69 -24.32 8.31 -21.38
CA ASP I 69 -24.37 8.50 -22.84
C ASP I 69 -25.64 9.27 -23.27
N ASN I 70 -25.56 9.91 -24.44
CA ASN I 70 -26.69 10.62 -25.05
C ASN I 70 -27.11 11.91 -24.36
N ARG I 71 -26.16 12.56 -23.70
CA ARG I 71 -26.35 13.96 -23.29
C ARG I 71 -26.19 14.84 -24.50
N TYR I 72 -25.18 14.54 -25.29
CA TYR I 72 -24.92 15.23 -26.55
C TYR I 72 -25.88 14.82 -27.63
N TRP I 73 -26.53 15.82 -28.23
CA TRP I 73 -27.31 15.60 -29.43
C TRP I 73 -26.53 16.17 -30.59
N THR I 74 -27.07 16.05 -31.80
CA THR I 74 -26.39 16.57 -32.97
C THR I 74 -26.84 18.00 -33.25
N MET I 75 -25.87 18.86 -33.49
CA MET I 75 -26.13 20.26 -33.68
C MET I 75 -26.72 20.48 -35.07
N TRP I 76 -27.83 21.23 -35.12
CA TRP I 76 -28.39 21.68 -36.41
C TRP I 76 -27.69 22.97 -36.85
N LYS I 77 -26.93 22.86 -37.94
CA LYS I 77 -26.13 23.95 -38.47
C LYS I 77 -25.19 24.49 -37.39
N LEU I 78 -25.26 25.78 -37.09
CA LEU I 78 -24.48 26.36 -36.01
C LEU I 78 -25.37 27.15 -35.10
N PRO I 79 -24.86 27.52 -33.93
CA PRO I 79 -25.62 28.45 -33.10
C PRO I 79 -25.70 29.81 -33.78
N MET I 80 -26.80 30.51 -33.55
CA MET I 80 -27.09 31.73 -34.30
C MET I 80 -26.60 32.94 -33.54
N PHE I 81 -25.32 33.28 -33.74
CA PHE I 81 -24.63 34.33 -32.96
C PHE I 81 -25.05 35.75 -33.34
N GLY I 82 -25.46 36.51 -32.34
CA GLY I 82 -25.94 37.89 -32.55
C GLY I 82 -27.16 38.02 -33.45
N CYS I 83 -27.65 36.90 -33.98
CA CYS I 83 -28.88 36.85 -34.77
C CYS I 83 -30.08 37.23 -33.88
N ARG I 84 -30.44 38.52 -33.93
CA ARG I 84 -31.51 39.08 -33.08
C ARG I 84 -32.88 39.08 -33.77
N ASP I 85 -33.17 38.03 -34.53
CA ASP I 85 -34.40 37.95 -35.33
C ASP I 85 -35.28 36.72 -34.96
N PRO I 86 -36.33 36.94 -34.15
CA PRO I 86 -37.24 35.85 -33.71
C PRO I 86 -37.83 35.06 -34.87
N MET I 87 -38.16 35.75 -35.96
CA MET I 87 -38.70 35.11 -37.18
C MET I 87 -37.77 34.01 -37.69
N GLN I 88 -36.48 34.34 -37.78
CA GLN I 88 -35.53 33.47 -38.45
C GLN I 88 -35.26 32.18 -37.66
N VAL I 89 -35.44 32.26 -36.35
CA VAL I 89 -35.29 31.09 -35.48
C VAL I 89 -36.40 30.09 -35.73
N LEU I 90 -37.64 30.59 -35.74
CA LEU I 90 -38.82 29.79 -36.03
C LEU I 90 -38.72 29.13 -37.40
N ARG I 91 -38.09 29.83 -38.34
CA ARG I 91 -37.86 29.29 -39.68
C ARG I 91 -36.89 28.10 -39.67
N GLU I 92 -35.86 28.20 -38.82
CA GLU I 92 -34.88 27.14 -38.66
C GLU I 92 -35.45 25.93 -37.94
N ILE I 93 -36.35 26.16 -36.99
CA ILE I 93 -37.07 25.05 -36.36
C ILE I 93 -37.80 24.25 -37.42
N VAL I 94 -38.43 24.96 -38.36
CA VAL I 94 -39.17 24.36 -39.46
C VAL I 94 -38.23 23.62 -40.43
N ALA I 95 -37.16 24.30 -40.86
CA ALA I 95 -36.13 23.69 -41.73
C ALA I 95 -35.61 22.37 -41.19
N CYS I 96 -35.42 22.33 -39.87
CA CYS I 96 -34.86 21.18 -39.15
C CYS I 96 -35.85 20.01 -39.03
N THR I 97 -37.02 20.27 -38.49
CA THR I 97 -38.07 19.25 -38.38
C THR I 97 -38.43 18.66 -39.75
N LYS I 98 -38.37 19.51 -40.77
CA LYS I 98 -38.58 19.10 -42.17
C LYS I 98 -37.49 18.11 -42.61
N ALA I 99 -36.23 18.42 -42.32
CA ALA I 99 -35.10 17.56 -42.69
C ALA I 99 -35.01 16.24 -41.90
N PHE I 100 -35.45 16.27 -40.65
CA PHE I 100 -35.47 15.09 -39.77
C PHE I 100 -36.86 14.89 -39.15
N PRO I 101 -37.80 14.38 -39.95
CA PRO I 101 -39.19 14.20 -39.47
C PRO I 101 -39.29 13.17 -38.35
N ASP I 102 -38.32 12.27 -38.28
CA ASP I 102 -38.33 11.15 -37.31
C ASP I 102 -37.45 11.35 -36.08
N ALA I 103 -36.91 12.55 -35.94
CA ALA I 103 -35.98 12.84 -34.88
C ALA I 103 -36.66 13.55 -33.72
N TYR I 104 -36.06 13.43 -32.53
CA TYR I 104 -36.37 14.33 -31.44
C TYR I 104 -35.64 15.62 -31.78
N VAL I 105 -36.29 16.76 -31.58
CA VAL I 105 -35.65 18.05 -31.81
C VAL I 105 -35.90 18.99 -30.66
N ARG I 106 -34.86 19.68 -30.21
CA ARG I 106 -35.00 20.61 -29.11
C ARG I 106 -34.35 21.93 -29.43
N LEU I 107 -34.93 22.98 -28.85
CA LEU I 107 -34.37 24.32 -28.98
C LEU I 107 -33.63 24.62 -27.70
N VAL I 108 -32.43 25.14 -27.85
CA VAL I 108 -31.61 25.48 -26.69
C VAL I 108 -31.04 26.88 -26.87
N ALA I 109 -30.64 27.49 -25.77
CA ALA I 109 -30.03 28.81 -25.84
C ALA I 109 -28.85 28.88 -24.89
N PHE I 110 -27.78 29.52 -25.36
CA PHE I 110 -26.57 29.66 -24.59
C PHE I 110 -26.37 31.09 -24.10
N ASP I 111 -26.04 31.23 -22.83
CA ASP I 111 -25.45 32.45 -22.29
C ASP I 111 -23.93 32.34 -22.43
N ASN I 112 -23.29 33.32 -23.05
CA ASN I 112 -21.84 33.23 -23.28
C ASN I 112 -21.02 33.91 -22.19
N GLN I 113 -21.70 34.64 -21.31
CA GLN I 113 -21.08 35.30 -20.18
C GLN I 113 -20.78 34.28 -19.09
N LYS I 114 -21.82 33.54 -18.69
CA LYS I 114 -21.71 32.45 -17.73
C LYS I 114 -21.17 31.18 -18.40
N GLN I 115 -21.09 31.21 -19.72
CA GLN I 115 -20.80 30.03 -20.55
C GLN I 115 -21.55 28.77 -20.10
N VAL I 116 -22.87 28.82 -20.25
CA VAL I 116 -23.73 27.69 -19.98
C VAL I 116 -24.97 27.75 -20.86
N GLN I 117 -25.55 26.58 -21.16
CA GLN I 117 -26.89 26.54 -21.73
C GLN I 117 -27.89 27.11 -20.69
N ILE I 118 -28.68 28.09 -21.12
CA ILE I 118 -29.52 28.87 -20.20
C ILE I 118 -30.99 28.50 -20.27
N MET I 119 -31.40 27.88 -21.38
CA MET I 119 -32.70 27.23 -21.47
C MET I 119 -32.74 26.16 -22.55
N GLY I 120 -33.75 25.31 -22.49
CA GLY I 120 -33.90 24.24 -23.45
C GLY I 120 -35.18 23.47 -23.24
N PHE I 121 -35.95 23.30 -24.32
CA PHE I 121 -37.17 22.51 -24.32
C PHE I 121 -37.36 21.81 -25.65
N LEU I 122 -38.17 20.77 -25.64
CA LEU I 122 -38.41 19.95 -26.80
C LEU I 122 -39.34 20.66 -27.77
N VAL I 123 -39.09 20.54 -29.07
CA VAL I 123 -40.00 21.07 -30.10
C VAL I 123 -40.64 20.01 -31.02
N GLN I 124 -39.98 18.86 -31.18
CA GLN I 124 -40.54 17.78 -31.96
C GLN I 124 -40.23 16.44 -31.32
N ARG I 125 -41.29 15.65 -31.14
CA ARG I 125 -41.19 14.24 -30.78
C ARG I 125 -41.40 13.49 -32.09
N PRO I 126 -40.69 12.37 -32.33
CA PRO I 126 -41.01 11.58 -33.52
C PRO I 126 -42.39 10.94 -33.44
N LYS I 127 -43.00 10.64 -34.59
CA LYS I 127 -44.36 10.11 -34.59
C LYS I 127 -44.49 8.67 -34.08
N THR I 128 -43.48 7.85 -34.37
CA THR I 128 -43.43 6.45 -33.92
C THR I 128 -43.30 6.27 -32.39
N ALA I 129 -42.99 7.35 -31.68
CA ALA I 129 -42.74 7.33 -30.23
C ALA I 129 -43.95 6.88 -29.42
N ARG I 130 -43.76 5.76 -28.71
CA ARG I 130 -44.81 5.09 -27.95
C ARG I 130 -44.54 5.11 -26.43
N ASP I 131 -43.45 5.76 -26.03
CA ASP I 131 -43.00 5.76 -24.64
C ASP I 131 -43.34 7.01 -23.82
N PHE I 132 -44.23 7.87 -24.35
CA PHE I 132 -44.72 9.04 -23.62
C PHE I 132 -46.23 8.94 -23.35
N GLN I 133 -46.72 9.77 -22.45
CA GLN I 133 -48.15 9.88 -22.18
C GLN I 133 -48.66 11.29 -22.46
N PRO I 134 -49.85 11.42 -23.12
CA PRO I 134 -50.55 12.71 -23.16
C PRO I 134 -50.83 13.25 -21.75
N ALA I 135 -50.82 14.57 -21.59
CA ALA I 135 -50.92 15.22 -20.26
C ALA I 135 -52.04 14.75 -19.31
N ASN I 136 -53.15 14.26 -19.86
CA ASN I 136 -54.30 13.79 -19.05
C ASN I 136 -54.27 12.32 -18.60
N LYS I 137 -53.55 11.46 -19.36
CA LYS I 137 -53.44 10.02 -19.02
C LYS I 137 -52.19 9.64 -18.21
N ARG I 138 -51.60 10.62 -17.54
CA ARG I 138 -50.41 10.41 -16.71
C ARG I 138 -50.73 9.82 -15.34
N SER I 139 -51.96 10.05 -14.88
CA SER I 139 -52.47 9.44 -13.66
C SER I 139 -53.81 8.75 -13.91
N VAL I 140 -53.93 7.52 -13.42
CA VAL I 140 -55.19 6.77 -13.48
C VAL I 140 -55.77 6.56 -12.07
N MME J 1 19.46 42.92 35.67
CA MME J 1 19.05 41.64 34.98
C MME J 1 19.96 40.48 35.32
O MME J 1 21.15 40.50 34.99
CB MME J 1 19.21 41.97 33.48
CG MME J 1 17.91 41.96 32.66
SD MME J 1 18.29 42.12 30.93
CE MME J 1 17.14 43.38 30.40
CM MME J 1 18.93 43.31 36.75
N MET J 2 19.42 39.48 36.01
CA MET J 2 20.19 38.25 36.28
C MET J 2 19.94 37.12 35.24
N VAL J 3 20.95 36.29 35.03
CA VAL J 3 20.86 35.23 34.03
C VAL J 3 20.75 33.84 34.69
N TRP J 4 19.68 33.11 34.34
CA TRP J 4 19.43 31.76 34.88
C TRP J 4 20.44 30.75 34.34
N THR J 5 21.19 30.09 35.23
CA THR J 5 22.33 29.26 34.78
C THR J 5 21.91 27.92 34.15
N PRO J 6 22.52 27.58 32.98
CA PRO J 6 22.40 26.25 32.36
C PRO J 6 23.30 25.15 32.97
N VAL J 7 24.22 25.54 33.84
CA VAL J 7 25.23 24.61 34.40
C VAL J 7 25.24 24.67 35.93
N ASN J 8 25.33 23.54 36.63
CA ASN J 8 24.63 22.33 36.28
C ASN J 8 23.45 22.52 37.23
N ASN J 9 22.30 22.89 36.67
CA ASN J 9 21.18 23.32 37.46
C ASN J 9 20.02 22.30 37.40
N LYS J 10 20.35 21.04 37.64
CA LYS J 10 19.37 19.96 37.52
C LYS J 10 18.35 19.95 38.68
N MET J 11 17.07 19.90 38.33
CA MET J 11 15.99 20.03 39.30
C MET J 11 15.36 18.69 39.56
N PHE J 12 14.26 18.67 40.31
CA PHE J 12 13.72 17.39 40.73
C PHE J 12 12.21 17.29 40.91
N GLU J 13 11.49 17.96 40.02
CA GLU J 13 10.05 18.07 40.11
C GLU J 13 9.59 18.83 41.36
N THR J 14 8.48 18.40 41.95
CA THR J 14 7.75 19.23 42.90
C THR J 14 8.64 19.68 44.07
N PHE J 15 8.62 21.01 44.29
CA PHE J 15 9.31 21.67 45.43
C PHE J 15 10.81 21.94 45.28
N SER J 16 11.42 21.37 44.25
CA SER J 16 12.85 21.57 44.00
C SER J 16 13.20 22.99 43.51
N TYR J 17 12.20 23.86 43.34
CA TYR J 17 12.45 25.27 43.00
C TYR J 17 12.30 26.18 44.22
N LEU J 18 11.85 25.59 45.33
CA LEU J 18 11.82 26.25 46.63
C LEU J 18 13.12 25.96 47.41
N PRO J 19 13.33 26.60 48.58
CA PRO J 19 14.54 26.25 49.34
C PRO J 19 14.37 24.85 49.93
N PRO J 20 15.49 24.10 50.09
CA PRO J 20 15.41 22.69 50.54
C PRO J 20 14.62 22.54 51.85
N LEU J 21 13.90 21.44 51.97
CA LEU J 21 12.91 21.31 53.03
C LEU J 21 13.56 21.01 54.38
N THR J 22 13.17 21.78 55.39
CA THR J 22 13.59 21.55 56.78
C THR J 22 12.90 20.32 57.31
N ASP J 23 13.50 19.66 58.30
CA ASP J 23 12.90 18.44 58.87
C ASP J 23 11.43 18.63 59.29
N GLU J 24 11.07 19.88 59.52
CA GLU J 24 9.74 20.24 60.01
C GLU J 24 8.77 20.53 58.86
N GLN J 25 9.28 21.12 57.78
CA GLN J 25 8.51 21.29 56.54
C GLN J 25 8.16 19.93 55.95
N ILE J 26 9.11 19.00 56.02
CA ILE J 26 8.92 17.62 55.62
C ILE J 26 7.81 16.99 56.44
N ALA J 27 7.87 17.16 57.75
CA ALA J 27 6.83 16.67 58.65
C ALA J 27 5.44 17.28 58.34
N ALA J 28 5.42 18.56 57.94
CA ALA J 28 4.17 19.25 57.63
C ALA J 28 3.49 18.61 56.42
N GLN J 29 4.30 18.24 55.43
CA GLN J 29 3.82 17.48 54.26
C GLN J 29 3.24 16.14 54.71
N VAL J 30 3.95 15.45 55.60
CA VAL J 30 3.50 14.14 56.04
C VAL J 30 2.15 14.24 56.75
N ASP J 31 1.91 15.37 57.41
CA ASP J 31 0.62 15.60 58.06
C ASP J 31 -0.46 15.68 57.01
N TYR J 32 -0.21 16.52 56.00
CA TYR J 32 -1.11 16.64 54.86
C TYR J 32 -1.41 15.27 54.23
N ILE J 33 -0.41 14.39 54.17
CA ILE J 33 -0.58 13.06 53.60
C ILE J 33 -1.54 12.23 54.45
N VAL J 34 -1.30 12.16 55.75
CA VAL J 34 -2.14 11.36 56.64
C VAL J 34 -3.53 12.00 56.81
N ALA J 35 -3.55 13.33 56.83
CA ALA J 35 -4.79 14.09 56.96
C ALA J 35 -5.80 13.75 55.88
N ASN J 36 -5.30 13.34 54.71
CA ASN J 36 -6.11 13.10 53.50
C ASN J 36 -6.33 11.60 53.18
N GLY J 37 -5.73 10.74 53.99
CA GLY J 37 -5.95 9.30 53.84
C GLY J 37 -5.09 8.61 52.79
N TRP J 38 -4.16 9.36 52.22
CA TRP J 38 -3.34 8.85 51.14
C TRP J 38 -2.27 7.88 51.62
N ILE J 39 -1.90 6.93 50.77
CA ILE J 39 -0.86 5.94 51.08
C ILE J 39 0.56 6.49 50.85
N PRO J 40 1.39 6.54 51.93
CA PRO J 40 2.77 6.96 51.75
C PRO J 40 3.68 5.81 51.28
N CYS J 41 4.77 6.18 50.64
CA CYS J 41 5.74 5.21 50.17
C CYS J 41 7.08 5.88 49.91
N LEU J 42 8.14 5.10 50.03
CA LEU J 42 9.44 5.63 49.73
C LEU J 42 10.11 4.95 48.54
N GLU J 43 10.69 5.76 47.67
CA GLU J 43 11.39 5.26 46.50
C GLU J 43 12.81 5.79 46.49
N PHE J 44 13.73 4.99 45.96
CA PHE J 44 15.14 5.38 45.91
C PHE J 44 15.84 4.92 44.62
N ALA J 45 16.91 5.62 44.26
CA ALA J 45 17.68 5.31 43.05
C ALA J 45 19.15 5.72 43.23
N GLU J 46 20.07 4.91 42.72
CA GLU J 46 21.50 5.29 42.69
C GLU J 46 21.76 6.47 41.74
N ALA J 47 22.95 7.11 41.87
CA ALA J 47 23.29 8.34 41.13
C ALA J 47 22.91 8.35 39.62
N ASP J 48 23.13 7.23 38.94
CA ASP J 48 22.85 7.12 37.50
C ASP J 48 21.35 7.09 37.19
N LYS J 49 20.68 6.05 37.71
CA LYS J 49 19.26 5.74 37.46
C LYS J 49 18.28 6.76 38.06
N ALA J 50 18.73 7.98 38.31
CA ALA J 50 17.91 9.01 38.94
C ALA J 50 17.26 9.94 37.93
N TYR J 51 17.98 10.16 36.81
CA TYR J 51 17.53 11.10 35.78
C TYR J 51 16.94 10.42 34.56
N VAL J 52 15.89 11.04 34.03
CA VAL J 52 15.25 10.61 32.80
C VAL J 52 16.23 10.56 31.59
N SER J 53 16.35 9.39 30.97
CA SER J 53 17.11 9.22 29.72
C SER J 53 16.37 8.27 28.75
N ASN J 54 17.07 7.80 27.72
CA ASN J 54 16.42 6.99 26.68
C ASN J 54 17.33 6.06 25.87
N GLU J 55 18.16 5.28 26.59
CA GLU J 55 19.12 4.37 25.96
C GLU J 55 18.49 3.03 25.47
N SER J 56 17.28 2.72 25.95
CA SER J 56 16.54 1.54 25.52
C SER J 56 15.75 1.79 24.24
N ALA J 57 15.67 3.06 23.84
CA ALA J 57 15.06 3.48 22.56
C ALA J 57 15.90 3.17 21.30
N ILE J 58 17.09 2.59 21.52
CA ILE J 58 17.95 2.00 20.46
C ILE J 58 17.34 0.68 19.92
N ARG J 59 16.37 0.14 20.66
CA ARG J 59 15.70 -1.13 20.34
C ARG J 59 14.33 -0.90 19.67
N PHE J 60 13.94 0.37 19.58
CA PHE J 60 12.60 0.77 19.13
C PHE J 60 12.53 1.11 17.62
N GLY J 61 11.34 0.93 17.05
CA GLY J 61 10.99 1.57 15.78
C GLY J 61 10.58 3.02 16.02
N SER J 62 9.53 3.49 15.35
CA SER J 62 9.04 4.87 15.50
C SER J 62 8.11 5.09 16.73
N VAL J 63 8.28 4.28 17.77
CA VAL J 63 7.32 4.22 18.91
C VAL J 63 7.86 4.74 20.26
N SER J 64 8.79 5.68 20.23
CA SER J 64 9.41 6.20 21.45
C SER J 64 8.75 7.49 21.97
N CYS J 65 7.50 7.71 21.57
CA CYS J 65 6.67 8.80 22.13
C CYS J 65 6.23 8.50 23.58
N LEU J 66 6.61 9.39 24.49
CA LEU J 66 6.36 9.23 25.91
C LEU J 66 6.96 7.91 26.50
N TYR J 67 8.15 7.56 26.00
CA TYR J 67 9.01 6.54 26.61
C TYR J 67 10.38 7.13 27.02
N TYR J 68 10.63 7.11 28.34
CA TYR J 68 11.89 7.55 28.93
C TYR J 68 12.27 6.52 30.00
N ASP J 69 13.53 6.13 30.04
CA ASP J 69 14.05 5.30 31.16
C ASP J 69 14.19 6.10 32.48
N ASN J 70 14.17 5.36 33.60
CA ASN J 70 14.37 5.94 34.95
C ASN J 70 13.22 6.83 35.48
N ARG J 71 12.01 6.54 35.02
CA ARG J 71 10.81 7.01 35.70
C ARG J 71 10.60 6.18 36.97
N TYR J 72 10.76 4.87 36.83
CA TYR J 72 10.66 3.96 37.94
C TYR J 72 11.87 4.04 38.86
N TRP J 73 11.64 4.19 40.16
CA TRP J 73 12.71 4.02 41.13
C TRP J 73 12.49 2.73 41.89
N THR J 74 13.28 2.47 42.92
CA THR J 74 13.14 1.22 43.64
C THR J 74 12.30 1.49 44.85
N MET J 75 11.41 0.55 45.14
CA MET J 75 10.49 0.71 46.24
C MET J 75 11.19 0.34 47.55
N TRP J 76 11.12 1.25 48.51
CA TRP J 76 11.54 0.93 49.86
C TRP J 76 10.43 0.18 50.57
N LYS J 77 10.66 -1.10 50.82
CA LYS J 77 9.71 -2.00 51.47
C LYS J 77 8.39 -2.04 50.70
N LEU J 78 7.28 -1.68 51.33
CA LEU J 78 6.00 -1.61 50.64
C LEU J 78 5.34 -0.29 50.96
N PRO J 79 4.31 0.08 50.22
CA PRO J 79 3.55 1.27 50.60
C PRO J 79 2.81 1.04 51.91
N MET J 80 2.64 2.08 52.71
CA MET J 80 2.17 1.91 54.07
C MET J 80 0.65 2.07 54.14
N PHE J 81 -0.06 0.98 53.88
CA PHE J 81 -1.51 0.98 53.67
C PHE J 81 -2.29 1.18 54.98
N GLY J 82 -3.16 2.18 55.00
CA GLY J 82 -3.95 2.49 56.20
C GLY J 82 -3.13 2.97 57.41
N CYS J 83 -1.81 2.95 57.26
CA CYS J 83 -0.88 3.38 58.31
C CYS J 83 -1.07 4.87 58.56
N ARG J 84 -1.91 5.19 59.55
CA ARG J 84 -2.28 6.58 59.88
C ARG J 84 -1.39 7.22 60.96
N ASP J 85 -0.10 6.88 60.94
CA ASP J 85 0.86 7.36 61.95
C ASP J 85 2.04 8.18 61.38
N PRO J 86 1.94 9.53 61.45
CA PRO J 86 2.98 10.43 60.89
C PRO J 86 4.37 10.11 61.40
N MET J 87 4.48 9.77 62.68
CA MET J 87 5.74 9.40 63.30
C MET J 87 6.44 8.28 62.54
N GLN J 88 5.68 7.24 62.21
CA GLN J 88 6.23 6.01 61.66
C GLN J 88 6.77 6.18 60.24
N VAL J 89 6.24 7.20 59.55
CA VAL J 89 6.68 7.54 58.20
C VAL J 89 8.07 8.20 58.24
N LEU J 90 8.21 9.18 59.13
CA LEU J 90 9.48 9.84 59.37
C LEU J 90 10.57 8.85 59.78
N ARG J 91 10.16 7.82 60.53
CA ARG J 91 11.07 6.75 60.94
C ARG J 91 11.56 5.95 59.75
N GLU J 92 10.67 5.69 58.79
CA GLU J 92 11.01 4.93 57.59
C GLU J 92 11.82 5.75 56.61
N ILE J 93 11.63 7.07 56.60
CA ILE J 93 12.52 7.94 55.84
C ILE J 93 13.94 7.79 56.36
N VAL J 94 14.07 7.75 57.68
CA VAL J 94 15.35 7.57 58.34
C VAL J 94 15.93 6.18 58.03
N ALA J 95 15.18 5.11 58.32
CA ALA J 95 15.58 3.74 58.02
C ALA J 95 16.17 3.57 56.62
N CYS J 96 15.55 4.23 55.64
CA CYS J 96 15.92 4.15 54.24
C CYS J 96 17.19 4.93 53.89
N THR J 97 17.24 6.23 54.23
CA THR J 97 18.45 7.05 54.01
C THR J 97 19.69 6.44 54.69
N LYS J 98 19.45 5.79 55.82
CA LYS J 98 20.47 5.07 56.56
C LYS J 98 21.00 3.90 55.72
N ALA J 99 20.09 3.11 55.12
CA ALA J 99 20.47 1.93 54.32
C ALA J 99 21.08 2.27 52.97
N PHE J 100 20.70 3.43 52.42
CA PHE J 100 21.24 3.92 51.16
C PHE J 100 21.71 5.37 51.24
N PRO J 101 22.86 5.61 51.92
CA PRO J 101 23.39 6.98 52.11
C PRO J 101 23.75 7.67 50.80
N ASP J 102 24.03 6.87 49.77
CA ASP J 102 24.45 7.39 48.47
C ASP J 102 23.37 7.49 47.40
N ALA J 103 22.15 7.18 47.80
CA ALA J 103 21.03 7.18 46.89
C ALA J 103 20.27 8.53 46.85
N TYR J 104 19.55 8.74 45.75
CA TYR J 104 18.48 9.71 45.74
C TYR J 104 17.31 9.02 46.43
N VAL J 105 16.57 9.74 47.28
CA VAL J 105 15.41 9.19 47.97
C VAL J 105 14.25 10.19 47.92
N ARG J 106 13.06 9.73 47.50
CA ARG J 106 11.88 10.58 47.47
C ARG J 106 10.72 9.95 48.22
N LEU J 107 9.88 10.83 48.75
CA LEU J 107 8.67 10.41 49.43
C LEU J 107 7.51 10.63 48.48
N VAL J 108 6.70 9.59 48.29
CA VAL J 108 5.56 9.69 47.40
C VAL J 108 4.28 9.30 48.16
N ALA J 109 3.14 9.79 47.69
CA ALA J 109 1.88 9.35 48.22
C ALA J 109 0.89 8.97 47.11
N PHE J 110 0.23 7.82 47.27
CA PHE J 110 -0.79 7.38 46.33
C PHE J 110 -2.21 7.58 46.83
N ASP J 111 -3.06 8.11 45.96
CA ASP J 111 -4.52 8.08 46.08
C ASP J 111 -4.99 6.80 45.40
N ASN J 112 -5.77 5.97 46.09
CA ASN J 112 -6.21 4.69 45.51
C ASN J 112 -7.59 4.78 44.86
N GLN J 113 -8.25 5.92 45.06
CA GLN J 113 -9.58 6.20 44.46
C GLN J 113 -9.41 6.60 43.01
N LYS J 114 -8.57 7.61 42.77
CA LYS J 114 -8.21 8.04 41.42
C LYS J 114 -7.13 7.11 40.82
N GLN J 115 -6.57 6.24 41.66
CA GLN J 115 -5.40 5.41 41.35
C GLN J 115 -4.33 6.21 40.65
N VAL J 116 -3.72 7.12 41.38
CA VAL J 116 -2.59 7.89 40.89
C VAL J 116 -1.70 8.30 42.06
N GLN J 117 -0.43 8.53 41.78
CA GLN J 117 0.42 9.24 42.72
C GLN J 117 -0.09 10.67 42.87
N ILE J 118 -0.31 11.09 44.11
CA ILE J 118 -0.99 12.36 44.38
C ILE J 118 -0.04 13.44 44.89
N MET J 119 1.10 13.04 45.46
CA MET J 119 2.23 13.94 45.69
C MET J 119 3.59 13.25 45.77
N GLY J 120 4.66 14.05 45.70
CA GLY J 120 6.00 13.52 45.71
C GLY J 120 7.06 14.60 45.66
N PHE J 121 8.04 14.49 46.56
CA PHE J 121 9.18 15.38 46.62
C PHE J 121 10.41 14.65 47.14
N LEU J 122 11.57 15.22 46.85
CA LEU J 122 12.84 14.64 47.20
C LEU J 122 13.13 14.83 48.69
N VAL J 123 13.67 13.79 49.32
CA VAL J 123 14.10 13.88 50.74
C VAL J 123 15.60 13.69 50.98
N GLN J 124 16.32 13.07 50.04
CA GLN J 124 17.77 12.94 50.13
C GLN J 124 18.43 12.99 48.77
N ARG J 125 19.38 13.90 48.64
CA ARG J 125 20.31 13.94 47.51
C ARG J 125 21.56 13.19 47.98
N PRO J 126 22.23 12.43 47.09
CA PRO J 126 23.51 11.85 47.52
C PRO J 126 24.57 12.95 47.68
N LYS J 127 25.56 12.71 48.55
CA LYS J 127 26.56 13.76 48.84
C LYS J 127 27.53 14.08 47.68
N THR J 128 27.90 13.06 46.91
CA THR J 128 28.76 13.20 45.72
C THR J 128 28.16 14.01 44.53
N ALA J 129 26.85 14.31 44.61
CA ALA J 129 26.11 15.01 43.55
C ALA J 129 26.64 16.42 43.33
N ARG J 130 27.11 16.66 42.10
CA ARG J 130 27.75 17.93 41.71
C ARG J 130 26.95 18.66 40.62
N ASP J 131 25.81 18.08 40.24
CA ASP J 131 24.97 18.60 39.13
C ASP J 131 23.76 19.44 39.54
N PHE J 132 23.72 19.84 40.81
CA PHE J 132 22.68 20.76 41.31
C PHE J 132 23.27 22.12 41.77
N GLN J 133 22.41 23.12 41.93
CA GLN J 133 22.82 24.43 42.47
C GLN J 133 22.06 24.72 43.75
N PRO J 134 22.77 25.22 44.80
CA PRO J 134 22.09 25.83 45.95
C PRO J 134 21.17 26.98 45.51
N ALA J 135 20.03 27.14 46.19
CA ALA J 135 18.96 28.07 45.77
C ALA J 135 19.36 29.52 45.36
N ASN J 136 20.48 30.02 45.91
CA ASN J 136 20.96 31.41 45.65
C ASN J 136 21.89 31.56 44.44
N LYS J 137 22.61 30.48 44.07
CA LYS J 137 23.54 30.48 42.91
C LYS J 137 22.92 29.96 41.58
N ARG J 138 21.59 30.01 41.51
CA ARG J 138 20.83 29.60 40.32
C ARG J 138 20.79 30.68 39.23
N SER J 139 21.01 31.92 39.64
CA SER J 139 21.14 33.03 38.71
C SER J 139 22.37 33.88 39.04
N VAL J 140 23.17 34.20 38.01
CA VAL J 140 24.33 35.10 38.14
C VAL J 140 24.11 36.42 37.37
N MME K 1 -25.88 26.89 -45.79
CA MME K 1 -25.24 25.94 -44.82
C MME K 1 -25.94 24.59 -44.82
O MME K 1 -27.14 24.50 -44.56
CB MME K 1 -25.53 26.62 -43.47
CG MME K 1 -24.31 27.15 -42.72
SD MME K 1 -24.80 27.76 -41.12
CE MME K 1 -23.71 29.14 -40.94
CM MME K 1 -25.46 27.06 -46.98
N MET K 2 -25.21 23.53 -45.12
CA MET K 2 -25.76 22.17 -45.04
C MET K 2 -25.36 21.43 -43.76
N VAL K 3 -26.20 20.49 -43.32
CA VAL K 3 -25.98 19.75 -42.07
C VAL K 3 -25.59 18.28 -42.32
N TRP K 4 -24.46 17.87 -41.77
CA TRP K 4 -23.95 16.49 -41.89
C TRP K 4 -24.72 15.48 -41.02
N THR K 5 -25.34 14.50 -41.64
CA THR K 5 -26.33 13.67 -40.95
C THR K 5 -25.70 12.64 -40.00
N PRO K 6 -26.27 12.52 -38.79
CA PRO K 6 -25.89 11.47 -37.85
C PRO K 6 -26.54 10.11 -38.15
N VAL K 7 -27.55 10.08 -39.01
CA VAL K 7 -28.39 8.89 -39.25
C VAL K 7 -28.39 8.47 -40.71
N ASN K 8 -28.22 7.19 -41.01
CA ASN K 8 -27.33 6.30 -40.30
C ASN K 8 -26.19 6.40 -41.30
N ASN K 9 -25.13 7.11 -40.93
CA ASN K 9 -24.12 7.51 -41.89
C ASN K 9 -22.79 6.77 -41.64
N LYS K 10 -22.85 5.44 -41.53
CA LYS K 10 -21.69 4.65 -41.12
C LYS K 10 -20.65 4.46 -42.24
N MET K 11 -19.41 4.80 -41.90
CA MET K 11 -18.32 4.82 -42.86
C MET K 11 -17.47 3.58 -42.72
N PHE K 12 -16.40 3.51 -43.48
CA PHE K 12 -15.59 2.30 -43.50
C PHE K 12 -14.13 2.48 -43.79
N GLU K 13 -13.54 3.48 -43.13
CA GLU K 13 -12.13 3.81 -43.28
C GLU K 13 -11.75 4.29 -44.68
N THR K 14 -10.60 3.86 -45.17
CA THR K 14 -10.01 4.51 -46.34
C THR K 14 -10.93 4.46 -47.55
N PHE K 15 -11.10 5.63 -48.18
CA PHE K 15 -11.88 5.81 -49.41
C PHE K 15 -13.41 5.80 -49.28
N SER K 16 -13.92 5.65 -48.06
CA SER K 16 -15.37 5.63 -47.89
C SER K 16 -16.01 7.03 -47.88
N TYR K 17 -15.19 8.07 -47.92
CA TYR K 17 -15.69 9.44 -48.02
C TYR K 17 -15.67 9.91 -49.48
N LEU K 18 -15.14 9.07 -50.36
CA LEU K 18 -15.15 9.34 -51.78
C LEU K 18 -16.37 8.64 -52.40
N PRO K 19 -16.65 8.86 -53.71
CA PRO K 19 -17.72 8.10 -54.37
C PRO K 19 -17.28 6.66 -54.51
N PRO K 20 -18.25 5.71 -54.48
CA PRO K 20 -17.92 4.29 -54.49
C PRO K 20 -17.02 3.94 -55.67
N LEU K 21 -16.07 3.06 -55.46
CA LEU K 21 -15.06 2.81 -56.47
C LEU K 21 -15.57 2.02 -57.68
N THR K 22 -15.32 2.56 -58.88
CA THR K 22 -15.65 1.86 -60.13
C THR K 22 -14.75 0.64 -60.30
N ASP K 23 -15.22 -0.37 -61.05
CA ASP K 23 -14.46 -1.62 -61.22
C ASP K 23 -13.08 -1.33 -61.77
N GLU K 24 -12.94 -0.15 -62.37
CA GLU K 24 -11.68 0.31 -62.94
C GLU K 24 -10.82 1.09 -61.95
N GLN K 25 -11.46 1.84 -61.06
CA GLN K 25 -10.78 2.50 -59.94
C GLN K 25 -10.20 1.47 -58.97
N ILE K 26 -10.94 0.38 -58.80
CA ILE K 26 -10.49 -0.77 -58.01
C ILE K 26 -9.27 -1.42 -58.69
N ALA K 27 -9.31 -1.54 -60.01
CA ALA K 27 -8.18 -2.10 -60.76
C ALA K 27 -6.95 -1.21 -60.71
N ALA K 28 -7.15 0.10 -60.68
CA ALA K 28 -6.05 1.07 -60.56
C ALA K 28 -5.34 0.92 -59.23
N GLN K 29 -6.09 0.63 -58.16
CA GLN K 29 -5.53 0.36 -56.85
C GLN K 29 -4.71 -0.93 -56.83
N VAL K 30 -5.24 -1.97 -57.46
CA VAL K 30 -4.53 -3.23 -57.55
C VAL K 30 -3.21 -3.09 -58.31
N ASP K 31 -3.18 -2.22 -59.31
CA ASP K 31 -1.94 -1.94 -60.02
C ASP K 31 -0.95 -1.33 -59.06
N TYR K 32 -1.40 -0.35 -58.27
CA TYR K 32 -0.56 0.32 -57.30
C TYR K 32 0.01 -0.67 -56.30
N ILE K 33 -0.80 -1.67 -55.96
CA ILE K 33 -0.40 -2.73 -55.06
C ILE K 33 0.73 -3.55 -55.67
N VAL K 34 0.51 -4.09 -56.86
CA VAL K 34 1.50 -4.96 -57.49
C VAL K 34 2.76 -4.19 -57.90
N ALA K 35 2.58 -2.94 -58.30
CA ALA K 35 3.68 -2.06 -58.64
C ALA K 35 4.71 -1.92 -57.51
N ASN K 36 4.22 -1.87 -56.27
CA ASN K 36 5.06 -1.68 -55.10
C ASN K 36 5.50 -2.96 -54.42
N GLY K 37 5.05 -4.11 -54.93
CA GLY K 37 5.50 -5.40 -54.41
C GLY K 37 4.81 -5.86 -53.13
N TRP K 38 3.68 -5.25 -52.81
CA TRP K 38 2.92 -5.56 -51.62
C TRP K 38 2.08 -6.84 -51.77
N ILE K 39 1.81 -7.50 -50.65
CA ILE K 39 1.03 -8.73 -50.63
C ILE K 39 -0.48 -8.44 -50.55
N PRO K 40 -1.23 -8.82 -51.60
CA PRO K 40 -2.67 -8.61 -51.53
C PRO K 40 -3.37 -9.70 -50.71
N CYS K 41 -4.51 -9.35 -50.12
CA CYS K 41 -5.27 -10.31 -49.36
C CYS K 41 -6.71 -9.82 -49.26
N LEU K 42 -7.64 -10.77 -49.18
CA LEU K 42 -9.04 -10.45 -49.00
C LEU K 42 -9.58 -10.88 -47.63
N GLU K 43 -10.40 -10.03 -47.02
CA GLU K 43 -10.99 -10.29 -45.71
C GLU K 43 -12.47 -10.05 -45.81
N PHE K 44 -13.26 -10.76 -45.01
CA PHE K 44 -14.71 -10.60 -45.04
C PHE K 44 -15.32 -10.78 -43.65
N ALA K 45 -16.53 -10.26 -43.49
CA ALA K 45 -17.28 -10.35 -42.24
C ALA K 45 -18.77 -10.27 -42.49
N GLU K 46 -19.56 -11.00 -41.71
CA GLU K 46 -21.02 -10.89 -41.80
C GLU K 46 -21.48 -9.56 -41.23
N ALA K 47 -22.73 -9.20 -41.50
CA ALA K 47 -23.29 -7.89 -41.11
C ALA K 47 -22.96 -7.42 -39.67
N ASP K 48 -23.04 -8.34 -38.69
CA ASP K 48 -22.81 -8.01 -37.26
C ASP K 48 -21.33 -7.73 -36.96
N LYS K 49 -20.48 -8.69 -37.28
CA LYS K 49 -19.04 -8.68 -36.98
C LYS K 49 -18.22 -7.66 -37.80
N ALA K 50 -18.91 -6.68 -38.41
CA ALA K 50 -18.30 -5.71 -39.33
C ALA K 50 -17.86 -4.41 -38.66
N TYR K 51 -18.62 -3.99 -37.66
CA TYR K 51 -18.31 -2.76 -36.96
C TYR K 51 -17.61 -2.97 -35.64
N VAL K 52 -16.74 -2.03 -35.30
CA VAL K 52 -16.05 -1.98 -34.02
C VAL K 52 -17.05 -1.85 -32.83
N SER K 53 -16.96 -2.81 -31.89
CA SER K 53 -17.70 -2.75 -30.62
C SER K 53 -16.82 -3.25 -29.46
N ASN K 54 -17.45 -3.49 -28.29
CA ASN K 54 -16.70 -3.87 -27.08
C ASN K 54 -17.51 -4.68 -26.06
N GLU K 55 -18.13 -5.77 -26.50
CA GLU K 55 -18.93 -6.62 -25.58
C GLU K 55 -18.09 -7.60 -24.73
N SER K 56 -16.84 -7.83 -25.16
CA SER K 56 -15.92 -8.69 -24.42
C SER K 56 -15.25 -7.96 -23.25
N ALA K 57 -15.39 -6.62 -23.23
CA ALA K 57 -14.89 -5.75 -22.14
C ALA K 57 -15.67 -5.90 -20.83
N ILE K 58 -16.76 -6.67 -20.86
CA ILE K 58 -17.51 -7.08 -19.67
C ILE K 58 -16.68 -8.03 -18.78
N ARG K 59 -15.63 -8.61 -19.37
CA ARG K 59 -14.75 -9.60 -18.71
C ARG K 59 -13.46 -8.96 -18.17
N PHE K 60 -13.27 -7.68 -18.47
CA PHE K 60 -12.03 -6.95 -18.18
C PHE K 60 -12.06 -6.22 -16.82
N GLY K 61 -10.88 -5.91 -16.29
CA GLY K 61 -10.71 -4.88 -15.26
C GLY K 61 -10.56 -3.51 -15.91
N SER K 62 -9.66 -2.68 -15.40
CA SER K 62 -9.41 -1.35 -15.99
C SER K 62 -8.48 -1.37 -17.23
N VAL K 63 -8.47 -2.48 -17.98
CA VAL K 63 -7.51 -2.67 -19.10
C VAL K 63 -8.10 -2.69 -20.53
N SER K 64 -9.17 -1.92 -20.74
CA SER K 64 -9.86 -1.88 -22.04
C SER K 64 -9.43 -0.73 -22.96
N CYS K 65 -8.28 -0.10 -22.65
CA CYS K 65 -7.61 0.87 -23.55
C CYS K 65 -7.03 0.27 -24.83
N LEU K 66 -7.59 0.71 -25.94
CA LEU K 66 -7.24 0.22 -27.27
C LEU K 66 -7.55 -1.27 -27.44
N TYR K 67 -8.67 -1.69 -26.84
CA TYR K 67 -9.32 -2.96 -27.11
C TYR K 67 -10.73 -2.75 -27.70
N TYR K 68 -10.96 -3.25 -28.91
CA TYR K 68 -12.26 -3.20 -29.56
C TYR K 68 -12.45 -4.52 -30.31
N ASP K 69 -13.62 -5.13 -30.18
CA ASP K 69 -13.96 -6.34 -30.94
C ASP K 69 -14.22 -6.01 -32.41
N ASN K 70 -14.02 -6.99 -33.28
CA ASN K 70 -14.29 -6.88 -34.74
C ASN K 70 -13.33 -6.04 -35.56
N ARG K 71 -12.07 -5.99 -35.11
CA ARG K 71 -10.97 -5.51 -35.96
C ARG K 71 -10.59 -6.62 -36.92
N TYR K 72 -10.43 -7.83 -36.38
CA TYR K 72 -10.21 -9.03 -37.19
C TYR K 72 -11.43 -9.42 -38.00
N TRP K 73 -11.23 -9.52 -39.30
CA TRP K 73 -12.21 -10.12 -40.16
C TRP K 73 -11.69 -11.50 -40.49
N THR K 74 -12.41 -12.22 -41.36
CA THR K 74 -12.03 -13.57 -41.69
C THR K 74 -11.26 -13.55 -42.99
N MET K 75 -10.13 -14.21 -42.99
CA MET K 75 -9.25 -14.28 -44.15
C MET K 75 -9.86 -15.15 -45.24
N TRP K 76 -9.94 -14.58 -46.44
CA TRP K 76 -10.25 -15.35 -47.64
C TRP K 76 -8.97 -16.03 -48.15
N LYS K 77 -8.99 -17.37 -48.07
CA LYS K 77 -7.88 -18.20 -48.49
C LYS K 77 -6.63 -17.75 -47.75
N LEU K 78 -5.58 -17.40 -48.49
CA LEU K 78 -4.33 -16.93 -47.91
C LEU K 78 -3.91 -15.64 -48.58
N PRO K 79 -2.98 -14.92 -47.96
CA PRO K 79 -2.43 -13.78 -48.69
C PRO K 79 -1.62 -14.28 -49.89
N MET K 80 -1.63 -13.49 -50.95
CA MET K 80 -1.08 -13.92 -52.23
C MET K 80 0.39 -13.51 -52.35
N PHE K 81 1.28 -14.36 -51.84
CA PHE K 81 2.69 -14.04 -51.70
C PHE K 81 3.43 -14.12 -53.03
N GLY K 82 4.11 -13.02 -53.37
CA GLY K 82 4.85 -12.90 -54.63
C GLY K 82 3.99 -12.93 -55.90
N CYS K 83 2.69 -13.13 -55.72
CA CYS K 83 1.73 -13.15 -56.84
C CYS K 83 1.65 -11.75 -57.48
N ARG K 84 2.43 -11.58 -58.55
CA ARG K 84 2.57 -10.30 -59.25
C ARG K 84 1.60 -10.17 -60.43
N ASP K 85 0.39 -10.70 -60.28
CA ASP K 85 -0.58 -10.73 -61.37
C ASP K 85 -1.90 -10.02 -61.01
N PRO K 86 -2.08 -8.75 -61.49
CA PRO K 86 -3.28 -7.96 -61.20
C PRO K 86 -4.58 -8.65 -61.59
N MET K 87 -4.53 -9.44 -62.67
CA MET K 87 -5.69 -10.18 -63.17
C MET K 87 -6.22 -11.13 -62.09
N GLN K 88 -5.30 -11.91 -61.51
CA GLN K 88 -5.64 -12.97 -60.58
C GLN K 88 -6.21 -12.48 -59.26
N VAL K 89 -5.84 -11.25 -58.88
CA VAL K 89 -6.39 -10.60 -57.69
C VAL K 89 -7.87 -10.28 -57.90
N LEU K 90 -8.16 -9.61 -59.02
CA LEU K 90 -9.51 -9.28 -59.42
C LEU K 90 -10.39 -10.52 -59.49
N ARG K 91 -9.83 -11.63 -59.93
CA ARG K 91 -10.56 -12.89 -60.00
C ARG K 91 -10.93 -13.43 -58.62
N GLU K 92 -10.04 -13.22 -57.64
CA GLU K 92 -10.29 -13.63 -56.27
C GLU K 92 -11.29 -12.72 -55.56
N ILE K 93 -11.32 -11.45 -55.89
CA ILE K 93 -12.37 -10.57 -55.40
C ILE K 93 -13.74 -11.10 -55.81
N VAL K 94 -13.84 -11.51 -57.08
CA VAL K 94 -15.04 -12.12 -57.64
C VAL K 94 -15.37 -13.47 -56.95
N ALA K 95 -14.41 -14.39 -56.91
CA ALA K 95 -14.59 -15.68 -56.24
C ALA K 95 -15.16 -15.52 -54.81
N CYS K 96 -14.70 -14.48 -54.11
CA CYS K 96 -15.02 -14.22 -52.71
C CYS K 96 -16.43 -13.65 -52.54
N THR K 97 -16.71 -12.55 -53.25
CA THR K 97 -18.03 -11.92 -53.23
C THR K 97 -19.13 -12.89 -53.66
N LYS K 98 -18.77 -13.77 -54.60
CA LYS K 98 -19.64 -14.82 -55.08
C LYS K 98 -19.96 -15.78 -53.93
N ALA K 99 -18.92 -16.21 -53.21
CA ALA K 99 -19.08 -17.16 -52.09
C ALA K 99 -19.77 -16.59 -50.85
N PHE K 100 -19.59 -15.29 -50.61
CA PHE K 100 -20.26 -14.60 -49.49
C PHE K 100 -20.99 -13.35 -49.98
N PRO K 101 -22.13 -13.53 -50.64
CA PRO K 101 -22.85 -12.41 -51.27
C PRO K 101 -23.37 -11.41 -50.24
N ASP K 102 -23.58 -11.88 -49.00
CA ASP K 102 -24.14 -11.09 -47.90
C ASP K 102 -23.11 -10.53 -46.93
N ALA K 103 -21.84 -10.75 -47.24
CA ALA K 103 -20.74 -10.31 -46.39
C ALA K 103 -20.21 -8.94 -46.80
N TYR K 104 -19.58 -8.26 -45.84
CA TYR K 104 -18.74 -7.11 -46.10
C TYR K 104 -17.43 -7.69 -46.56
N VAL K 105 -16.87 -7.17 -47.65
CA VAL K 105 -15.59 -7.66 -48.15
C VAL K 105 -14.63 -6.50 -48.39
N ARG K 106 -13.39 -6.66 -47.93
CA ARG K 106 -12.37 -5.64 -48.14
C ARG K 106 -11.08 -6.24 -48.68
N LEU K 107 -10.43 -5.46 -49.52
CA LEU K 107 -9.12 -5.80 -50.05
C LEU K 107 -8.06 -5.06 -49.23
N VAL K 108 -7.04 -5.81 -48.82
CA VAL K 108 -5.99 -5.27 -48.00
C VAL K 108 -4.66 -5.71 -48.58
N ALA K 109 -3.60 -4.98 -48.28
CA ALA K 109 -2.27 -5.32 -48.78
C ALA K 109 -1.27 -5.18 -47.65
N PHE K 110 -0.33 -6.10 -47.59
CA PHE K 110 0.68 -6.09 -46.53
C PHE K 110 2.04 -5.72 -47.07
N ASP K 111 2.73 -4.83 -46.36
CA ASP K 111 4.17 -4.62 -46.51
C ASP K 111 4.88 -5.52 -45.49
N ASN K 112 5.75 -6.41 -45.97
CA ASN K 112 6.46 -7.34 -45.08
C ASN K 112 7.76 -6.79 -44.50
N GLN K 113 8.22 -5.67 -45.05
CA GLN K 113 9.43 -5.00 -44.58
C GLN K 113 9.11 -4.24 -43.29
N LYS K 114 8.08 -3.40 -43.35
CA LYS K 114 7.62 -2.67 -42.17
C LYS K 114 6.69 -3.55 -41.31
N GLN K 115 6.37 -4.74 -41.82
CA GLN K 115 5.38 -5.63 -41.24
C GLN K 115 4.13 -4.87 -40.78
N VAL K 116 3.40 -4.34 -41.75
CA VAL K 116 2.15 -3.67 -41.48
C VAL K 116 1.22 -3.79 -42.70
N GLN K 117 -0.09 -3.71 -42.44
CA GLN K 117 -1.04 -3.47 -43.50
C GLN K 117 -0.84 -2.05 -44.02
N ILE K 118 -0.62 -1.96 -45.34
CA ILE K 118 -0.20 -0.72 -45.99
C ILE K 118 -1.32 -0.01 -46.75
N MET K 119 -2.32 -0.77 -47.20
CA MET K 119 -3.58 -0.18 -47.65
C MET K 119 -4.75 -1.13 -47.49
N GLY K 120 -5.96 -0.57 -47.51
CA GLY K 120 -7.17 -1.35 -47.38
C GLY K 120 -8.39 -0.52 -47.65
N PHE K 121 -9.31 -1.07 -48.44
CA PHE K 121 -10.59 -0.43 -48.77
C PHE K 121 -11.67 -1.47 -49.05
N LEU K 122 -12.90 -1.04 -48.88
CA LEU K 122 -14.06 -1.91 -49.02
C LEU K 122 -14.34 -2.23 -50.48
N VAL K 123 -14.69 -3.49 -50.79
CA VAL K 123 -15.09 -3.87 -52.16
C VAL K 123 -16.55 -4.33 -52.31
N GLN K 124 -17.14 -4.82 -51.21
CA GLN K 124 -18.54 -5.21 -51.21
C GLN K 124 -19.22 -4.87 -49.90
N ARG K 125 -20.31 -4.15 -50.00
CA ARG K 125 -21.25 -3.96 -48.90
C ARG K 125 -22.35 -4.99 -49.13
N PRO K 126 -22.90 -5.59 -48.05
CA PRO K 126 -24.06 -6.47 -48.28
C PRO K 126 -25.29 -5.67 -48.69
N LYS K 127 -26.22 -6.31 -49.39
CA LYS K 127 -27.40 -5.61 -49.95
C LYS K 127 -28.44 -5.17 -48.93
N THR K 128 -28.58 -5.98 -47.88
CA THR K 128 -29.51 -5.70 -46.77
C THR K 128 -29.10 -4.48 -45.89
N ALA K 129 -27.85 -4.03 -46.05
CA ALA K 129 -27.28 -2.94 -45.24
C ALA K 129 -28.06 -1.63 -45.39
N ARG K 130 -28.55 -1.14 -44.27
CA ARG K 130 -29.42 0.05 -44.23
C ARG K 130 -28.78 1.21 -43.45
N ASP K 131 -27.56 0.99 -42.95
CA ASP K 131 -26.85 1.93 -42.07
C ASP K 131 -25.80 2.81 -42.75
N PHE K 132 -25.82 2.86 -44.08
CA PHE K 132 -24.96 3.78 -44.84
C PHE K 132 -25.80 4.80 -45.63
N GLN K 133 -25.14 5.85 -46.11
CA GLN K 133 -25.75 6.83 -47.01
C GLN K 133 -25.01 6.85 -48.35
N PRO K 134 -25.76 6.94 -49.48
CA PRO K 134 -25.16 7.32 -50.77
C PRO K 134 -24.49 8.72 -50.70
N ALA K 135 -23.39 8.91 -51.44
CA ALA K 135 -22.51 10.09 -51.33
C ALA K 135 -23.16 11.50 -51.35
N ASN K 136 -24.33 11.60 -51.99
CA ASN K 136 -25.09 12.88 -52.08
C ASN K 136 -26.08 13.21 -50.93
N LYS K 137 -26.59 12.17 -50.25
CA LYS K 137 -27.55 12.34 -49.15
C LYS K 137 -26.92 12.31 -47.73
N ARG K 138 -25.60 12.57 -47.68
CA ARG K 138 -24.85 12.65 -46.42
C ARG K 138 -25.02 13.98 -45.69
N SER K 139 -25.39 15.04 -46.43
CA SER K 139 -25.78 16.31 -45.84
C SER K 139 -27.14 16.77 -46.38
N VAL K 140 -27.99 17.26 -45.48
CA VAL K 140 -29.29 17.85 -45.85
C VAL K 140 -29.33 19.36 -45.53
N MME L 1 55.16 21.10 0.19
CA MME L 1 53.75 20.62 0.43
C MME L 1 53.41 20.38 1.92
O MME L 1 53.91 19.44 2.55
CB MME L 1 53.70 19.31 -0.36
CG MME L 1 52.71 19.29 -1.52
SD MME L 1 52.68 17.64 -2.16
CE MME L 1 52.51 17.87 -3.88
CM MME L 1 55.43 22.33 0.02
N MET L 2 52.55 21.24 2.48
CA MET L 2 52.13 21.09 3.89
C MET L 2 50.77 20.39 4.02
N VAL L 3 50.65 19.57 5.07
CA VAL L 3 49.47 18.73 5.31
C VAL L 3 48.61 19.37 6.39
N TRP L 4 47.33 19.59 6.06
CA TRP L 4 46.36 20.16 7.00
C TRP L 4 45.96 19.10 8.06
N THR L 5 46.16 19.39 9.35
CA THR L 5 45.97 18.38 10.40
C THR L 5 44.50 18.07 10.78
N PRO L 6 44.16 16.75 10.93
CA PRO L 6 42.85 16.27 11.39
C PRO L 6 42.67 16.25 12.91
N VAL L 7 43.77 16.51 13.65
CA VAL L 7 43.82 16.39 15.12
C VAL L 7 44.40 17.68 15.73
N ASN L 8 43.78 18.21 16.78
CA ASN L 8 42.35 18.22 16.97
C ASN L 8 42.22 19.65 16.50
N ASN L 9 41.65 19.81 15.31
CA ASN L 9 41.64 21.09 14.61
C ASN L 9 40.21 21.63 14.46
N LYS L 10 39.47 21.66 15.57
CA LYS L 10 38.07 22.08 15.55
C LYS L 10 37.89 23.60 15.42
N MET L 11 37.08 23.98 14.44
CA MET L 11 36.83 25.36 14.08
C MET L 11 35.49 25.83 14.64
N PHE L 12 35.13 27.06 14.29
CA PHE L 12 34.01 27.70 14.96
C PHE L 12 33.21 28.67 14.13
N GLU L 13 33.01 28.30 12.87
CA GLU L 13 32.29 29.14 11.93
C GLU L 13 33.02 30.43 11.66
N THR L 14 32.25 31.50 11.43
CA THR L 14 32.78 32.75 10.87
C THR L 14 33.99 33.30 11.64
N PHE L 15 35.05 33.57 10.86
CA PHE L 15 36.33 34.13 11.30
C PHE L 15 37.24 33.20 12.07
N SER L 16 36.85 31.95 12.26
CA SER L 16 37.72 31.05 13.03
C SER L 16 38.89 30.50 12.19
N TYR L 17 38.92 30.88 10.91
CA TYR L 17 40.04 30.52 10.01
C TYR L 17 41.08 31.65 9.91
N LEU L 18 40.69 32.83 10.40
CA LEU L 18 41.57 34.00 10.54
C LEU L 18 42.31 33.93 11.90
N PRO L 19 43.34 34.81 12.11
CA PRO L 19 43.98 34.86 13.43
C PRO L 19 42.99 35.41 14.47
N PRO L 20 43.10 34.93 15.73
CA PRO L 20 42.09 35.26 16.75
C PRO L 20 41.94 36.76 16.85
N LEU L 21 40.73 37.23 17.11
CA LEU L 21 40.44 38.66 17.05
C LEU L 21 41.05 39.49 18.21
N THR L 22 41.70 40.59 17.87
CA THR L 22 42.21 41.53 18.87
C THR L 22 41.02 42.27 19.47
N ASP L 23 41.17 42.79 20.70
CA ASP L 23 40.07 43.52 21.38
C ASP L 23 39.54 44.67 20.53
N GLU L 24 40.37 45.10 19.59
CA GLU L 24 40.06 46.21 18.69
C GLU L 24 39.39 45.75 17.37
N GLN L 25 39.80 44.56 16.89
CA GLN L 25 39.15 43.94 15.72
C GLN L 25 37.71 43.58 16.07
N ILE L 26 37.52 43.03 17.27
CA ILE L 26 36.21 42.80 17.87
C ILE L 26 35.35 44.08 17.87
N ALA L 27 35.97 45.18 18.29
CA ALA L 27 35.28 46.47 18.40
C ALA L 27 34.94 47.03 17.03
N ALA L 28 35.73 46.67 16.03
CA ALA L 28 35.50 47.10 14.63
C ALA L 28 34.25 46.44 14.06
N GLN L 29 34.11 45.14 14.34
CA GLN L 29 32.86 44.40 14.07
C GLN L 29 31.64 45.07 14.72
N VAL L 30 31.73 45.33 16.04
CA VAL L 30 30.64 45.97 16.80
C VAL L 30 30.22 47.32 16.18
N ASP L 31 31.18 48.06 15.63
CA ASP L 31 30.83 49.31 14.96
C ASP L 31 29.93 48.98 13.78
N TYR L 32 30.40 48.03 12.96
CA TYR L 32 29.66 47.50 11.81
C TYR L 32 28.24 47.06 12.18
N ILE L 33 28.11 46.37 13.31
CA ILE L 33 26.81 45.97 13.85
C ILE L 33 25.93 47.20 14.05
N VAL L 34 26.44 48.16 14.87
CA VAL L 34 25.68 49.39 15.20
C VAL L 34 25.45 50.28 13.98
N ALA L 35 26.44 50.32 13.09
CA ALA L 35 26.37 51.10 11.85
C ALA L 35 25.16 50.73 10.99
N ASN L 36 24.76 49.45 11.09
CA ASN L 36 23.72 48.89 10.22
C ASN L 36 22.36 48.69 10.86
N GLY L 37 22.24 49.04 12.14
CA GLY L 37 20.96 48.97 12.84
C GLY L 37 20.61 47.58 13.35
N TRP L 38 21.59 46.70 13.38
CA TRP L 38 21.37 45.32 13.81
C TRP L 38 21.36 45.10 15.35
N ILE L 39 20.56 44.13 15.80
CA ILE L 39 20.43 43.82 17.23
C ILE L 39 21.57 42.91 17.72
N PRO L 40 22.42 43.43 18.63
CA PRO L 40 23.46 42.56 19.17
C PRO L 40 22.93 41.67 20.30
N CYS L 41 23.58 40.54 20.47
CA CYS L 41 23.21 39.59 21.51
C CYS L 41 24.41 38.71 21.82
N LEU L 42 24.39 38.14 23.02
CA LEU L 42 25.42 37.21 23.41
C LEU L 42 24.85 35.85 23.74
N GLU L 43 25.59 34.81 23.34
CA GLU L 43 25.21 33.44 23.64
C GLU L 43 26.41 32.69 24.24
N PHE L 44 26.12 31.73 25.09
CA PHE L 44 27.19 30.93 25.70
C PHE L 44 26.81 29.47 25.93
N ALA L 45 27.83 28.61 26.05
CA ALA L 45 27.61 27.19 26.23
C ALA L 45 28.78 26.60 26.99
N GLU L 46 28.51 25.62 27.85
CA GLU L 46 29.60 24.86 28.50
C GLU L 46 30.39 23.98 27.51
N ALA L 47 31.56 23.48 27.93
CA ALA L 47 32.46 22.67 27.07
C ALA L 47 31.78 21.60 26.16
N ASP L 48 30.80 20.86 26.71
CA ASP L 48 30.08 19.80 25.97
C ASP L 48 29.10 20.33 24.92
N LYS L 49 28.14 21.15 25.39
CA LYS L 49 27.03 21.66 24.57
C LYS L 49 27.45 22.69 23.47
N ALA L 50 28.74 22.70 23.15
CA ALA L 50 29.33 23.70 22.22
C ALA L 50 29.34 23.22 20.78
N TYR L 51 29.59 21.92 20.60
CA TYR L 51 29.69 21.31 19.27
C TYR L 51 28.46 20.54 18.81
N VAL L 52 28.22 20.61 17.51
CA VAL L 52 27.10 19.94 16.88
C VAL L 52 27.23 18.41 17.01
N SER L 53 26.20 17.79 17.57
CA SER L 53 26.10 16.32 17.67
C SER L 53 24.64 15.86 17.38
N ASN L 54 24.33 14.59 17.67
CA ASN L 54 23.01 14.03 17.37
C ASN L 54 22.56 12.83 18.25
N GLU L 55 22.56 13.02 19.56
CA GLU L 55 22.20 11.94 20.51
C GLU L 55 20.70 11.80 20.71
N SER L 56 19.95 12.85 20.36
CA SER L 56 18.50 12.84 20.47
C SER L 56 17.85 12.11 19.30
N ALA L 57 18.62 11.94 18.22
CA ALA L 57 18.20 11.18 17.03
C ALA L 57 18.00 9.68 17.30
N ILE L 58 18.36 9.21 18.50
CA ILE L 58 18.06 7.84 18.99
C ILE L 58 16.54 7.63 19.22
N ARG L 59 15.81 8.74 19.28
CA ARG L 59 14.37 8.78 19.52
C ARG L 59 13.57 8.95 18.20
N PHE L 60 14.30 9.10 17.10
CA PHE L 60 13.74 9.46 15.78
C PHE L 60 13.43 8.24 14.89
N GLY L 61 12.52 8.45 13.94
CA GLY L 61 12.41 7.58 12.76
C GLY L 61 13.41 8.03 11.69
N SER L 62 12.96 8.05 10.43
CA SER L 62 13.81 8.43 9.30
C SER L 62 13.82 9.96 9.05
N VAL L 63 13.56 10.72 10.11
CA VAL L 63 13.37 12.19 10.00
C VAL L 63 14.48 13.05 10.67
N SER L 64 15.72 12.58 10.63
CA SER L 64 16.86 13.33 11.22
C SER L 64 17.65 14.17 10.20
N CYS L 65 17.03 14.48 9.06
CA CYS L 65 17.60 15.42 8.09
C CYS L 65 17.55 16.86 8.59
N LEU L 66 18.74 17.46 8.68
CA LEU L 66 18.94 18.82 9.20
C LEU L 66 18.46 19.01 10.65
N TYR L 67 18.62 17.95 11.44
CA TYR L 67 18.51 18.00 12.88
C TYR L 67 19.85 17.64 13.53
N TYR L 68 20.37 18.58 14.31
CA TYR L 68 21.60 18.40 15.08
C TYR L 68 21.37 19.06 16.43
N ASP L 69 21.91 18.46 17.48
CA ASP L 69 21.85 19.06 18.81
C ASP L 69 22.90 20.18 18.95
N ASN L 70 22.70 21.04 19.95
CA ASN L 70 23.67 22.10 20.31
C ASN L 70 23.87 23.22 19.26
N ARG L 71 22.84 23.45 18.45
CA ARG L 71 22.77 24.66 17.65
C ARG L 71 22.43 25.80 18.60
N TYR L 72 21.44 25.57 19.45
CA TYR L 72 21.02 26.56 20.43
C TYR L 72 22.00 26.70 21.58
N TRP L 73 22.42 27.93 21.81
CA TRP L 73 23.23 28.21 22.98
C TRP L 73 22.34 28.96 23.94
N THR L 74 22.87 29.28 25.10
CA THR L 74 22.09 29.95 26.11
C THR L 74 22.28 31.45 25.97
N MET L 75 21.16 32.15 25.95
CA MET L 75 21.13 33.59 25.75
C MET L 75 21.65 34.28 27.00
N TRP L 76 22.57 35.21 26.79
CA TRP L 76 23.03 36.09 27.86
C TRP L 76 22.10 37.28 27.94
N LYS L 77 21.35 37.37 29.04
CA LYS L 77 20.32 38.42 29.25
C LYS L 77 19.35 38.43 28.08
N LEU L 78 19.15 39.59 27.46
CA LEU L 78 18.28 39.66 26.31
C LEU L 78 19.05 40.29 25.16
N PRO L 79 18.50 40.21 23.93
CA PRO L 79 19.05 40.98 22.82
C PRO L 79 18.88 42.48 23.09
N MET L 80 19.86 43.26 22.66
CA MET L 80 19.90 44.66 22.99
C MET L 80 19.21 45.51 21.93
N PHE L 81 17.89 45.68 22.09
CA PHE L 81 17.02 46.30 21.07
C PHE L 81 17.16 47.83 21.02
N GLY L 82 17.45 48.35 19.83
CA GLY L 82 17.63 49.79 19.62
C GLY L 82 18.80 50.41 20.41
N CYS L 83 19.49 49.58 21.20
CA CYS L 83 20.70 49.99 21.93
C CYS L 83 21.81 50.30 20.92
N ARG L 84 21.93 51.59 20.58
CA ARG L 84 22.88 52.09 19.58
C ARG L 84 24.20 52.57 20.19
N ASP L 85 24.71 51.82 21.16
CA ASP L 85 25.88 52.20 21.93
C ASP L 85 26.96 51.10 21.93
N PRO L 86 28.01 51.27 21.08
CA PRO L 86 29.12 50.29 20.93
C PRO L 86 29.87 49.99 22.24
N MET L 87 30.02 51.01 23.09
CA MET L 87 30.63 50.85 24.41
C MET L 87 29.91 49.76 25.24
N GLN L 88 28.58 49.88 25.32
CA GLN L 88 27.77 49.07 26.25
C GLN L 88 27.78 47.58 25.90
N VAL L 89 27.92 47.32 24.60
CA VAL L 89 28.02 45.96 24.08
C VAL L 89 29.30 45.30 24.59
N LEU L 90 30.42 46.02 24.43
CA LEU L 90 31.75 45.57 24.88
C LEU L 90 31.74 45.35 26.38
N ARG L 91 30.93 46.15 27.07
CA ARG L 91 30.77 45.98 28.51
C ARG L 91 30.03 44.67 28.84
N GLU L 92 29.05 44.32 28.03
CA GLU L 92 28.30 43.09 28.24
C GLU L 92 29.11 41.84 27.91
N ILE L 93 30.00 41.97 26.93
CA ILE L 93 30.94 40.89 26.60
C ILE L 93 31.79 40.57 27.83
N VAL L 94 32.19 41.63 28.54
CA VAL L 94 33.01 41.53 29.74
C VAL L 94 32.20 40.94 30.91
N ALA L 95 31.04 41.53 31.20
CA ALA L 95 30.12 40.99 32.22
C ALA L 95 29.87 39.47 32.07
N CYS L 96 29.75 39.00 30.83
CA CYS L 96 29.40 37.60 30.52
C CYS L 96 30.58 36.63 30.70
N THR L 97 31.72 36.95 30.08
CA THR L 97 32.96 36.16 30.21
C THR L 97 33.41 36.07 31.68
N LYS L 98 33.14 37.16 32.41
CA LYS L 98 33.41 37.25 33.84
C LYS L 98 32.54 36.23 34.58
N ALA L 99 31.25 36.21 34.25
CA ALA L 99 30.27 35.30 34.89
C ALA L 99 30.47 33.82 34.52
N PHE L 100 30.87 33.57 33.27
CA PHE L 100 31.12 32.20 32.79
C PHE L 100 32.55 32.06 32.22
N PRO L 101 33.55 31.98 33.11
CA PRO L 101 34.96 31.91 32.69
C PRO L 101 35.30 30.63 31.90
N ASP L 102 34.52 29.57 32.12
CA ASP L 102 34.75 28.27 31.49
C ASP L 102 33.89 27.97 30.28
N ALA L 103 33.12 28.97 29.85
CA ALA L 103 32.15 28.79 28.77
C ALA L 103 32.73 29.22 27.41
N TYR L 104 32.18 28.66 26.34
CA TYR L 104 32.34 29.25 25.02
C TYR L 104 31.37 30.43 24.96
N VAL L 105 31.82 31.54 24.41
CA VAL L 105 30.95 32.70 24.29
C VAL L 105 31.06 33.29 22.89
N ARG L 106 29.92 33.60 22.29
CA ARG L 106 29.90 34.21 20.95
C ARG L 106 28.99 35.43 20.89
N LEU L 107 29.38 36.38 20.05
CA LEU L 107 28.61 37.59 19.81
C LEU L 107 27.86 37.37 18.53
N VAL L 108 26.57 37.69 18.55
CA VAL L 108 25.74 37.51 17.36
C VAL L 108 24.91 38.78 17.15
N ALA L 109 24.40 38.96 15.94
CA ALA L 109 23.55 40.09 15.65
C ALA L 109 22.42 39.64 14.76
N PHE L 110 21.25 40.21 15.01
CA PHE L 110 20.03 39.84 14.31
C PHE L 110 19.58 40.99 13.44
N ASP L 111 19.26 40.69 12.18
CA ASP L 111 18.45 41.57 11.35
C ASP L 111 16.98 41.17 11.62
N ASN L 112 16.12 42.16 11.90
CA ASN L 112 14.70 41.87 12.16
C ASN L 112 13.82 42.06 10.92
N GLN L 113 14.38 42.68 9.88
CA GLN L 113 13.68 42.85 8.59
C GLN L 113 13.56 41.50 7.86
N LYS L 114 14.72 40.89 7.60
CA LYS L 114 14.84 39.56 7.07
C LYS L 114 14.53 38.45 8.11
N GLN L 115 14.44 38.84 9.39
CA GLN L 115 14.36 37.92 10.53
C GLN L 115 15.37 36.75 10.49
N VAL L 116 16.65 37.10 10.57
CA VAL L 116 17.73 36.13 10.59
C VAL L 116 18.91 36.70 11.36
N GLN L 117 19.68 35.84 12.02
CA GLN L 117 20.98 36.23 12.53
C GLN L 117 21.84 36.63 11.35
N ILE L 118 22.45 37.80 11.43
CA ILE L 118 23.14 38.41 10.29
C ILE L 118 24.67 38.35 10.40
N MET L 119 25.19 38.14 11.62
CA MET L 119 26.58 37.75 11.81
C MET L 119 26.77 37.07 13.15
N GLY L 120 27.96 36.49 13.32
CA GLY L 120 28.27 35.80 14.55
C GLY L 120 29.67 35.24 14.52
N PHE L 121 30.42 35.50 15.58
CA PHE L 121 31.77 34.98 15.78
C PHE L 121 32.07 34.78 17.26
N LEU L 122 33.10 33.96 17.52
CA LEU L 122 33.46 33.56 18.87
C LEU L 122 34.21 34.70 19.57
N VAL L 123 33.90 34.95 20.85
CA VAL L 123 34.70 35.90 21.65
C VAL L 123 35.51 35.26 22.82
N GLN L 124 35.05 34.10 23.31
CA GLN L 124 35.77 33.40 24.36
C GLN L 124 35.74 31.90 24.12
N ARG L 125 36.93 31.32 24.19
CA ARG L 125 37.14 29.88 24.27
C ARG L 125 37.41 29.61 25.74
N PRO L 126 36.93 28.47 26.27
CA PRO L 126 37.38 28.12 27.63
C PRO L 126 38.87 27.73 27.65
N LYS L 127 39.50 27.92 28.81
CA LYS L 127 40.93 27.68 28.97
C LYS L 127 41.34 26.20 28.98
N THR L 128 40.47 25.33 29.50
CA THR L 128 40.71 23.86 29.48
C THR L 128 40.65 23.21 28.07
N ALA L 129 40.20 23.97 27.06
CA ALA L 129 39.98 23.51 25.67
C ALA L 129 41.27 23.04 24.98
N ARG L 130 41.28 21.75 24.63
CA ARG L 130 42.45 21.09 24.06
C ARG L 130 42.22 20.65 22.62
N ASP L 131 41.02 20.92 22.10
CA ASP L 131 40.60 20.45 20.77
C ASP L 131 40.70 21.48 19.63
N PHE L 132 41.43 22.58 19.87
CA PHE L 132 41.71 23.56 18.82
C PHE L 132 43.22 23.69 18.50
N GLN L 133 43.56 24.28 17.36
CA GLN L 133 44.95 24.58 17.04
C GLN L 133 45.18 26.09 16.88
N PRO L 134 46.32 26.62 17.43
CA PRO L 134 46.75 28.01 17.12
C PRO L 134 46.97 28.15 15.61
N ALA L 135 46.74 29.36 15.09
CA ALA L 135 46.73 29.60 13.64
C ALA L 135 47.91 29.04 12.83
N ASN L 136 49.10 28.92 13.44
CA ASN L 136 50.32 28.47 12.75
C ASN L 136 50.59 26.96 12.74
N LYS L 137 50.02 26.23 13.71
CA LYS L 137 50.21 24.76 13.80
C LYS L 137 49.09 23.91 13.15
N ARG L 138 48.33 24.53 12.23
CA ARG L 138 47.19 23.88 11.55
C ARG L 138 47.65 22.96 10.41
N SER L 139 48.83 23.26 9.88
CA SER L 139 49.48 22.41 8.90
C SER L 139 50.91 22.11 9.30
N VAL L 140 51.29 20.85 9.18
CA VAL L 140 52.67 20.44 9.43
C VAL L 140 53.33 19.95 8.12
N MME M 1 -8.12 -24.49 -53.12
CA MME M 1 -8.10 -23.96 -51.71
C MME M 1 -9.48 -23.58 -51.23
O MME M 1 -10.09 -22.61 -51.70
CB MME M 1 -7.26 -22.68 -51.79
CG MME M 1 -5.97 -22.70 -50.97
SD MME M 1 -5.28 -21.08 -50.88
CE MME M 1 -3.58 -21.45 -51.17
CM MME M 1 -8.03 -25.73 -53.39
N MET M 2 -10.01 -24.34 -50.26
CA MET M 2 -11.34 -24.05 -49.67
C MET M 2 -11.26 -23.21 -48.38
N VAL M 3 -12.26 -22.36 -48.20
CA VAL M 3 -12.32 -21.44 -47.07
C VAL M 3 -13.32 -21.91 -45.99
N TRP M 4 -12.84 -22.04 -44.75
CA TRP M 4 -13.68 -22.46 -43.63
C TRP M 4 -14.59 -21.33 -43.18
N THR M 5 -15.90 -21.57 -43.24
CA THR M 5 -16.89 -20.50 -43.01
C THR M 5 -17.03 -20.06 -41.55
N PRO M 6 -17.05 -18.74 -41.32
CA PRO M 6 -17.34 -18.13 -40.04
C PRO M 6 -18.84 -18.02 -39.70
N VAL M 7 -19.71 -18.23 -40.68
CA VAL M 7 -21.17 -18.04 -40.54
C VAL M 7 -21.89 -19.33 -40.88
N ASN M 8 -22.90 -19.74 -40.12
CA ASN M 8 -22.93 -19.69 -38.69
C ASN M 8 -22.59 -21.15 -38.52
N ASN M 9 -21.37 -21.41 -38.06
CA ASN M 9 -20.80 -22.73 -38.09
C ASN M 9 -20.49 -23.17 -36.65
N LYS M 10 -21.49 -23.04 -35.79
CA LYS M 10 -21.28 -23.31 -34.36
C LYS M 10 -21.19 -24.80 -34.07
N MET M 11 -20.18 -25.17 -33.29
CA MET M 11 -19.91 -26.56 -33.02
C MET M 11 -20.31 -26.94 -31.62
N PHE M 12 -20.03 -28.18 -31.23
CA PHE M 12 -20.51 -28.73 -29.97
C PHE M 12 -19.60 -29.75 -29.31
N GLU M 13 -18.33 -29.37 -29.17
CA GLU M 13 -17.37 -30.22 -28.50
C GLU M 13 -17.25 -31.58 -29.18
N THR M 14 -17.03 -32.62 -28.37
CA THR M 14 -16.60 -33.93 -28.87
C THR M 14 -17.52 -34.49 -29.95
N PHE M 15 -16.90 -34.86 -31.07
CA PHE M 15 -17.57 -35.50 -32.20
C PHE M 15 -18.33 -34.57 -33.14
N SER M 16 -18.42 -33.29 -32.84
CA SER M 16 -19.25 -32.40 -33.68
C SER M 16 -18.52 -32.00 -34.97
N TYR M 17 -17.29 -32.48 -35.12
CA TYR M 17 -16.50 -32.26 -36.32
C TYR M 17 -16.57 -33.47 -37.27
N LEU M 18 -17.20 -34.54 -36.78
CA LEU M 18 -17.46 -35.73 -37.58
C LEU M 18 -18.86 -35.64 -38.20
N PRO M 19 -19.25 -36.60 -39.07
CA PRO M 19 -20.64 -36.57 -39.54
C PRO M 19 -21.58 -36.98 -38.40
N PRO M 20 -22.83 -36.46 -38.40
CA PRO M 20 -23.73 -36.67 -37.25
C PRO M 20 -23.90 -38.17 -36.97
N LEU M 21 -24.08 -38.52 -35.70
CA LEU M 21 -24.06 -39.92 -35.31
C LEU M 21 -25.33 -40.66 -35.71
N THR M 22 -25.15 -41.85 -36.28
CA THR M 22 -26.26 -42.74 -36.62
C THR M 22 -26.74 -43.38 -35.32
N ASP M 23 -28.02 -43.75 -35.27
CA ASP M 23 -28.57 -44.42 -34.08
C ASP M 23 -27.69 -45.57 -33.58
N GLU M 24 -26.90 -46.13 -34.49
CA GLU M 24 -26.04 -47.27 -34.23
C GLU M 24 -24.61 -46.89 -33.80
N GLN M 25 -24.13 -45.74 -34.27
CA GLN M 25 -22.89 -45.13 -33.79
C GLN M 25 -23.07 -44.63 -32.36
N ILE M 26 -24.24 -44.07 -32.09
CA ILE M 26 -24.66 -43.72 -30.75
C ILE M 26 -24.63 -44.97 -29.86
N ALA M 27 -25.27 -46.05 -30.29
CA ALA M 27 -25.29 -47.28 -29.49
C ALA M 27 -23.90 -47.84 -29.27
N ALA M 28 -23.00 -47.65 -30.24
CA ALA M 28 -21.63 -48.14 -30.10
C ALA M 28 -20.88 -47.40 -28.96
N GLN M 29 -21.17 -46.10 -28.82
CA GLN M 29 -20.64 -45.29 -27.71
C GLN M 29 -21.16 -45.78 -26.37
N VAL M 30 -22.47 -46.03 -26.29
CA VAL M 30 -23.10 -46.59 -25.09
C VAL M 30 -22.51 -47.95 -24.68
N ASP M 31 -22.13 -48.77 -25.66
CA ASP M 31 -21.46 -50.03 -25.33
C ASP M 31 -20.13 -49.77 -24.65
N TYR M 32 -19.42 -48.76 -25.17
CA TYR M 32 -18.12 -48.31 -24.64
C TYR M 32 -18.25 -47.78 -23.21
N ILE M 33 -19.32 -47.01 -22.98
CA ILE M 33 -19.63 -46.54 -21.64
C ILE M 33 -19.79 -47.73 -20.66
N VAL M 34 -20.78 -48.58 -20.92
CA VAL M 34 -21.10 -49.73 -20.06
C VAL M 34 -19.93 -50.72 -19.93
N ALA M 35 -19.22 -50.96 -21.02
CA ALA M 35 -18.02 -51.82 -21.03
C ALA M 35 -16.95 -51.37 -20.03
N ASN M 36 -16.90 -50.05 -19.75
CA ASN M 36 -15.88 -49.49 -18.87
C ASN M 36 -16.36 -49.19 -17.46
N GLY M 37 -17.65 -49.36 -17.21
CA GLY M 37 -18.22 -49.20 -15.87
C GLY M 37 -18.62 -47.77 -15.55
N TRP M 38 -18.62 -46.90 -16.55
CA TRP M 38 -18.94 -45.50 -16.33
C TRP M 38 -20.44 -45.23 -16.13
N ILE M 39 -20.76 -44.16 -15.42
CA ILE M 39 -22.14 -43.81 -15.12
C ILE M 39 -22.66 -42.95 -16.25
N PRO M 40 -23.69 -43.42 -16.96
CA PRO M 40 -24.34 -42.60 -17.98
C PRO M 40 -25.29 -41.58 -17.37
N CYS M 41 -25.47 -40.46 -18.05
CA CYS M 41 -26.45 -39.47 -17.62
C CYS M 41 -26.83 -38.64 -18.80
N LEU M 42 -27.98 -37.97 -18.73
CA LEU M 42 -28.44 -37.11 -19.80
C LEU M 42 -28.66 -35.68 -19.34
N GLU M 43 -28.25 -34.73 -20.18
CA GLU M 43 -28.39 -33.31 -19.86
C GLU M 43 -29.05 -32.58 -20.99
N PHE M 44 -29.77 -31.53 -20.69
CA PHE M 44 -30.47 -30.81 -21.73
C PHE M 44 -30.50 -29.30 -21.46
N ALA M 45 -30.70 -28.51 -22.50
CA ALA M 45 -30.76 -27.05 -22.37
C ALA M 45 -31.61 -26.43 -23.48
N GLU M 46 -32.39 -25.40 -23.15
CA GLU M 46 -33.15 -24.68 -24.18
C GLU M 46 -32.22 -23.91 -25.13
N ALA M 47 -32.76 -23.48 -26.27
CA ALA M 47 -31.95 -22.84 -27.35
C ALA M 47 -30.94 -21.76 -26.89
N ASP M 48 -31.34 -20.90 -25.94
CA ASP M 48 -30.49 -19.83 -25.40
C ASP M 48 -29.36 -20.39 -24.53
N LYS M 49 -29.75 -21.03 -23.43
CA LYS M 49 -28.85 -21.56 -22.40
C LYS M 49 -27.90 -22.67 -22.87
N ALA M 50 -27.71 -22.81 -24.18
CA ALA M 50 -26.92 -23.91 -24.74
C ALA M 50 -25.46 -23.55 -24.93
N TYR M 51 -25.24 -22.29 -25.30
CA TYR M 51 -23.89 -21.81 -25.63
C TYR M 51 -23.26 -21.00 -24.52
N VAL M 52 -21.93 -21.14 -24.44
CA VAL M 52 -21.11 -20.41 -23.49
C VAL M 52 -21.18 -18.88 -23.73
N SER M 53 -21.59 -18.16 -22.68
CA SER M 53 -21.54 -16.69 -22.64
C SER M 53 -21.07 -16.19 -21.25
N ASN M 54 -21.27 -14.90 -20.98
CA ASN M 54 -20.76 -14.27 -19.75
C ASN M 54 -21.50 -12.99 -19.31
N GLU M 55 -22.83 -13.08 -19.17
CA GLU M 55 -23.64 -11.92 -18.76
C GLU M 55 -23.70 -11.68 -17.23
N SER M 56 -23.28 -12.68 -16.47
CA SER M 56 -23.21 -12.59 -15.01
C SER M 56 -21.90 -11.94 -14.53
N ALA M 57 -20.93 -11.81 -15.45
CA ALA M 57 -19.64 -11.14 -15.22
C ALA M 57 -19.75 -9.61 -15.06
N ILE M 58 -20.92 -9.06 -15.37
CA ILE M 58 -21.30 -7.65 -15.09
C ILE M 58 -21.28 -7.34 -13.58
N ARG M 59 -21.36 -8.39 -12.76
CA ARG M 59 -21.43 -8.31 -11.30
C ARG M 59 -20.07 -8.55 -10.67
N PHE M 60 -19.08 -8.85 -11.51
CA PHE M 60 -17.73 -9.25 -11.09
C PHE M 60 -16.73 -8.08 -10.98
N GLY M 61 -15.70 -8.27 -10.14
CA GLY M 61 -14.47 -7.49 -10.21
C GLY M 61 -13.56 -8.11 -11.26
N SER M 62 -12.25 -8.07 -11.02
CA SER M 62 -11.24 -8.64 -11.94
C SER M 62 -11.13 -10.20 -11.91
N VAL M 63 -12.19 -10.87 -11.45
CA VAL M 63 -12.17 -12.33 -11.18
C VAL M 63 -12.98 -13.24 -12.13
N SER M 64 -13.07 -12.84 -13.40
CA SER M 64 -13.83 -13.62 -14.39
C SER M 64 -12.98 -14.58 -15.23
N CYS M 65 -11.78 -14.90 -14.75
CA CYS M 65 -10.93 -15.92 -15.38
C CYS M 65 -11.48 -17.33 -15.18
N LEU M 66 -11.78 -18.00 -16.30
CA LEU M 66 -12.41 -19.32 -16.30
C LEU M 66 -13.79 -19.34 -15.64
N TYR M 67 -14.54 -18.26 -15.86
CA TYR M 67 -15.96 -18.20 -15.58
C TYR M 67 -16.74 -17.92 -16.86
N TYR M 68 -17.63 -18.85 -17.22
CA TYR M 68 -18.56 -18.71 -18.34
C TYR M 68 -19.94 -19.26 -17.92
N ASP M 69 -21.01 -18.56 -18.27
CA ASP M 69 -22.37 -19.06 -18.05
C ASP M 69 -22.71 -20.18 -19.03
N ASN M 70 -23.66 -21.02 -18.65
CA ASN M 70 -24.17 -22.11 -19.49
C ASN M 70 -23.24 -23.30 -19.70
N ARG M 71 -22.33 -23.51 -18.75
CA ARG M 71 -21.59 -24.76 -18.68
C ARG M 71 -22.52 -25.82 -18.16
N TYR M 72 -23.35 -25.42 -17.19
CA TYR M 72 -24.31 -26.31 -16.57
C TYR M 72 -25.55 -26.41 -17.41
N TRP M 73 -25.87 -27.64 -17.76
CA TRP M 73 -27.17 -27.95 -18.33
C TRP M 73 -28.05 -28.56 -17.24
N THR M 74 -29.32 -28.75 -17.56
CA THR M 74 -30.27 -29.38 -16.67
C THR M 74 -30.17 -30.90 -16.76
N MET M 75 -30.18 -31.54 -15.60
CA MET M 75 -30.06 -32.97 -15.49
C MET M 75 -31.38 -33.65 -15.82
N TRP M 76 -31.34 -34.64 -16.70
CA TRP M 76 -32.50 -35.49 -16.95
C TRP M 76 -32.55 -36.65 -15.95
N LYS M 77 -33.52 -36.57 -15.06
CA LYS M 77 -33.67 -37.53 -13.97
C LYS M 77 -32.42 -37.57 -13.11
N LEU M 78 -31.77 -38.72 -13.04
CA LEU M 78 -30.55 -38.86 -12.27
C LEU M 78 -29.56 -39.65 -13.06
N PRO M 79 -28.28 -39.60 -12.66
CA PRO M 79 -27.33 -40.50 -13.28
C PRO M 79 -27.71 -41.96 -12.98
N MET M 80 -27.39 -42.83 -13.92
CA MET M 80 -27.82 -44.20 -13.88
C MET M 80 -26.74 -45.08 -13.25
N PHE M 81 -26.71 -45.09 -11.92
CA PHE M 81 -25.63 -45.73 -11.13
C PHE M 81 -25.65 -47.25 -11.16
N GLY M 82 -24.52 -47.85 -11.53
CA GLY M 82 -24.41 -49.31 -11.70
C GLY M 82 -25.36 -49.96 -12.73
N CYS M 83 -26.26 -49.15 -13.32
CA CYS M 83 -27.17 -49.60 -14.38
C CYS M 83 -26.34 -50.06 -15.57
N ARG M 84 -26.10 -51.37 -15.65
CA ARG M 84 -25.24 -51.96 -16.67
C ARG M 84 -26.01 -52.43 -17.93
N ASP M 85 -27.05 -51.68 -18.31
CA ASP M 85 -27.97 -52.10 -19.37
C ASP M 85 -28.05 -51.09 -20.55
N PRO M 86 -27.31 -51.37 -21.66
CA PRO M 86 -27.25 -50.46 -22.84
C PRO M 86 -28.62 -50.10 -23.38
N MET M 87 -29.53 -51.08 -23.38
CA MET M 87 -30.90 -50.88 -23.80
C MET M 87 -31.58 -49.72 -23.09
N GLN M 88 -31.48 -49.72 -21.77
CA GLN M 88 -32.25 -48.80 -20.94
C GLN M 88 -31.81 -47.34 -21.08
N VAL M 89 -30.54 -47.15 -21.40
CA VAL M 89 -29.96 -45.83 -21.66
C VAL M 89 -30.56 -45.24 -22.94
N LEU M 90 -30.53 -46.01 -24.03
CA LEU M 90 -31.14 -45.63 -25.30
C LEU M 90 -32.61 -45.27 -25.12
N ARG M 91 -33.29 -45.99 -24.23
CA ARG M 91 -34.69 -45.74 -23.94
C ARG M 91 -34.88 -44.41 -23.27
N GLU M 92 -33.94 -44.05 -22.38
CA GLU M 92 -33.97 -42.76 -21.68
C GLU M 92 -33.66 -41.57 -22.58
N ILE M 93 -32.73 -41.78 -23.52
CA ILE M 93 -32.46 -40.79 -24.56
C ILE M 93 -33.75 -40.46 -25.30
N VAL M 94 -34.53 -41.51 -25.58
CA VAL M 94 -35.80 -41.35 -26.27
C VAL M 94 -36.82 -40.64 -25.38
N ALA M 95 -36.93 -41.08 -24.13
CA ALA M 95 -37.86 -40.49 -23.16
C ALA M 95 -37.62 -39.00 -23.04
N CYS M 96 -36.33 -38.63 -23.04
CA CYS M 96 -35.86 -37.27 -22.87
C CYS M 96 -36.20 -36.39 -24.07
N THR M 97 -35.68 -36.75 -25.24
CA THR M 97 -35.96 -36.03 -26.49
C THR M 97 -37.46 -35.84 -26.73
N LYS M 98 -38.24 -36.87 -26.39
CA LYS M 98 -39.70 -36.85 -26.43
C LYS M 98 -40.24 -35.70 -25.56
N ALA M 99 -39.81 -35.69 -24.30
CA ALA M 99 -40.24 -34.67 -23.32
C ALA M 99 -39.78 -33.23 -23.65
N PHE M 100 -38.59 -33.10 -24.26
CA PHE M 100 -38.07 -31.81 -24.68
C PHE M 100 -37.66 -31.80 -26.16
N PRO M 101 -38.66 -31.73 -27.07
CA PRO M 101 -38.40 -31.78 -28.52
C PRO M 101 -37.55 -30.59 -29.04
N ASP M 102 -37.64 -29.47 -28.33
CA ASP M 102 -36.99 -28.21 -28.69
C ASP M 102 -35.70 -27.90 -27.94
N ALA M 103 -35.10 -28.91 -27.33
CA ALA M 103 -33.94 -28.71 -26.49
C ALA M 103 -32.71 -29.32 -27.09
N TYR M 104 -31.56 -28.77 -26.73
CA TYR M 104 -30.31 -29.43 -27.02
C TYR M 104 -30.24 -30.53 -25.99
N VAL M 105 -29.78 -31.71 -26.39
CA VAL M 105 -29.67 -32.81 -25.44
C VAL M 105 -28.32 -33.49 -25.64
N ARG M 106 -27.64 -33.79 -24.54
CA ARG M 106 -26.37 -34.51 -24.64
C ARG M 106 -26.29 -35.67 -23.68
N LEU M 107 -25.51 -36.65 -24.10
CA LEU M 107 -25.27 -37.83 -23.31
C LEU M 107 -23.90 -37.63 -22.74
N VAL M 108 -23.79 -37.83 -21.43
CA VAL M 108 -22.51 -37.68 -20.72
C VAL M 108 -22.24 -38.92 -19.86
N ALA M 109 -20.99 -39.14 -19.52
CA ALA M 109 -20.64 -40.27 -18.68
C ALA M 109 -19.55 -39.89 -17.67
N PHE M 110 -19.77 -40.32 -16.42
CA PHE M 110 -18.92 -39.99 -15.29
C PHE M 110 -18.07 -41.15 -14.87
N ASP M 111 -16.77 -40.92 -14.70
CA ASP M 111 -15.89 -41.84 -14.00
C ASP M 111 -15.84 -41.38 -12.53
N ASN M 112 -16.20 -42.27 -11.60
CA ASN M 112 -16.32 -41.88 -10.20
C ASN M 112 -15.02 -42.09 -9.42
N GLN M 113 -14.06 -42.77 -10.06
CA GLN M 113 -12.75 -42.99 -9.47
C GLN M 113 -11.92 -41.73 -9.60
N LYS M 114 -11.88 -41.19 -10.82
CA LYS M 114 -11.21 -39.94 -11.11
C LYS M 114 -12.10 -38.76 -10.74
N GLN M 115 -13.37 -39.04 -10.46
CA GLN M 115 -14.41 -38.03 -10.32
C GLN M 115 -14.37 -36.94 -11.39
N VAL M 116 -14.65 -37.33 -12.62
CA VAL M 116 -14.75 -36.39 -13.72
C VAL M 116 -15.72 -36.97 -14.75
N GLN M 117 -16.31 -36.11 -15.57
CA GLN M 117 -17.00 -36.52 -16.79
C GLN M 117 -15.95 -37.08 -17.79
N ILE M 118 -16.22 -38.27 -18.32
CA ILE M 118 -15.21 -39.02 -19.05
C ILE M 118 -15.53 -39.03 -20.54
N MET M 119 -16.78 -38.72 -20.87
CA MET M 119 -17.16 -38.48 -22.25
C MET M 119 -18.47 -37.73 -22.34
N GLY M 120 -18.77 -37.22 -23.53
CA GLY M 120 -19.98 -36.48 -23.74
C GLY M 120 -20.08 -36.02 -25.17
N PHE M 121 -21.22 -36.30 -25.80
CA PHE M 121 -21.54 -35.84 -27.15
C PHE M 121 -23.00 -35.50 -27.26
N LEU M 122 -23.32 -34.69 -28.24
CA LEU M 122 -24.68 -34.22 -28.46
C LEU M 122 -25.51 -35.39 -28.99
N VAL M 123 -26.81 -35.42 -28.67
CA VAL M 123 -27.72 -36.41 -29.26
C VAL M 123 -28.96 -35.81 -29.94
N GLN M 124 -29.38 -34.62 -29.52
CA GLN M 124 -30.44 -33.89 -30.19
C GLN M 124 -30.10 -32.41 -30.29
N ARG M 125 -30.26 -31.88 -31.50
CA ARG M 125 -30.24 -30.45 -31.77
C ARG M 125 -31.70 -30.05 -31.97
N PRO M 126 -32.12 -28.87 -31.49
CA PRO M 126 -33.51 -28.48 -31.75
C PRO M 126 -33.75 -28.22 -33.24
N LYS M 127 -35.00 -28.31 -33.68
CA LYS M 127 -35.29 -28.14 -35.11
C LYS M 127 -35.20 -26.70 -35.64
N THR M 128 -35.56 -25.74 -34.80
CA THR M 128 -35.47 -24.32 -35.14
C THR M 128 -34.03 -23.79 -35.30
N ALA M 129 -33.04 -24.60 -34.90
CA ALA M 129 -31.61 -24.22 -34.88
C ALA M 129 -31.04 -23.89 -36.26
N ARG M 130 -30.63 -22.63 -36.43
CA ARG M 130 -30.19 -22.10 -37.71
C ARG M 130 -28.71 -21.68 -37.68
N ASP M 131 -28.04 -21.97 -36.57
CA ASP M 131 -26.65 -21.54 -36.39
C ASP M 131 -25.59 -22.62 -36.55
N PHE M 132 -25.97 -23.75 -37.14
CA PHE M 132 -25.02 -24.83 -37.45
C PHE M 132 -24.93 -25.04 -38.95
N GLN M 133 -23.91 -25.76 -39.40
CA GLN M 133 -23.78 -26.15 -40.80
C GLN M 133 -23.75 -27.66 -40.93
N PRO M 134 -24.43 -28.21 -41.97
CA PRO M 134 -24.20 -29.62 -42.36
C PRO M 134 -22.73 -29.86 -42.74
N ALA M 135 -22.22 -31.06 -42.47
CA ALA M 135 -20.79 -31.41 -42.63
C ALA M 135 -20.10 -31.04 -43.97
N ASN M 136 -20.87 -31.01 -45.06
CA ASN M 136 -20.34 -30.69 -46.38
C ASN M 136 -20.31 -29.19 -46.73
N LYS M 137 -21.16 -28.37 -46.09
CA LYS M 137 -21.19 -26.92 -46.35
C LYS M 137 -20.36 -26.03 -45.38
N ARG M 138 -19.42 -26.67 -44.67
CA ARG M 138 -18.57 -26.00 -43.70
C ARG M 138 -17.45 -25.22 -44.35
N SER M 139 -17.05 -25.66 -45.55
CA SER M 139 -16.08 -24.93 -46.36
C SER M 139 -16.61 -24.67 -47.77
N VAL M 140 -16.47 -23.44 -48.23
CA VAL M 140 -16.83 -23.05 -49.59
C VAL M 140 -15.57 -22.66 -50.39
N MME N 1 46.66 -28.44 22.42
CA MME N 1 45.62 -27.50 21.83
C MME N 1 45.73 -26.10 22.39
O MME N 1 45.49 -25.89 23.58
CB MME N 1 44.27 -28.06 22.29
CG MME N 1 43.44 -28.63 21.15
SD MME N 1 41.86 -29.06 21.81
CE MME N 1 41.48 -30.57 20.97
CM MME N 1 47.80 -28.61 21.90
N MET N 2 46.10 -25.13 21.55
CA MET N 2 46.18 -23.72 21.97
C MET N 2 44.88 -22.93 21.65
N VAL N 3 44.59 -21.93 22.46
CA VAL N 3 43.37 -21.14 22.33
C VAL N 3 43.66 -19.73 21.82
N TRP N 4 42.99 -19.32 20.75
CA TRP N 4 43.19 -18.00 20.17
C TRP N 4 42.50 -16.92 21.02
N THR N 5 43.24 -15.91 21.42
CA THR N 5 42.74 -14.99 22.42
C THR N 5 41.80 -13.97 21.81
N PRO N 6 40.67 -13.71 22.50
CA PRO N 6 39.75 -12.61 22.19
C PRO N 6 40.17 -11.26 22.73
N VAL N 7 41.16 -11.22 23.62
CA VAL N 7 41.57 -9.97 24.30
C VAL N 7 43.04 -9.69 24.08
N ASN N 8 43.45 -8.44 23.81
CA ASN N 8 42.75 -7.50 22.96
C ASN N 8 43.58 -7.74 21.72
N ASN N 9 43.07 -8.56 20.81
CA ASN N 9 43.83 -9.04 19.68
C ASN N 9 43.41 -8.35 18.38
N LYS N 10 43.37 -7.03 18.40
CA LYS N 10 42.90 -6.30 17.23
C LYS N 10 43.88 -6.29 16.06
N MET N 11 43.40 -6.71 14.89
CA MET N 11 44.22 -6.83 13.70
C MET N 11 44.07 -5.64 12.80
N PHE N 12 44.72 -5.68 11.64
CA PHE N 12 44.75 -4.52 10.75
C PHE N 12 44.85 -4.80 9.27
N GLU N 13 44.07 -5.77 8.82
CA GLU N 13 44.01 -6.16 7.43
C GLU N 13 45.31 -6.77 6.93
N THR N 14 45.66 -6.54 5.68
CA THR N 14 46.70 -7.30 5.01
C THR N 14 48.02 -7.27 5.77
N PHE N 15 48.54 -8.48 6.01
CA PHE N 15 49.86 -8.70 6.61
C PHE N 15 49.91 -8.62 8.14
N SER N 16 48.84 -8.20 8.78
CA SER N 16 48.84 -8.08 10.23
C SER N 16 48.82 -9.41 10.98
N TYR N 17 48.71 -10.51 10.24
CA TYR N 17 48.77 -11.83 10.81
C TYR N 17 50.15 -12.45 10.64
N LEU N 18 51.03 -11.73 9.94
CA LEU N 18 52.44 -12.12 9.82
C LEU N 18 53.25 -11.38 10.90
N PRO N 19 54.56 -11.74 11.07
CA PRO N 19 55.35 -10.93 11.99
C PRO N 19 55.54 -9.51 11.41
N PRO N 20 55.62 -8.50 12.30
CA PRO N 20 55.68 -7.12 11.82
C PRO N 20 56.78 -6.95 10.78
N LEU N 21 56.61 -5.99 9.88
CA LEU N 21 57.52 -5.87 8.76
C LEU N 21 58.82 -5.14 9.13
N THR N 22 59.95 -5.76 8.78
CA THR N 22 61.28 -5.17 8.94
C THR N 22 61.41 -4.02 7.96
N ASP N 23 62.27 -3.04 8.26
CA ASP N 23 62.47 -1.91 7.35
C ASP N 23 62.79 -2.31 5.90
N GLU N 24 63.25 -3.55 5.75
CA GLU N 24 63.64 -4.11 4.46
C GLU N 24 62.50 -4.86 3.75
N GLN N 25 61.64 -5.52 4.53
CA GLN N 25 60.43 -6.16 4.01
C GLN N 25 59.45 -5.09 3.50
N ILE N 26 59.40 -3.96 4.22
CA ILE N 26 58.69 -2.77 3.78
C ILE N 26 59.21 -2.30 2.41
N ALA N 27 60.54 -2.18 2.30
CA ALA N 27 61.19 -1.78 1.05
C ALA N 27 60.93 -2.76 -0.10
N ALA N 28 60.85 -4.06 0.22
CA ALA N 28 60.55 -5.08 -0.77
C ALA N 28 59.13 -4.91 -1.38
N GLN N 29 58.17 -4.53 -0.53
CA GLN N 29 56.80 -4.19 -0.96
C GLN N 29 56.79 -2.97 -1.86
N VAL N 30 57.53 -1.93 -1.48
CA VAL N 30 57.62 -0.69 -2.27
C VAL N 30 58.26 -0.94 -3.65
N ASP N 31 59.19 -1.90 -3.72
CA ASP N 31 59.73 -2.29 -5.02
C ASP N 31 58.59 -2.81 -5.88
N TYR N 32 57.80 -3.71 -5.30
CA TYR N 32 56.65 -4.33 -5.95
C TYR N 32 55.68 -3.27 -6.43
N ILE N 33 55.46 -2.26 -5.61
CA ILE N 33 54.60 -1.16 -6.00
C ILE N 33 55.11 -0.45 -7.25
N VAL N 34 56.38 -0.02 -7.21
CA VAL N 34 57.00 0.70 -8.34
C VAL N 34 57.20 -0.19 -9.58
N ALA N 35 57.62 -1.43 -9.36
CA ALA N 35 57.70 -2.44 -10.42
C ALA N 35 56.43 -2.53 -11.26
N ASN N 36 55.26 -2.48 -10.63
CA ASN N 36 53.99 -2.67 -11.34
C ASN N 36 53.34 -1.39 -11.83
N GLY N 37 53.88 -0.24 -11.46
CA GLY N 37 53.39 1.03 -12.00
C GLY N 37 52.34 1.72 -11.16
N TRP N 38 52.09 1.17 -9.98
CA TRP N 38 50.99 1.63 -9.14
C TRP N 38 51.35 2.89 -8.36
N ILE N 39 50.33 3.67 -8.01
CA ILE N 39 50.49 4.97 -7.34
C ILE N 39 50.54 4.80 -5.83
N PRO N 40 51.70 5.12 -5.21
CA PRO N 40 51.81 5.02 -3.76
C PRO N 40 51.22 6.24 -3.05
N CYS N 41 50.72 5.98 -1.85
CA CYS N 41 50.13 7.03 -1.04
C CYS N 41 50.25 6.68 0.45
N LEU N 42 50.27 7.69 1.30
CA LEU N 42 50.19 7.45 2.73
C LEU N 42 48.95 8.09 3.38
N GLU N 43 48.36 7.34 4.31
CA GLU N 43 47.16 7.74 5.03
C GLU N 43 47.48 7.54 6.51
N PHE N 44 46.85 8.34 7.34
CA PHE N 44 47.06 8.24 8.77
C PHE N 44 45.76 8.54 9.52
N ALA N 45 45.68 8.10 10.77
CA ALA N 45 44.53 8.35 11.64
C ALA N 45 44.98 8.37 13.09
N GLU N 46 44.33 9.20 13.90
CA GLU N 46 44.58 9.19 15.34
C GLU N 46 43.96 7.93 15.98
N ALA N 47 44.32 7.64 17.23
CA ALA N 47 43.94 6.39 17.92
C ALA N 47 42.45 5.96 17.83
N ASP N 48 41.52 6.94 17.90
CA ASP N 48 40.08 6.66 17.84
C ASP N 48 39.58 6.30 16.44
N LYS N 49 39.84 7.21 15.50
CA LYS N 49 39.37 7.13 14.10
C LYS N 49 40.07 6.03 13.28
N ALA N 50 40.65 5.04 13.96
CA ALA N 50 41.43 3.97 13.34
C ALA N 50 40.61 2.72 13.06
N TYR N 51 39.70 2.41 13.96
CA TYR N 51 38.89 1.22 13.83
C TYR N 51 37.47 1.46 13.32
N VAL N 52 36.98 0.46 12.60
CA VAL N 52 35.65 0.48 12.03
C VAL N 52 34.57 0.46 13.14
N SER N 53 33.71 1.48 13.12
CA SER N 53 32.54 1.59 14.01
C SER N 53 31.32 2.12 13.23
N ASN N 54 30.25 2.51 13.95
CA ASN N 54 29.00 2.91 13.31
C ASN N 54 28.11 3.87 14.11
N GLU N 55 28.71 4.96 14.59
CA GLU N 55 27.98 5.94 15.44
C GLU N 55 27.13 6.96 14.64
N SER N 56 27.37 7.02 13.33
CA SER N 56 26.61 7.90 12.44
C SER N 56 25.32 7.24 11.96
N ALA N 57 25.24 5.91 12.13
CA ALA N 57 24.04 5.12 11.81
C ALA N 57 22.84 5.39 12.73
N ILE N 58 23.06 6.20 13.79
CA ILE N 58 22.00 6.71 14.66
C ILE N 58 21.06 7.68 13.88
N ARG N 59 21.53 8.15 12.73
CA ARG N 59 20.83 9.12 11.88
C ARG N 59 20.10 8.45 10.72
N PHE N 60 20.28 7.13 10.61
CA PHE N 60 19.82 6.34 9.46
C PHE N 60 18.45 5.71 9.67
N GLY N 61 17.76 5.43 8.56
CA GLY N 61 16.63 4.49 8.56
C GLY N 61 17.16 3.07 8.47
N SER N 62 16.50 2.23 7.67
CA SER N 62 16.94 0.83 7.48
C SER N 62 18.06 0.68 6.42
N VAL N 63 18.88 1.71 6.25
CA VAL N 63 19.87 1.76 5.15
C VAL N 63 21.34 1.67 5.57
N SER N 64 21.64 0.94 6.65
CA SER N 64 23.01 0.89 7.20
C SER N 64 23.81 -0.34 6.76
N CYS N 65 23.36 -0.97 5.66
CA CYS N 65 24.11 -2.06 5.01
C CYS N 65 25.36 -1.61 4.26
N LEU N 66 26.51 -2.13 4.69
CA LEU N 66 27.80 -1.75 4.14
C LEU N 66 28.12 -0.26 4.31
N TYR N 67 27.66 0.28 5.45
CA TYR N 67 28.12 1.57 5.97
C TYR N 67 28.83 1.41 7.32
N TYR N 68 30.09 1.83 7.37
CA TYR N 68 30.87 1.83 8.59
C TYR N 68 31.70 3.13 8.63
N ASP N 69 31.79 3.78 9.80
CA ASP N 69 32.69 4.92 9.98
C ASP N 69 34.18 4.51 10.02
N ASN N 70 35.04 5.46 9.67
CA ASN N 70 36.50 5.30 9.79
C ASN N 70 37.12 4.34 8.80
N ARG N 71 36.50 4.24 7.62
CA ARG N 71 37.12 3.58 6.47
C ARG N 71 38.12 4.53 5.87
N TYR N 72 37.69 5.78 5.75
CA TYR N 72 38.51 6.89 5.31
C TYR N 72 39.54 7.33 6.37
N TRP N 73 40.81 7.35 5.98
CA TRP N 73 41.84 7.98 6.80
C TRP N 73 42.18 9.35 6.20
N THR N 74 43.12 10.05 6.81
CA THR N 74 43.52 11.34 6.31
C THR N 74 44.72 11.15 5.40
N MET N 75 44.65 11.74 4.22
CA MET N 75 45.67 11.56 3.22
C MET N 75 46.91 12.37 3.57
N TRP N 76 48.07 11.71 3.54
CA TRP N 76 49.36 12.39 3.70
C TRP N 76 49.77 13.02 2.37
N LYS N 77 49.69 14.35 2.30
CA LYS N 77 50.05 15.13 1.10
C LYS N 77 49.17 14.68 -0.05
N LEU N 78 49.77 14.21 -1.14
CA LEU N 78 49.02 13.69 -2.26
C LEU N 78 49.54 12.33 -2.64
N PRO N 79 48.78 11.58 -3.46
CA PRO N 79 49.37 10.37 -4.00
C PRO N 79 50.51 10.75 -4.98
N MET N 80 51.50 9.86 -5.09
CA MET N 80 52.71 10.18 -5.81
C MET N 80 52.62 9.64 -7.23
N PHE N 81 52.08 10.48 -8.13
CA PHE N 81 51.75 10.07 -9.50
C PHE N 81 52.98 10.00 -10.43
N GLY N 82 53.14 8.83 -11.05
CA GLY N 82 54.30 8.56 -11.91
C GLY N 82 55.65 8.59 -11.21
N CYS N 83 55.67 9.03 -9.96
CA CYS N 83 56.88 9.03 -9.14
C CYS N 83 57.43 7.58 -9.06
N ARG N 84 58.39 7.28 -9.92
CA ARG N 84 58.99 5.95 -10.03
C ARG N 84 60.31 5.80 -9.22
N ASP N 85 60.32 6.37 -8.00
CA ASP N 85 61.49 6.37 -7.14
C ASP N 85 61.25 5.70 -5.77
N PRO N 86 61.67 4.41 -5.60
CA PRO N 86 61.47 3.70 -4.33
C PRO N 86 62.03 4.45 -3.12
N MET N 87 63.22 5.05 -3.26
CA MET N 87 63.84 5.86 -2.21
C MET N 87 62.88 6.93 -1.67
N GLN N 88 62.24 7.66 -2.58
CA GLN N 88 61.46 8.86 -2.19
C GLN N 88 60.19 8.51 -1.42
N VAL N 89 59.67 7.31 -1.63
CA VAL N 89 58.51 6.82 -0.91
C VAL N 89 58.88 6.56 0.54
N LEU N 90 59.94 5.78 0.75
CA LEU N 90 60.47 5.49 2.08
C LEU N 90 60.78 6.75 2.86
N ARG N 91 61.22 7.81 2.17
CA ARG N 91 61.50 9.10 2.80
C ARG N 91 60.22 9.75 3.28
N GLU N 92 59.16 9.62 2.48
CA GLU N 92 57.85 10.16 2.85
C GLU N 92 57.22 9.40 4.03
N ILE N 93 57.49 8.10 4.11
CA ILE N 93 57.07 7.30 5.26
C ILE N 93 57.65 7.92 6.52
N VAL N 94 58.95 8.22 6.46
CA VAL N 94 59.66 8.83 7.57
C VAL N 94 59.11 10.23 7.88
N ALA N 95 58.91 11.05 6.84
CA ALA N 95 58.41 12.43 7.00
C ALA N 95 57.08 12.46 7.73
N CYS N 96 56.25 11.46 7.42
CA CYS N 96 54.89 11.33 7.93
C CYS N 96 54.88 10.82 9.37
N THR N 97 55.54 9.68 9.63
CA THR N 97 55.65 9.16 11.00
C THR N 97 56.30 10.19 11.94
N LYS N 98 57.27 10.94 11.43
CA LYS N 98 57.85 12.09 12.14
C LYS N 98 56.80 13.13 12.51
N ALA N 99 55.96 13.53 11.56
CA ALA N 99 54.95 14.58 11.81
C ALA N 99 53.78 14.14 12.70
N PHE N 100 53.49 12.84 12.71
CA PHE N 100 52.39 12.29 13.51
C PHE N 100 52.88 11.02 14.22
N PRO N 101 53.66 11.22 15.31
CA PRO N 101 54.27 10.07 16.02
C PRO N 101 53.23 9.20 16.73
N ASP N 102 52.06 9.78 17.00
CA ASP N 102 50.98 9.11 17.74
C ASP N 102 49.88 8.50 16.87
N ALA N 103 50.05 8.61 15.56
CA ALA N 103 49.04 8.18 14.63
C ALA N 103 49.27 6.75 14.16
N TYR N 104 48.20 6.12 13.70
CA TYR N 104 48.30 4.92 12.90
C TYR N 104 48.65 5.43 11.50
N VAL N 105 49.56 4.73 10.82
CA VAL N 105 49.95 5.14 9.47
C VAL N 105 50.05 3.90 8.57
N ARG N 106 49.49 4.01 7.38
CA ARG N 106 49.52 2.91 6.46
C ARG N 106 49.96 3.37 5.09
N LEU N 107 50.58 2.44 4.37
CA LEU N 107 50.98 2.68 3.00
C LEU N 107 50.00 1.97 2.10
N VAL N 108 49.48 2.72 1.12
CA VAL N 108 48.52 2.19 0.17
C VAL N 108 48.99 2.47 -1.23
N ALA N 109 48.52 1.65 -2.18
CA ALA N 109 48.81 1.87 -3.59
C ALA N 109 47.54 1.74 -4.40
N PHE N 110 47.39 2.63 -5.38
CA PHE N 110 46.26 2.59 -6.29
C PHE N 110 46.64 2.14 -7.70
N ASP N 111 45.83 1.22 -8.26
CA ASP N 111 45.81 0.96 -9.71
C ASP N 111 44.80 1.93 -10.32
N ASN N 112 45.17 2.67 -11.34
CA ASN N 112 44.26 3.64 -11.94
C ASN N 112 43.53 3.10 -13.17
N GLN N 113 43.94 1.92 -13.62
CA GLN N 113 43.29 1.20 -14.71
C GLN N 113 41.98 0.57 -14.23
N LYS N 114 42.09 -0.25 -13.18
CA LYS N 114 40.97 -0.85 -12.49
C LYS N 114 40.24 0.15 -11.59
N GLN N 115 40.90 1.27 -11.32
CA GLN N 115 40.49 2.29 -10.34
C GLN N 115 40.15 1.73 -8.93
N VAL N 116 41.13 1.08 -8.32
CA VAL N 116 40.94 0.54 -7.00
C VAL N 116 42.26 0.60 -6.24
N GLN N 117 42.18 0.66 -4.91
CA GLN N 117 43.36 0.41 -4.11
C GLN N 117 43.81 -1.06 -4.24
N ILE N 118 45.09 -1.27 -4.57
CA ILE N 118 45.57 -2.58 -5.01
C ILE N 118 46.43 -3.26 -3.95
N MET N 119 46.88 -2.45 -3.00
CA MET N 119 47.51 -2.97 -1.79
C MET N 119 47.52 -1.93 -0.65
N GLY N 120 47.74 -2.42 0.56
CA GLY N 120 47.79 -1.59 1.73
C GLY N 120 48.13 -2.40 2.96
N PHE N 121 49.12 -1.92 3.71
CA PHE N 121 49.48 -2.49 5.00
C PHE N 121 49.90 -1.37 5.96
N LEU N 122 49.94 -1.71 7.23
CA LEU N 122 50.23 -0.75 8.28
C LEU N 122 51.72 -0.52 8.41
N VAL N 123 52.13 0.73 8.59
CA VAL N 123 53.57 1.01 8.80
C VAL N 123 53.92 1.54 10.20
N GLN N 124 52.96 2.20 10.86
CA GLN N 124 53.16 2.68 12.21
C GLN N 124 51.92 2.45 13.05
N ARG N 125 52.11 1.80 14.18
CA ARG N 125 51.12 1.74 15.24
C ARG N 125 51.56 2.79 16.26
N PRO N 126 50.61 3.52 16.90
CA PRO N 126 51.03 4.49 17.95
C PRO N 126 51.58 3.76 19.17
N LYS N 127 52.39 4.44 19.98
CA LYS N 127 53.04 3.74 21.08
C LYS N 127 52.12 3.42 22.27
N THR N 128 51.11 4.27 22.49
CA THR N 128 50.12 4.09 23.55
C THR N 128 49.15 2.92 23.32
N ALA N 129 49.18 2.33 22.13
CA ALA N 129 48.26 1.26 21.74
C ALA N 129 48.44 -0.01 22.57
N ARG N 130 47.34 -0.36 23.23
CA ARG N 130 47.27 -1.50 24.17
C ARG N 130 46.30 -2.58 23.71
N ASP N 131 45.75 -2.42 22.50
CA ASP N 131 44.71 -3.31 21.98
C ASP N 131 45.14 -4.36 20.96
N PHE N 132 46.46 -4.49 20.76
CA PHE N 132 47.04 -5.51 19.87
C PHE N 132 47.85 -6.55 20.66
N GLN N 133 48.17 -7.67 20.02
CA GLN N 133 49.07 -8.64 20.63
C GLN N 133 50.30 -8.90 19.77
N PRO N 134 51.50 -8.97 20.40
CA PRO N 134 52.68 -9.46 19.67
C PRO N 134 52.41 -10.84 19.07
N ALA N 135 53.03 -11.15 17.94
CA ALA N 135 52.74 -12.39 17.18
C ALA N 135 52.76 -13.72 17.96
N ASN N 136 53.57 -13.81 19.02
CA ASN N 136 53.69 -15.05 19.82
C ASN N 136 52.66 -15.22 20.95
N LYS N 137 52.17 -14.11 21.50
CA LYS N 137 51.16 -14.14 22.57
C LYS N 137 49.71 -14.08 22.08
N ARG N 138 49.46 -14.50 20.85
CA ARG N 138 48.12 -14.49 20.26
C ARG N 138 47.30 -15.73 20.64
N SER N 139 48.01 -16.81 20.94
CA SER N 139 47.36 -18.02 21.45
C SER N 139 48.01 -18.48 22.74
N VAL N 140 47.19 -18.74 23.75
CA VAL N 140 47.66 -19.28 25.03
C VAL N 140 47.19 -20.73 25.17
N MME O 1 -40.18 -41.58 -11.95
CA MME O 1 -39.31 -40.36 -11.76
C MME O 1 -39.69 -39.23 -12.72
O MME O 1 -39.53 -39.33 -13.94
CB MME O 1 -37.91 -40.87 -12.09
CG MME O 1 -36.96 -40.94 -10.90
SD MME O 1 -35.40 -41.39 -11.54
CE MME O 1 -34.59 -42.30 -10.26
CM MME O 1 -41.23 -41.82 -11.28
N MET O 2 -40.21 -38.14 -12.18
CA MET O 2 -40.55 -36.98 -13.01
C MET O 2 -39.43 -35.91 -12.96
N VAL O 3 -39.31 -35.15 -14.04
CA VAL O 3 -38.24 -34.16 -14.15
C VAL O 3 -38.79 -32.74 -14.06
N TRP O 4 -38.23 -31.93 -13.17
CA TRP O 4 -38.67 -30.56 -12.96
C TRP O 4 -38.15 -29.64 -14.09
N THR O 5 -39.06 -28.93 -14.74
CA THR O 5 -38.71 -28.21 -15.97
C THR O 5 -38.02 -26.87 -15.75
N PRO O 6 -36.93 -26.64 -16.51
CA PRO O 6 -36.20 -25.38 -16.59
C PRO O 6 -36.80 -24.31 -17.51
N VAL O 7 -37.81 -24.68 -18.30
CA VAL O 7 -38.42 -23.80 -19.31
C VAL O 7 -39.93 -23.75 -19.12
N ASN O 8 -40.56 -22.58 -19.18
CA ASN O 8 -40.06 -21.34 -18.65
C ASN O 8 -40.90 -21.40 -17.40
N ASN O 9 -40.26 -21.75 -16.30
CA ASN O 9 -40.94 -22.06 -15.05
C ASN O 9 -40.66 -20.99 -13.99
N LYS O 10 -40.91 -19.73 -14.34
CA LYS O 10 -40.58 -18.63 -13.46
C LYS O 10 -41.58 -18.48 -12.33
N MET O 11 -41.06 -18.42 -11.10
CA MET O 11 -41.88 -18.37 -9.89
C MET O 11 -42.02 -16.96 -9.39
N PHE O 12 -42.68 -16.78 -8.25
CA PHE O 12 -42.96 -15.44 -7.73
C PHE O 12 -43.00 -15.26 -6.22
N GLU O 13 -42.05 -15.91 -5.55
CA GLU O 13 -41.98 -15.89 -4.09
C GLU O 13 -43.16 -16.59 -3.42
N THR O 14 -43.62 -16.02 -2.32
CA THR O 14 -44.53 -16.72 -1.42
C THR O 14 -45.81 -17.17 -2.12
N PHE O 15 -46.08 -18.46 -2.00
CA PHE O 15 -47.33 -19.08 -2.47
C PHE O 15 -47.35 -19.45 -3.96
N SER O 16 -46.29 -19.10 -4.69
CA SER O 16 -46.27 -19.40 -6.12
C SER O 16 -45.96 -20.88 -6.43
N TYR O 17 -45.72 -21.67 -5.39
CA TYR O 17 -45.51 -23.12 -5.53
C TYR O 17 -46.77 -23.93 -5.19
N LEU O 18 -47.79 -23.22 -4.69
CA LEU O 18 -49.12 -23.76 -4.45
C LEU O 18 -50.02 -23.50 -5.66
N PRO O 19 -51.23 -24.10 -5.70
CA PRO O 19 -52.16 -23.78 -6.79
C PRO O 19 -52.66 -22.34 -6.66
N PRO O 20 -52.95 -21.66 -7.81
CA PRO O 20 -53.24 -20.22 -7.78
C PRO O 20 -54.37 -19.94 -6.83
N LEU O 21 -54.31 -18.82 -6.14
CA LEU O 21 -55.27 -18.56 -5.09
C LEU O 21 -56.66 -18.20 -5.62
N THR O 22 -57.67 -18.87 -5.05
CA THR O 22 -59.08 -18.59 -5.34
C THR O 22 -59.47 -17.24 -4.73
N ASP O 23 -60.51 -16.60 -5.25
CA ASP O 23 -60.90 -15.28 -4.75
C ASP O 23 -61.17 -15.30 -3.24
N GLU O 24 -61.39 -16.49 -2.72
CA GLU O 24 -61.74 -16.70 -1.32
C GLU O 24 -60.51 -17.00 -0.45
N GLN O 25 -59.55 -17.71 -1.03
CA GLN O 25 -58.24 -17.93 -0.41
C GLN O 25 -57.46 -16.62 -0.28
N ILE O 26 -57.63 -15.74 -1.26
CA ILE O 26 -57.15 -14.37 -1.20
C ILE O 26 -57.80 -13.61 -0.03
N ALA O 27 -59.13 -13.71 0.06
CA ALA O 27 -59.89 -13.09 1.14
C ALA O 27 -59.49 -13.59 2.54
N ALA O 28 -59.18 -14.89 2.64
CA ALA O 28 -58.68 -15.50 3.88
C ALA O 28 -57.34 -14.89 4.35
N GLN O 29 -56.45 -14.60 3.39
CA GLN O 29 -55.19 -13.95 3.69
C GLN O 29 -55.44 -12.53 4.17
N VAL O 30 -56.35 -11.82 3.50
CA VAL O 30 -56.69 -10.46 3.93
C VAL O 30 -57.25 -10.43 5.35
N ASP O 31 -57.96 -11.49 5.76
CA ASP O 31 -58.49 -11.58 7.12
C ASP O 31 -57.35 -11.69 8.13
N TYR O 32 -56.39 -12.57 7.80
CA TYR O 32 -55.16 -12.72 8.56
C TYR O 32 -54.38 -11.40 8.67
N ILE O 33 -54.36 -10.61 7.60
CA ILE O 33 -53.70 -9.30 7.65
C ILE O 33 -54.36 -8.36 8.63
N VAL O 34 -55.67 -8.21 8.53
CA VAL O 34 -56.42 -7.29 9.38
C VAL O 34 -56.52 -7.83 10.81
N ALA O 35 -56.61 -9.16 10.93
CA ALA O 35 -56.56 -9.84 12.21
C ALA O 35 -55.34 -9.43 13.06
N ASN O 36 -54.20 -9.25 12.42
CA ASN O 36 -52.95 -8.96 13.11
C ASN O 36 -52.61 -7.46 13.20
N GLY O 37 -53.43 -6.61 12.62
CA GLY O 37 -53.20 -5.17 12.68
C GLY O 37 -52.23 -4.58 11.65
N TRP O 38 -51.73 -5.43 10.76
CA TRP O 38 -50.72 -5.05 9.80
C TRP O 38 -51.30 -4.12 8.73
N ILE O 39 -50.45 -3.30 8.13
CA ILE O 39 -50.84 -2.36 7.08
C ILE O 39 -50.81 -3.02 5.69
N PRO O 40 -51.98 -3.05 5.00
CA PRO O 40 -52.02 -3.63 3.65
C PRO O 40 -51.62 -2.64 2.56
N CYS O 41 -51.09 -3.17 1.47
CA CYS O 41 -50.61 -2.32 0.41
C CYS O 41 -50.54 -3.09 -0.90
N LEU O 42 -50.72 -2.36 -2.01
CA LEU O 42 -50.63 -2.94 -3.33
C LEU O 42 -49.51 -2.35 -4.16
N GLU O 43 -48.80 -3.24 -4.84
CA GLU O 43 -47.69 -2.84 -5.68
C GLU O 43 -47.91 -3.44 -7.04
N PHE O 44 -47.43 -2.75 -8.07
CA PHE O 44 -47.53 -3.25 -9.45
C PHE O 44 -46.32 -2.89 -10.32
N ALA O 45 -46.11 -3.70 -11.36
CA ALA O 45 -44.99 -3.51 -12.30
C ALA O 45 -45.39 -4.01 -13.68
N GLU O 46 -44.90 -3.35 -14.73
CA GLU O 46 -45.11 -3.85 -16.11
C GLU O 46 -44.29 -5.13 -16.36
N ALA O 47 -44.56 -5.82 -17.47
CA ALA O 47 -43.95 -7.15 -17.78
C ALA O 47 -42.40 -7.25 -17.62
N ASP O 48 -41.67 -6.18 -17.96
CA ASP O 48 -40.19 -6.13 -17.86
C ASP O 48 -39.66 -5.96 -16.42
N LYS O 49 -40.06 -4.85 -15.79
CA LYS O 49 -39.65 -4.45 -14.44
C LYS O 49 -40.13 -5.37 -13.31
N ALA O 50 -40.52 -6.60 -13.65
CA ALA O 50 -41.13 -7.53 -12.70
C ALA O 50 -40.13 -8.48 -12.09
N TYR O 51 -39.17 -8.89 -12.91
CA TYR O 51 -38.15 -9.83 -12.48
C TYR O 51 -36.84 -9.18 -12.09
N VAL O 52 -36.16 -9.83 -11.16
CA VAL O 52 -34.87 -9.42 -10.66
C VAL O 52 -33.76 -9.51 -11.74
N SER O 53 -33.09 -8.39 -11.99
CA SER O 53 -31.94 -8.33 -12.90
C SER O 53 -30.86 -7.37 -12.35
N ASN O 54 -29.84 -7.07 -13.17
CA ASN O 54 -28.69 -6.27 -12.71
C ASN O 54 -27.96 -5.46 -13.81
N GLU O 55 -28.72 -4.69 -14.59
CA GLU O 55 -28.16 -3.86 -15.68
C GLU O 55 -27.54 -2.53 -15.21
N SER O 56 -27.89 -2.10 -14.00
CA SER O 56 -27.30 -0.91 -13.37
C SER O 56 -25.91 -1.21 -12.78
N ALA O 57 -25.57 -2.49 -12.64
CA ALA O 57 -24.27 -2.93 -12.11
C ALA O 57 -23.11 -2.71 -13.09
N ILE O 58 -23.44 -2.29 -14.32
CA ILE O 58 -22.47 -1.82 -15.33
C ILE O 58 -21.75 -0.52 -14.88
N ARG O 59 -22.39 0.19 -13.95
CA ARG O 59 -21.88 1.46 -13.40
C ARG O 59 -21.09 1.29 -12.09
N PHE O 60 -21.03 0.05 -11.59
CA PHE O 60 -20.46 -0.29 -10.28
C PHE O 60 -18.97 -0.67 -10.32
N GLY O 61 -18.30 -0.52 -9.17
CA GLY O 61 -17.03 -1.21 -8.92
C GLY O 61 -17.29 -2.65 -8.47
N SER O 62 -16.55 -3.10 -7.45
CA SER O 62 -16.72 -4.45 -6.89
C SER O 62 -17.80 -4.51 -5.81
N VAL O 63 -18.76 -3.59 -5.86
CA VAL O 63 -19.78 -3.40 -4.79
C VAL O 63 -21.22 -3.86 -5.13
N SER O 64 -21.36 -4.87 -6.00
CA SER O 64 -22.68 -5.34 -6.44
C SER O 64 -23.25 -6.55 -5.64
N CYS O 65 -22.73 -6.75 -4.42
CA CYS O 65 -23.27 -7.74 -3.47
C CYS O 65 -24.59 -7.30 -2.87
N LEU O 66 -25.63 -8.13 -3.09
CA LEU O 66 -27.01 -7.85 -2.66
C LEU O 66 -27.58 -6.56 -3.27
N TYR O 67 -27.22 -6.33 -4.54
CA TYR O 67 -27.84 -5.32 -5.39
C TYR O 67 -28.46 -5.99 -6.64
N TYR O 68 -29.77 -5.82 -6.78
CA TYR O 68 -30.52 -6.34 -7.91
C TYR O 68 -31.56 -5.28 -8.23
N ASP O 69 -31.77 -5.04 -9.52
CA ASP O 69 -32.85 -4.14 -9.98
C ASP O 69 -34.22 -4.83 -9.91
N ASN O 70 -35.27 -4.01 -9.86
CA ASN O 70 -36.68 -4.46 -9.86
C ASN O 70 -37.13 -5.22 -8.62
N ARG O 71 -36.52 -4.91 -7.48
CA ARG O 71 -37.03 -5.29 -6.16
C ARG O 71 -38.23 -4.42 -5.85
N TYR O 72 -38.03 -3.13 -6.07
CA TYR O 72 -39.04 -2.13 -5.95
C TYR O 72 -40.07 -2.22 -7.07
N TRP O 73 -41.34 -2.29 -6.69
CA TRP O 73 -42.45 -2.11 -7.65
C TRP O 73 -43.05 -0.74 -7.41
N THR O 74 -44.10 -0.42 -8.15
CA THR O 74 -44.73 0.88 -8.02
C THR O 74 -45.92 0.80 -7.08
N MET O 75 -45.99 1.75 -6.15
CA MET O 75 -46.98 1.70 -5.10
C MET O 75 -48.33 2.12 -5.66
N TRP O 76 -49.36 1.30 -5.40
CA TRP O 76 -50.76 1.66 -5.72
C TRP O 76 -51.39 2.55 -4.63
N LYS O 77 -51.61 3.81 -4.97
CA LYS O 77 -52.03 4.82 -3.98
C LYS O 77 -51.08 4.84 -2.77
N LEU O 78 -51.63 4.72 -1.56
CA LEU O 78 -50.80 4.63 -0.37
C LEU O 78 -51.11 3.34 0.37
N PRO O 79 -50.26 2.97 1.35
CA PRO O 79 -50.65 1.86 2.22
C PRO O 79 -51.81 2.31 3.10
N MET O 80 -52.64 1.35 3.49
CA MET O 80 -53.91 1.65 4.12
C MET O 80 -53.77 1.59 5.65
N PHE O 81 -53.44 2.74 6.25
CA PHE O 81 -53.08 2.84 7.68
C PHE O 81 -54.28 2.77 8.65
N GLY O 82 -54.24 1.81 9.58
CA GLY O 82 -55.36 1.58 10.49
C GLY O 82 -56.70 1.27 9.82
N CYS O 83 -56.70 1.14 8.50
CA CYS O 83 -57.88 0.71 7.73
C CYS O 83 -58.18 -0.76 8.03
N ARG O 84 -59.06 -0.98 9.01
CA ARG O 84 -59.37 -2.34 9.51
C ARG O 84 -60.54 -3.02 8.79
N ASP O 85 -60.68 -2.75 7.49
CA ASP O 85 -61.83 -3.19 6.69
C ASP O 85 -61.47 -4.12 5.53
N PRO O 86 -61.60 -5.46 5.72
CA PRO O 86 -61.27 -6.48 4.71
C PRO O 86 -61.92 -6.21 3.35
N MET O 87 -63.19 -5.80 3.39
CA MET O 87 -63.96 -5.44 2.19
C MET O 87 -63.21 -4.44 1.33
N GLN O 88 -62.70 -3.38 1.97
CA GLN O 88 -62.13 -2.22 1.25
C GLN O 88 -60.81 -2.52 0.59
N VAL O 89 -60.10 -3.52 1.10
CA VAL O 89 -58.85 -3.98 0.54
C VAL O 89 -59.12 -4.70 -0.77
N LEU O 90 -60.03 -5.67 -0.74
CA LEU O 90 -60.46 -6.41 -1.93
C LEU O 90 -61.00 -5.50 -3.05
N ARG O 91 -61.63 -4.40 -2.64
CA ARG O 91 -62.07 -3.39 -3.59
C ARG O 91 -60.90 -2.68 -4.26
N GLU O 92 -59.84 -2.42 -3.48
CA GLU O 92 -58.66 -1.77 -4.03
C GLU O 92 -57.87 -2.70 -4.94
N ILE O 93 -57.90 -3.99 -4.65
CA ILE O 93 -57.29 -4.99 -5.52
C ILE O 93 -57.94 -4.89 -6.88
N VAL O 94 -59.27 -4.77 -6.87
CA VAL O 94 -60.05 -4.69 -8.09
C VAL O 94 -59.75 -3.38 -8.83
N ALA O 95 -59.86 -2.25 -8.14
CA ALA O 95 -59.55 -0.93 -8.74
C ALA O 95 -58.18 -0.94 -9.44
N CYS O 96 -57.23 -1.61 -8.82
CA CYS O 96 -55.86 -1.65 -9.30
C CYS O 96 -55.70 -2.53 -10.54
N THR O 97 -56.15 -3.78 -10.45
CA THR O 97 -56.12 -4.69 -11.60
C THR O 97 -56.85 -4.09 -12.81
N LYS O 98 -57.94 -3.37 -12.53
CA LYS O 98 -58.72 -2.63 -13.55
C LYS O 98 -57.88 -1.53 -14.23
N ALA O 99 -57.16 -0.72 -13.46
CA ALA O 99 -56.35 0.36 -14.03
C ALA O 99 -55.10 -0.14 -14.76
N PHE O 100 -54.57 -1.27 -14.32
CA PHE O 100 -53.39 -1.87 -14.94
C PHE O 100 -53.64 -3.33 -15.28
N PRO O 101 -54.44 -3.56 -16.33
CA PRO O 101 -54.80 -4.94 -16.70
C PRO O 101 -53.60 -5.78 -17.17
N ASP O 102 -52.52 -5.09 -17.57
CA ASP O 102 -51.34 -5.74 -18.16
C ASP O 102 -50.14 -5.84 -17.23
N ALA O 103 -50.36 -5.41 -15.99
CA ALA O 103 -49.31 -5.40 -14.99
C ALA O 103 -49.27 -6.71 -14.17
N TYR O 104 -48.11 -6.96 -13.55
CA TYR O 104 -48.05 -7.85 -12.41
C TYR O 104 -48.58 -7.02 -11.26
N VAL O 105 -49.39 -7.63 -10.40
CA VAL O 105 -49.88 -6.98 -9.19
C VAL O 105 -49.75 -7.89 -7.99
N ARG O 106 -49.26 -7.35 -6.89
CA ARG O 106 -49.08 -8.14 -5.67
C ARG O 106 -49.63 -7.39 -4.48
N LEU O 107 -50.12 -8.18 -3.51
CA LEU O 107 -50.56 -7.63 -2.24
C LEU O 107 -49.46 -7.86 -1.20
N VAL O 108 -49.17 -6.80 -0.44
CA VAL O 108 -48.14 -6.85 0.59
C VAL O 108 -48.69 -6.25 1.88
N ALA O 109 -48.11 -6.63 3.01
CA ALA O 109 -48.46 -6.06 4.29
C ALA O 109 -47.23 -5.71 5.10
N PHE O 110 -47.26 -4.55 5.73
CA PHE O 110 -46.18 -4.13 6.58
C PHE O 110 -46.55 -4.28 8.05
N ASP O 111 -45.63 -4.84 8.85
CA ASP O 111 -45.60 -4.67 10.30
C ASP O 111 -44.78 -3.40 10.61
N ASN O 112 -45.33 -2.50 11.40
CA ASN O 112 -44.66 -1.21 11.63
C ASN O 112 -43.81 -1.23 12.90
N GLN O 113 -43.93 -2.32 13.66
CA GLN O 113 -43.23 -2.50 14.92
C GLN O 113 -41.82 -2.96 14.61
N LYS O 114 -41.74 -4.10 13.92
CA LYS O 114 -40.48 -4.61 13.41
C LYS O 114 -39.94 -3.76 12.24
N GLN O 115 -40.78 -2.85 11.73
CA GLN O 115 -40.60 -2.16 10.43
C GLN O 115 -40.12 -3.09 9.29
N VAL O 116 -40.94 -4.01 8.86
CA VAL O 116 -40.59 -4.86 7.74
C VAL O 116 -41.85 -5.30 7.04
N GLN O 117 -41.77 -5.59 5.75
CA GLN O 117 -42.85 -6.26 5.05
C GLN O 117 -43.03 -7.68 5.63
N ILE O 118 -44.26 -8.01 6.02
CA ILE O 118 -44.55 -9.20 6.83
C ILE O 118 -45.21 -10.32 6.03
N MET O 119 -45.81 -9.94 4.90
CA MET O 119 -46.29 -10.92 3.92
C MET O 119 -46.47 -10.27 2.55
N GLY O 120 -46.59 -11.13 1.53
CA GLY O 120 -46.70 -10.67 0.15
C GLY O 120 -46.84 -11.81 -0.83
N PHE O 121 -47.89 -11.73 -1.63
CA PHE O 121 -48.16 -12.71 -2.68
C PHE O 121 -48.80 -12.02 -3.91
N LEU O 122 -48.68 -12.71 -5.04
CA LEU O 122 -49.11 -12.21 -6.31
C LEU O 122 -50.62 -12.34 -6.43
N VAL O 123 -51.27 -11.32 -7.00
CA VAL O 123 -52.73 -11.35 -7.27
C VAL O 123 -53.10 -11.30 -8.75
N GLN O 124 -52.26 -10.68 -9.56
CA GLN O 124 -52.51 -10.64 -11.00
C GLN O 124 -51.20 -10.82 -11.75
N ARG O 125 -51.23 -11.79 -12.67
CA ARG O 125 -50.21 -11.99 -13.69
C ARG O 125 -50.81 -11.40 -14.99
N PRO O 126 -50.00 -10.69 -15.80
CA PRO O 126 -50.56 -10.24 -17.07
C PRO O 126 -50.95 -11.40 -17.99
N LYS O 127 -51.87 -11.15 -18.91
CA LYS O 127 -52.34 -12.21 -19.80
C LYS O 127 -51.31 -12.68 -20.82
N THR O 128 -50.49 -11.76 -21.32
CA THR O 128 -49.46 -12.03 -22.31
C THR O 128 -48.30 -12.91 -21.80
N ALA O 129 -48.22 -13.08 -20.48
CA ALA O 129 -47.11 -13.79 -19.81
C ALA O 129 -46.99 -15.24 -20.25
N ARG O 130 -45.85 -15.55 -20.84
CA ARG O 130 -45.60 -16.87 -21.42
C ARG O 130 -44.45 -17.61 -20.70
N ASP O 131 -43.98 -17.02 -19.60
CA ASP O 131 -42.81 -17.53 -18.86
C ASP O 131 -43.10 -18.27 -17.55
N PHE O 132 -44.38 -18.60 -17.31
CA PHE O 132 -44.78 -19.41 -16.16
C PHE O 132 -45.41 -20.73 -16.60
N GLN O 133 -45.51 -21.67 -15.68
CA GLN O 133 -46.20 -22.92 -15.94
C GLN O 133 -47.42 -23.06 -15.03
N PRO O 134 -48.55 -23.61 -15.56
CA PRO O 134 -49.63 -24.12 -14.68
C PRO O 134 -49.12 -25.20 -13.69
N ALA O 135 -49.71 -25.25 -12.50
CA ALA O 135 -49.24 -26.12 -11.42
C ALA O 135 -49.01 -27.62 -11.75
N ASN O 136 -49.71 -28.15 -12.77
CA ASN O 136 -49.58 -29.56 -13.19
C ASN O 136 -48.50 -29.87 -14.25
N LYS O 137 -48.14 -28.88 -15.07
CA LYS O 137 -47.12 -29.06 -16.12
C LYS O 137 -45.71 -28.62 -15.72
N ARG O 138 -45.45 -28.57 -14.41
CA ARG O 138 -44.14 -28.16 -13.88
C ARG O 138 -43.13 -29.30 -13.90
N SER O 139 -43.63 -30.53 -13.92
CA SER O 139 -42.78 -31.69 -14.11
C SER O 139 -43.33 -32.58 -15.21
N VAL O 140 -42.43 -33.05 -16.07
CA VAL O 140 -42.77 -33.98 -17.14
C VAL O 140 -42.02 -35.29 -16.90
N MME P 1 10.98 -6.59 57.81
CA MME P 1 10.87 -6.48 56.31
C MME P 1 12.18 -6.01 55.70
O MME P 1 12.60 -4.87 55.91
CB MME P 1 9.81 -5.40 56.04
CG MME P 1 8.58 -5.86 55.22
SD MME P 1 7.57 -4.43 54.90
CE MME P 1 5.97 -5.03 55.35
CM MME P 1 11.13 -7.71 58.40
N MET P 2 12.83 -6.89 54.93
CA MET P 2 14.10 -6.55 54.28
C MET P 2 13.92 -6.11 52.80
N VAL P 3 14.74 -5.16 52.36
CA VAL P 3 14.68 -4.63 51.01
C VAL P 3 15.78 -5.19 50.11
N TRP P 4 15.40 -5.73 48.96
CA TRP P 4 16.34 -6.32 48.01
C TRP P 4 17.05 -5.23 47.22
N THR P 5 18.37 -5.29 47.17
CA THR P 5 19.12 -4.13 46.70
C THR P 5 19.23 -4.10 45.18
N PRO P 6 18.99 -2.90 44.59
CA PRO P 6 19.19 -2.65 43.17
C PRO P 6 20.63 -2.32 42.78
N VAL P 7 21.54 -2.16 43.74
CA VAL P 7 22.94 -1.71 43.50
C VAL P 7 23.97 -2.61 44.19
N ASN P 8 25.03 -3.05 43.52
CA ASN P 8 25.05 -3.44 42.15
C ASN P 8 24.89 -4.91 42.43
N ASN P 9 23.74 -5.46 42.11
CA ASN P 9 23.43 -6.82 42.50
C ASN P 9 23.29 -7.74 41.29
N LYS P 10 24.28 -7.69 40.40
CA LYS P 10 24.19 -8.43 39.14
C LYS P 10 24.33 -9.95 39.31
N MET P 11 23.43 -10.68 38.63
CA MET P 11 23.37 -12.11 38.76
C MET P 11 23.92 -12.79 37.54
N PHE P 12 23.83 -14.12 37.49
CA PHE P 12 24.47 -14.86 36.44
C PHE P 12 23.83 -16.13 36.06
N GLU P 13 22.52 -16.10 35.92
CA GLU P 13 21.78 -17.28 35.56
C GLU P 13 21.96 -18.40 36.57
N THR P 14 21.85 -19.63 36.10
CA THR P 14 21.64 -20.78 36.97
C THR P 14 22.61 -20.87 38.14
N PHE P 15 22.04 -20.99 39.33
CA PHE P 15 22.77 -21.16 40.58
C PHE P 15 23.33 -19.88 41.17
N SER P 16 23.13 -18.75 40.52
CA SER P 16 23.74 -17.53 41.06
C SER P 16 22.94 -16.91 42.21
N TYR P 17 21.85 -17.55 42.57
CA TYR P 17 21.03 -17.11 43.69
C TYR P 17 21.30 -17.93 44.95
N LEU P 18 22.07 -19.01 44.78
CA LEU P 18 22.55 -19.86 45.86
C LEU P 18 23.89 -19.33 46.40
N PRO P 19 24.45 -19.98 47.45
CA PRO P 19 25.79 -19.54 47.87
C PRO P 19 26.87 -20.10 46.93
N PRO P 20 27.96 -19.33 46.70
CA PRO P 20 28.93 -19.71 45.66
C PRO P 20 29.36 -21.16 45.79
N LEU P 21 29.61 -21.83 44.67
CA LEU P 21 29.86 -23.28 44.70
C LEU P 21 31.25 -23.65 45.23
N THR P 22 31.27 -24.58 46.19
CA THR P 22 32.49 -25.11 46.76
C THR P 22 33.12 -26.03 45.72
N ASP P 23 34.44 -26.23 45.79
CA ASP P 23 35.16 -27.04 44.80
C ASP P 23 34.54 -28.42 44.63
N GLU P 24 33.81 -28.83 45.65
CA GLU P 24 33.18 -30.15 45.68
C GLU P 24 31.74 -30.14 45.17
N GLN P 25 31.05 -29.02 45.33
CA GLN P 25 29.73 -28.82 44.72
C GLN P 25 29.87 -28.75 43.20
N ILE P 26 30.90 -28.03 42.74
CA ILE P 26 31.30 -28.03 41.33
C ILE P 26 31.50 -29.46 40.83
N ALA P 27 32.29 -30.23 41.57
CA ALA P 27 32.57 -31.63 41.22
C ALA P 27 31.33 -32.50 41.18
N ALA P 28 30.36 -32.19 42.03
CA ALA P 28 29.12 -32.95 42.06
C ALA P 28 28.32 -32.70 40.79
N GLN P 29 28.38 -31.46 40.30
CA GLN P 29 27.71 -31.11 39.08
C GLN P 29 28.36 -31.86 37.92
N VAL P 30 29.68 -31.82 37.85
CA VAL P 30 30.40 -32.55 36.81
C VAL P 30 30.07 -34.06 36.82
N ASP P 31 29.84 -34.64 37.99
CA ASP P 31 29.43 -36.05 38.05
C ASP P 31 28.09 -36.24 37.34
N TYR P 32 27.17 -35.31 37.59
CA TYR P 32 25.84 -35.31 37.01
C TYR P 32 25.94 -35.22 35.50
N ILE P 33 26.82 -34.32 35.04
CA ILE P 33 27.11 -34.18 33.62
C ILE P 33 27.57 -35.51 33.00
N VAL P 34 28.63 -36.09 33.56
CA VAL P 34 29.14 -37.33 32.99
C VAL P 34 28.16 -38.49 33.12
N ALA P 35 27.40 -38.52 34.22
CA ALA P 35 26.44 -39.58 34.51
C ALA P 35 25.37 -39.67 33.42
N ASN P 36 25.05 -38.50 32.83
CA ASN P 36 23.98 -38.39 31.84
C ASN P 36 24.44 -38.43 30.37
N GLY P 37 25.74 -38.55 30.14
CA GLY P 37 26.31 -38.62 28.78
C GLY P 37 26.47 -37.30 28.05
N TRP P 38 26.30 -36.19 28.78
CA TRP P 38 26.31 -34.86 28.19
C TRP P 38 27.71 -34.35 27.89
N ILE P 39 27.84 -33.48 26.91
CA ILE P 39 29.14 -32.97 26.49
C ILE P 39 29.54 -31.73 27.29
N PRO P 40 30.66 -31.79 28.02
CA PRO P 40 31.08 -30.61 28.77
C PRO P 40 31.90 -29.64 27.92
N CYS P 41 31.89 -28.36 28.30
CA CYS P 41 32.60 -27.34 27.55
C CYS P 41 32.77 -26.10 28.41
N LEU P 42 33.83 -25.35 28.13
CA LEU P 42 34.11 -24.14 28.89
C LEU P 42 34.08 -22.93 28.01
N GLU P 43 33.47 -21.87 28.53
CA GLU P 43 33.35 -20.64 27.80
C GLU P 43 33.88 -19.54 28.69
N PHE P 44 34.43 -18.49 28.09
CA PHE P 44 34.92 -17.36 28.88
C PHE P 44 34.67 -16.02 28.19
N ALA P 45 34.73 -14.94 28.98
CA ALA P 45 34.53 -13.60 28.44
C ALA P 45 35.27 -12.60 29.30
N GLU P 46 35.81 -11.55 28.69
CA GLU P 46 36.39 -10.44 29.45
C GLU P 46 35.32 -9.58 30.14
N ALA P 47 35.74 -8.69 31.06
CA ALA P 47 34.81 -7.94 31.95
C ALA P 47 33.62 -7.22 31.26
N ASP P 48 33.83 -6.72 30.04
CA ASP P 48 32.80 -6.00 29.28
C ASP P 48 31.81 -6.96 28.61
N LYS P 49 32.35 -7.82 27.73
CA LYS P 49 31.59 -8.78 26.92
C LYS P 49 30.86 -9.87 27.72
N ALA P 50 30.64 -9.67 29.02
CA ALA P 50 30.06 -10.68 29.92
C ALA P 50 28.56 -10.56 30.08
N TYR P 51 28.09 -9.31 30.06
CA TYR P 51 26.68 -9.00 30.23
C TYR P 51 25.97 -8.69 28.93
N VAL P 52 24.72 -9.13 28.89
CA VAL P 52 23.81 -8.85 27.81
C VAL P 52 23.60 -7.33 27.62
N SER P 53 23.85 -6.87 26.39
CA SER P 53 23.56 -5.48 25.99
C SER P 53 23.04 -5.46 24.54
N ASN P 54 23.00 -4.28 23.92
CA ASN P 54 22.43 -4.13 22.58
C ASN P 54 22.93 -2.88 21.82
N GLU P 55 24.24 -2.80 21.62
CA GLU P 55 24.86 -1.67 20.90
C GLU P 55 24.96 -1.88 19.37
N SER P 56 24.71 -3.12 18.93
CA SER P 56 24.63 -3.46 17.49
C SER P 56 23.23 -3.22 16.88
N ALA P 57 22.23 -3.01 17.76
CA ALA P 57 20.85 -2.67 17.38
C ALA P 57 20.70 -1.23 16.84
N ILE P 58 21.78 -0.44 16.89
CA ILE P 58 21.90 0.87 16.20
C ILE P 58 21.89 0.72 14.65
N ARG P 59 22.14 -0.51 14.19
CA ARG P 59 22.24 -0.85 12.76
C ARG P 59 20.95 -1.46 12.22
N PHE P 60 20.00 -1.71 13.12
CA PHE P 60 18.76 -2.44 12.85
C PHE P 60 17.60 -1.52 12.46
N GLY P 61 16.62 -2.08 11.77
CA GLY P 61 15.27 -1.51 11.68
C GLY P 61 14.44 -1.94 12.88
N SER P 62 13.17 -2.27 12.66
CA SER P 62 12.27 -2.71 13.73
C SER P 62 12.45 -4.18 14.15
N VAL P 63 13.64 -4.77 13.91
CA VAL P 63 13.85 -6.23 14.04
C VAL P 63 14.76 -6.67 15.21
N SER P 64 14.75 -5.91 16.30
CA SER P 64 15.60 -6.21 17.44
C SER P 64 14.91 -7.00 18.56
N CYS P 65 13.83 -7.71 18.22
CA CYS P 65 13.19 -8.69 19.13
C CYS P 65 13.99 -9.98 19.27
N LEU P 66 14.37 -10.26 20.53
CA LEU P 66 15.22 -11.42 20.90
C LEU P 66 16.62 -11.40 20.26
N TYR P 67 17.15 -10.18 20.13
CA TYR P 67 18.56 -9.95 19.78
C TYR P 67 19.24 -9.16 20.90
N TYR P 68 20.28 -9.76 21.47
CA TYR P 68 21.11 -9.11 22.49
C TYR P 68 22.56 -9.50 22.25
N ASP P 69 23.47 -8.54 22.33
CA ASP P 69 24.92 -8.83 22.26
C ASP P 69 25.42 -9.58 23.51
N ASN P 70 26.51 -10.32 23.35
CA ASN P 70 27.19 -10.99 24.46
C ASN P 70 26.47 -12.21 25.01
N ARG P 71 25.66 -12.84 24.17
CA ARG P 71 25.15 -14.16 24.48
C ARG P 71 26.27 -15.13 24.28
N TYR P 72 26.99 -14.95 23.18
CA TYR P 72 28.15 -15.75 22.84
C TYR P 72 29.37 -15.35 23.64
N TRP P 73 29.98 -16.36 24.23
CA TRP P 73 31.28 -16.21 24.86
C TRP P 73 32.30 -16.95 24.02
N THR P 74 33.56 -16.92 24.43
CA THR P 74 34.61 -17.57 23.67
C THR P 74 34.81 -18.97 24.19
N MET P 75 34.84 -19.91 23.27
CA MET P 75 34.96 -21.31 23.59
C MET P 75 36.39 -21.56 24.08
N TRP P 76 36.52 -22.26 25.20
CA TRP P 76 37.82 -22.79 25.61
C TRP P 76 38.08 -24.13 24.95
N LYS P 77 39.09 -24.15 24.06
CA LYS P 77 39.47 -25.33 23.29
C LYS P 77 38.27 -25.86 22.51
N LEU P 78 37.87 -27.08 22.74
CA LEU P 78 36.69 -27.61 22.09
C LEU P 78 35.83 -28.29 23.13
N PRO P 79 34.56 -28.57 22.81
CA PRO P 79 33.77 -29.44 23.66
C PRO P 79 34.38 -30.86 23.75
N MET P 80 34.22 -31.49 24.90
CA MET P 80 34.91 -32.73 25.21
C MET P 80 34.04 -33.94 24.90
N PHE P 81 34.00 -34.30 23.62
CA PHE P 81 33.09 -35.34 23.11
C PHE P 81 33.45 -36.74 23.59
N GLY P 82 32.45 -37.48 24.07
CA GLY P 82 32.67 -38.83 24.60
C GLY P 82 33.71 -38.94 25.72
N CYS P 83 34.27 -37.79 26.13
CA CYS P 83 35.20 -37.73 27.26
C CYS P 83 34.43 -37.97 28.57
N ARG P 84 34.45 -39.23 29.01
CA ARG P 84 33.70 -39.68 30.20
C ARG P 84 34.54 -39.65 31.50
N ASP P 85 35.40 -38.65 31.64
CA ASP P 85 36.35 -38.56 32.76
C ASP P 85 36.17 -37.26 33.55
N PRO P 86 35.46 -37.32 34.70
CA PRO P 86 35.19 -36.16 35.57
C PRO P 86 36.47 -35.43 36.03
N MET P 87 37.53 -36.20 36.28
CA MET P 87 38.84 -35.63 36.63
C MET P 87 39.36 -34.64 35.57
N GLN P 88 39.27 -35.01 34.30
CA GLN P 88 39.88 -34.24 33.23
C GLN P 88 39.17 -32.94 32.98
N VAL P 89 37.88 -32.91 33.29
CA VAL P 89 37.07 -31.70 33.17
C VAL P 89 37.54 -30.65 34.18
N LEU P 90 37.70 -31.09 35.43
CA LEU P 90 38.16 -30.23 36.52
C LEU P 90 39.54 -29.65 36.22
N ARG P 91 40.38 -30.46 35.56
CA ARG P 91 41.71 -30.04 35.14
C ARG P 91 41.65 -28.93 34.10
N GLU P 92 40.70 -29.06 33.16
CA GLU P 92 40.48 -28.04 32.15
C GLU P 92 39.93 -26.75 32.73
N ILE P 93 39.08 -26.82 33.74
CA ILE P 93 38.60 -25.62 34.42
C ILE P 93 39.81 -24.86 34.97
N VAL P 94 40.72 -25.61 35.57
CA VAL P 94 41.96 -25.07 36.15
C VAL P 94 42.85 -24.48 35.05
N ALA P 95 43.09 -25.24 33.98
CA ALA P 95 43.85 -24.76 32.81
C ALA P 95 43.37 -23.40 32.30
N CYS P 96 42.04 -23.25 32.25
CA CYS P 96 41.38 -22.10 31.66
C CYS P 96 41.43 -20.88 32.56
N THR P 97 41.10 -21.08 33.84
CA THR P 97 41.15 -19.99 34.82
C THR P 97 42.57 -19.46 34.94
N LYS P 98 43.53 -20.38 34.85
CA LYS P 98 44.97 -20.07 34.88
C LYS P 98 45.36 -19.21 33.69
N ALA P 99 44.89 -19.58 32.49
CA ALA P 99 45.15 -18.82 31.26
C ALA P 99 44.43 -17.47 31.20
N PHE P 100 43.23 -17.40 31.76
CA PHE P 100 42.48 -16.15 31.82
C PHE P 100 42.06 -15.84 33.25
N PRO P 101 42.99 -15.29 34.06
CA PRO P 101 42.66 -14.97 35.45
C PRO P 101 41.63 -13.82 35.60
N ASP P 102 41.50 -12.96 34.58
CA ASP P 102 40.61 -11.78 34.67
C ASP P 102 39.27 -11.92 33.94
N ALA P 103 38.97 -13.15 33.51
CA ALA P 103 37.80 -13.40 32.71
C ALA P 103 36.70 -14.01 33.55
N TYR P 104 35.46 -13.80 33.12
CA TYR P 104 34.37 -14.62 33.60
C TYR P 104 34.52 -15.96 32.90
N VAL P 105 34.30 -17.06 33.62
CA VAL P 105 34.38 -18.41 33.04
C VAL P 105 33.22 -19.26 33.50
N ARG P 106 32.63 -20.00 32.58
CA ARG P 106 31.46 -20.79 32.92
C ARG P 106 31.59 -22.13 32.30
N LEU P 107 31.07 -23.13 33.01
CA LEU P 107 31.05 -24.50 32.54
C LEU P 107 29.68 -24.74 31.96
N VAL P 108 29.62 -25.35 30.78
CA VAL P 108 28.35 -25.61 30.14
C VAL P 108 28.38 -27.03 29.64
N ALA P 109 27.20 -27.60 29.39
CA ALA P 109 27.13 -28.96 28.90
C ALA P 109 26.04 -29.07 27.85
N PHE P 110 26.30 -29.83 26.80
CA PHE P 110 25.40 -29.94 25.67
C PHE P 110 24.77 -31.32 25.60
N ASP P 111 23.47 -31.38 25.34
CA ASP P 111 22.78 -32.62 24.96
C ASP P 111 22.73 -32.59 23.46
N ASN P 112 23.18 -33.66 22.80
CA ASN P 112 23.27 -33.67 21.34
C ASN P 112 22.06 -34.31 20.68
N GLN P 113 21.23 -34.96 21.49
CA GLN P 113 19.95 -35.50 21.02
C GLN P 113 18.95 -34.37 20.80
N LYS P 114 18.72 -33.58 21.85
CA LYS P 114 17.84 -32.43 21.77
C LYS P 114 18.53 -31.26 21.07
N GLN P 115 19.84 -31.38 20.88
CA GLN P 115 20.71 -30.29 20.42
C GLN P 115 20.46 -28.95 21.13
N VAL P 116 20.81 -28.91 22.41
CA VAL P 116 20.68 -27.71 23.23
C VAL P 116 21.68 -27.78 24.38
N GLN P 117 22.16 -26.62 24.86
CA GLN P 117 22.89 -26.55 26.11
C GLN P 117 21.91 -27.00 27.19
N ILE P 118 22.30 -27.99 27.99
CA ILE P 118 21.41 -28.63 28.99
C ILE P 118 21.72 -28.21 30.43
N MET P 119 22.91 -27.62 30.65
CA MET P 119 23.18 -26.91 31.90
C MET P 119 24.30 -25.90 31.76
N GLY P 120 24.42 -25.02 32.76
CA GLY P 120 25.42 -23.97 32.73
C GLY P 120 25.44 -23.17 34.01
N PHE P 121 26.63 -23.06 34.60
CA PHE P 121 26.84 -22.17 35.74
C PHE P 121 28.23 -21.54 35.71
N LEU P 122 28.37 -20.44 36.42
CA LEU P 122 29.61 -19.70 36.49
C LEU P 122 30.61 -20.47 37.35
N VAL P 123 31.90 -20.44 36.97
CA VAL P 123 32.99 -20.99 37.81
C VAL P 123 34.05 -19.98 38.26
N GLN P 124 34.22 -18.90 37.51
CA GLN P 124 35.15 -17.84 37.91
C GLN P 124 34.59 -16.47 37.58
N ARG P 125 34.63 -15.60 38.58
CA ARG P 125 34.33 -14.19 38.42
C ARG P 125 35.71 -13.53 38.44
N PRO P 126 35.92 -12.48 37.64
CA PRO P 126 37.20 -11.77 37.74
C PRO P 126 37.35 -11.03 39.08
N LYS P 127 38.58 -10.83 39.52
CA LYS P 127 38.78 -10.23 40.84
C LYS P 127 38.36 -8.75 40.94
N THR P 128 38.57 -8.02 39.86
CA THR P 128 38.23 -6.58 39.77
C THR P 128 36.71 -6.28 39.82
N ALA P 129 35.90 -7.32 39.63
CA ALA P 129 34.45 -7.19 39.57
C ALA P 129 33.86 -6.59 40.83
N ARG P 130 33.23 -5.43 40.65
CA ARG P 130 32.63 -4.67 41.73
C ARG P 130 31.10 -4.59 41.64
N ASP P 131 30.52 -5.31 40.68
CA ASP P 131 29.09 -5.20 40.36
C ASP P 131 28.22 -6.35 40.89
N PHE P 132 28.80 -7.20 41.74
CA PHE P 132 28.04 -8.27 42.40
C PHE P 132 27.94 -8.06 43.92
N GLN P 133 27.04 -8.81 44.57
CA GLN P 133 26.92 -8.79 46.03
C GLN P 133 27.12 -10.18 46.61
N PRO P 134 27.89 -10.26 47.72
CA PRO P 134 27.94 -11.51 48.49
C PRO P 134 26.53 -11.93 48.93
N ALA P 135 26.31 -13.24 49.06
CA ALA P 135 24.98 -13.77 49.35
C ALA P 135 24.23 -13.15 50.55
N ASN P 136 24.95 -12.66 51.55
CA ASN P 136 24.33 -12.06 52.75
C ASN P 136 23.99 -10.55 52.66
N LYS P 137 24.67 -9.83 51.77
CA LYS P 137 24.43 -8.38 51.61
C LYS P 137 23.51 -8.01 50.44
N ARG P 138 22.70 -8.96 49.99
CA ARG P 138 21.75 -8.75 48.90
C ARG P 138 20.49 -8.03 49.34
N SER P 139 20.14 -8.17 50.62
CA SER P 139 19.03 -7.44 51.23
C SER P 139 19.46 -6.72 52.50
N VAL P 140 19.07 -5.45 52.61
CA VAL P 140 19.32 -4.65 53.81
C VAL P 140 18.01 -4.27 54.50
MG MG Q . -33.10 18.21 7.12
C1 CAP R . -36.39 20.68 5.53
C2 CAP R . -35.15 20.14 6.26
C3 CAP R . -33.90 20.99 5.99
C4 CAP R . -34.03 22.45 6.41
C5 CAP R . -32.77 23.05 7.05
C CAP R . -35.35 20.06 7.77
O1 CAP R . -37.50 19.81 5.65
O2 CAP R . -34.86 18.77 5.84
O3 CAP R . -32.79 20.34 6.58
O4 CAP R . -34.31 23.22 5.26
O5 CAP R . -32.92 24.46 7.13
O6 CAP R . -36.19 20.77 8.36
O7 CAP R . -34.67 19.24 8.42
P1 CAP R . -38.94 20.27 5.11
P2 CAP R . -31.93 25.46 6.35
O1P CAP R . -39.90 19.10 5.32
O2P CAP R . -39.36 21.48 5.91
O3P CAP R . -38.88 20.66 3.66
O4P CAP R . -32.21 26.88 6.81
O5P CAP R . -32.11 25.26 4.86
O6P CAP R . -30.52 25.24 6.78
C1 EDO S . 0.69 45.64 24.81
O1 EDO S . 0.29 45.21 26.12
C2 EDO S . -0.48 46.37 24.16
O2 EDO S . -0.06 47.15 23.03
C1 EDO T . -48.14 29.65 10.94
O1 EDO T . -47.12 28.64 11.02
C2 EDO T . -47.75 30.89 11.77
O2 EDO T . -47.78 32.09 11.00
C1 EDO U . -18.25 24.09 14.37
O1 EDO U . -17.21 23.39 15.07
C2 EDO U . -17.80 24.54 12.97
O2 EDO U . -16.49 24.04 12.75
MG MG V . -3.33 31.58 21.87
C1 CAP W . -3.17 33.15 25.95
C2 CAP W . -3.55 32.62 24.56
C3 CAP W . -4.59 31.50 24.70
C4 CAP W . -5.90 31.92 25.44
C5 CAP W . -7.23 31.43 24.83
C CAP W . -4.06 33.72 23.62
O1 CAP W . -1.98 33.96 25.94
O2 CAP W . -2.37 32.03 23.93
O3 CAP W . -4.83 30.94 23.41
O4 CAP W . -5.86 31.43 26.77
O5 CAP W . -8.30 31.68 25.73
O6 CAP W . -4.53 34.81 24.02
O7 CAP W . -4.03 33.57 22.37
P1 CAP W . -1.57 34.94 27.19
P2 CAP W . -9.20 30.51 26.40
O1P CAP W . -0.34 35.71 26.75
O2P CAP W . -2.69 35.92 27.44
O3P CAP W . -1.33 34.12 28.47
O4P CAP W . -10.40 31.13 27.10
O5P CAP W . -8.31 29.67 27.33
O6P CAP W . -9.81 29.58 25.34
C1 EDO X . -46.29 14.03 11.77
O1 EDO X . -45.71 14.16 10.45
C2 EDO X . -45.26 14.14 12.90
O2 EDO X . -44.48 15.34 12.80
C1 EDO Y . -47.21 19.14 11.85
O1 EDO Y . -47.97 18.45 10.84
C2 EDO Y . -47.07 18.27 13.09
O2 EDO Y . -45.68 18.20 13.47
MG MG Z . -1.89 23.88 -30.01
C1 CAP AA . -2.36 24.28 -34.40
C2 CAP AA . -1.82 24.28 -32.96
C3 CAP AA . -0.56 23.42 -32.84
C4 CAP AA . 0.63 23.92 -33.65
C5 CAP AA . 1.95 23.70 -32.93
C CAP AA . -1.56 25.67 -32.42
O1 CAP AA . -3.55 25.02 -34.54
O2 CAP AA . -2.81 23.72 -32.08
O3 CAP AA . -0.27 23.31 -31.45
O4 CAP AA . 0.67 23.18 -34.84
O5 CAP AA . 2.99 23.96 -33.84
O6 CAP AA . -1.44 26.65 -33.19
O7 CAP AA . -1.49 25.84 -31.19
P1 CAP AA . -4.14 25.39 -36.00
P2 CAP AA . 4.09 22.86 -34.22
O1P CAP AA . -5.53 25.98 -35.80
O2P CAP AA . -3.16 26.32 -36.69
O3P CAP AA . -4.26 24.16 -36.88
O4P CAP AA . 5.20 23.49 -35.02
O5P CAP AA . 3.40 21.73 -34.96
O6P CAP AA . 4.80 22.42 -32.97
C1 EDO BA . 43.42 17.96 -16.00
O1 EDO BA . 42.47 18.37 -15.00
C2 EDO BA . 42.98 18.27 -17.44
O2 EDO BA . 41.87 17.44 -17.84
C1 EDO CA . 42.76 23.12 -18.17
O1 EDO CA . 43.84 22.72 -17.33
C2 EDO CA . 42.80 22.34 -19.47
O2 EDO CA . 42.99 20.93 -19.23
C1 EDO DA . 10.71 22.25 -37.29
O1 EDO DA . 9.67 22.81 -38.12
C2 EDO DA . 11.82 23.25 -36.97
O2 EDO DA . 12.95 22.98 -37.78
MG MG EA . 29.34 21.01 -12.88
C1 CAP FA . 32.12 24.43 -12.23
C2 CAP FA . 31.00 23.48 -12.70
C3 CAP FA . 29.62 24.17 -12.63
C4 CAP FA . 29.52 25.40 -13.53
C5 CAP FA . 28.17 25.55 -14.20
C CAP FA . 31.19 23.03 -14.14
O1 CAP FA . 33.38 23.77 -12.12
O2 CAP FA . 31.05 22.25 -11.92
O3 CAP FA . 28.58 23.25 -12.91
O4 CAP FA . 29.67 26.52 -12.71
O5 CAP FA . 28.06 26.88 -14.67
O6 CAP FA . 31.81 23.74 -14.96
O7 CAP FA . 30.72 21.93 -14.49
P1 CAP FA . 34.72 24.62 -11.77
P2 CAP FA . 26.86 27.85 -14.20
O1P CAP FA . 35.90 23.67 -11.72
O2P CAP FA . 34.88 25.65 -12.88
O3P CAP FA . 34.49 25.34 -10.46
O4P CAP FA . 26.94 29.13 -15.02
O5P CAP FA . 27.02 28.11 -12.73
O6P CAP FA . 25.51 27.23 -14.52
C1 EDO GA . -10.66 34.69 -34.05
O1 EDO GA . -11.35 33.42 -34.07
C2 EDO GA . -9.97 34.95 -32.71
O2 EDO GA . -8.57 34.66 -32.82
C1 EDO HA . -7.20 35.32 -37.66
O1 EDO HA . -8.50 35.01 -38.16
C2 EDO HA . -7.39 35.68 -36.19
O2 EDO HA . -8.00 36.98 -36.05
C1 EDO IA . 13.10 22.72 -20.25
O1 EDO IA . 13.49 21.70 -21.18
C2 EDO IA . 12.61 22.08 -18.95
O2 EDO IA . 11.17 21.91 -18.78
MG MG JA . 8.11 -23.95 -29.06
C1 CAP KA . 6.81 -27.39 -31.48
C2 CAP KA . 7.44 -26.42 -30.49
C3 CAP KA . 7.46 -27.00 -29.08
C4 CAP KA . 8.26 -28.31 -29.00
C5 CAP KA . 9.22 -28.43 -27.82
C CAP KA . 8.85 -26.04 -30.91
O1 CAP KA . 6.68 -26.82 -32.77
O2 CAP KA . 6.71 -25.16 -30.43
O3 CAP KA . 8.01 -26.02 -28.23
O4 CAP KA . 7.35 -29.38 -28.86
O5 CAP KA . 9.50 -29.82 -27.67
O6 CAP KA . 9.55 -26.77 -31.63
O7 CAP KA . 9.31 -24.94 -30.52
P1 CAP KA . 6.01 -27.64 -34.00
P2 CAP KA . 9.14 -30.58 -26.31
O1P CAP KA . 5.79 -26.67 -35.13
O2P CAP KA . 7.02 -28.73 -34.24
O3P CAP KA . 4.68 -28.25 -33.69
O4P CAP KA . 9.99 -31.84 -26.28
O5P CAP KA . 7.64 -30.82 -26.20
O6P CAP KA . 9.60 -29.83 -25.09
C1 EDO LA . 33.01 -36.41 9.30
O1 EDO LA . 32.77 -35.05 9.74
C2 EDO LA . 31.72 -37.13 8.86
O2 EDO LA . 31.09 -36.51 7.74
C1 EDO MA . 35.66 -37.08 5.53
O1 EDO MA . 36.04 -37.06 6.91
C2 EDO MA . 34.77 -38.28 5.18
O2 EDO MA . 33.95 -38.68 6.29
C1 EDO NA . 37.70 -41.66 -3.09
O1 EDO NA . 38.92 -40.91 -3.07
C2 EDO NA . 36.63 -40.87 -2.36
O2 EDO NA . 37.19 -40.56 -1.09
C1 EDO OA . 18.47 -24.26 -14.63
O1 EDO OA . 18.36 -22.96 -14.02
C2 EDO OA . 17.58 -25.21 -13.87
O2 EDO OA . 16.35 -24.53 -13.63
MG MG PA . 28.43 -26.02 0.21
C1 CAP QA . 32.69 -26.58 0.23
C2 CAP QA . 31.21 -26.55 -0.18
C3 CAP QA . 31.01 -25.71 -1.44
C4 CAP QA . 31.66 -26.28 -2.71
C5 CAP QA . 30.78 -26.16 -3.97
C CAP QA . 30.62 -27.96 -0.35
O1 CAP QA . 32.90 -27.25 1.47
O2 CAP QA . 30.40 -25.95 0.87
O3 CAP QA . 29.63 -25.48 -1.61
O4 CAP QA . 32.88 -25.60 -2.96
O5 CAP QA . 31.53 -26.56 -5.09
O6 CAP QA . 31.32 -28.93 -0.68
O7 CAP QA . 29.40 -28.12 -0.14
P1 CAP QA . 34.39 -27.68 1.96
P2 CAP QA . 31.87 -25.52 -6.28
O1P CAP QA . 34.28 -28.27 3.33
O2P CAP QA . 34.92 -28.74 1.01
O3P CAP QA . 35.32 -26.50 1.94
O4P CAP QA . 32.69 -26.25 -7.34
O5P CAP QA . 32.61 -24.31 -5.74
O6P CAP QA . 30.60 -25.12 -6.99
C1 EDO RA . 10.11 -22.41 -43.46
O1 EDO RA . 8.82 -22.06 -42.90
C2 EDO RA . 11.17 -21.42 -42.98
O2 EDO RA . 11.60 -21.77 -41.66
C1 EDO SA . 11.54 -26.93 -43.12
O1 EDO SA . 10.41 -26.86 -44.01
C2 EDO SA . 12.76 -26.16 -43.64
O2 EDO SA . 12.67 -24.75 -43.45
MG MG TA . -23.24 -29.55 8.18
C1 CAP UA . -27.36 -31.07 8.43
C2 CAP UA . -25.92 -30.62 8.68
C3 CAP UA . -25.83 -29.45 9.67
C4 CAP UA . -26.41 -29.76 11.07
C5 CAP UA . -25.61 -29.23 12.24
C CAP UA . -25.04 -31.78 9.11
O1 CAP UA . -27.40 -32.05 7.41
O2 CAP UA . -25.32 -30.18 7.43
O3 CAP UA . -24.47 -29.00 9.68
O4 CAP UA . -27.70 -29.19 11.17
O5 CAP UA . -26.39 -29.36 13.40
O6 CAP UA . -25.50 -32.77 9.70
O7 CAP UA . -23.82 -31.71 8.84
P1 CAP UA . -28.78 -32.81 7.10
P2 CAP UA . -26.89 -28.06 14.20
O1P CAP UA . -28.49 -33.76 5.96
O2P CAP UA . -29.07 -33.65 8.33
O3P CAP UA . -29.96 -31.86 6.91
O4P CAP UA . -27.60 -28.48 15.46
O5P CAP UA . -27.79 -27.28 13.30
O6P CAP UA . -25.71 -27.25 14.68
C1 EDO VA . -6.83 -10.57 48.02
O1 EDO VA . -5.63 -9.94 47.53
C2 EDO VA . -7.51 -11.34 46.89
O2 EDO VA . -8.73 -10.66 46.60
C1 EDO WA . -7.87 -15.50 49.46
O1 EDO WA . -6.70 -14.83 49.95
C2 EDO WA . -8.71 -14.53 48.64
O2 EDO WA . -9.48 -13.66 49.48
C1 EDO XA . -9.11 -13.85 -5.27
O1 EDO XA . -9.06 -13.23 -6.56
C2 EDO XA . -10.01 -13.09 -4.27
O2 EDO XA . -9.51 -13.21 -2.91
MG MG YA . -4.32 -15.65 34.98
C1 CAP ZA . -2.55 -18.03 38.24
C2 CAP ZA . -3.35 -17.51 37.04
C3 CAP ZA . -3.36 -18.47 35.85
C4 CAP ZA . -3.95 -19.85 36.14
C5 CAP ZA . -4.70 -20.48 34.98
C CAP ZA . -4.79 -17.28 37.45
O1 CAP ZA . -2.50 -17.04 39.27
O2 CAP ZA . -2.82 -16.23 36.64
O3 CAP ZA . -4.07 -17.87 34.78
O4 CAP ZA . -2.86 -20.66 36.43
O5 CAP ZA . -4.83 -21.85 35.25
O6 CAP ZA . -5.31 -17.95 38.36
O7 CAP ZA . -5.42 -16.40 36.82
P1 CAP ZA . -1.81 -17.42 40.66
P2 CAP ZA . -4.23 -22.99 34.28
O1P CAP ZA . -1.84 -16.21 41.53
O2P CAP ZA . -2.56 -18.58 41.30
O3P CAP ZA . -0.41 -17.91 40.37
O4P CAP ZA . -4.62 -24.38 34.76
O5P CAP ZA . -2.73 -22.84 34.19
O6P CAP ZA . -4.87 -22.83 32.92
C1 EDO AB . -12.89 -22.60 21.49
O1 EDO AB . -11.99 -22.43 20.39
C2 EDO AB . -14.18 -21.80 21.27
O2 EDO AB . -13.96 -20.73 20.34
C1 EDO BB . -25.51 -42.65 2.40
O1 EDO BB . -26.06 -41.54 1.67
C2 EDO BB . -24.19 -42.27 3.05
O2 EDO BB . -24.41 -41.90 4.42
C1 EDO CB . -28.20 -43.50 5.43
O1 EDO CB . -29.41 -43.03 6.03
C2 EDO CB . -27.25 -43.82 6.56
O2 EDO CB . -26.26 -44.68 6.01
C1 EDO DB . -8.25 -27.40 50.94
O1 EDO DB . -7.27 -28.36 50.54
C2 EDO DB . -7.58 -26.11 51.41
O2 EDO DB . -7.39 -25.18 50.32
#